data_1XMW
#
_entry.id   1XMW
#
_entity_poly.entity_id   1
_entity_poly.type   'polypeptide(L)'
_entity_poly.pdbx_seq_one_letter_code
;DDAENIEYKVSISGTSVELTCPLDSDENLKWEKNGQELPQKHDKHLVLQDFSEVEDSGYYVCYTPASNKNTYLYLKARVG
SADDAKKDAAKKDDAKKDDAKKDGSQTNKAKRALEVLEAEDKVILKCNSSITLLQGTAGQEVSDNKTLNLGKRIEDPRGM
YQCGENAKSFTLQVYYRM
;
_entity_poly.pdbx_strand_id   A
#
# COMPACT_ATOMS: atom_id res chain seq x y z
N ASP A 1 19.05 8.60 -9.68
CA ASP A 1 19.75 7.60 -10.54
C ASP A 1 20.98 7.05 -9.82
N ASP A 2 20.86 6.76 -8.55
CA ASP A 2 22.03 6.22 -7.79
C ASP A 2 21.74 4.78 -7.35
N ALA A 3 20.68 4.57 -6.62
CA ALA A 3 20.36 3.18 -6.16
C ALA A 3 18.85 2.95 -6.25
N GLU A 4 18.25 3.24 -7.38
CA GLU A 4 16.78 3.03 -7.54
C GLU A 4 16.02 3.72 -6.40
N ASN A 5 15.61 4.94 -6.61
CA ASN A 5 14.87 5.67 -5.54
C ASN A 5 13.41 5.92 -5.98
N ILE A 6 12.95 5.22 -6.98
CA ILE A 6 11.56 5.42 -7.46
C ILE A 6 10.62 4.42 -6.79
N GLU A 7 11.00 3.89 -5.67
CA GLU A 7 10.12 2.89 -4.97
C GLU A 7 10.25 3.05 -3.45
N TYR A 8 9.30 2.54 -2.70
CA TYR A 8 9.37 2.66 -1.22
C TYR A 8 10.26 1.57 -0.64
N LYS A 9 11.13 1.92 0.27
CA LYS A 9 12.01 0.89 0.89
C LYS A 9 11.37 0.44 2.20
N VAL A 10 11.72 -0.72 2.68
CA VAL A 10 11.10 -1.21 3.94
C VAL A 10 12.15 -1.85 4.85
N SER A 11 12.07 -1.58 6.13
CA SER A 11 13.04 -2.18 7.09
C SER A 11 12.35 -2.37 8.45
N ILE A 12 11.75 -3.51 8.66
CA ILE A 12 11.04 -3.75 9.94
C ILE A 12 11.96 -4.43 10.96
N SER A 13 11.93 -3.98 12.18
CA SER A 13 12.77 -4.59 13.24
C SER A 13 11.87 -5.02 14.40
N GLY A 14 11.71 -6.30 14.60
CA GLY A 14 10.80 -6.77 15.69
C GLY A 14 9.38 -6.38 15.30
N THR A 15 8.80 -5.44 16.00
CA THR A 15 7.42 -4.99 15.65
C THR A 15 7.45 -3.52 15.23
N SER A 16 8.47 -3.14 14.52
CA SER A 16 8.58 -1.74 14.03
C SER A 16 8.68 -1.76 12.52
N VAL A 17 8.28 -0.70 11.87
CA VAL A 17 8.35 -0.69 10.38
C VAL A 17 8.79 0.67 9.87
N GLU A 18 9.99 0.75 9.34
CA GLU A 18 10.49 2.05 8.80
C GLU A 18 10.51 2.02 7.28
N LEU A 19 9.67 2.80 6.65
CA LEU A 19 9.66 2.81 5.15
C LEU A 19 10.29 4.11 4.64
N THR A 20 11.11 4.03 3.63
CA THR A 20 11.75 5.28 3.10
C THR A 20 10.98 5.80 1.89
N CYS A 21 10.42 6.97 2.01
CA CYS A 21 9.68 7.57 0.86
C CYS A 21 10.55 7.49 -0.41
N PRO A 22 9.94 7.22 -1.53
CA PRO A 22 10.71 7.09 -2.80
C PRO A 22 11.32 8.42 -3.27
N LEU A 23 11.76 9.27 -2.37
CA LEU A 23 12.40 10.54 -2.81
C LEU A 23 13.28 11.09 -1.68
N ASP A 24 13.90 12.23 -1.90
CA ASP A 24 14.80 12.80 -0.85
C ASP A 24 14.00 13.20 0.39
N SER A 25 14.68 13.35 1.49
CA SER A 25 13.97 13.76 2.74
C SER A 25 13.49 15.21 2.62
N ASP A 26 12.25 15.46 2.94
CA ASP A 26 11.73 16.83 2.84
C ASP A 26 11.34 17.33 4.23
N GLU A 27 11.87 18.46 4.63
CA GLU A 27 11.53 19.02 5.97
C GLU A 27 10.02 19.03 6.16
N ASN A 28 9.32 19.09 5.07
CA ASN A 28 7.83 19.08 5.12
C ASN A 28 7.32 17.84 4.38
N LEU A 29 8.11 16.79 4.35
CA LEU A 29 7.69 15.55 3.65
C LEU A 29 6.40 15.03 4.30
N LYS A 30 5.30 15.12 3.60
CA LYS A 30 4.01 14.66 4.19
C LYS A 30 3.76 13.18 3.87
N TRP A 31 3.60 12.37 4.88
CA TRP A 31 3.33 10.92 4.66
C TRP A 31 1.82 10.68 4.65
N GLU A 32 1.39 9.48 4.36
CA GLU A 32 -0.08 9.20 4.34
C GLU A 32 -0.36 7.75 4.77
N LYS A 33 -1.49 7.51 5.35
CA LYS A 33 -1.83 6.13 5.81
C LYS A 33 -3.29 5.80 5.45
N ASN A 34 -3.50 4.71 4.74
CA ASN A 34 -4.89 4.33 4.36
C ASN A 34 -5.61 5.50 3.66
N GLY A 35 -4.87 6.41 3.09
CA GLY A 35 -5.51 7.56 2.39
C GLY A 35 -5.69 8.72 3.38
N GLN A 36 -4.83 8.81 4.36
CA GLN A 36 -4.94 9.93 5.35
C GLN A 36 -3.56 10.53 5.62
N GLU A 37 -3.40 11.80 5.33
CA GLU A 37 -2.07 12.45 5.58
C GLU A 37 -1.83 12.61 7.08
N LEU A 38 -0.59 12.51 7.50
CA LEU A 38 -0.28 12.66 8.95
C LEU A 38 0.83 13.68 9.16
N PRO A 39 0.44 14.92 9.40
CA PRO A 39 1.44 15.99 9.60
C PRO A 39 2.12 15.83 10.97
N GLN A 40 2.89 14.79 11.13
CA GLN A 40 3.59 14.57 12.44
C GLN A 40 5.07 14.27 12.20
N LYS A 41 5.36 13.18 11.53
CA LYS A 41 6.78 12.82 11.26
C LYS A 41 7.09 12.98 9.77
N HIS A 42 7.61 14.11 9.37
CA HIS A 42 7.93 14.33 7.93
C HIS A 42 9.35 13.88 7.61
N ASP A 43 9.76 12.74 8.10
CA ASP A 43 11.13 12.25 7.82
C ASP A 43 11.13 11.30 6.61
N LYS A 44 12.20 11.23 5.88
CA LYS A 44 12.25 10.33 4.70
C LYS A 44 11.88 8.89 5.11
N HIS A 45 12.14 8.54 6.34
CA HIS A 45 11.81 7.16 6.80
C HIS A 45 10.56 7.18 7.68
N LEU A 46 9.66 6.25 7.47
CA LEU A 46 8.42 6.19 8.28
C LEU A 46 8.50 5.02 9.27
N VAL A 47 9.00 5.24 10.45
CA VAL A 47 9.08 4.13 11.43
C VAL A 47 7.75 3.98 12.17
N LEU A 48 7.26 2.79 12.24
CA LEU A 48 5.97 2.55 12.95
C LEU A 48 6.20 1.64 14.15
N GLN A 49 6.23 2.20 15.33
CA GLN A 49 6.46 1.37 16.54
C GLN A 49 5.19 0.57 16.87
N ASP A 50 5.34 -0.65 17.33
CA ASP A 50 4.13 -1.48 17.64
C ASP A 50 3.22 -1.54 16.42
N PHE A 51 3.74 -1.98 15.31
CA PHE A 51 2.91 -2.05 14.06
C PHE A 51 1.88 -3.17 14.16
N SER A 52 0.67 -2.86 14.52
CA SER A 52 -0.39 -3.90 14.61
C SER A 52 -0.95 -4.19 13.22
N GLU A 53 -0.63 -5.33 12.66
CA GLU A 53 -1.14 -5.67 11.30
C GLU A 53 -2.65 -5.46 11.20
N VAL A 54 -3.35 -5.58 12.30
CA VAL A 54 -4.82 -5.39 12.29
C VAL A 54 -5.21 -4.06 11.63
N GLU A 55 -4.83 -2.96 12.24
CA GLU A 55 -5.19 -1.63 11.66
C GLU A 55 -3.96 -0.97 11.03
N ASP A 56 -2.78 -1.38 11.40
CA ASP A 56 -1.55 -0.75 10.82
C ASP A 56 -1.26 -1.29 9.42
N SER A 57 -2.06 -2.21 8.94
CA SER A 57 -1.83 -2.77 7.58
C SER A 57 -2.71 -2.06 6.55
N GLY A 58 -2.17 -1.75 5.40
CA GLY A 58 -2.98 -1.05 4.36
C GLY A 58 -2.05 -0.35 3.37
N TYR A 59 -2.52 0.70 2.75
CA TYR A 59 -1.68 1.44 1.76
C TYR A 59 -0.93 2.59 2.43
N TYR A 60 0.18 3.00 1.88
CA TYR A 60 0.96 4.12 2.49
C TYR A 60 1.66 4.93 1.39
N VAL A 61 1.74 6.23 1.57
CA VAL A 61 2.42 7.08 0.53
C VAL A 61 2.90 8.39 1.18
N CYS A 62 3.73 9.12 0.48
CA CYS A 62 4.24 10.41 1.02
C CYS A 62 4.33 11.46 -0.10
N TYR A 63 4.45 12.70 0.26
CA TYR A 63 4.54 13.78 -0.78
C TYR A 63 5.28 15.00 -0.23
N THR A 64 5.78 15.84 -1.09
CA THR A 64 6.49 17.06 -0.63
C THR A 64 5.89 18.29 -1.34
N PRO A 65 6.28 19.46 -0.90
CA PRO A 65 5.75 20.71 -1.51
C PRO A 65 6.30 20.89 -2.93
N ALA A 66 7.25 20.09 -3.33
CA ALA A 66 7.81 20.24 -4.70
C ALA A 66 7.83 18.89 -5.44
N SER A 67 7.62 17.80 -4.75
CA SER A 67 7.64 16.47 -5.43
C SER A 67 6.29 15.77 -5.29
N ASN A 68 5.49 15.78 -6.33
CA ASN A 68 4.17 15.09 -6.25
C ASN A 68 4.15 13.86 -7.16
N LYS A 69 4.21 12.69 -6.59
CA LYS A 69 4.19 11.44 -7.43
C LYS A 69 3.07 10.52 -6.94
N ASN A 70 2.04 10.33 -7.72
CA ASN A 70 0.94 9.43 -7.27
C ASN A 70 1.47 7.99 -7.13
N THR A 71 1.82 7.59 -5.94
CA THR A 71 2.35 6.22 -5.74
C THR A 71 1.81 5.63 -4.44
N TYR A 72 1.22 4.46 -4.49
CA TYR A 72 0.70 3.84 -3.24
C TYR A 72 1.49 2.58 -2.92
N LEU A 73 1.59 2.23 -1.67
CA LEU A 73 2.36 1.02 -1.29
C LEU A 73 1.53 0.15 -0.35
N TYR A 74 1.29 -1.09 -0.70
CA TYR A 74 0.51 -1.99 0.19
C TYR A 74 1.44 -2.63 1.21
N LEU A 75 1.54 -2.06 2.39
CA LEU A 75 2.44 -2.63 3.42
C LEU A 75 1.68 -3.58 4.33
N LYS A 76 2.06 -4.83 4.35
CA LYS A 76 1.38 -5.82 5.22
C LYS A 76 2.42 -6.60 6.03
N ALA A 77 2.62 -6.23 7.27
CA ALA A 77 3.63 -6.93 8.11
C ALA A 77 2.93 -7.63 9.28
N ARG A 78 3.63 -8.51 9.95
CA ARG A 78 3.02 -9.24 11.10
C ARG A 78 3.95 -9.18 12.31
N VAL A 79 3.56 -8.47 13.34
CA VAL A 79 4.39 -8.40 14.56
C VAL A 79 3.47 -8.30 15.77
N GLY A 80 3.53 -9.28 16.61
CA GLY A 80 2.68 -9.30 17.83
C GLY A 80 3.46 -9.91 19.00
N SER A 81 2.94 -10.96 19.59
CA SER A 81 3.65 -11.60 20.73
C SER A 81 3.21 -13.06 20.86
N ALA A 82 4.15 -13.95 21.11
CA ALA A 82 3.78 -15.38 21.26
C ALA A 82 3.05 -15.62 22.59
N ASP A 83 1.83 -16.07 22.54
CA ASP A 83 1.07 -16.32 23.79
C ASP A 83 1.08 -15.07 24.68
N ASP A 84 0.69 -15.21 25.92
CA ASP A 84 0.69 -14.03 26.84
C ASP A 84 1.90 -14.09 27.78
N ALA A 85 2.06 -13.09 28.60
CA ALA A 85 3.22 -13.08 29.55
C ALA A 85 2.93 -12.18 30.74
N LYS A 86 2.82 -10.90 30.52
CA LYS A 86 2.53 -9.97 31.66
C LYS A 86 1.10 -10.17 32.16
N LYS A 87 0.56 -9.20 32.83
CA LYS A 87 -0.84 -9.33 33.35
C LYS A 87 -1.55 -7.98 33.30
N ASP A 88 -2.86 -7.99 33.20
CA ASP A 88 -3.61 -6.71 33.15
C ASP A 88 -5.03 -6.90 33.69
N ALA A 89 -5.27 -6.49 34.90
CA ALA A 89 -6.64 -6.66 35.49
C ALA A 89 -7.66 -5.85 34.68
N ALA A 90 -7.23 -4.79 34.05
CA ALA A 90 -8.17 -3.96 33.25
C ALA A 90 -8.61 -4.71 31.99
N LYS A 91 -9.47 -5.69 32.15
CA LYS A 91 -9.94 -6.47 30.96
C LYS A 91 -11.43 -6.22 30.71
N LYS A 92 -11.77 -5.03 30.28
CA LYS A 92 -13.22 -4.73 30.02
C LYS A 92 -13.56 -5.01 28.55
N ASP A 93 -12.98 -4.28 27.64
CA ASP A 93 -13.28 -4.50 26.18
C ASP A 93 -14.79 -4.50 25.94
N ASP A 94 -15.40 -3.34 25.98
CA ASP A 94 -16.87 -3.25 25.74
C ASP A 94 -17.16 -2.89 24.28
N ALA A 95 -17.82 -3.75 23.57
CA ALA A 95 -18.13 -3.45 22.14
C ALA A 95 -19.63 -3.61 21.89
N LYS A 96 -20.45 -3.31 22.87
CA LYS A 96 -21.92 -3.44 22.68
C LYS A 96 -22.46 -2.28 21.85
N LYS A 97 -21.77 -1.17 21.84
CA LYS A 97 -22.25 0.01 21.04
C LYS A 97 -21.38 0.18 19.79
N ASP A 98 -21.87 -0.22 18.65
CA ASP A 98 -21.08 -0.07 17.40
C ASP A 98 -21.79 0.88 16.42
N ASP A 99 -21.05 1.70 15.73
CA ASP A 99 -21.70 2.64 14.76
C ASP A 99 -21.56 2.11 13.34
N ALA A 100 -20.52 1.38 13.05
CA ALA A 100 -20.35 0.83 11.68
C ALA A 100 -20.18 -0.70 11.73
N LYS A 101 -20.70 -1.39 10.76
CA LYS A 101 -20.59 -2.88 10.76
C LYS A 101 -20.17 -3.37 9.37
N LYS A 102 -19.46 -2.55 8.62
CA LYS A 102 -19.03 -2.98 7.26
C LYS A 102 -17.79 -2.17 6.83
N ASP A 103 -16.84 -2.01 7.72
CA ASP A 103 -15.61 -1.24 7.37
C ASP A 103 -15.97 0.13 6.78
N GLY A 104 -17.10 0.67 7.17
CA GLY A 104 -17.51 2.01 6.64
C GLY A 104 -18.66 1.82 5.65
N SER A 105 -19.59 0.95 5.95
CA SER A 105 -20.74 0.71 5.03
C SER A 105 -20.24 0.41 3.61
N GLN A 106 -21.08 0.59 2.63
CA GLN A 106 -20.66 0.32 1.22
C GLN A 106 -20.99 1.51 0.33
N THR A 107 -20.72 2.70 0.79
CA THR A 107 -21.03 3.91 -0.03
C THR A 107 -19.94 4.11 -1.09
N ASN A 108 -18.74 3.69 -0.81
CA ASN A 108 -17.63 3.86 -1.80
C ASN A 108 -16.43 3.00 -1.39
N LYS A 109 -15.54 2.75 -2.31
CA LYS A 109 -14.34 1.92 -1.98
C LYS A 109 -13.11 2.46 -2.72
N ALA A 110 -13.02 2.19 -4.00
CA ALA A 110 -11.84 2.68 -4.79
C ALA A 110 -12.12 2.55 -6.28
N LYS A 111 -11.66 3.50 -7.07
CA LYS A 111 -11.89 3.43 -8.54
C LYS A 111 -10.95 4.41 -9.26
N ARG A 112 -9.78 4.62 -8.74
CA ARG A 112 -8.82 5.56 -9.39
C ARG A 112 -8.14 4.87 -10.58
N ALA A 113 -7.04 5.40 -11.05
CA ALA A 113 -6.34 4.77 -12.21
C ALA A 113 -6.07 3.29 -11.92
N LEU A 114 -5.04 2.98 -11.19
CA LEU A 114 -4.74 1.56 -10.88
C LEU A 114 -5.18 1.21 -9.46
N GLU A 115 -5.49 -0.04 -9.25
CA GLU A 115 -5.92 -0.49 -7.89
C GLU A 115 -5.70 -1.99 -7.75
N VAL A 116 -5.39 -2.45 -6.58
CA VAL A 116 -5.18 -3.91 -6.37
C VAL A 116 -6.14 -4.44 -5.32
N LEU A 117 -6.71 -5.60 -5.54
CA LEU A 117 -7.67 -6.16 -4.54
C LEU A 117 -7.33 -7.62 -4.24
N GLU A 118 -7.72 -8.10 -3.09
CA GLU A 118 -7.42 -9.51 -2.72
C GLU A 118 -8.74 -10.27 -2.47
N ALA A 119 -9.19 -11.03 -3.43
CA ALA A 119 -10.47 -11.78 -3.24
C ALA A 119 -10.25 -13.28 -3.50
N GLU A 120 -10.98 -14.12 -2.81
CA GLU A 120 -10.83 -15.59 -3.00
C GLU A 120 -9.36 -16.00 -2.88
N ASP A 121 -8.71 -15.57 -1.83
CA ASP A 121 -7.26 -15.93 -1.64
C ASP A 121 -6.47 -15.58 -2.90
N LYS A 122 -6.94 -14.64 -3.69
CA LYS A 122 -6.22 -14.26 -4.93
C LYS A 122 -6.06 -12.75 -5.01
N VAL A 123 -5.03 -12.28 -5.67
CA VAL A 123 -4.83 -10.80 -5.78
C VAL A 123 -4.60 -10.40 -7.24
N ILE A 124 -5.14 -9.29 -7.66
CA ILE A 124 -4.96 -8.85 -9.07
C ILE A 124 -4.84 -7.32 -9.14
N LEU A 125 -4.18 -6.81 -10.16
CA LEU A 125 -4.02 -5.33 -10.30
C LEU A 125 -4.95 -4.82 -11.39
N LYS A 126 -5.73 -3.81 -11.10
CA LYS A 126 -6.66 -3.28 -12.14
C LYS A 126 -6.28 -1.85 -12.53
N CYS A 127 -6.23 -1.58 -13.80
CA CYS A 127 -5.88 -0.21 -14.29
C CYS A 127 -6.89 0.21 -15.36
N ASN A 128 -6.95 1.48 -15.66
CA ASN A 128 -7.90 1.95 -16.71
C ASN A 128 -7.55 1.35 -18.07
N SER A 129 -6.43 0.66 -18.17
CA SER A 129 -6.04 0.05 -19.48
C SER A 129 -4.81 -0.84 -19.30
N SER A 130 -3.97 -0.95 -20.31
CA SER A 130 -2.74 -1.79 -20.18
C SER A 130 -2.00 -1.43 -18.89
N ILE A 131 -1.60 -2.41 -18.12
CA ILE A 131 -0.88 -2.11 -16.85
C ILE A 131 0.63 -2.16 -17.06
N THR A 132 1.32 -1.13 -16.66
CA THR A 132 2.80 -1.11 -16.82
C THR A 132 3.44 -1.95 -15.71
N LEU A 133 4.17 -2.97 -16.08
CA LEU A 133 4.83 -3.83 -15.05
C LEU A 133 6.19 -3.22 -14.66
N LEU A 134 6.27 -2.62 -13.49
CA LEU A 134 7.56 -2.03 -13.06
C LEU A 134 8.54 -3.14 -12.66
N GLN A 135 8.22 -3.89 -11.63
CA GLN A 135 9.12 -4.99 -11.19
C GLN A 135 8.47 -5.77 -10.05
N GLY A 136 9.19 -6.71 -9.49
CA GLY A 136 8.62 -7.51 -8.35
C GLY A 136 7.57 -8.49 -8.88
N THR A 137 6.48 -8.62 -8.17
CA THR A 137 5.40 -9.56 -8.61
C THR A 137 4.95 -9.26 -10.03
N ALA A 138 5.51 -9.95 -10.99
CA ALA A 138 5.11 -9.74 -12.41
C ALA A 138 4.17 -10.88 -12.82
N GLY A 139 3.02 -10.93 -12.21
CA GLY A 139 2.03 -12.01 -12.51
C GLY A 139 1.75 -12.10 -14.01
N GLN A 140 0.51 -12.05 -14.38
CA GLN A 140 0.15 -12.14 -15.82
C GLN A 140 -1.12 -11.36 -16.12
N GLU A 141 -1.23 -10.81 -17.29
CA GLU A 141 -2.45 -10.02 -17.64
C GLU A 141 -3.68 -10.94 -17.61
N VAL A 142 -4.54 -10.75 -16.65
CA VAL A 142 -5.75 -11.60 -16.53
C VAL A 142 -6.46 -11.75 -17.88
N SER A 143 -6.91 -10.66 -18.46
CA SER A 143 -7.63 -10.77 -19.77
C SER A 143 -6.75 -10.24 -20.91
N ASP A 144 -6.35 -9.00 -20.85
CA ASP A 144 -5.50 -8.43 -21.94
C ASP A 144 -5.12 -6.98 -21.61
N ASN A 145 -3.97 -6.78 -21.03
CA ASN A 145 -3.53 -5.39 -20.69
C ASN A 145 -4.64 -4.64 -19.93
N LYS A 146 -5.05 -5.17 -18.81
CA LYS A 146 -6.11 -4.50 -18.01
C LYS A 146 -6.08 -5.00 -16.56
N THR A 147 -5.92 -6.28 -16.38
CA THR A 147 -5.86 -6.85 -15.01
C THR A 147 -4.64 -7.75 -14.85
N LEU A 148 -4.09 -7.85 -13.67
CA LEU A 148 -2.91 -8.74 -13.46
C LEU A 148 -3.28 -9.91 -12.56
N ASN A 149 -2.67 -11.03 -12.77
CA ASN A 149 -2.97 -12.21 -11.91
C ASN A 149 -1.69 -12.70 -11.23
N LEU A 150 -1.45 -12.25 -10.02
CA LEU A 150 -0.21 -12.69 -9.31
C LEU A 150 -0.40 -14.10 -8.72
N GLY A 151 -1.63 -14.46 -8.44
CA GLY A 151 -1.88 -15.81 -7.86
C GLY A 151 -2.48 -15.65 -6.46
N LYS A 152 -1.85 -16.21 -5.46
CA LYS A 152 -2.39 -16.09 -4.08
C LYS A 152 -1.65 -14.97 -3.32
N ARG A 153 -2.14 -14.62 -2.16
CA ARG A 153 -1.48 -13.55 -1.35
C ARG A 153 -0.47 -14.18 -0.39
N ILE A 154 -0.63 -15.45 -0.12
CA ILE A 154 0.31 -16.14 0.82
C ILE A 154 1.68 -16.31 0.17
N GLU A 155 1.80 -16.00 -1.10
CA GLU A 155 3.12 -16.15 -1.78
C GLU A 155 4.00 -14.93 -1.53
N ASP A 156 3.59 -14.03 -0.66
CA ASP A 156 4.40 -12.82 -0.37
C ASP A 156 4.70 -12.05 -1.66
N PRO A 157 3.66 -11.58 -2.30
CA PRO A 157 3.82 -10.80 -3.55
C PRO A 157 4.38 -9.41 -3.26
N ARG A 158 5.35 -8.98 -4.02
CA ARG A 158 5.95 -7.64 -3.78
C ARG A 158 6.46 -7.05 -5.10
N GLY A 159 5.89 -5.97 -5.54
CA GLY A 159 6.33 -5.34 -6.82
C GLY A 159 5.56 -4.04 -7.06
N MET A 160 5.64 -3.50 -8.24
CA MET A 160 4.91 -2.23 -8.53
C MET A 160 4.34 -2.27 -9.96
N TYR A 161 3.29 -1.54 -10.20
CA TYR A 161 2.69 -1.53 -11.56
C TYR A 161 2.07 -0.16 -11.86
N GLN A 162 2.53 0.50 -12.88
CA GLN A 162 1.97 1.84 -13.23
C GLN A 162 0.95 1.70 -14.36
N CYS A 163 0.04 2.64 -14.47
CA CYS A 163 -0.97 2.56 -15.55
C CYS A 163 -0.39 3.11 -16.86
N GLY A 164 -1.17 3.11 -17.91
CA GLY A 164 -0.66 3.64 -19.20
C GLY A 164 -0.80 5.16 -19.24
N GLU A 165 -0.05 5.80 -20.08
CA GLU A 165 -0.12 7.29 -20.17
C GLU A 165 -1.33 7.71 -21.00
N ASN A 166 -2.15 8.60 -20.48
CA ASN A 166 -3.35 9.05 -21.24
C ASN A 166 -4.02 10.23 -20.53
N ALA A 167 -4.70 9.98 -19.44
CA ALA A 167 -5.37 11.09 -18.70
C ALA A 167 -4.63 11.39 -17.40
N LYS A 168 -3.92 10.42 -16.88
CA LYS A 168 -3.17 10.64 -15.59
C LYS A 168 -2.33 9.40 -15.28
N SER A 169 -1.04 9.57 -15.24
CA SER A 169 -0.15 8.42 -14.94
C SER A 169 -0.28 8.02 -13.47
N PHE A 170 -0.58 6.78 -13.20
CA PHE A 170 -0.72 6.33 -11.78
C PHE A 170 0.20 5.13 -11.51
N THR A 171 0.71 5.04 -10.31
CA THR A 171 1.63 3.90 -9.98
C THR A 171 1.31 3.35 -8.59
N LEU A 172 1.34 2.06 -8.45
CA LEU A 172 1.05 1.45 -7.12
C LEU A 172 2.02 0.30 -6.85
N GLN A 173 2.57 0.24 -5.67
CA GLN A 173 3.51 -0.87 -5.34
C GLN A 173 2.93 -1.75 -4.23
N VAL A 174 3.26 -3.01 -4.20
CA VAL A 174 2.71 -3.92 -3.16
C VAL A 174 3.84 -4.52 -2.33
N TYR A 175 3.64 -4.70 -1.06
CA TYR A 175 4.69 -5.29 -0.18
C TYR A 175 4.06 -6.21 0.86
N TYR A 176 4.00 -7.49 0.58
CA TYR A 176 3.38 -8.43 1.55
C TYR A 176 4.46 -9.04 2.46
N ARG A 177 4.57 -8.56 3.67
CA ARG A 177 5.58 -9.11 4.62
C ARG A 177 6.97 -9.15 3.95
N MET A 178 7.68 -8.05 3.99
CA MET A 178 9.05 -8.03 3.37
C MET A 178 8.97 -8.51 1.91
N ASP A 1 27.12 1.06 -4.64
CA ASP A 1 26.63 2.15 -5.54
C ASP A 1 25.43 1.67 -6.35
N ASP A 2 25.36 0.40 -6.63
CA ASP A 2 24.21 -0.14 -7.42
C ASP A 2 22.96 -0.20 -6.55
N ALA A 3 22.39 0.93 -6.23
CA ALA A 3 21.16 0.94 -5.38
C ALA A 3 20.10 1.84 -6.01
N GLU A 4 18.96 1.29 -6.34
CA GLU A 4 17.88 2.11 -6.96
C GLU A 4 17.15 2.93 -5.87
N ASN A 5 16.27 3.80 -6.28
CA ASN A 5 15.53 4.63 -5.28
C ASN A 5 14.19 5.10 -5.85
N ILE A 6 13.72 4.45 -6.88
CA ILE A 6 12.43 4.87 -7.50
C ILE A 6 11.27 4.04 -6.93
N GLU A 7 11.45 3.47 -5.77
CA GLU A 7 10.36 2.65 -5.16
C GLU A 7 10.45 2.71 -3.64
N TYR A 8 9.40 2.32 -2.96
CA TYR A 8 9.41 2.35 -1.47
C TYR A 8 10.23 1.18 -0.92
N LYS A 9 11.11 1.44 0.01
CA LYS A 9 11.90 0.31 0.60
C LYS A 9 11.30 -0.03 1.96
N VAL A 10 11.38 -1.25 2.39
CA VAL A 10 10.78 -1.62 3.70
C VAL A 10 11.82 -2.28 4.62
N SER A 11 11.79 -1.92 5.88
CA SER A 11 12.75 -2.53 6.85
C SER A 11 12.10 -2.62 8.23
N ILE A 12 11.44 -3.71 8.51
CA ILE A 12 10.76 -3.87 9.82
C ILE A 12 11.68 -4.55 10.84
N SER A 13 11.70 -4.06 12.03
CA SER A 13 12.55 -4.67 13.11
C SER A 13 11.66 -5.04 14.29
N GLY A 14 11.39 -6.30 14.48
CA GLY A 14 10.50 -6.70 15.60
C GLY A 14 9.08 -6.25 15.25
N THR A 15 8.56 -5.29 15.97
CA THR A 15 7.19 -4.79 15.65
C THR A 15 7.28 -3.34 15.18
N SER A 16 8.30 -3.02 14.44
CA SER A 16 8.45 -1.64 13.92
C SER A 16 8.54 -1.70 12.40
N VAL A 17 8.16 -0.66 11.73
CA VAL A 17 8.21 -0.70 10.24
C VAL A 17 8.70 0.64 9.67
N GLU A 18 9.90 0.65 9.15
CA GLU A 18 10.46 1.92 8.58
C GLU A 18 10.48 1.83 7.05
N LEU A 19 9.74 2.66 6.38
CA LEU A 19 9.74 2.61 4.88
C LEU A 19 10.44 3.85 4.32
N THR A 20 11.11 3.71 3.21
CA THR A 20 11.81 4.88 2.61
C THR A 20 11.11 5.32 1.33
N CYS A 21 10.39 6.41 1.38
CA CYS A 21 9.69 6.89 0.16
C CYS A 21 10.75 7.25 -0.90
N PRO A 22 10.46 6.88 -2.13
CA PRO A 22 11.42 7.14 -3.24
C PRO A 22 11.50 8.64 -3.59
N LEU A 23 11.80 9.47 -2.64
CA LEU A 23 11.92 10.93 -2.95
C LEU A 23 12.82 11.62 -1.93
N ASP A 24 13.81 10.92 -1.46
CA ASP A 24 14.74 11.52 -0.44
C ASP A 24 13.96 12.09 0.73
N SER A 25 14.64 12.64 1.69
CA SER A 25 13.94 13.22 2.88
C SER A 25 13.53 14.66 2.58
N ASP A 26 12.28 14.98 2.79
CA ASP A 26 11.82 16.37 2.53
C ASP A 26 11.38 17.01 3.84
N GLU A 27 11.96 18.12 4.17
CA GLU A 27 11.60 18.82 5.45
C GLU A 27 10.09 18.89 5.61
N ASN A 28 9.40 18.87 4.51
CA ASN A 28 7.92 18.91 4.53
C ASN A 28 7.36 17.67 3.81
N LEU A 29 8.10 16.58 3.85
CA LEU A 29 7.63 15.34 3.18
C LEU A 29 6.29 14.92 3.78
N LYS A 30 5.23 14.95 3.02
CA LYS A 30 3.90 14.56 3.57
C LYS A 30 3.62 13.08 3.32
N TRP A 31 3.48 12.31 4.36
CA TRP A 31 3.19 10.85 4.20
C TRP A 31 1.67 10.63 4.22
N GLU A 32 1.23 9.43 3.98
CA GLU A 32 -0.24 9.16 3.98
C GLU A 32 -0.53 7.76 4.54
N LYS A 33 -1.62 7.61 5.25
CA LYS A 33 -1.95 6.28 5.83
C LYS A 33 -3.40 5.91 5.50
N ASN A 34 -3.59 5.01 4.56
CA ASN A 34 -4.98 4.59 4.18
C ASN A 34 -5.85 5.82 3.88
N GLY A 35 -5.27 6.85 3.33
CA GLY A 35 -6.07 8.07 3.01
C GLY A 35 -5.91 9.10 4.12
N GLN A 36 -5.48 8.69 5.29
CA GLN A 36 -5.32 9.66 6.41
C GLN A 36 -3.99 10.39 6.27
N GLU A 37 -4.03 11.67 5.99
CA GLU A 37 -2.77 12.46 5.84
C GLU A 37 -1.95 12.40 7.13
N LEU A 38 -0.66 12.50 7.01
CA LEU A 38 0.20 12.46 8.23
C LEU A 38 0.97 13.77 8.40
N PRO A 39 0.45 14.64 9.23
CA PRO A 39 1.11 15.94 9.47
C PRO A 39 2.26 15.82 10.48
N GLN A 40 2.85 14.65 10.60
CA GLN A 40 3.96 14.46 11.58
C GLN A 40 5.03 13.56 10.97
N LYS A 41 6.23 13.60 11.50
CA LYS A 41 7.32 12.74 10.97
C LYS A 41 7.46 12.94 9.45
N HIS A 42 8.05 14.02 9.03
CA HIS A 42 8.22 14.27 7.57
C HIS A 42 9.59 13.79 7.09
N ASP A 43 10.02 12.65 7.57
CA ASP A 43 11.35 12.14 7.13
C ASP A 43 11.16 11.04 6.06
N LYS A 44 12.18 10.79 5.28
CA LYS A 44 12.07 9.76 4.22
C LYS A 44 11.78 8.39 4.83
N HIS A 45 12.33 8.12 6.00
CA HIS A 45 12.09 6.81 6.65
C HIS A 45 10.84 6.86 7.51
N LEU A 46 9.81 6.14 7.14
CA LEU A 46 8.56 6.14 7.95
C LEU A 46 8.58 4.98 8.95
N VAL A 47 9.08 5.21 10.13
CA VAL A 47 9.12 4.11 11.13
C VAL A 47 7.79 4.04 11.89
N LEU A 48 7.24 2.87 11.99
CA LEU A 48 5.95 2.70 12.72
C LEU A 48 6.15 1.83 13.94
N GLN A 49 6.22 2.41 15.11
CA GLN A 49 6.42 1.61 16.34
C GLN A 49 5.13 0.85 16.69
N ASP A 50 5.25 -0.35 17.20
CA ASP A 50 4.03 -1.13 17.55
C ASP A 50 3.08 -1.19 16.36
N PHE A 51 3.56 -1.65 15.23
CA PHE A 51 2.70 -1.72 14.01
C PHE A 51 1.66 -2.84 14.15
N SER A 52 0.48 -2.50 14.56
CA SER A 52 -0.59 -3.54 14.69
C SER A 52 -1.25 -3.78 13.34
N GLU A 53 -1.04 -4.94 12.76
CA GLU A 53 -1.65 -5.25 11.43
C GLU A 53 -3.16 -4.95 11.43
N VAL A 54 -3.78 -4.92 12.58
CA VAL A 54 -5.24 -4.64 12.65
C VAL A 54 -5.59 -3.36 11.90
N GLU A 55 -5.13 -2.23 12.37
CA GLU A 55 -5.47 -0.93 11.69
C GLU A 55 -4.26 -0.38 10.92
N ASP A 56 -3.06 -0.68 11.34
CA ASP A 56 -1.87 -0.15 10.63
C ASP A 56 -1.68 -0.84 9.27
N SER A 57 -2.29 -1.97 9.07
CA SER A 57 -2.14 -2.67 7.76
C SER A 57 -2.98 -1.97 6.69
N GLY A 58 -2.42 -1.71 5.55
CA GLY A 58 -3.20 -1.03 4.47
C GLY A 58 -2.24 -0.42 3.44
N TYR A 59 -2.67 0.62 2.78
CA TYR A 59 -1.79 1.27 1.76
C TYR A 59 -1.01 2.44 2.39
N TYR A 60 0.12 2.78 1.82
CA TYR A 60 0.93 3.90 2.37
C TYR A 60 1.61 4.65 1.23
N VAL A 61 1.61 5.97 1.29
CA VAL A 61 2.25 6.76 0.20
C VAL A 61 2.67 8.14 0.74
N CYS A 62 3.52 8.83 0.04
CA CYS A 62 3.96 10.18 0.53
C CYS A 62 3.91 11.20 -0.60
N TYR A 63 3.93 12.47 -0.26
CA TYR A 63 3.86 13.53 -1.31
C TYR A 63 4.61 14.78 -0.84
N THR A 64 5.13 15.55 -1.76
CA THR A 64 5.84 16.79 -1.35
C THR A 64 5.51 17.93 -2.32
N PRO A 65 5.80 19.14 -1.92
CA PRO A 65 5.52 20.30 -2.80
C PRO A 65 6.43 20.25 -4.03
N ALA A 66 7.44 19.44 -4.00
CA ALA A 66 8.36 19.33 -5.17
C ALA A 66 8.34 17.89 -5.72
N SER A 67 7.60 17.01 -5.09
CA SER A 67 7.55 15.60 -5.58
C SER A 67 6.14 15.25 -6.07
N ASN A 68 6.04 14.90 -7.34
CA ASN A 68 4.72 14.54 -7.95
C ASN A 68 3.99 13.50 -7.10
N LYS A 69 2.79 13.15 -7.48
CA LYS A 69 2.01 12.15 -6.68
C LYS A 69 2.76 10.82 -6.64
N ASN A 70 3.36 10.53 -5.53
CA ASN A 70 4.13 9.26 -5.37
C ASN A 70 3.21 8.04 -5.47
N THR A 71 3.79 6.89 -5.65
CA THR A 71 3.01 5.63 -5.77
C THR A 71 2.48 5.18 -4.41
N TYR A 72 1.48 4.35 -4.40
CA TYR A 72 0.95 3.85 -3.11
C TYR A 72 1.63 2.53 -2.76
N LEU A 73 1.72 2.20 -1.51
CA LEU A 73 2.39 0.93 -1.10
C LEU A 73 1.48 0.12 -0.18
N TYR A 74 1.23 -1.12 -0.52
CA TYR A 74 0.37 -1.97 0.35
C TYR A 74 1.23 -2.61 1.44
N LEU A 75 1.28 -2.01 2.60
CA LEU A 75 2.11 -2.57 3.70
C LEU A 75 1.32 -3.61 4.50
N LYS A 76 1.62 -4.87 4.31
CA LYS A 76 0.89 -5.94 5.06
C LYS A 76 1.89 -6.70 5.93
N ALA A 77 1.94 -6.38 7.20
CA ALA A 77 2.90 -7.08 8.10
C ALA A 77 2.22 -7.43 9.43
N ARG A 78 2.78 -8.35 10.16
CA ARG A 78 2.17 -8.74 11.46
C ARG A 78 3.23 -8.78 12.56
N VAL A 79 3.02 -8.06 13.64
CA VAL A 79 3.98 -8.06 14.75
C VAL A 79 3.21 -7.93 16.06
N GLY A 80 3.30 -8.93 16.88
CA GLY A 80 2.58 -8.90 18.19
C GLY A 80 3.55 -8.43 19.28
N SER A 81 3.64 -9.18 20.35
CA SER A 81 4.57 -8.78 21.45
C SER A 81 4.75 -9.94 22.44
N ALA A 82 3.70 -10.31 23.13
CA ALA A 82 3.81 -11.43 24.11
C ALA A 82 2.52 -12.25 24.10
N ASP A 83 1.38 -11.61 24.17
CA ASP A 83 0.10 -12.35 24.17
C ASP A 83 -0.94 -11.62 23.31
N ASP A 84 -0.57 -11.21 22.13
CA ASP A 84 -1.53 -10.49 21.25
C ASP A 84 -1.83 -11.33 20.01
N ALA A 85 -2.83 -12.17 20.07
CA ALA A 85 -3.19 -13.03 18.90
C ALA A 85 -4.43 -12.47 18.20
N LYS A 86 -5.47 -12.20 18.95
CA LYS A 86 -6.72 -11.66 18.33
C LYS A 86 -7.46 -10.76 19.33
N LYS A 87 -7.75 -9.55 18.93
CA LYS A 87 -8.47 -8.61 19.84
C LYS A 87 -9.78 -8.14 19.20
N ASP A 88 -10.89 -8.64 19.66
CA ASP A 88 -12.20 -8.23 19.07
C ASP A 88 -13.35 -8.70 19.97
N ALA A 89 -14.15 -7.78 20.45
CA ALA A 89 -15.29 -8.16 21.33
C ALA A 89 -16.57 -7.43 20.89
N ALA A 90 -16.94 -7.56 19.64
CA ALA A 90 -18.18 -6.89 19.15
C ALA A 90 -19.17 -7.92 18.63
N LYS A 91 -20.43 -7.58 18.62
CA LYS A 91 -21.46 -8.54 18.12
C LYS A 91 -22.66 -7.78 17.54
N LYS A 92 -22.90 -7.91 16.26
CA LYS A 92 -24.04 -7.20 15.62
C LYS A 92 -24.00 -5.71 15.95
N ASP A 93 -23.31 -4.93 15.16
CA ASP A 93 -23.22 -3.46 15.43
C ASP A 93 -23.35 -2.68 14.12
N ASP A 94 -23.79 -1.45 14.19
CA ASP A 94 -23.93 -0.63 12.96
C ASP A 94 -24.13 0.84 13.33
N ALA A 95 -23.06 1.53 13.63
CA ALA A 95 -23.17 2.98 14.01
C ALA A 95 -23.62 3.80 12.80
N LYS A 96 -24.74 4.46 12.90
CA LYS A 96 -25.23 5.29 11.75
C LYS A 96 -24.87 6.75 11.97
N LYS A 97 -25.22 7.61 11.05
CA LYS A 97 -24.89 9.06 11.20
C LYS A 97 -26.16 9.90 11.08
N ASP A 98 -27.01 9.60 10.13
CA ASP A 98 -28.27 10.39 9.97
C ASP A 98 -29.29 9.59 9.14
N ASP A 99 -30.24 10.26 8.55
CA ASP A 99 -31.26 9.55 7.73
C ASP A 99 -30.59 8.76 6.60
N ALA A 100 -31.13 7.64 6.24
CA ALA A 100 -30.52 6.82 5.14
C ALA A 100 -30.54 7.61 3.83
N LYS A 101 -29.39 7.80 3.24
CA LYS A 101 -29.33 8.57 1.95
C LYS A 101 -29.35 7.61 0.76
N LYS A 102 -30.28 7.79 -0.14
CA LYS A 102 -30.35 6.88 -1.31
C LYS A 102 -29.68 7.53 -2.53
N ASP A 103 -28.66 8.31 -2.30
CA ASP A 103 -27.96 8.97 -3.44
C ASP A 103 -26.76 8.12 -3.89
N GLY A 104 -25.94 8.66 -4.75
CA GLY A 104 -24.76 7.88 -5.23
C GLY A 104 -23.63 7.97 -4.20
N SER A 105 -23.12 6.85 -3.76
CA SER A 105 -22.02 6.87 -2.76
C SER A 105 -20.90 5.92 -3.18
N GLN A 106 -19.98 6.38 -3.97
CA GLN A 106 -18.86 5.51 -4.42
C GLN A 106 -18.00 5.08 -3.23
N THR A 107 -17.55 3.85 -3.22
CA THR A 107 -16.71 3.37 -2.08
C THR A 107 -15.41 4.18 -2.00
N ASN A 108 -14.90 4.61 -3.12
CA ASN A 108 -13.64 5.41 -3.12
C ASN A 108 -13.80 6.68 -3.94
N LYS A 109 -13.70 7.82 -3.31
CA LYS A 109 -13.85 9.10 -4.06
C LYS A 109 -12.76 9.24 -5.12
N ALA A 110 -11.61 8.66 -4.87
CA ALA A 110 -10.49 8.74 -5.87
C ALA A 110 -10.65 7.65 -6.93
N LYS A 111 -10.31 7.96 -8.15
CA LYS A 111 -10.42 6.95 -9.24
C LYS A 111 -9.45 7.28 -10.38
N ARG A 112 -9.70 6.77 -11.56
CA ARG A 112 -8.81 7.05 -12.72
C ARG A 112 -7.35 6.72 -12.36
N ALA A 113 -7.10 5.52 -11.91
CA ALA A 113 -5.71 5.13 -11.54
C ALA A 113 -5.61 3.62 -11.35
N LEU A 114 -4.48 3.14 -10.89
CA LEU A 114 -4.33 1.67 -10.69
C LEU A 114 -4.65 1.28 -9.25
N GLU A 115 -4.99 0.04 -9.04
CA GLU A 115 -5.32 -0.43 -7.68
C GLU A 115 -5.16 -1.96 -7.60
N VAL A 116 -5.02 -2.50 -6.42
CA VAL A 116 -4.86 -3.97 -6.29
C VAL A 116 -5.84 -4.51 -5.24
N LEU A 117 -6.39 -5.68 -5.46
CA LEU A 117 -7.36 -6.24 -4.48
C LEU A 117 -7.08 -7.73 -4.25
N GLU A 118 -7.36 -8.20 -3.07
CA GLU A 118 -7.12 -9.64 -2.76
C GLU A 118 -8.45 -10.38 -2.67
N ALA A 119 -8.79 -11.15 -3.67
CA ALA A 119 -10.09 -11.90 -3.63
C ALA A 119 -9.86 -13.38 -3.94
N GLU A 120 -10.67 -14.24 -3.39
CA GLU A 120 -10.52 -15.71 -3.65
C GLU A 120 -9.07 -16.14 -3.36
N ASP A 121 -8.54 -15.77 -2.23
CA ASP A 121 -7.14 -16.16 -1.88
C ASP A 121 -6.19 -15.76 -3.02
N LYS A 122 -6.56 -14.80 -3.81
CA LYS A 122 -5.68 -14.38 -4.94
C LYS A 122 -5.57 -12.85 -4.98
N VAL A 123 -4.58 -12.34 -5.67
CA VAL A 123 -4.42 -10.85 -5.75
C VAL A 123 -4.23 -10.43 -7.21
N ILE A 124 -4.96 -9.44 -7.64
CA ILE A 124 -4.85 -8.98 -9.06
C ILE A 124 -4.72 -7.45 -9.11
N LEU A 125 -4.05 -6.95 -10.12
CA LEU A 125 -3.89 -5.46 -10.25
C LEU A 125 -4.94 -4.93 -11.22
N LYS A 126 -5.40 -3.72 -11.02
CA LYS A 126 -6.44 -3.18 -11.94
C LYS A 126 -6.06 -1.79 -12.45
N CYS A 127 -6.09 -1.61 -13.75
CA CYS A 127 -5.76 -0.29 -14.35
C CYS A 127 -6.80 0.03 -15.44
N ASN A 128 -6.96 1.27 -15.78
CA ASN A 128 -7.96 1.63 -16.83
C ASN A 128 -7.39 1.33 -18.23
N SER A 129 -6.35 0.54 -18.31
CA SER A 129 -5.76 0.22 -19.65
C SER A 129 -4.55 -0.71 -19.47
N SER A 130 -3.68 -0.79 -20.45
CA SER A 130 -2.49 -1.67 -20.31
C SER A 130 -1.75 -1.34 -19.02
N ILE A 131 -1.41 -2.34 -18.24
CA ILE A 131 -0.70 -2.05 -16.96
C ILE A 131 0.82 -2.09 -17.18
N THR A 132 1.52 -1.23 -16.51
CA THR A 132 3.01 -1.20 -16.66
C THR A 132 3.67 -1.97 -15.52
N LEU A 133 4.31 -3.06 -15.83
CA LEU A 133 4.99 -3.86 -14.76
C LEU A 133 6.32 -3.21 -14.38
N LEU A 134 6.38 -2.57 -13.25
CA LEU A 134 7.65 -1.92 -12.82
C LEU A 134 8.65 -2.99 -12.37
N GLN A 135 8.28 -3.79 -11.42
CA GLN A 135 9.20 -4.87 -10.93
C GLN A 135 8.52 -5.72 -9.87
N GLY A 136 9.29 -6.50 -9.19
CA GLY A 136 8.72 -7.37 -8.10
C GLY A 136 7.73 -8.38 -8.69
N THR A 137 6.63 -8.60 -8.01
CA THR A 137 5.62 -9.58 -8.51
C THR A 137 5.17 -9.25 -9.93
N ALA A 138 5.78 -9.88 -10.91
CA ALA A 138 5.38 -9.64 -12.32
C ALA A 138 4.53 -10.82 -12.79
N GLY A 139 3.39 -10.99 -12.19
CA GLY A 139 2.48 -12.12 -12.54
C GLY A 139 2.21 -12.17 -14.05
N GLN A 140 0.96 -12.10 -14.42
CA GLN A 140 0.61 -12.16 -15.87
C GLN A 140 -0.64 -11.33 -16.14
N GLU A 141 -0.70 -10.68 -17.27
CA GLU A 141 -1.89 -9.85 -17.59
C GLU A 141 -3.15 -10.73 -17.63
N VAL A 142 -3.96 -10.66 -16.60
CA VAL A 142 -5.21 -11.50 -16.56
C VAL A 142 -6.07 -11.20 -17.80
N SER A 143 -6.60 -10.02 -17.87
CA SER A 143 -7.46 -9.66 -19.05
C SER A 143 -6.57 -9.16 -20.20
N ASP A 144 -5.27 -9.20 -20.04
CA ASP A 144 -4.35 -8.71 -21.10
C ASP A 144 -4.39 -7.19 -21.16
N ASN A 145 -3.32 -6.54 -20.78
CA ASN A 145 -3.29 -5.04 -20.80
C ASN A 145 -4.46 -4.50 -19.99
N LYS A 146 -4.74 -5.08 -18.85
CA LYS A 146 -5.87 -4.59 -18.01
C LYS A 146 -5.69 -5.06 -16.56
N THR A 147 -5.56 -6.34 -16.34
CA THR A 147 -5.40 -6.86 -14.96
C THR A 147 -4.15 -7.74 -14.86
N LEU A 148 -3.66 -7.97 -13.66
CA LEU A 148 -2.45 -8.83 -13.49
C LEU A 148 -2.77 -10.02 -12.58
N ASN A 149 -2.11 -11.13 -12.81
CA ASN A 149 -2.35 -12.34 -11.97
C ASN A 149 -1.08 -12.69 -11.19
N LEU A 150 -0.95 -12.24 -9.98
CA LEU A 150 0.26 -12.57 -9.17
C LEU A 150 0.10 -13.95 -8.54
N GLY A 151 -1.11 -14.37 -8.33
CA GLY A 151 -1.34 -15.71 -7.71
C GLY A 151 -1.97 -15.53 -6.33
N LYS A 152 -1.49 -16.25 -5.35
CA LYS A 152 -2.07 -16.12 -3.98
C LYS A 152 -1.32 -15.04 -3.19
N ARG A 153 -1.76 -14.76 -2.00
CA ARG A 153 -1.07 -13.73 -1.17
C ARG A 153 -0.02 -14.40 -0.28
N ILE A 154 -0.13 -15.69 -0.11
CA ILE A 154 0.84 -16.43 0.74
C ILE A 154 2.19 -16.54 0.02
N GLU A 155 2.25 -16.14 -1.22
CA GLU A 155 3.54 -16.23 -1.97
C GLU A 155 4.39 -14.98 -1.74
N ASP A 156 4.05 -14.18 -0.77
CA ASP A 156 4.85 -12.94 -0.49
C ASP A 156 5.02 -12.11 -1.76
N PRO A 157 3.91 -11.74 -2.36
CA PRO A 157 3.95 -10.93 -3.60
C PRO A 157 4.39 -9.49 -3.28
N ARG A 158 5.44 -9.03 -3.91
CA ARG A 158 5.92 -7.64 -3.66
C ARG A 158 6.48 -7.03 -4.96
N GLY A 159 5.84 -6.00 -5.45
CA GLY A 159 6.31 -5.37 -6.71
C GLY A 159 5.47 -4.12 -6.99
N MET A 160 5.75 -3.42 -8.06
CA MET A 160 4.95 -2.19 -8.37
C MET A 160 4.43 -2.25 -9.81
N TYR A 161 3.33 -1.61 -10.06
CA TYR A 161 2.74 -1.60 -11.44
C TYR A 161 2.13 -0.23 -11.74
N GLN A 162 2.62 0.44 -12.75
CA GLN A 162 2.06 1.78 -13.08
C GLN A 162 1.02 1.65 -14.20
N CYS A 163 -0.05 2.39 -14.12
CA CYS A 163 -1.11 2.33 -15.17
C CYS A 163 -1.02 3.55 -16.07
N GLY A 164 -1.60 3.49 -17.23
CA GLY A 164 -1.56 4.64 -18.17
C GLY A 164 -2.85 5.45 -18.07
N GLU A 165 -2.74 6.73 -17.94
CA GLU A 165 -3.95 7.59 -17.84
C GLU A 165 -3.89 8.71 -18.88
N ASN A 166 -4.85 9.60 -18.87
CA ASN A 166 -4.85 10.71 -19.86
C ASN A 166 -4.70 12.05 -19.14
N ALA A 167 -5.18 12.15 -17.93
CA ALA A 167 -5.06 13.43 -17.18
C ALA A 167 -4.03 13.30 -16.04
N LYS A 168 -3.67 12.10 -15.68
CA LYS A 168 -2.67 11.91 -14.59
C LYS A 168 -2.30 10.43 -14.46
N SER A 169 -1.06 10.12 -14.69
CA SER A 169 -0.61 8.70 -14.57
C SER A 169 -0.58 8.27 -13.10
N PHE A 170 -0.90 7.05 -12.82
CA PHE A 170 -0.90 6.58 -11.40
C PHE A 170 -0.02 5.33 -11.25
N THR A 171 0.67 5.23 -10.15
CA THR A 171 1.55 4.03 -9.93
C THR A 171 1.32 3.47 -8.52
N LEU A 172 1.24 2.18 -8.40
CA LEU A 172 1.01 1.59 -7.05
C LEU A 172 1.98 0.42 -6.81
N GLN A 173 2.51 0.32 -5.63
CA GLN A 173 3.45 -0.79 -5.31
C GLN A 173 2.84 -1.69 -4.24
N VAL A 174 3.16 -2.96 -4.26
CA VAL A 174 2.58 -3.89 -3.24
C VAL A 174 3.70 -4.54 -2.42
N TYR A 175 3.47 -4.73 -1.15
CA TYR A 175 4.50 -5.36 -0.28
C TYR A 175 3.85 -6.30 0.74
N TYR A 176 3.75 -7.57 0.42
CA TYR A 176 3.12 -8.53 1.36
C TYR A 176 4.16 -9.09 2.33
N ARG A 177 3.90 -8.97 3.61
CA ARG A 177 4.88 -9.48 4.62
C ARG A 177 4.17 -10.44 5.59
N MET A 178 3.41 -11.37 5.07
CA MET A 178 2.70 -12.32 5.96
C MET A 178 3.32 -13.72 5.84
N ASP A 1 25.93 -2.27 -5.98
CA ASP A 1 25.54 -1.32 -7.06
C ASP A 1 24.06 -0.91 -6.90
N ASP A 2 23.68 0.20 -7.48
CA ASP A 2 22.27 0.66 -7.36
C ASP A 2 21.89 1.53 -8.55
N ALA A 3 20.70 1.37 -9.06
CA ALA A 3 20.26 2.19 -10.23
C ALA A 3 18.81 2.64 -10.05
N GLU A 4 17.93 1.72 -9.74
CA GLU A 4 16.49 2.08 -9.55
C GLU A 4 16.25 2.51 -8.10
N ASN A 5 15.81 3.72 -7.90
CA ASN A 5 15.53 4.19 -6.51
C ASN A 5 14.16 4.85 -6.43
N ILE A 6 13.31 4.60 -7.39
CA ILE A 6 11.95 5.20 -7.38
C ILE A 6 10.95 4.26 -6.71
N GLU A 7 11.41 3.36 -5.90
CA GLU A 7 10.48 2.41 -5.22
C GLU A 7 10.55 2.60 -3.70
N TYR A 8 9.46 2.33 -3.01
CA TYR A 8 9.45 2.50 -1.53
C TYR A 8 10.36 1.45 -0.87
N LYS A 9 11.13 1.85 0.11
CA LYS A 9 12.00 0.87 0.81
C LYS A 9 11.34 0.48 2.13
N VAL A 10 11.70 -0.65 2.68
CA VAL A 10 11.06 -1.08 3.95
C VAL A 10 12.07 -1.75 4.88
N SER A 11 11.97 -1.48 6.15
CA SER A 11 12.90 -2.09 7.14
C SER A 11 12.18 -2.27 8.48
N ILE A 12 11.55 -3.40 8.67
CA ILE A 12 10.80 -3.64 9.93
C ILE A 12 11.69 -4.35 10.96
N SER A 13 11.63 -3.90 12.18
CA SER A 13 12.43 -4.54 13.26
C SER A 13 11.48 -4.97 14.38
N GLY A 14 11.25 -6.25 14.53
CA GLY A 14 10.30 -6.70 15.58
C GLY A 14 8.91 -6.26 15.17
N THR A 15 8.31 -5.36 15.90
CA THR A 15 6.97 -4.85 15.51
C THR A 15 7.06 -3.39 15.09
N SER A 16 8.14 -3.03 14.44
CA SER A 16 8.31 -1.63 13.96
C SER A 16 8.42 -1.66 12.45
N VAL A 17 8.05 -0.61 11.79
CA VAL A 17 8.12 -0.62 10.31
C VAL A 17 8.60 0.74 9.78
N GLU A 18 9.78 0.78 9.23
CA GLU A 18 10.32 2.07 8.70
C GLU A 18 10.33 2.03 7.17
N LEU A 19 9.48 2.80 6.54
CA LEU A 19 9.46 2.81 5.04
C LEU A 19 10.13 4.07 4.52
N THR A 20 11.07 3.94 3.63
CA THR A 20 11.76 5.15 3.09
C THR A 20 11.02 5.69 1.88
N CYS A 21 10.44 6.86 2.00
CA CYS A 21 9.71 7.48 0.85
C CYS A 21 10.59 7.40 -0.40
N PRO A 22 9.99 7.14 -1.53
CA PRO A 22 10.76 7.02 -2.80
C PRO A 22 11.38 8.35 -3.24
N LEU A 23 11.86 9.16 -2.33
CA LEU A 23 12.50 10.43 -2.75
C LEU A 23 13.39 10.97 -1.61
N ASP A 24 13.99 12.11 -1.80
CA ASP A 24 14.89 12.66 -0.74
C ASP A 24 14.07 13.13 0.47
N SER A 25 14.71 13.27 1.59
CA SER A 25 13.98 13.73 2.81
C SER A 25 13.51 15.17 2.62
N ASP A 26 12.28 15.44 2.90
CA ASP A 26 11.75 16.82 2.75
C ASP A 26 11.35 17.35 4.12
N GLU A 27 11.89 18.48 4.50
CA GLU A 27 11.54 19.07 5.84
C GLU A 27 10.02 19.07 6.03
N ASN A 28 9.32 19.08 4.95
CA ASN A 28 7.83 19.05 5.01
C ASN A 28 7.32 17.83 4.24
N LEU A 29 8.11 16.78 4.19
CA LEU A 29 7.69 15.55 3.47
C LEU A 29 6.40 15.03 4.10
N LYS A 30 5.31 15.03 3.36
CA LYS A 30 4.02 14.54 3.95
C LYS A 30 3.84 13.04 3.73
N TRP A 31 3.33 12.35 4.71
CA TRP A 31 3.10 10.88 4.58
C TRP A 31 1.59 10.59 4.65
N GLU A 32 1.18 9.43 4.23
CA GLU A 32 -0.28 9.10 4.28
C GLU A 32 -0.48 7.58 4.45
N LYS A 33 -1.51 7.19 5.16
CA LYS A 33 -1.77 5.73 5.35
C LYS A 33 -3.26 5.44 5.20
N ASN A 34 -3.60 4.41 4.46
CA ASN A 34 -5.04 4.06 4.26
C ASN A 34 -5.84 5.28 3.79
N GLY A 35 -5.23 6.15 3.04
CA GLY A 35 -5.95 7.37 2.55
C GLY A 35 -6.09 8.36 3.70
N GLN A 36 -5.15 8.37 4.61
CA GLN A 36 -5.23 9.32 5.76
C GLN A 36 -3.89 10.05 5.93
N GLU A 37 -3.90 11.35 5.79
CA GLU A 37 -2.63 12.12 5.95
C GLU A 37 -2.25 12.22 7.42
N LEU A 38 -0.99 12.05 7.74
CA LEU A 38 -0.56 12.14 9.17
C LEU A 38 0.55 13.19 9.32
N PRO A 39 0.16 14.39 9.64
CA PRO A 39 1.15 15.48 9.83
C PRO A 39 1.93 15.29 11.13
N GLN A 40 3.08 14.67 11.05
CA GLN A 40 3.89 14.44 12.28
C GLN A 40 5.30 13.99 11.91
N LYS A 41 5.42 12.89 11.21
CA LYS A 41 6.76 12.40 10.81
C LYS A 41 7.08 12.85 9.38
N HIS A 42 7.82 13.92 9.23
CA HIS A 42 8.16 14.42 7.87
C HIS A 42 9.54 13.89 7.45
N ASP A 43 9.98 12.81 8.02
CA ASP A 43 11.30 12.25 7.65
C ASP A 43 11.16 11.31 6.45
N LYS A 44 12.20 11.17 5.67
CA LYS A 44 12.12 10.26 4.48
C LYS A 44 11.77 8.84 4.92
N HIS A 45 12.00 8.51 6.16
CA HIS A 45 11.69 7.13 6.64
C HIS A 45 10.46 7.15 7.55
N LEU A 46 9.49 6.29 7.28
CA LEU A 46 8.27 6.26 8.13
C LEU A 46 8.36 5.10 9.13
N VAL A 47 8.87 5.34 10.30
CA VAL A 47 8.96 4.24 11.31
C VAL A 47 7.66 4.14 12.07
N LEU A 48 7.11 2.96 12.15
CA LEU A 48 5.84 2.77 12.89
C LEU A 48 6.08 1.86 14.10
N GLN A 49 6.15 2.43 15.27
CA GLN A 49 6.39 1.61 16.48
C GLN A 49 5.11 0.86 16.87
N ASP A 50 5.23 -0.30 17.46
CA ASP A 50 4.03 -1.08 17.84
C ASP A 50 3.08 -1.21 16.64
N PHE A 51 3.61 -1.65 15.54
CA PHE A 51 2.78 -1.79 14.30
C PHE A 51 1.77 -2.93 14.47
N SER A 52 0.66 -2.83 13.79
CA SER A 52 -0.39 -3.90 13.88
C SER A 52 -0.92 -4.22 12.48
N GLU A 53 -1.19 -5.46 12.21
CA GLU A 53 -1.71 -5.83 10.85
C GLU A 53 -3.22 -5.53 10.75
N VAL A 54 -3.82 -5.04 11.80
CA VAL A 54 -5.28 -4.75 11.75
C VAL A 54 -5.52 -3.26 11.46
N GLU A 55 -4.81 -2.39 12.12
CA GLU A 55 -5.01 -0.93 11.88
C GLU A 55 -3.85 -0.36 11.07
N ASP A 56 -2.68 -0.94 11.18
CA ASP A 56 -1.51 -0.42 10.41
C ASP A 56 -1.34 -1.18 9.09
N SER A 57 -2.38 -1.83 8.63
CA SER A 57 -2.28 -2.60 7.35
C SER A 57 -3.09 -1.90 6.25
N GLY A 58 -2.49 -1.63 5.12
CA GLY A 58 -3.23 -0.96 4.02
C GLY A 58 -2.24 -0.32 3.04
N TYR A 59 -2.58 0.81 2.50
CA TYR A 59 -1.66 1.49 1.53
C TYR A 59 -0.99 2.69 2.18
N TYR A 60 0.23 2.99 1.80
CA TYR A 60 0.95 4.15 2.40
C TYR A 60 1.63 4.97 1.30
N VAL A 61 1.67 6.27 1.43
CA VAL A 61 2.32 7.11 0.39
C VAL A 61 2.77 8.46 0.97
N CYS A 62 3.80 9.03 0.42
CA CYS A 62 4.29 10.35 0.92
C CYS A 62 4.71 11.24 -0.24
N TYR A 63 4.64 12.53 -0.04
CA TYR A 63 5.03 13.47 -1.14
C TYR A 63 5.43 14.83 -0.56
N THR A 64 6.08 15.65 -1.34
CA THR A 64 6.49 16.99 -0.84
C THR A 64 5.96 18.08 -1.78
N PRO A 65 6.05 19.31 -1.34
CA PRO A 65 5.56 20.44 -2.17
C PRO A 65 6.48 20.65 -3.39
N ALA A 66 7.63 20.04 -3.38
CA ALA A 66 8.57 20.19 -4.53
C ALA A 66 8.65 18.87 -5.32
N SER A 67 8.41 17.77 -4.68
CA SER A 67 8.47 16.45 -5.39
C SER A 67 7.12 15.75 -5.33
N ASN A 68 6.38 15.79 -6.41
CA ASN A 68 5.04 15.12 -6.40
C ASN A 68 5.06 13.91 -7.34
N LYS A 69 5.03 12.72 -6.79
CA LYS A 69 5.04 11.49 -7.63
C LYS A 69 3.86 10.59 -7.23
N ASN A 70 2.98 10.30 -8.15
CA ASN A 70 1.82 9.42 -7.79
C ASN A 70 2.30 7.99 -7.57
N THR A 71 2.52 7.62 -6.34
CA THR A 71 3.00 6.23 -6.03
C THR A 71 2.29 5.71 -4.78
N TYR A 72 1.82 4.50 -4.81
CA TYR A 72 1.15 3.94 -3.61
C TYR A 72 1.87 2.67 -3.16
N LEU A 73 1.88 2.41 -1.88
CA LEU A 73 2.56 1.19 -1.38
C LEU A 73 1.63 0.41 -0.46
N TYR A 74 1.38 -0.83 -0.79
CA TYR A 74 0.47 -1.66 0.07
C TYR A 74 1.30 -2.40 1.13
N LEU A 75 1.41 -1.85 2.30
CA LEU A 75 2.22 -2.51 3.37
C LEU A 75 1.35 -3.51 4.14
N LYS A 76 1.70 -4.77 4.08
CA LYS A 76 0.91 -5.81 4.82
C LYS A 76 1.85 -6.71 5.63
N ALA A 77 1.99 -6.46 6.90
CA ALA A 77 2.89 -7.29 7.74
C ALA A 77 2.22 -7.62 9.07
N ARG A 78 2.77 -8.53 9.82
CA ARG A 78 2.16 -8.89 11.13
C ARG A 78 3.22 -8.91 12.24
N VAL A 79 2.95 -8.25 13.33
CA VAL A 79 3.91 -8.24 14.46
C VAL A 79 3.13 -8.18 15.76
N GLY A 80 3.25 -9.19 16.55
CA GLY A 80 2.52 -9.24 17.85
C GLY A 80 2.27 -10.69 18.24
N SER A 81 2.57 -11.04 19.47
CA SER A 81 2.34 -12.44 19.92
C SER A 81 1.53 -12.46 21.21
N ALA A 82 0.55 -11.60 21.32
CA ALA A 82 -0.29 -11.57 22.56
C ALA A 82 -1.76 -11.32 22.20
N ASP A 83 -2.03 -10.36 21.36
CA ASP A 83 -3.45 -10.09 20.97
C ASP A 83 -3.59 -10.10 19.45
N ASP A 84 -4.79 -10.29 18.97
CA ASP A 84 -5.01 -10.31 17.49
C ASP A 84 -5.85 -9.10 17.06
N ALA A 85 -6.56 -8.50 17.98
CA ALA A 85 -7.40 -7.32 17.63
C ALA A 85 -8.38 -7.68 16.51
N LYS A 86 -9.58 -8.04 16.86
CA LYS A 86 -10.59 -8.41 15.81
C LYS A 86 -11.01 -7.16 15.03
N LYS A 87 -11.39 -7.33 13.79
CA LYS A 87 -11.82 -6.15 12.98
C LYS A 87 -13.32 -5.87 13.18
N ASP A 88 -14.05 -6.85 13.62
CA ASP A 88 -15.52 -6.64 13.84
C ASP A 88 -16.05 -7.65 14.87
N ALA A 89 -16.68 -7.17 15.92
CA ALA A 89 -17.21 -8.09 16.96
C ALA A 89 -18.71 -7.83 17.17
N ALA A 90 -19.05 -6.73 17.79
CA ALA A 90 -20.49 -6.43 18.03
C ALA A 90 -21.05 -5.62 16.86
N LYS A 91 -20.59 -4.41 16.68
CA LYS A 91 -21.09 -3.57 15.55
C LYS A 91 -20.70 -4.20 14.21
N LYS A 92 -21.67 -4.53 13.40
CA LYS A 92 -21.34 -5.15 12.07
C LYS A 92 -20.62 -4.14 11.19
N ASP A 93 -19.87 -4.62 10.22
CA ASP A 93 -19.13 -3.68 9.32
C ASP A 93 -18.28 -2.70 10.13
N ASP A 94 -17.72 -1.71 9.49
CA ASP A 94 -16.88 -0.72 10.22
C ASP A 94 -17.24 0.70 9.80
N ALA A 95 -17.42 0.92 8.52
CA ALA A 95 -17.78 2.28 8.03
C ALA A 95 -18.72 2.18 6.83
N LYS A 96 -19.94 2.63 6.99
CA LYS A 96 -20.92 2.55 5.87
C LYS A 96 -20.74 3.77 4.94
N LYS A 97 -21.03 3.60 3.68
CA LYS A 97 -20.87 4.75 2.73
C LYS A 97 -21.55 4.42 1.40
N ASP A 98 -22.02 5.43 0.71
CA ASP A 98 -22.70 5.18 -0.61
C ASP A 98 -22.75 6.48 -1.43
N ASP A 99 -23.67 7.35 -1.13
CA ASP A 99 -23.76 8.63 -1.89
C ASP A 99 -24.80 9.55 -1.25
N ALA A 100 -24.36 10.64 -0.66
CA ALA A 100 -25.32 11.58 -0.01
C ALA A 100 -25.26 12.95 -0.68
N LYS A 101 -24.15 13.30 -1.26
CA LYS A 101 -24.04 14.64 -1.92
C LYS A 101 -23.77 14.47 -3.43
N LYS A 102 -24.78 14.08 -4.17
CA LYS A 102 -24.59 13.90 -5.64
C LYS A 102 -24.24 15.24 -6.30
N ASP A 103 -24.64 16.34 -5.69
CA ASP A 103 -24.33 17.68 -6.27
C ASP A 103 -24.84 17.78 -7.70
N GLY A 104 -24.72 18.92 -8.31
CA GLY A 104 -25.20 19.08 -9.72
C GLY A 104 -24.01 19.00 -10.68
N SER A 105 -23.43 20.12 -11.02
CA SER A 105 -22.25 20.11 -11.95
C SER A 105 -21.16 21.05 -11.44
N GLN A 106 -21.05 21.21 -10.15
CA GLN A 106 -20.01 22.12 -9.59
C GLN A 106 -18.68 21.36 -9.43
N THR A 107 -18.70 20.22 -8.79
CA THR A 107 -17.45 19.43 -8.61
C THR A 107 -17.71 17.95 -8.86
N ASN A 108 -18.35 17.62 -9.95
CA ASN A 108 -18.64 16.19 -10.25
C ASN A 108 -17.51 15.59 -11.10
N LYS A 109 -16.28 15.77 -10.67
CA LYS A 109 -15.14 15.22 -11.44
C LYS A 109 -14.91 13.75 -11.07
N ALA A 110 -14.31 12.99 -11.94
CA ALA A 110 -14.05 11.55 -11.64
C ALA A 110 -12.55 11.25 -11.74
N LYS A 111 -12.12 10.17 -11.13
CA LYS A 111 -10.68 9.81 -11.19
C LYS A 111 -10.50 8.29 -11.18
N ARG A 112 -9.75 7.76 -12.11
CA ARG A 112 -9.55 6.28 -12.16
C ARG A 112 -8.07 5.96 -12.40
N ALA A 113 -7.48 5.17 -11.54
CA ALA A 113 -6.04 4.81 -11.71
C ALA A 113 -5.83 3.32 -11.45
N LEU A 114 -4.65 2.91 -11.07
CA LEU A 114 -4.40 1.47 -10.80
C LEU A 114 -4.58 1.14 -9.33
N GLU A 115 -4.96 -0.07 -9.04
CA GLU A 115 -5.16 -0.50 -7.64
C GLU A 115 -5.07 -2.03 -7.55
N VAL A 116 -4.80 -2.55 -6.38
CA VAL A 116 -4.70 -4.03 -6.24
C VAL A 116 -5.67 -4.50 -5.14
N LEU A 117 -6.31 -5.62 -5.36
CA LEU A 117 -7.28 -6.12 -4.34
C LEU A 117 -7.01 -7.59 -4.04
N GLU A 118 -7.56 -8.09 -2.95
CA GLU A 118 -7.34 -9.52 -2.59
C GLU A 118 -8.68 -10.25 -2.52
N ALA A 119 -9.03 -11.00 -3.52
CA ALA A 119 -10.32 -11.73 -3.51
C ALA A 119 -10.11 -13.23 -3.74
N GLU A 120 -10.97 -14.06 -3.20
CA GLU A 120 -10.81 -15.53 -3.38
C GLU A 120 -9.39 -15.97 -3.03
N ASP A 121 -8.90 -15.55 -1.89
CA ASP A 121 -7.52 -15.93 -1.48
C ASP A 121 -6.51 -15.61 -2.59
N LYS A 122 -6.85 -14.67 -3.44
CA LYS A 122 -5.91 -14.31 -4.55
C LYS A 122 -5.81 -12.78 -4.67
N VAL A 123 -4.78 -12.30 -5.30
CA VAL A 123 -4.61 -10.83 -5.46
C VAL A 123 -4.37 -10.47 -6.93
N ILE A 124 -4.96 -9.40 -7.39
CA ILE A 124 -4.77 -8.99 -8.82
C ILE A 124 -4.67 -7.47 -8.93
N LEU A 125 -3.99 -6.99 -9.94
CA LEU A 125 -3.83 -5.52 -10.13
C LEU A 125 -4.87 -5.04 -11.13
N LYS A 126 -5.44 -3.89 -10.91
CA LYS A 126 -6.48 -3.39 -11.86
C LYS A 126 -6.15 -1.98 -12.36
N CYS A 127 -6.16 -1.79 -13.65
CA CYS A 127 -5.87 -0.44 -14.22
C CYS A 127 -6.98 -0.10 -15.24
N ASN A 128 -7.12 1.15 -15.58
CA ASN A 128 -8.18 1.53 -16.56
C ASN A 128 -7.89 0.92 -17.94
N SER A 129 -6.81 0.19 -18.08
CA SER A 129 -6.47 -0.43 -19.39
C SER A 129 -5.23 -1.31 -19.24
N SER A 130 -4.45 -1.45 -20.29
CA SER A 130 -3.22 -2.29 -20.18
C SER A 130 -2.37 -1.82 -19.01
N ILE A 131 -1.82 -2.73 -18.24
CA ILE A 131 -0.98 -2.31 -17.08
C ILE A 131 0.49 -2.35 -17.44
N THR A 132 1.27 -1.49 -16.85
CA THR A 132 2.73 -1.47 -17.16
C THR A 132 3.50 -2.24 -16.09
N LEU A 133 3.95 -3.42 -16.40
CA LEU A 133 4.70 -4.22 -15.40
C LEU A 133 6.07 -3.58 -15.15
N LEU A 134 6.19 -2.85 -14.07
CA LEU A 134 7.50 -2.20 -13.77
C LEU A 134 8.51 -3.24 -13.29
N GLN A 135 8.20 -3.91 -12.21
CA GLN A 135 9.13 -4.95 -11.68
C GLN A 135 8.49 -5.67 -10.49
N GLY A 136 9.24 -6.53 -9.86
CA GLY A 136 8.71 -7.27 -8.67
C GLY A 136 7.73 -8.36 -9.12
N THR A 137 6.68 -8.56 -8.37
CA THR A 137 5.67 -9.61 -8.74
C THR A 137 5.15 -9.41 -10.16
N ALA A 138 5.73 -10.11 -11.11
CA ALA A 138 5.25 -9.99 -12.51
C ALA A 138 4.36 -11.18 -12.84
N GLY A 139 3.25 -11.29 -12.15
CA GLY A 139 2.31 -12.44 -12.37
C GLY A 139 1.96 -12.59 -13.85
N GLN A 140 0.71 -12.46 -14.17
CA GLN A 140 0.29 -12.62 -15.59
C GLN A 140 -0.89 -11.69 -15.90
N GLU A 141 -0.89 -11.08 -17.06
CA GLU A 141 -1.99 -10.17 -17.43
C GLU A 141 -3.27 -10.96 -17.63
N VAL A 142 -4.38 -10.29 -17.51
CA VAL A 142 -5.69 -10.97 -17.69
C VAL A 142 -5.89 -11.37 -19.17
N SER A 143 -7.10 -11.32 -19.66
CA SER A 143 -7.33 -11.72 -21.09
C SER A 143 -6.39 -10.96 -22.03
N ASP A 144 -6.12 -9.70 -21.76
CA ASP A 144 -5.21 -8.94 -22.66
C ASP A 144 -4.80 -7.61 -22.01
N ASN A 145 -3.79 -7.62 -21.17
CA ASN A 145 -3.33 -6.36 -20.52
C ASN A 145 -4.48 -5.61 -19.87
N LYS A 146 -4.70 -5.80 -18.60
CA LYS A 146 -5.81 -5.10 -17.89
C LYS A 146 -5.84 -5.51 -16.42
N THR A 147 -5.58 -6.77 -16.15
CA THR A 147 -5.59 -7.27 -14.75
C THR A 147 -4.44 -8.25 -14.53
N LEU A 148 -3.65 -8.06 -13.51
CA LEU A 148 -2.52 -8.99 -13.26
C LEU A 148 -2.93 -10.09 -12.28
N ASN A 149 -2.36 -11.25 -12.43
CA ASN A 149 -2.69 -12.37 -11.52
C ASN A 149 -1.42 -12.89 -10.85
N LEU A 150 -1.17 -12.51 -9.63
CA LEU A 150 0.06 -12.97 -8.94
C LEU A 150 -0.17 -14.34 -8.29
N GLY A 151 -1.40 -14.64 -7.96
CA GLY A 151 -1.71 -15.95 -7.32
C GLY A 151 -2.28 -15.73 -5.93
N LYS A 152 -1.74 -16.39 -4.94
CA LYS A 152 -2.24 -16.21 -3.55
C LYS A 152 -1.55 -15.02 -2.88
N ARG A 153 -2.03 -14.61 -1.73
CA ARG A 153 -1.39 -13.47 -1.01
C ARG A 153 -0.34 -14.00 -0.03
N ILE A 154 -0.44 -15.25 0.32
CA ILE A 154 0.55 -15.85 1.27
C ILE A 154 1.91 -16.04 0.59
N GLU A 155 1.98 -15.79 -0.69
CA GLU A 155 3.28 -15.96 -1.41
C GLU A 155 4.17 -14.72 -1.24
N ASP A 156 3.79 -13.81 -0.38
CA ASP A 156 4.61 -12.58 -0.16
C ASP A 156 4.89 -11.87 -1.50
N PRO A 157 3.83 -11.54 -2.20
CA PRO A 157 3.98 -10.85 -3.49
C PRO A 157 4.38 -9.38 -3.28
N ARG A 158 5.43 -8.94 -3.93
CA ARG A 158 5.86 -7.52 -3.75
C ARG A 158 6.45 -6.98 -5.07
N GLY A 159 5.85 -5.97 -5.62
CA GLY A 159 6.37 -5.40 -6.90
C GLY A 159 5.70 -4.06 -7.18
N MET A 160 5.71 -3.64 -8.42
CA MET A 160 5.08 -2.33 -8.76
C MET A 160 4.54 -2.35 -10.19
N TYR A 161 3.48 -1.63 -10.46
CA TYR A 161 2.89 -1.61 -11.83
C TYR A 161 2.30 -0.23 -12.13
N GLN A 162 2.63 0.32 -13.27
CA GLN A 162 2.09 1.67 -13.61
C GLN A 162 0.88 1.54 -14.53
N CYS A 163 0.03 2.54 -14.55
CA CYS A 163 -1.19 2.49 -15.40
C CYS A 163 -1.40 3.84 -16.09
N GLY A 164 -2.19 3.86 -17.13
CA GLY A 164 -2.45 5.14 -17.85
C GLY A 164 -3.60 5.88 -17.17
N GLU A 165 -3.45 7.16 -16.98
CA GLU A 165 -4.54 7.94 -16.32
C GLU A 165 -5.01 9.07 -17.23
N ASN A 166 -5.92 9.89 -16.77
CA ASN A 166 -6.43 11.00 -17.62
C ASN A 166 -5.51 12.23 -17.48
N ALA A 167 -4.87 12.38 -16.36
CA ALA A 167 -3.96 13.55 -16.17
C ALA A 167 -2.52 13.16 -16.50
N LYS A 168 -2.05 12.06 -15.97
CA LYS A 168 -0.66 11.63 -16.25
C LYS A 168 -0.56 10.10 -16.14
N SER A 169 0.29 9.58 -15.28
CA SER A 169 0.40 8.09 -15.15
C SER A 169 0.37 7.70 -13.67
N PHE A 170 -0.40 6.69 -13.33
CA PHE A 170 -0.49 6.25 -11.92
C PHE A 170 0.42 5.04 -11.68
N THR A 171 1.04 4.97 -10.53
CA THR A 171 1.94 3.80 -10.24
C THR A 171 1.70 3.31 -8.82
N LEU A 172 1.71 2.02 -8.63
CA LEU A 172 1.51 1.46 -7.27
C LEU A 172 2.51 0.33 -7.00
N GLN A 173 3.05 0.25 -5.81
CA GLN A 173 4.02 -0.83 -5.49
C GLN A 173 3.51 -1.67 -4.32
N VAL A 174 3.11 -2.89 -4.58
CA VAL A 174 2.60 -3.75 -3.48
C VAL A 174 3.76 -4.31 -2.64
N TYR A 175 3.56 -4.51 -1.37
CA TYR A 175 4.64 -5.06 -0.51
C TYR A 175 4.04 -5.99 0.54
N TYR A 176 4.01 -7.26 0.29
CA TYR A 176 3.44 -8.22 1.27
C TYR A 176 4.53 -8.74 2.21
N ARG A 177 4.46 -8.40 3.47
CA ARG A 177 5.48 -8.88 4.45
C ARG A 177 6.90 -8.59 3.93
N MET A 178 7.89 -9.12 4.57
CA MET A 178 9.30 -8.88 4.13
C MET A 178 9.77 -10.04 3.23
N ASP A 1 20.63 -5.75 -9.23
CA ASP A 1 20.79 -4.42 -9.89
C ASP A 1 20.31 -3.30 -8.94
N ASP A 2 21.19 -2.80 -8.12
CA ASP A 2 20.78 -1.72 -7.17
C ASP A 2 21.16 -0.34 -7.74
N ALA A 3 20.90 -0.13 -9.00
CA ALA A 3 21.24 1.19 -9.61
C ALA A 3 20.07 2.16 -9.48
N GLU A 4 18.91 1.77 -9.94
CA GLU A 4 17.72 2.66 -9.84
C GLU A 4 17.38 2.92 -8.37
N ASN A 5 16.53 3.88 -8.12
CA ASN A 5 16.15 4.18 -6.71
C ASN A 5 14.88 5.05 -6.66
N ILE A 6 14.07 4.99 -7.69
CA ILE A 6 12.83 5.80 -7.72
C ILE A 6 11.64 4.99 -7.20
N GLU A 7 11.90 3.97 -6.43
CA GLU A 7 10.79 3.14 -5.89
C GLU A 7 10.71 3.27 -4.36
N TYR A 8 9.63 2.82 -3.78
CA TYR A 8 9.50 2.92 -2.30
C TYR A 8 10.47 1.94 -1.62
N LYS A 9 11.04 2.35 -0.51
CA LYS A 9 11.98 1.45 0.21
C LYS A 9 11.43 1.15 1.60
N VAL A 10 11.82 0.05 2.19
CA VAL A 10 11.29 -0.29 3.54
C VAL A 10 12.36 -1.01 4.38
N SER A 11 12.26 -0.89 5.68
CA SER A 11 13.24 -1.57 6.58
C SER A 11 12.55 -1.93 7.90
N ILE A 12 11.98 -3.11 7.98
CA ILE A 12 11.28 -3.51 9.24
C ILE A 12 12.24 -4.22 10.18
N SER A 13 12.16 -3.89 11.45
CA SER A 13 13.03 -4.53 12.47
C SER A 13 12.13 -5.13 13.56
N GLY A 14 11.82 -6.40 13.47
CA GLY A 14 10.92 -7.01 14.47
C GLY A 14 9.50 -6.55 14.17
N THR A 15 8.90 -5.78 15.04
CA THR A 15 7.52 -5.28 14.77
C THR A 15 7.59 -3.79 14.41
N SER A 16 8.67 -3.38 13.80
CA SER A 16 8.80 -1.96 13.40
C SER A 16 8.85 -1.90 11.88
N VAL A 17 8.42 -0.82 11.29
CA VAL A 17 8.44 -0.76 9.81
C VAL A 17 8.84 0.63 9.33
N GLU A 18 10.06 0.77 8.85
CA GLU A 18 10.53 2.09 8.35
C GLU A 18 10.41 2.14 6.82
N LEU A 19 9.51 2.92 6.30
CA LEU A 19 9.36 3.00 4.83
C LEU A 19 9.98 4.30 4.31
N THR A 20 10.83 4.21 3.33
CA THR A 20 11.47 5.45 2.80
C THR A 20 10.65 6.02 1.66
N CYS A 21 10.05 7.17 1.87
CA CYS A 21 9.23 7.82 0.79
C CYS A 21 9.98 7.75 -0.55
N PRO A 22 9.26 7.52 -1.62
CA PRO A 22 9.90 7.40 -2.95
C PRO A 22 10.45 8.75 -3.46
N LEU A 23 11.06 9.52 -2.60
CA LEU A 23 11.64 10.82 -3.07
C LEU A 23 12.55 11.39 -1.98
N ASP A 24 13.05 12.58 -2.18
CA ASP A 24 13.96 13.20 -1.17
C ASP A 24 13.17 13.59 0.08
N SER A 25 13.85 13.78 1.18
CA SER A 25 13.15 14.17 2.43
C SER A 25 12.61 15.59 2.30
N ASP A 26 11.36 15.79 2.64
CA ASP A 26 10.77 17.15 2.54
C ASP A 26 10.40 17.65 3.92
N GLU A 27 10.87 18.81 4.28
CA GLU A 27 10.55 19.39 5.62
C GLU A 27 9.05 19.28 5.90
N ASN A 28 8.29 19.22 4.85
CA ASN A 28 6.82 19.09 4.99
C ASN A 28 6.36 17.84 4.24
N LEU A 29 7.20 16.85 4.15
CA LEU A 29 6.84 15.60 3.44
C LEU A 29 5.60 14.98 4.10
N LYS A 30 4.46 15.09 3.48
CA LYS A 30 3.22 14.53 4.09
C LYS A 30 3.01 13.07 3.68
N TRP A 31 2.72 12.22 4.63
CA TRP A 31 2.49 10.78 4.31
C TRP A 31 0.98 10.50 4.26
N GLU A 32 0.59 9.32 3.87
CA GLU A 32 -0.86 8.99 3.80
C GLU A 32 -1.09 7.52 4.21
N LYS A 33 -1.83 7.29 5.25
CA LYS A 33 -2.09 5.89 5.69
C LYS A 33 -3.51 5.48 5.29
N ASN A 34 -3.65 4.65 4.28
CA ASN A 34 -5.00 4.20 3.84
C ASN A 34 -5.90 5.41 3.55
N GLY A 35 -5.32 6.53 3.22
CA GLY A 35 -6.14 7.75 2.92
C GLY A 35 -5.97 8.78 4.04
N GLN A 36 -5.68 8.34 5.23
CA GLN A 36 -5.50 9.29 6.36
C GLN A 36 -4.08 9.88 6.33
N GLU A 37 -3.97 11.17 6.19
CA GLU A 37 -2.61 11.81 6.16
C GLU A 37 -1.99 11.81 7.56
N LEU A 38 -0.70 11.82 7.64
CA LEU A 38 -0.02 11.81 8.98
C LEU A 38 0.66 13.16 9.23
N PRO A 39 -0.05 14.04 9.87
CA PRO A 39 0.52 15.40 10.18
C PRO A 39 1.57 15.30 11.29
N GLN A 40 2.63 14.59 11.06
CA GLN A 40 3.69 14.44 12.11
C GLN A 40 4.94 13.79 11.51
N LYS A 41 6.08 14.04 12.09
CA LYS A 41 7.36 13.44 11.57
C LYS A 41 7.68 13.99 10.18
N HIS A 42 6.90 13.64 9.19
CA HIS A 42 7.15 14.16 7.81
C HIS A 42 8.60 13.88 7.39
N ASP A 43 9.14 12.76 7.81
CA ASP A 43 10.54 12.42 7.43
C ASP A 43 10.54 11.46 6.25
N LYS A 44 11.63 11.40 5.52
CA LYS A 44 11.70 10.48 4.35
C LYS A 44 11.46 9.04 4.80
N HIS A 45 11.87 8.70 5.99
CA HIS A 45 11.68 7.31 6.49
C HIS A 45 10.49 7.25 7.45
N LEU A 46 9.55 6.38 7.18
CA LEU A 46 8.36 6.27 8.08
C LEU A 46 8.51 5.05 9.00
N VAL A 47 9.00 5.23 10.19
CA VAL A 47 9.15 4.08 11.12
C VAL A 47 7.85 3.86 11.89
N LEU A 48 7.36 2.67 11.87
CA LEU A 48 6.09 2.36 12.61
C LEU A 48 6.39 1.41 13.77
N GLN A 49 6.44 1.93 14.96
CA GLN A 49 6.75 1.07 16.14
C GLN A 49 5.49 0.25 16.51
N ASP A 50 5.68 -0.96 16.97
CA ASP A 50 4.50 -1.80 17.33
C ASP A 50 3.53 -1.86 16.15
N PHE A 51 4.04 -2.15 14.99
CA PHE A 51 3.18 -2.23 13.78
C PHE A 51 2.11 -3.32 13.94
N SER A 52 0.87 -2.93 14.04
CA SER A 52 -0.22 -3.93 14.19
C SER A 52 -0.49 -4.62 12.85
N GLU A 53 -0.76 -5.89 12.88
CA GLU A 53 -1.02 -6.64 11.62
C GLU A 53 -2.16 -6.00 10.82
N VAL A 54 -3.30 -5.80 11.43
CA VAL A 54 -4.44 -5.20 10.69
C VAL A 54 -4.54 -3.68 10.95
N GLU A 55 -4.10 -3.24 12.10
CA GLU A 55 -4.17 -1.77 12.40
C GLU A 55 -3.03 -1.01 11.73
N ASP A 56 -2.11 -1.69 11.09
CA ASP A 56 -0.98 -0.97 10.43
C ASP A 56 -0.77 -1.48 8.99
N SER A 57 -1.64 -2.32 8.51
CA SER A 57 -1.48 -2.84 7.12
C SER A 57 -2.45 -2.12 6.17
N GLY A 58 -2.05 -1.89 4.95
CA GLY A 58 -2.96 -1.20 3.99
C GLY A 58 -2.14 -0.41 2.96
N TYR A 59 -2.61 0.74 2.58
CA TYR A 59 -1.88 1.56 1.57
C TYR A 59 -0.98 2.59 2.27
N TYR A 60 0.07 3.02 1.60
CA TYR A 60 0.97 4.02 2.22
C TYR A 60 1.62 4.88 1.11
N VAL A 61 1.54 6.18 1.23
CA VAL A 61 2.15 7.06 0.19
C VAL A 61 2.46 8.44 0.78
N CYS A 62 3.41 9.14 0.22
CA CYS A 62 3.76 10.50 0.74
C CYS A 62 4.05 11.45 -0.41
N TYR A 63 3.87 12.72 -0.19
CA TYR A 63 4.13 13.72 -1.26
C TYR A 63 4.40 15.10 -0.64
N THR A 64 4.93 16.00 -1.42
CA THR A 64 5.22 17.37 -0.88
C THR A 64 4.60 18.42 -1.81
N PRO A 65 4.61 19.66 -1.35
CA PRO A 65 4.04 20.76 -2.17
C PRO A 65 4.92 21.05 -3.38
N ALA A 66 6.12 20.53 -3.39
CA ALA A 66 7.03 20.77 -4.55
C ALA A 66 7.28 19.46 -5.30
N SER A 67 7.15 18.35 -4.63
CA SER A 67 7.37 17.03 -5.31
C SER A 67 6.09 16.19 -5.26
N ASN A 68 5.37 16.12 -6.35
CA ASN A 68 4.13 15.30 -6.36
C ASN A 68 4.31 14.08 -7.26
N LYS A 69 4.40 12.91 -6.67
CA LYS A 69 4.57 11.68 -7.47
C LYS A 69 3.48 10.66 -7.11
N ASN A 70 2.60 10.36 -8.02
CA ASN A 70 1.53 9.38 -7.70
C ASN A 70 2.15 8.00 -7.46
N THR A 71 2.34 7.65 -6.21
CA THR A 71 2.95 6.33 -5.90
C THR A 71 2.24 5.69 -4.70
N TYR A 72 1.33 4.79 -4.95
CA TYR A 72 0.64 4.12 -3.81
C TYR A 72 1.37 2.83 -3.50
N LEU A 73 1.56 2.54 -2.26
CA LEU A 73 2.28 1.30 -1.88
C LEU A 73 1.48 0.50 -0.85
N TYR A 74 1.12 -0.71 -1.18
CA TYR A 74 0.34 -1.55 -0.23
C TYR A 74 1.29 -2.45 0.55
N LEU A 75 1.23 -2.40 1.86
CA LEU A 75 2.15 -3.24 2.68
C LEU A 75 1.35 -4.22 3.56
N LYS A 76 1.79 -5.44 3.62
CA LYS A 76 1.10 -6.45 4.47
C LYS A 76 2.13 -7.26 5.25
N ALA A 77 2.37 -6.91 6.48
CA ALA A 77 3.39 -7.64 7.28
C ALA A 77 2.76 -8.22 8.55
N ARG A 78 3.48 -9.07 9.25
CA ARG A 78 2.93 -9.66 10.50
C ARG A 78 3.96 -9.56 11.62
N VAL A 79 3.64 -8.86 12.68
CA VAL A 79 4.58 -8.75 13.82
C VAL A 79 3.76 -8.69 15.11
N GLY A 80 3.92 -9.66 15.94
CA GLY A 80 3.17 -9.69 17.22
C GLY A 80 4.16 -9.73 18.39
N SER A 81 3.71 -9.35 19.57
CA SER A 81 4.62 -9.37 20.75
C SER A 81 3.91 -9.98 21.96
N ALA A 82 4.60 -10.78 22.73
CA ALA A 82 3.96 -11.41 23.92
C ALA A 82 4.79 -11.13 25.17
N ASP A 83 5.27 -9.91 25.32
CA ASP A 83 6.08 -9.57 26.52
C ASP A 83 5.33 -8.57 27.40
N ASP A 84 4.91 -7.46 26.83
CA ASP A 84 4.18 -6.44 27.63
C ASP A 84 2.68 -6.71 27.57
N ALA A 85 2.26 -7.90 27.94
CA ALA A 85 0.81 -8.23 27.90
C ALA A 85 0.43 -9.02 29.16
N LYS A 86 -0.24 -8.38 30.09
CA LYS A 86 -0.64 -9.10 31.34
C LYS A 86 -2.04 -8.66 31.78
N LYS A 87 -2.81 -8.11 30.87
CA LYS A 87 -4.19 -7.66 31.22
C LYS A 87 -4.17 -6.77 32.47
N ASP A 88 -4.02 -5.48 32.29
CA ASP A 88 -3.99 -4.56 33.46
C ASP A 88 -5.40 -4.07 33.78
N ALA A 89 -5.97 -3.26 32.94
CA ALA A 89 -7.35 -2.76 33.20
C ALA A 89 -8.21 -2.85 31.93
N ALA A 90 -7.82 -2.16 30.90
CA ALA A 90 -8.60 -2.22 29.63
C ALA A 90 -7.72 -1.81 28.45
N LYS A 91 -7.46 -0.54 28.28
CA LYS A 91 -6.59 -0.08 27.15
C LYS A 91 -7.11 -0.64 25.82
N LYS A 92 -8.14 -0.06 25.29
CA LYS A 92 -8.70 -0.55 23.99
C LYS A 92 -8.55 0.51 22.91
N ASP A 93 -7.64 1.44 23.07
CA ASP A 93 -7.45 2.51 22.05
C ASP A 93 -8.78 3.20 21.74
N ASP A 94 -9.04 4.31 22.38
CA ASP A 94 -10.32 5.04 22.13
C ASP A 94 -10.44 5.42 20.65
N ALA A 95 -11.01 4.56 19.85
CA ALA A 95 -11.16 4.86 18.39
C ALA A 95 -12.53 4.40 17.90
N LYS A 96 -13.55 4.61 18.67
CA LYS A 96 -14.92 4.19 18.24
C LYS A 96 -15.70 5.38 17.68
N LYS A 97 -15.00 6.31 17.09
CA LYS A 97 -15.70 7.51 16.52
C LYS A 97 -15.47 7.59 15.01
N ASP A 98 -15.79 8.70 14.40
CA ASP A 98 -15.59 8.85 12.93
C ASP A 98 -16.31 7.73 12.18
N ASP A 99 -17.61 7.69 12.26
CA ASP A 99 -18.38 6.62 11.55
C ASP A 99 -19.14 7.22 10.36
N ALA A 100 -18.55 7.21 9.20
CA ALA A 100 -19.23 7.78 8.01
C ALA A 100 -20.44 6.91 7.63
N LYS A 101 -20.29 5.61 7.67
CA LYS A 101 -21.41 4.70 7.33
C LYS A 101 -21.99 5.06 5.95
N LYS A 102 -21.14 5.48 5.04
CA LYS A 102 -21.63 5.85 3.67
C LYS A 102 -22.78 6.85 3.77
N ASP A 103 -22.53 8.01 4.32
CA ASP A 103 -23.61 9.02 4.44
C ASP A 103 -23.00 10.43 4.55
N GLY A 104 -23.15 11.22 3.53
CA GLY A 104 -22.58 12.60 3.56
C GLY A 104 -21.06 12.54 3.53
N SER A 105 -20.49 12.39 2.37
CA SER A 105 -19.00 12.32 2.28
C SER A 105 -18.53 12.84 0.92
N GLN A 106 -17.32 12.52 0.53
CA GLN A 106 -16.80 13.01 -0.78
C GLN A 106 -17.45 12.22 -1.92
N THR A 107 -17.87 12.91 -2.95
CA THR A 107 -18.52 12.20 -4.11
C THR A 107 -17.76 12.51 -5.40
N ASN A 108 -16.46 12.34 -5.39
CA ASN A 108 -15.66 12.61 -6.62
C ASN A 108 -14.31 11.88 -6.55
N LYS A 109 -13.93 11.22 -7.61
CA LYS A 109 -12.63 10.48 -7.60
C LYS A 109 -12.19 10.17 -9.04
N ALA A 110 -11.09 10.71 -9.46
CA ALA A 110 -10.60 10.45 -10.84
C ALA A 110 -9.08 10.60 -10.91
N LYS A 111 -8.39 10.21 -9.89
CA LYS A 111 -6.91 10.33 -9.90
C LYS A 111 -6.25 8.97 -9.65
N ARG A 112 -6.88 8.11 -8.88
CA ARG A 112 -6.30 6.77 -8.61
C ARG A 112 -6.25 5.94 -9.91
N ALA A 113 -5.19 6.06 -10.65
CA ALA A 113 -5.08 5.30 -11.93
C ALA A 113 -4.98 3.79 -11.64
N LEU A 114 -3.88 3.35 -11.10
CA LEU A 114 -3.73 1.89 -10.80
C LEU A 114 -3.95 1.62 -9.32
N GLU A 115 -4.39 0.43 -9.02
CA GLU A 115 -4.64 0.04 -7.61
C GLU A 115 -4.62 -1.48 -7.49
N VAL A 116 -4.62 -2.00 -6.29
CA VAL A 116 -4.61 -3.49 -6.11
C VAL A 116 -5.61 -3.89 -5.04
N LEU A 117 -6.29 -5.00 -5.23
CA LEU A 117 -7.30 -5.44 -4.23
C LEU A 117 -7.07 -6.89 -3.83
N GLU A 118 -7.51 -7.28 -2.66
CA GLU A 118 -7.33 -8.69 -2.22
C GLU A 118 -8.70 -9.35 -2.04
N ALA A 119 -9.09 -10.19 -2.97
CA ALA A 119 -10.42 -10.86 -2.86
C ALA A 119 -10.26 -12.37 -2.96
N GLU A 120 -11.09 -13.12 -2.29
CA GLU A 120 -11.00 -14.61 -2.35
C GLU A 120 -9.57 -15.07 -2.07
N ASP A 121 -8.97 -14.54 -1.04
CA ASP A 121 -7.56 -14.93 -0.71
C ASP A 121 -6.64 -14.72 -1.92
N LYS A 122 -7.04 -13.87 -2.84
CA LYS A 122 -6.19 -13.62 -4.04
C LYS A 122 -5.95 -12.11 -4.20
N VAL A 123 -5.00 -11.74 -5.01
CA VAL A 123 -4.70 -10.28 -5.21
C VAL A 123 -4.50 -9.98 -6.70
N ILE A 124 -4.99 -8.85 -7.16
CA ILE A 124 -4.83 -8.49 -8.59
C ILE A 124 -4.62 -6.97 -8.76
N LEU A 125 -3.91 -6.59 -9.79
CA LEU A 125 -3.65 -5.13 -10.04
C LEU A 125 -4.65 -4.61 -11.08
N LYS A 126 -5.08 -3.38 -10.94
CA LYS A 126 -6.06 -2.84 -11.94
C LYS A 126 -5.63 -1.46 -12.44
N CYS A 127 -5.55 -1.31 -13.73
CA CYS A 127 -5.14 0.00 -14.33
C CYS A 127 -6.16 0.36 -15.43
N ASN A 128 -6.18 1.60 -15.86
CA ASN A 128 -7.13 1.98 -16.93
C ASN A 128 -6.86 1.20 -18.22
N SER A 129 -5.80 0.41 -18.26
CA SER A 129 -5.50 -0.39 -19.49
C SER A 129 -4.33 -1.34 -19.21
N SER A 130 -3.55 -1.64 -20.22
CA SER A 130 -2.39 -2.56 -20.01
C SER A 130 -1.53 -2.07 -18.85
N ILE A 131 -1.21 -2.94 -17.92
CA ILE A 131 -0.38 -2.51 -16.76
C ILE A 131 1.10 -2.73 -17.07
N THR A 132 1.93 -1.80 -16.68
CA THR A 132 3.39 -1.95 -16.94
C THR A 132 4.03 -2.76 -15.82
N LEU A 133 4.36 -3.99 -16.08
CA LEU A 133 4.99 -4.83 -15.02
C LEU A 133 6.39 -4.32 -14.72
N LEU A 134 6.56 -3.58 -13.66
CA LEU A 134 7.91 -3.06 -13.32
C LEU A 134 8.78 -4.21 -12.80
N GLN A 135 8.35 -4.87 -11.77
CA GLN A 135 9.13 -6.01 -11.22
C GLN A 135 8.37 -6.72 -10.11
N GLY A 136 9.04 -7.56 -9.39
CA GLY A 136 8.39 -8.31 -8.27
C GLY A 136 7.35 -9.30 -8.81
N THR A 137 6.25 -9.44 -8.12
CA THR A 137 5.19 -10.40 -8.56
C THR A 137 4.75 -10.14 -9.99
N ALA A 138 5.27 -10.90 -10.92
CA ALA A 138 4.86 -10.73 -12.34
C ALA A 138 3.83 -11.80 -12.68
N GLY A 139 2.69 -11.72 -12.02
CA GLY A 139 1.60 -12.73 -12.25
C GLY A 139 1.26 -12.85 -13.74
N GLN A 140 0.01 -12.69 -14.08
CA GLN A 140 -0.38 -12.82 -15.51
C GLN A 140 -1.42 -11.74 -15.88
N GLU A 141 -1.27 -11.16 -17.04
CA GLU A 141 -2.21 -10.11 -17.49
C GLU A 141 -3.62 -10.71 -17.61
N VAL A 142 -4.60 -9.93 -17.25
CA VAL A 142 -6.01 -10.41 -17.34
C VAL A 142 -6.35 -10.73 -18.80
N SER A 143 -7.61 -10.74 -19.16
CA SER A 143 -7.98 -11.06 -20.57
C SER A 143 -7.20 -10.19 -21.56
N ASP A 144 -6.94 -8.96 -21.21
CA ASP A 144 -6.19 -8.06 -22.15
C ASP A 144 -5.25 -7.11 -21.40
N ASN A 145 -4.47 -7.61 -20.46
CA ASN A 145 -3.52 -6.74 -19.72
C ASN A 145 -4.26 -5.66 -18.90
N LYS A 146 -5.56 -5.69 -18.85
CA LYS A 146 -6.30 -4.66 -18.05
C LYS A 146 -6.12 -4.95 -16.56
N THR A 147 -5.79 -6.17 -16.23
CA THR A 147 -5.59 -6.55 -14.80
C THR A 147 -4.47 -7.59 -14.69
N LEU A 148 -4.15 -8.00 -13.49
CA LEU A 148 -3.08 -9.03 -13.33
C LEU A 148 -3.43 -9.97 -12.18
N ASN A 149 -3.04 -11.20 -12.29
CA ASN A 149 -3.34 -12.19 -11.21
C ASN A 149 -2.03 -12.75 -10.64
N LEU A 150 -1.63 -12.27 -9.49
CA LEU A 150 -0.36 -12.78 -8.88
C LEU A 150 -0.60 -14.16 -8.25
N GLY A 151 -1.79 -14.37 -7.75
CA GLY A 151 -2.10 -15.68 -7.12
C GLY A 151 -2.81 -15.44 -5.78
N LYS A 152 -2.46 -16.19 -4.78
CA LYS A 152 -3.11 -16.00 -3.45
C LYS A 152 -2.40 -14.89 -2.66
N ARG A 153 -2.95 -14.49 -1.55
CA ARG A 153 -2.30 -13.42 -0.73
C ARG A 153 -1.38 -14.05 0.30
N ILE A 154 -1.58 -15.32 0.58
CA ILE A 154 -0.73 -16.02 1.58
C ILE A 154 0.65 -16.34 0.97
N GLU A 155 0.81 -16.09 -0.30
CA GLU A 155 2.13 -16.39 -0.95
C GLU A 155 3.05 -15.18 -0.87
N ASP A 156 2.79 -14.26 0.04
CA ASP A 156 3.66 -13.06 0.17
C ASP A 156 3.83 -12.36 -1.19
N PRO A 157 2.75 -11.81 -1.68
CA PRO A 157 2.80 -11.09 -2.98
C PRO A 157 3.55 -9.77 -2.84
N ARG A 158 4.63 -9.63 -3.56
CA ARG A 158 5.44 -8.37 -3.46
C ARG A 158 5.89 -7.93 -4.86
N GLY A 159 5.78 -6.67 -5.17
CA GLY A 159 6.22 -6.21 -6.53
C GLY A 159 5.59 -4.86 -6.86
N MET A 160 6.10 -4.19 -7.85
CA MET A 160 5.54 -2.86 -8.23
C MET A 160 5.04 -2.87 -9.68
N TYR A 161 4.05 -2.07 -9.98
CA TYR A 161 3.48 -2.04 -11.37
C TYR A 161 3.06 -0.62 -11.73
N GLN A 162 3.35 -0.19 -12.93
CA GLN A 162 2.97 1.20 -13.34
C GLN A 162 1.74 1.18 -14.25
N CYS A 163 1.10 2.31 -14.42
CA CYS A 163 -0.11 2.38 -15.27
C CYS A 163 -0.14 3.71 -16.02
N GLY A 164 -0.93 3.80 -17.06
CA GLY A 164 -1.01 5.08 -17.84
C GLY A 164 -1.99 6.03 -17.14
N GLU A 165 -1.60 7.25 -16.95
CA GLU A 165 -2.50 8.23 -16.28
C GLU A 165 -3.03 9.25 -17.29
N ASN A 166 -4.08 9.95 -16.96
CA ASN A 166 -4.64 10.96 -17.90
C ASN A 166 -3.75 12.20 -17.96
N ALA A 167 -3.06 12.48 -16.89
CA ALA A 167 -2.17 13.69 -16.88
C ALA A 167 -0.70 13.27 -16.92
N LYS A 168 -0.31 12.35 -16.07
CA LYS A 168 1.12 11.90 -16.06
C LYS A 168 1.17 10.37 -16.02
N SER A 169 1.87 9.79 -15.07
CA SER A 169 1.95 8.30 -14.99
C SER A 169 1.68 7.84 -13.55
N PHE A 170 1.03 6.71 -13.40
CA PHE A 170 0.74 6.21 -12.03
C PHE A 170 1.59 4.98 -11.72
N THR A 171 2.06 4.87 -10.51
CA THR A 171 2.91 3.69 -10.14
C THR A 171 2.54 3.20 -8.74
N LEU A 172 2.61 1.92 -8.51
CA LEU A 172 2.28 1.38 -7.18
C LEU A 172 3.19 0.19 -6.84
N GLN A 173 3.67 0.11 -5.62
CA GLN A 173 4.55 -1.02 -5.23
C GLN A 173 3.87 -1.86 -4.14
N VAL A 174 4.14 -3.14 -4.10
CA VAL A 174 3.50 -4.02 -3.07
C VAL A 174 4.52 -4.98 -2.46
N TYR A 175 4.40 -5.23 -1.19
CA TYR A 175 5.32 -6.20 -0.55
C TYR A 175 4.66 -6.78 0.71
N TYR A 176 4.29 -8.02 0.65
CA TYR A 176 3.62 -8.65 1.80
C TYR A 176 4.66 -9.33 2.70
N ARG A 177 5.01 -8.72 3.80
CA ARG A 177 6.02 -9.33 4.71
C ARG A 177 5.42 -10.54 5.43
N MET A 178 5.61 -11.72 4.87
CA MET A 178 5.05 -12.95 5.51
C MET A 178 3.55 -12.80 5.77
N ASP A 1 24.50 -1.46 -9.58
CA ASP A 1 23.18 -0.97 -10.08
C ASP A 1 22.54 -2.02 -11.00
N ASP A 2 22.14 -3.14 -10.46
CA ASP A 2 21.52 -4.20 -11.30
C ASP A 2 20.04 -4.38 -10.92
N ALA A 3 19.44 -3.36 -10.35
CA ALA A 3 18.01 -3.47 -9.96
C ALA A 3 17.47 -2.10 -9.54
N GLU A 4 16.19 -1.87 -9.68
CA GLU A 4 15.60 -0.56 -9.29
C GLU A 4 15.12 -0.61 -7.84
N ASN A 5 15.57 0.31 -7.03
CA ASN A 5 15.13 0.31 -5.59
C ASN A 5 14.79 1.74 -5.15
N ILE A 6 14.54 2.63 -6.07
CA ILE A 6 14.21 4.03 -5.69
C ILE A 6 12.69 4.21 -5.61
N GLU A 7 11.97 3.15 -5.42
CA GLU A 7 10.48 3.26 -5.32
C GLU A 7 10.01 2.79 -3.93
N TYR A 8 10.12 3.64 -2.94
CA TYR A 8 9.68 3.27 -1.56
C TYR A 8 10.48 2.08 -1.04
N LYS A 9 10.98 2.19 0.16
CA LYS A 9 11.77 1.05 0.75
C LYS A 9 11.08 0.57 2.03
N VAL A 10 11.35 -0.64 2.43
CA VAL A 10 10.71 -1.17 3.66
C VAL A 10 11.72 -1.93 4.51
N SER A 11 11.96 -1.48 5.71
CA SER A 11 12.93 -2.18 6.61
C SER A 11 12.31 -2.39 7.99
N ILE A 12 11.66 -3.51 8.18
CA ILE A 12 11.02 -3.78 9.50
C ILE A 12 11.99 -4.50 10.45
N SER A 13 12.01 -4.09 11.69
CA SER A 13 12.89 -4.75 12.68
C SER A 13 12.03 -5.22 13.85
N GLY A 14 11.77 -6.50 13.95
CA GLY A 14 10.90 -6.99 15.05
C GLY A 14 9.47 -6.54 14.75
N THR A 15 8.90 -5.73 15.61
CA THR A 15 7.53 -5.23 15.33
C THR A 15 7.58 -3.74 14.96
N SER A 16 8.59 -3.35 14.25
CA SER A 16 8.72 -1.94 13.82
C SER A 16 8.78 -1.88 12.31
N VAL A 17 8.39 -0.80 11.71
CA VAL A 17 8.42 -0.74 10.23
C VAL A 17 8.89 0.63 9.74
N GLU A 18 10.07 0.69 9.18
CA GLU A 18 10.61 1.99 8.68
C GLU A 18 10.52 2.04 7.15
N LEU A 19 9.70 2.90 6.62
CA LEU A 19 9.59 2.97 5.12
C LEU A 19 10.18 4.27 4.59
N THR A 20 11.02 4.20 3.59
CA THR A 20 11.63 5.44 3.03
C THR A 20 10.77 5.99 1.91
N CYS A 21 10.22 7.16 2.10
CA CYS A 21 9.37 7.78 1.04
C CYS A 21 10.12 7.78 -0.30
N PRO A 22 9.40 7.51 -1.36
CA PRO A 22 10.04 7.44 -2.71
C PRO A 22 10.43 8.83 -3.24
N LEU A 23 11.08 9.64 -2.45
CA LEU A 23 11.51 10.98 -2.95
C LEU A 23 12.42 11.67 -1.94
N ASP A 24 13.27 10.92 -1.30
CA ASP A 24 14.22 11.48 -0.29
C ASP A 24 13.45 12.22 0.80
N SER A 25 14.16 12.76 1.75
CA SER A 25 13.51 13.49 2.87
C SER A 25 13.10 14.90 2.45
N ASP A 26 11.89 15.28 2.75
CA ASP A 26 11.42 16.64 2.39
C ASP A 26 11.13 17.43 3.66
N GLU A 27 11.75 18.56 3.83
CA GLU A 27 11.51 19.39 5.05
C GLU A 27 10.01 19.49 5.35
N ASN A 28 9.22 19.37 4.34
CA ASN A 28 7.75 19.42 4.51
C ASN A 28 7.12 18.15 3.93
N LEU A 29 7.83 17.04 4.01
CA LEU A 29 7.30 15.77 3.46
C LEU A 29 6.00 15.41 4.18
N LYS A 30 5.01 14.97 3.45
CA LYS A 30 3.71 14.60 4.10
C LYS A 30 3.32 13.17 3.76
N TRP A 31 3.12 12.35 4.76
CA TRP A 31 2.73 10.93 4.49
C TRP A 31 1.20 10.80 4.47
N GLU A 32 0.71 9.67 4.04
CA GLU A 32 -0.77 9.48 3.99
C GLU A 32 -1.12 8.00 4.24
N LYS A 33 -1.88 7.73 5.26
CA LYS A 33 -2.25 6.31 5.56
C LYS A 33 -3.61 5.98 4.96
N ASN A 34 -3.63 5.15 3.94
CA ASN A 34 -4.93 4.78 3.30
C ASN A 34 -5.71 6.04 2.89
N GLY A 35 -5.02 7.10 2.61
CA GLY A 35 -5.72 8.36 2.20
C GLY A 35 -5.76 9.33 3.38
N GLN A 36 -5.66 8.84 4.58
CA GLN A 36 -5.69 9.74 5.78
C GLN A 36 -4.31 10.36 6.00
N GLU A 37 -4.16 11.61 5.64
CA GLU A 37 -2.84 12.29 5.83
C GLU A 37 -2.43 12.26 7.31
N LEU A 38 -1.15 12.27 7.57
CA LEU A 38 -0.69 12.24 8.99
C LEU A 38 0.41 13.30 9.22
N PRO A 39 0.05 14.35 9.94
CA PRO A 39 1.02 15.42 10.23
C PRO A 39 2.08 14.96 11.23
N GLN A 40 2.81 15.86 11.83
CA GLN A 40 3.86 15.47 12.82
C GLN A 40 4.81 14.45 12.21
N LYS A 41 5.06 14.55 10.93
CA LYS A 41 5.98 13.59 10.26
C LYS A 41 6.42 14.13 8.91
N HIS A 42 7.70 14.29 8.69
CA HIS A 42 8.18 14.82 7.39
C HIS A 42 9.56 14.26 7.05
N ASP A 43 9.88 13.10 7.57
CA ASP A 43 11.21 12.49 7.27
C ASP A 43 11.07 11.44 6.17
N LYS A 44 12.12 11.21 5.42
CA LYS A 44 12.07 10.20 4.32
C LYS A 44 11.68 8.83 4.88
N HIS A 45 12.25 8.44 6.00
CA HIS A 45 11.90 7.11 6.57
C HIS A 45 10.66 7.20 7.47
N LEU A 46 9.91 6.14 7.56
CA LEU A 46 8.70 6.14 8.42
C LEU A 46 8.72 4.94 9.36
N VAL A 47 9.27 5.09 10.53
CA VAL A 47 9.32 3.94 11.48
C VAL A 47 7.99 3.81 12.22
N LEU A 48 7.43 2.64 12.23
CA LEU A 48 6.14 2.43 12.95
C LEU A 48 6.34 1.47 14.11
N GLN A 49 6.39 1.96 15.31
CA GLN A 49 6.59 1.08 16.49
C GLN A 49 5.32 0.27 16.75
N ASP A 50 5.45 -0.96 17.17
CA ASP A 50 4.24 -1.80 17.44
C ASP A 50 3.31 -1.78 16.22
N PHE A 51 3.83 -2.11 15.08
CA PHE A 51 2.99 -2.10 13.84
C PHE A 51 2.03 -3.29 13.83
N SER A 52 0.81 -3.09 14.25
CA SER A 52 -0.18 -4.19 14.25
C SER A 52 -0.68 -4.45 12.82
N GLU A 53 -0.60 -5.67 12.36
CA GLU A 53 -1.06 -5.97 10.97
C GLU A 53 -2.58 -5.84 10.84
N VAL A 54 -3.27 -5.61 11.94
CA VAL A 54 -4.75 -5.48 11.86
C VAL A 54 -5.16 -4.16 11.19
N GLU A 55 -4.85 -3.05 11.80
CA GLU A 55 -5.23 -1.74 11.20
C GLU A 55 -4.02 -1.01 10.61
N ASP A 56 -2.84 -1.31 11.08
CA ASP A 56 -1.62 -0.62 10.55
C ASP A 56 -1.32 -1.09 9.11
N SER A 57 -1.88 -2.20 8.71
CA SER A 57 -1.61 -2.70 7.32
C SER A 57 -2.51 -1.98 6.32
N GLY A 58 -2.00 -1.68 5.16
CA GLY A 58 -2.84 -0.97 4.14
C GLY A 58 -1.94 -0.25 3.13
N TYR A 59 -2.46 0.73 2.45
CA TYR A 59 -1.63 1.49 1.46
C TYR A 59 -0.90 2.65 2.14
N TYR A 60 0.33 2.89 1.77
CA TYR A 60 1.10 4.00 2.39
C TYR A 60 1.73 4.88 1.29
N VAL A 61 1.65 6.16 1.43
CA VAL A 61 2.25 7.07 0.39
C VAL A 61 2.56 8.44 0.99
N CYS A 62 3.53 9.13 0.43
CA CYS A 62 3.88 10.48 0.94
C CYS A 62 4.21 11.43 -0.20
N TYR A 63 4.02 12.70 0.01
CA TYR A 63 4.31 13.69 -1.07
C TYR A 63 4.55 15.09 -0.48
N THR A 64 5.09 15.98 -1.26
CA THR A 64 5.35 17.37 -0.76
C THR A 64 4.73 18.37 -1.74
N PRO A 65 4.71 19.62 -1.35
CA PRO A 65 4.15 20.67 -2.24
C PRO A 65 5.08 20.92 -3.43
N ALA A 66 6.27 20.38 -3.41
CA ALA A 66 7.20 20.59 -4.54
C ALA A 66 7.44 19.26 -5.28
N SER A 67 7.29 18.15 -4.60
CA SER A 67 7.49 16.84 -5.26
C SER A 67 6.20 16.00 -5.20
N ASN A 68 5.46 15.94 -6.28
CA ASN A 68 4.21 15.15 -6.27
C ASN A 68 4.35 13.92 -7.18
N LYS A 69 4.46 12.76 -6.60
CA LYS A 69 4.58 11.52 -7.42
C LYS A 69 3.51 10.51 -7.00
N ASN A 70 2.61 10.17 -7.88
CA ASN A 70 1.55 9.18 -7.50
C ASN A 70 2.21 7.83 -7.22
N THR A 71 2.45 7.52 -5.98
CA THR A 71 3.09 6.23 -5.64
C THR A 71 2.43 5.61 -4.40
N TYR A 72 1.53 4.68 -4.58
CA TYR A 72 0.88 4.04 -3.42
C TYR A 72 1.47 2.64 -3.23
N LEU A 73 1.75 2.27 -2.02
CA LEU A 73 2.34 0.93 -1.78
C LEU A 73 1.54 0.18 -0.72
N TYR A 74 1.24 -1.07 -0.98
CA TYR A 74 0.47 -1.87 0.01
C TYR A 74 1.43 -2.57 0.98
N LEU A 75 1.68 -1.97 2.12
CA LEU A 75 2.60 -2.59 3.10
C LEU A 75 1.83 -3.45 4.10
N LYS A 76 2.11 -4.73 4.14
CA LYS A 76 1.40 -5.63 5.09
C LYS A 76 2.42 -6.45 5.88
N ALA A 77 2.74 -6.04 7.07
CA ALA A 77 3.73 -6.79 7.89
C ALA A 77 3.05 -7.41 9.11
N ARG A 78 3.52 -8.54 9.55
CA ARG A 78 2.91 -9.20 10.75
C ARG A 78 3.91 -9.21 11.91
N VAL A 79 3.58 -8.56 13.00
CA VAL A 79 4.47 -8.57 14.18
C VAL A 79 3.63 -8.54 15.43
N GLY A 80 3.72 -9.58 16.20
CA GLY A 80 2.93 -9.66 17.46
C GLY A 80 1.45 -9.82 17.14
N SER A 81 0.71 -10.43 18.03
CA SER A 81 -0.75 -10.62 17.78
C SER A 81 -1.55 -10.26 19.03
N ALA A 82 -1.52 -11.09 20.04
CA ALA A 82 -2.27 -10.80 21.29
C ALA A 82 -3.74 -10.49 20.98
N ASP A 83 -4.57 -11.48 20.92
CA ASP A 83 -6.01 -11.24 20.62
C ASP A 83 -6.87 -11.60 21.83
N ASP A 84 -6.49 -12.61 22.56
CA ASP A 84 -7.29 -13.01 23.76
C ASP A 84 -6.64 -12.47 25.05
N ALA A 85 -7.28 -12.65 26.17
CA ALA A 85 -6.69 -12.15 27.45
C ALA A 85 -6.64 -13.27 28.48
N LYS A 86 -6.38 -12.94 29.71
CA LYS A 86 -6.32 -14.00 30.77
C LYS A 86 -6.57 -13.38 32.15
N LYS A 87 -5.83 -12.36 32.50
CA LYS A 87 -6.02 -11.72 33.84
C LYS A 87 -6.26 -10.21 33.66
N ASP A 88 -5.21 -9.45 33.44
CA ASP A 88 -5.38 -7.98 33.27
C ASP A 88 -4.07 -7.35 32.80
N ALA A 89 -4.13 -6.32 32.01
CA ALA A 89 -2.89 -5.66 31.52
C ALA A 89 -3.23 -4.33 30.85
N ALA A 90 -4.12 -4.35 29.90
CA ALA A 90 -4.50 -3.08 29.20
C ALA A 90 -6.02 -2.97 29.08
N LYS A 91 -6.54 -1.77 29.14
CA LYS A 91 -8.02 -1.59 29.04
C LYS A 91 -8.45 -1.59 27.56
N LYS A 92 -9.71 -1.82 27.31
CA LYS A 92 -10.20 -1.82 25.90
C LYS A 92 -10.76 -0.44 25.53
N ASP A 93 -9.94 0.42 25.02
CA ASP A 93 -10.42 1.79 24.63
C ASP A 93 -10.41 1.93 23.11
N ASP A 94 -11.16 1.12 22.42
CA ASP A 94 -11.20 1.20 20.93
C ASP A 94 -12.57 1.69 20.46
N ALA A 95 -13.60 1.36 21.20
CA ALA A 95 -14.98 1.79 20.81
C ALA A 95 -15.29 1.36 19.36
N LYS A 96 -16.42 1.75 18.85
CA LYS A 96 -16.78 1.38 17.45
C LYS A 96 -17.72 2.42 16.85
N LYS A 97 -17.52 3.68 17.17
CA LYS A 97 -18.41 4.74 16.62
C LYS A 97 -18.10 4.97 15.14
N ASP A 98 -18.94 4.46 14.27
CA ASP A 98 -18.71 4.64 12.79
C ASP A 98 -17.29 4.19 12.43
N ASP A 99 -17.00 2.93 12.58
CA ASP A 99 -15.64 2.42 12.24
C ASP A 99 -15.74 1.23 11.27
N ALA A 100 -16.68 0.35 11.50
CA ALA A 100 -16.83 -0.82 10.60
C ALA A 100 -18.01 -0.62 9.65
N LYS A 101 -17.89 -1.03 8.42
CA LYS A 101 -19.00 -0.87 7.45
C LYS A 101 -19.28 -2.19 6.72
N LYS A 102 -19.80 -3.16 7.42
CA LYS A 102 -20.09 -4.47 6.78
C LYS A 102 -21.43 -4.42 6.03
N ASP A 103 -22.46 -3.97 6.68
CA ASP A 103 -23.80 -3.89 6.01
C ASP A 103 -23.77 -2.80 4.93
N GLY A 104 -24.06 -3.16 3.71
CA GLY A 104 -24.06 -2.14 2.62
C GLY A 104 -22.64 -1.60 2.42
N SER A 105 -22.34 -1.09 1.27
CA SER A 105 -20.97 -0.53 1.01
C SER A 105 -21.06 0.94 0.61
N GLN A 106 -20.73 1.83 1.50
CA GLN A 106 -20.79 3.28 1.18
C GLN A 106 -19.57 3.69 0.33
N THR A 107 -18.47 3.03 0.52
CA THR A 107 -17.24 3.37 -0.26
C THR A 107 -17.36 2.81 -1.68
N ASN A 108 -16.88 3.55 -2.65
CA ASN A 108 -16.97 3.06 -4.07
C ASN A 108 -16.09 3.94 -4.97
N LYS A 109 -14.90 4.25 -4.56
CA LYS A 109 -14.00 5.09 -5.38
C LYS A 109 -12.96 4.22 -6.09
N ALA A 110 -13.40 3.32 -6.92
CA ALA A 110 -12.45 2.43 -7.65
C ALA A 110 -12.75 2.44 -9.15
N LYS A 111 -12.13 3.33 -9.88
CA LYS A 111 -12.38 3.39 -11.36
C LYS A 111 -11.34 4.29 -12.02
N ARG A 112 -10.13 4.31 -11.51
CA ARG A 112 -9.07 5.16 -12.13
C ARG A 112 -7.70 4.78 -11.57
N ALA A 113 -6.64 5.16 -12.24
CA ALA A 113 -5.27 4.83 -11.76
C ALA A 113 -5.15 3.32 -11.50
N LEU A 114 -4.01 2.88 -11.01
CA LEU A 114 -3.85 1.43 -10.74
C LEU A 114 -4.16 1.11 -9.28
N GLU A 115 -4.55 -0.10 -9.02
CA GLU A 115 -4.88 -0.53 -7.64
C GLU A 115 -4.77 -2.05 -7.52
N VAL A 116 -4.81 -2.57 -6.32
CA VAL A 116 -4.71 -4.04 -6.15
C VAL A 116 -5.72 -4.51 -5.10
N LEU A 117 -6.36 -5.62 -5.31
CA LEU A 117 -7.36 -6.12 -4.32
C LEU A 117 -7.15 -7.61 -4.04
N GLU A 118 -7.41 -8.03 -2.84
CA GLU A 118 -7.23 -9.48 -2.49
C GLU A 118 -8.60 -10.14 -2.35
N ALA A 119 -9.01 -10.91 -3.33
CA ALA A 119 -10.33 -11.58 -3.26
C ALA A 119 -10.19 -13.08 -3.48
N GLU A 120 -11.02 -13.88 -2.85
CA GLU A 120 -10.94 -15.35 -3.02
C GLU A 120 -9.51 -15.84 -2.79
N ASP A 121 -8.91 -15.45 -1.69
CA ASP A 121 -7.52 -15.88 -1.40
C ASP A 121 -6.60 -15.58 -2.60
N LYS A 122 -6.97 -14.62 -3.41
CA LYS A 122 -6.14 -14.28 -4.60
C LYS A 122 -5.91 -12.78 -4.68
N VAL A 123 -4.90 -12.34 -5.37
CA VAL A 123 -4.63 -10.88 -5.48
C VAL A 123 -4.41 -10.48 -6.94
N ILE A 124 -4.94 -9.37 -7.35
CA ILE A 124 -4.77 -8.93 -8.76
C ILE A 124 -4.56 -7.40 -8.83
N LEU A 125 -3.88 -6.93 -9.83
CA LEU A 125 -3.63 -5.47 -9.98
C LEU A 125 -4.48 -4.92 -11.12
N LYS A 126 -5.23 -3.88 -10.90
CA LYS A 126 -6.06 -3.33 -12.00
C LYS A 126 -5.67 -1.90 -12.33
N CYS A 127 -5.88 -1.53 -13.54
CA CYS A 127 -5.56 -0.16 -14.01
C CYS A 127 -6.65 0.30 -14.99
N ASN A 128 -6.71 1.58 -15.27
CA ASN A 128 -7.75 2.07 -16.22
C ASN A 128 -7.41 1.67 -17.67
N SER A 129 -6.44 0.81 -17.84
CA SER A 129 -6.04 0.39 -19.23
C SER A 129 -4.90 -0.63 -19.14
N SER A 130 -4.07 -0.71 -20.15
CA SER A 130 -2.93 -1.67 -20.10
C SER A 130 -2.09 -1.42 -18.85
N ILE A 131 -1.64 -2.44 -18.18
CA ILE A 131 -0.83 -2.23 -16.95
C ILE A 131 0.67 -2.37 -17.27
N THR A 132 1.48 -1.59 -16.62
CA THR A 132 2.95 -1.67 -16.87
C THR A 132 3.62 -2.51 -15.77
N LEU A 133 4.23 -3.60 -16.14
CA LEU A 133 4.91 -4.45 -15.11
C LEU A 133 6.28 -3.87 -14.77
N LEU A 134 6.41 -3.24 -13.63
CA LEU A 134 7.71 -2.65 -13.25
C LEU A 134 8.67 -3.76 -12.76
N GLN A 135 8.28 -4.48 -11.74
CA GLN A 135 9.15 -5.57 -11.22
C GLN A 135 8.44 -6.33 -10.10
N GLY A 136 9.19 -7.11 -9.37
CA GLY A 136 8.59 -7.88 -8.25
C GLY A 136 7.69 -8.99 -8.78
N THR A 137 6.49 -9.10 -8.27
CA THR A 137 5.56 -10.17 -8.72
C THR A 137 5.00 -9.85 -10.12
N ALA A 138 5.62 -10.38 -11.14
CA ALA A 138 5.12 -10.15 -12.52
C ALA A 138 4.14 -11.26 -12.88
N GLY A 139 3.04 -11.32 -12.16
CA GLY A 139 2.01 -12.38 -12.40
C GLY A 139 1.64 -12.48 -13.88
N GLN A 140 0.39 -12.32 -14.18
CA GLN A 140 -0.07 -12.42 -15.59
C GLN A 140 -1.28 -11.52 -15.83
N GLU A 141 -1.35 -10.91 -16.98
CA GLU A 141 -2.51 -10.01 -17.25
C GLU A 141 -3.81 -10.83 -17.30
N VAL A 142 -4.62 -10.72 -16.28
CA VAL A 142 -5.90 -11.49 -16.25
C VAL A 142 -6.73 -11.16 -17.50
N SER A 143 -7.26 -9.97 -17.58
CA SER A 143 -8.08 -9.58 -18.76
C SER A 143 -7.17 -9.12 -19.90
N ASP A 144 -5.87 -9.21 -19.72
CA ASP A 144 -4.92 -8.76 -20.79
C ASP A 144 -4.92 -7.24 -20.88
N ASN A 145 -3.84 -6.60 -20.50
CA ASN A 145 -3.78 -5.11 -20.55
C ASN A 145 -4.91 -4.52 -19.69
N LYS A 146 -5.11 -5.05 -18.51
CA LYS A 146 -6.19 -4.52 -17.63
C LYS A 146 -6.00 -5.00 -16.19
N THR A 147 -5.94 -6.29 -15.97
CA THR A 147 -5.75 -6.81 -14.59
C THR A 147 -4.55 -7.74 -14.50
N LEU A 148 -3.99 -7.91 -13.33
CA LEU A 148 -2.82 -8.82 -13.17
C LEU A 148 -3.20 -9.99 -12.26
N ASN A 149 -2.63 -11.13 -12.49
CA ASN A 149 -2.95 -12.31 -11.63
C ASN A 149 -1.67 -12.87 -10.99
N LEU A 150 -1.36 -12.46 -9.79
CA LEU A 150 -0.12 -12.97 -9.13
C LEU A 150 -0.38 -14.39 -8.60
N GLY A 151 -1.60 -14.69 -8.25
CA GLY A 151 -1.93 -16.04 -7.73
C GLY A 151 -2.57 -15.92 -6.35
N LYS A 152 -2.18 -16.74 -5.42
CA LYS A 152 -2.78 -16.67 -4.06
C LYS A 152 -2.15 -15.52 -3.27
N ARG A 153 -2.67 -15.23 -2.11
CA ARG A 153 -2.12 -14.12 -1.28
C ARG A 153 -1.06 -14.67 -0.33
N ILE A 154 -1.11 -15.96 -0.07
CA ILE A 154 -0.12 -16.59 0.84
C ILE A 154 1.26 -16.66 0.17
N GLU A 155 1.34 -16.35 -1.10
CA GLU A 155 2.64 -16.40 -1.81
C GLU A 155 3.46 -15.13 -1.54
N ASP A 156 2.96 -14.25 -0.70
CA ASP A 156 3.69 -12.99 -0.39
C ASP A 156 4.01 -12.22 -1.68
N PRO A 157 3.00 -11.65 -2.26
CA PRO A 157 3.18 -10.87 -3.51
C PRO A 157 3.89 -9.53 -3.21
N ARG A 158 4.87 -9.19 -3.99
CA ARG A 158 5.60 -7.92 -3.75
C ARG A 158 6.20 -7.39 -5.06
N GLY A 159 5.69 -6.29 -5.57
CA GLY A 159 6.24 -5.75 -6.84
C GLY A 159 5.55 -4.42 -7.16
N MET A 160 5.99 -3.75 -8.20
CA MET A 160 5.36 -2.44 -8.56
C MET A 160 4.68 -2.56 -9.93
N TYR A 161 3.65 -1.78 -10.15
CA TYR A 161 2.93 -1.83 -11.46
C TYR A 161 2.43 -0.43 -11.81
N GLN A 162 2.91 0.12 -12.89
CA GLN A 162 2.45 1.48 -13.29
C GLN A 162 1.34 1.38 -14.35
N CYS A 163 0.36 2.23 -14.25
CA CYS A 163 -0.76 2.19 -15.24
C CYS A 163 -0.65 3.36 -16.21
N GLY A 164 -1.32 3.29 -17.33
CA GLY A 164 -1.25 4.40 -18.32
C GLY A 164 -2.41 5.36 -18.12
N GLU A 165 -2.13 6.62 -17.98
CA GLU A 165 -3.20 7.63 -17.78
C GLU A 165 -3.05 8.75 -18.81
N ASN A 166 -3.87 9.77 -18.72
CA ASN A 166 -3.77 10.89 -19.68
C ASN A 166 -2.48 11.69 -19.45
N ALA A 167 -2.50 12.64 -18.55
CA ALA A 167 -1.26 13.43 -18.28
C ALA A 167 -0.68 13.08 -16.91
N LYS A 168 -1.18 12.05 -16.28
CA LYS A 168 -0.64 11.67 -14.94
C LYS A 168 -0.60 10.14 -14.80
N SER A 169 0.54 9.57 -15.04
CA SER A 169 0.67 8.09 -14.92
C SER A 169 0.61 7.66 -13.45
N PHE A 170 0.02 6.53 -13.17
CA PHE A 170 -0.07 6.07 -11.75
C PHE A 170 0.91 4.91 -11.51
N THR A 171 1.44 4.82 -10.32
CA THR A 171 2.39 3.72 -10.01
C THR A 171 2.16 3.21 -8.59
N LEU A 172 2.08 1.91 -8.41
CA LEU A 172 1.85 1.35 -7.07
C LEU A 172 2.75 0.13 -6.83
N GLN A 173 3.27 -0.02 -5.64
CA GLN A 173 4.15 -1.19 -5.34
C GLN A 173 3.62 -1.96 -4.13
N VAL A 174 3.26 -3.22 -4.33
CA VAL A 174 2.73 -4.02 -3.20
C VAL A 174 3.88 -4.66 -2.41
N TYR A 175 3.70 -4.86 -1.14
CA TYR A 175 4.79 -5.49 -0.31
C TYR A 175 4.18 -6.33 0.80
N TYR A 176 4.03 -7.61 0.57
CA TYR A 176 3.43 -8.49 1.63
C TYR A 176 4.53 -9.06 2.52
N ARG A 177 4.50 -8.74 3.79
CA ARG A 177 5.54 -9.26 4.74
C ARG A 177 6.95 -8.98 4.19
N MET A 178 7.95 -9.62 4.74
CA MET A 178 9.34 -9.39 4.26
C MET A 178 9.68 -7.91 4.30
N ASP A 1 23.85 1.52 -8.51
CA ASP A 1 23.16 2.03 -9.73
C ASP A 1 23.21 1.01 -10.86
N ASP A 2 23.17 -0.25 -10.52
CA ASP A 2 23.22 -1.32 -11.57
C ASP A 2 21.85 -1.49 -12.22
N ALA A 3 20.80 -1.27 -11.47
CA ALA A 3 19.43 -1.41 -12.04
C ALA A 3 18.47 -0.43 -11.35
N GLU A 4 17.19 -0.61 -11.53
CA GLU A 4 16.20 0.31 -10.90
C GLU A 4 15.58 -0.34 -9.67
N ASN A 5 15.79 0.23 -8.51
CA ASN A 5 15.21 -0.34 -7.26
C ASN A 5 15.28 0.66 -6.11
N ILE A 6 15.25 1.93 -6.43
CA ILE A 6 15.32 2.96 -5.36
C ILE A 6 13.90 3.39 -4.94
N GLU A 7 12.93 2.56 -5.16
CA GLU A 7 11.54 2.91 -4.78
C GLU A 7 11.35 2.78 -3.27
N TYR A 8 10.13 2.70 -2.80
CA TYR A 8 9.89 2.59 -1.33
C TYR A 8 10.74 1.47 -0.73
N LYS A 9 11.44 1.74 0.32
CA LYS A 9 12.26 0.68 0.97
C LYS A 9 11.53 0.21 2.23
N VAL A 10 11.81 -0.97 2.70
CA VAL A 10 11.11 -1.47 3.92
C VAL A 10 12.10 -2.08 4.90
N SER A 11 12.17 -1.56 6.09
CA SER A 11 13.11 -2.11 7.11
C SER A 11 12.37 -2.29 8.44
N ILE A 12 11.79 -3.45 8.65
CA ILE A 12 11.04 -3.67 9.92
C ILE A 12 11.93 -4.39 10.94
N SER A 13 11.85 -3.98 12.17
CA SER A 13 12.65 -4.64 13.24
C SER A 13 11.71 -5.12 14.34
N GLY A 14 11.23 -6.32 14.25
CA GLY A 14 10.29 -6.82 15.29
C GLY A 14 8.89 -6.34 14.91
N THR A 15 8.42 -5.30 15.54
CA THR A 15 7.08 -4.76 15.21
C THR A 15 7.19 -3.30 14.75
N SER A 16 8.38 -2.87 14.44
CA SER A 16 8.58 -1.48 13.97
C SER A 16 8.69 -1.52 12.45
N VAL A 17 8.21 -0.52 11.77
CA VAL A 17 8.30 -0.55 10.29
C VAL A 17 8.73 0.80 9.74
N GLU A 18 9.93 0.91 9.25
CA GLU A 18 10.41 2.21 8.68
C GLU A 18 10.52 2.12 7.16
N LEU A 19 9.61 2.73 6.45
CA LEU A 19 9.68 2.68 4.96
C LEU A 19 10.32 3.96 4.44
N THR A 20 11.33 3.85 3.61
CA THR A 20 11.99 5.09 3.09
C THR A 20 11.28 5.60 1.84
N CYS A 21 10.65 6.74 1.93
CA CYS A 21 9.95 7.33 0.74
C CYS A 21 10.86 7.22 -0.49
N PRO A 22 10.28 6.96 -1.63
CA PRO A 22 11.09 6.80 -2.88
C PRO A 22 11.72 8.13 -3.32
N LEU A 23 12.06 9.01 -2.41
CA LEU A 23 12.69 10.30 -2.83
C LEU A 23 13.50 10.88 -1.66
N ASP A 24 14.13 12.01 -1.87
CA ASP A 24 14.94 12.61 -0.78
C ASP A 24 14.06 13.06 0.38
N SER A 25 14.66 13.53 1.43
CA SER A 25 13.87 14.01 2.60
C SER A 25 13.32 15.41 2.34
N ASP A 26 12.07 15.62 2.62
CA ASP A 26 11.47 16.96 2.39
C ASP A 26 11.06 17.56 3.74
N GLU A 27 11.51 18.75 4.02
CA GLU A 27 11.15 19.41 5.31
C GLU A 27 9.65 19.31 5.55
N ASN A 28 8.91 19.19 4.49
CA ASN A 28 7.44 19.05 4.59
C ASN A 28 7.01 17.74 3.91
N LEU A 29 7.88 16.75 3.91
CA LEU A 29 7.54 15.45 3.28
C LEU A 29 6.32 14.86 3.97
N LYS A 30 5.17 14.93 3.35
CA LYS A 30 3.93 14.39 3.99
C LYS A 30 3.73 12.92 3.65
N TRP A 31 3.33 12.13 4.61
CA TRP A 31 3.11 10.68 4.36
C TRP A 31 1.60 10.38 4.38
N GLU A 32 1.20 9.27 3.84
CA GLU A 32 -0.25 8.91 3.83
C GLU A 32 -0.41 7.39 3.90
N LYS A 33 -1.27 6.92 4.77
CA LYS A 33 -1.48 5.46 4.89
C LYS A 33 -2.98 5.12 4.90
N ASN A 34 -3.39 4.16 4.10
CA ASN A 34 -4.83 3.78 4.06
C ASN A 34 -5.72 5.02 3.87
N GLY A 35 -5.23 5.99 3.14
CA GLY A 35 -6.04 7.23 2.92
C GLY A 35 -5.99 8.10 4.18
N GLN A 36 -4.93 8.00 4.95
CA GLN A 36 -4.83 8.83 6.18
C GLN A 36 -3.51 9.61 6.17
N GLU A 37 -3.57 10.91 6.22
CA GLU A 37 -2.33 11.73 6.23
C GLU A 37 -1.74 11.78 7.65
N LEU A 38 -0.44 11.91 7.75
CA LEU A 38 0.19 11.98 9.11
C LEU A 38 0.70 13.40 9.38
N PRO A 39 -0.14 14.18 10.02
CA PRO A 39 0.23 15.58 10.34
C PRO A 39 1.24 15.61 11.49
N GLN A 40 2.40 15.03 11.30
CA GLN A 40 3.43 15.03 12.38
C GLN A 40 4.75 14.48 11.85
N LYS A 41 4.80 13.20 11.56
CA LYS A 41 6.06 12.60 11.03
C LYS A 41 6.25 12.98 9.57
N HIS A 42 7.40 13.50 9.22
CA HIS A 42 7.66 13.88 7.80
C HIS A 42 9.11 13.60 7.42
N ASP A 43 9.67 12.53 7.95
CA ASP A 43 11.09 12.19 7.62
C ASP A 43 11.15 11.37 6.34
N LYS A 44 12.27 11.38 5.66
CA LYS A 44 12.41 10.60 4.40
C LYS A 44 11.87 9.17 4.57
N HIS A 45 11.88 8.66 5.77
CA HIS A 45 11.37 7.28 5.99
C HIS A 45 10.18 7.30 6.97
N LEU A 46 9.39 6.27 6.98
CA LEU A 46 8.21 6.23 7.90
C LEU A 46 8.34 5.10 8.91
N VAL A 47 8.88 5.39 10.07
CA VAL A 47 9.01 4.31 11.10
C VAL A 47 7.72 4.21 11.91
N LEU A 48 7.19 3.03 12.02
CA LEU A 48 5.94 2.84 12.79
C LEU A 48 6.22 1.99 14.03
N GLN A 49 6.31 2.60 15.18
CA GLN A 49 6.59 1.82 16.41
C GLN A 49 5.33 1.05 16.83
N ASP A 50 5.50 -0.13 17.36
CA ASP A 50 4.31 -0.95 17.78
C ASP A 50 3.32 -1.06 16.62
N PHE A 51 3.80 -1.47 15.47
CA PHE A 51 2.90 -1.61 14.29
C PHE A 51 1.84 -2.68 14.54
N SER A 52 0.71 -2.57 13.88
CA SER A 52 -0.36 -3.58 14.06
C SER A 52 -0.93 -4.01 12.70
N GLU A 53 -1.02 -5.29 12.46
CA GLU A 53 -1.56 -5.77 11.16
C GLU A 53 -3.07 -5.55 11.07
N VAL A 54 -3.68 -5.05 12.11
CA VAL A 54 -5.15 -4.82 12.08
C VAL A 54 -5.48 -3.49 11.38
N GLU A 55 -5.05 -2.39 11.95
CA GLU A 55 -5.36 -1.06 11.33
C GLU A 55 -4.12 -0.47 10.66
N ASP A 56 -2.95 -0.85 11.08
CA ASP A 56 -1.71 -0.30 10.45
C ASP A 56 -1.46 -0.95 9.08
N SER A 57 -2.04 -2.10 8.84
CA SER A 57 -1.84 -2.77 7.53
C SER A 57 -2.74 -2.15 6.47
N GLY A 58 -2.21 -1.88 5.30
CA GLY A 58 -3.04 -1.26 4.23
C GLY A 58 -2.14 -0.64 3.16
N TYR A 59 -2.41 0.58 2.79
CA TYR A 59 -1.57 1.25 1.75
C TYR A 59 -0.70 2.34 2.39
N TYR A 60 0.40 2.68 1.78
CA TYR A 60 1.29 3.73 2.36
C TYR A 60 1.95 4.54 1.24
N VAL A 61 2.00 5.83 1.38
CA VAL A 61 2.63 6.69 0.33
C VAL A 61 3.11 8.02 0.92
N CYS A 62 3.99 8.70 0.24
CA CYS A 62 4.48 10.02 0.76
C CYS A 62 4.67 10.99 -0.40
N TYR A 63 4.57 12.26 -0.11
CA TYR A 63 4.75 13.29 -1.18
C TYR A 63 5.14 14.64 -0.56
N THR A 64 5.65 15.54 -1.34
CA THR A 64 6.05 16.87 -0.79
C THR A 64 5.45 17.98 -1.66
N PRO A 65 5.57 19.20 -1.19
CA PRO A 65 5.02 20.35 -1.96
C PRO A 65 5.86 20.59 -3.22
N ALA A 66 7.04 20.03 -3.28
CA ALA A 66 7.90 20.24 -4.49
C ALA A 66 7.98 18.93 -5.29
N SER A 67 7.82 17.81 -4.62
CA SER A 67 7.90 16.50 -5.34
C SER A 67 6.57 15.76 -5.19
N ASN A 68 5.75 15.75 -6.22
CA ASN A 68 4.46 15.04 -6.13
C ASN A 68 4.46 13.81 -7.06
N LYS A 69 4.51 12.64 -6.49
CA LYS A 69 4.51 11.41 -7.34
C LYS A 69 3.39 10.47 -6.88
N ASN A 70 2.36 10.32 -7.66
CA ASN A 70 1.25 9.41 -7.24
C ASN A 70 1.77 7.97 -7.18
N THR A 71 2.11 7.51 -6.00
CA THR A 71 2.64 6.12 -5.86
C THR A 71 2.08 5.47 -4.59
N TYR A 72 1.14 4.57 -4.72
CA TYR A 72 0.60 3.92 -3.51
C TYR A 72 1.19 2.52 -3.36
N LEU A 73 1.53 2.14 -2.17
CA LEU A 73 2.13 0.79 -1.95
C LEU A 73 1.35 0.03 -0.88
N TYR A 74 1.31 -1.27 -0.96
CA TYR A 74 0.56 -2.07 0.05
C TYR A 74 1.52 -2.61 1.11
N LEU A 75 1.39 -2.15 2.33
CA LEU A 75 2.28 -2.64 3.41
C LEU A 75 1.54 -3.63 4.32
N LYS A 76 1.79 -4.90 4.15
CA LYS A 76 1.10 -5.91 5.00
C LYS A 76 2.12 -6.63 5.89
N ALA A 77 2.22 -6.25 7.13
CA ALA A 77 3.19 -6.90 8.05
C ALA A 77 2.50 -7.33 9.35
N ARG A 78 2.82 -8.50 9.85
CA ARG A 78 2.18 -8.96 11.11
C ARG A 78 3.17 -8.91 12.27
N VAL A 79 2.88 -8.14 13.29
CA VAL A 79 3.79 -8.05 14.45
C VAL A 79 2.95 -7.85 15.71
N GLY A 80 2.99 -8.80 16.58
CA GLY A 80 2.21 -8.70 17.85
C GLY A 80 2.76 -9.71 18.86
N SER A 81 2.90 -9.31 20.10
CA SER A 81 3.42 -10.26 21.13
C SER A 81 2.30 -10.68 22.08
N ALA A 82 2.33 -11.90 22.54
CA ALA A 82 1.26 -12.39 23.48
C ALA A 82 -0.13 -12.12 22.90
N ASP A 83 -0.75 -11.02 23.26
CA ASP A 83 -2.11 -10.71 22.73
C ASP A 83 -2.57 -9.35 23.24
N ASP A 84 -2.52 -8.34 22.41
CA ASP A 84 -2.96 -6.98 22.84
C ASP A 84 -2.26 -6.58 24.14
N ALA A 85 -1.03 -6.15 24.06
CA ALA A 85 -0.30 -5.74 25.29
C ALA A 85 -0.98 -4.53 25.95
N LYS A 86 -1.67 -3.75 25.17
CA LYS A 86 -2.36 -2.55 25.75
C LYS A 86 -3.76 -2.93 26.24
N LYS A 87 -4.15 -2.46 27.40
CA LYS A 87 -5.50 -2.79 27.93
C LYS A 87 -6.37 -1.53 28.01
N ASP A 88 -7.59 -1.62 27.58
CA ASP A 88 -8.49 -0.41 27.63
C ASP A 88 -8.86 -0.10 29.09
N ALA A 89 -8.74 1.13 29.48
CA ALA A 89 -9.09 1.51 30.88
C ALA A 89 -10.32 2.43 30.90
N ALA A 90 -10.44 3.26 29.90
CA ALA A 90 -11.62 4.19 29.86
C ALA A 90 -11.92 4.59 28.41
N LYS A 91 -13.11 4.30 27.95
CA LYS A 91 -13.47 4.67 26.55
C LYS A 91 -14.77 5.48 26.53
N LYS A 92 -14.87 6.45 25.65
CA LYS A 92 -16.11 7.27 25.59
C LYS A 92 -16.17 8.02 24.25
N ASP A 93 -17.32 8.55 23.92
CA ASP A 93 -17.46 9.30 22.63
C ASP A 93 -18.14 10.65 22.86
N ASP A 94 -19.13 10.68 23.72
CA ASP A 94 -19.85 11.96 24.00
C ASP A 94 -20.37 12.57 22.70
N ALA A 95 -21.55 12.18 22.29
CA ALA A 95 -22.13 12.72 21.04
C ALA A 95 -23.64 12.96 21.20
N LYS A 96 -24.23 13.71 20.31
CA LYS A 96 -25.70 13.97 20.42
C LYS A 96 -26.24 14.50 19.09
N LYS A 97 -27.30 13.91 18.59
CA LYS A 97 -27.88 14.37 17.29
C LYS A 97 -26.80 14.42 16.21
N ASP A 98 -27.06 15.11 15.13
CA ASP A 98 -26.05 15.21 14.04
C ASP A 98 -26.04 16.62 13.45
N ASP A 99 -24.88 17.18 13.23
CA ASP A 99 -24.80 18.55 12.66
C ASP A 99 -23.51 18.71 11.85
N ALA A 100 -23.01 17.64 11.29
CA ALA A 100 -21.76 17.73 10.48
C ALA A 100 -22.03 17.31 9.03
N LYS A 101 -21.56 18.09 8.09
CA LYS A 101 -21.78 17.75 6.66
C LYS A 101 -20.45 17.66 5.91
N LYS A 102 -19.58 18.61 6.14
CA LYS A 102 -18.26 18.59 5.45
C LYS A 102 -17.32 17.56 6.11
N ASP A 103 -16.49 16.93 5.34
CA ASP A 103 -15.55 15.92 5.93
C ASP A 103 -14.33 15.74 5.02
N GLY A 104 -14.55 15.63 3.73
CA GLY A 104 -13.41 15.45 2.80
C GLY A 104 -13.83 15.86 1.39
N SER A 105 -13.26 15.25 0.39
CA SER A 105 -13.63 15.60 -1.02
C SER A 105 -14.85 14.79 -1.46
N GLN A 106 -15.18 14.84 -2.72
CA GLN A 106 -16.37 14.08 -3.22
C GLN A 106 -16.34 14.00 -4.74
N THR A 107 -15.27 13.50 -5.31
CA THR A 107 -15.18 13.40 -6.80
C THR A 107 -14.31 12.20 -7.18
N ASN A 108 -14.41 11.11 -6.47
CA ASN A 108 -13.60 9.92 -6.80
C ASN A 108 -13.95 9.41 -8.20
N LYS A 109 -15.16 9.63 -8.63
CA LYS A 109 -15.57 9.17 -9.99
C LYS A 109 -14.96 10.07 -11.07
N ALA A 110 -13.69 9.88 -11.37
CA ALA A 110 -13.05 10.72 -12.41
C ALA A 110 -11.78 10.03 -12.93
N LYS A 111 -10.75 9.98 -12.13
CA LYS A 111 -9.49 9.32 -12.58
C LYS A 111 -9.50 7.83 -12.21
N ARG A 112 -8.99 7.00 -13.07
CA ARG A 112 -8.99 5.53 -12.77
C ARG A 112 -7.65 5.13 -12.14
N ALA A 113 -6.55 5.54 -12.71
CA ALA A 113 -5.22 5.19 -12.15
C ALA A 113 -5.10 3.67 -11.97
N LEU A 114 -4.27 3.23 -11.07
CA LEU A 114 -4.12 1.76 -10.85
C LEU A 114 -4.44 1.40 -9.40
N GLU A 115 -4.77 0.16 -9.17
CA GLU A 115 -5.10 -0.30 -7.79
C GLU A 115 -4.92 -1.81 -7.69
N VAL A 116 -4.87 -2.34 -6.49
CA VAL A 116 -4.71 -3.81 -6.33
C VAL A 116 -5.66 -4.32 -5.23
N LEU A 117 -6.29 -5.44 -5.44
CA LEU A 117 -7.23 -5.96 -4.41
C LEU A 117 -6.95 -7.43 -4.11
N GLU A 118 -7.32 -7.89 -2.95
CA GLU A 118 -7.07 -9.31 -2.60
C GLU A 118 -8.40 -10.05 -2.44
N ALA A 119 -8.73 -10.92 -3.35
CA ALA A 119 -10.01 -11.67 -3.26
C ALA A 119 -9.77 -13.18 -3.32
N GLU A 120 -10.47 -13.94 -2.51
CA GLU A 120 -10.28 -15.42 -2.53
C GLU A 120 -8.80 -15.77 -2.39
N ASP A 121 -8.14 -15.22 -1.41
CA ASP A 121 -6.68 -15.52 -1.22
C ASP A 121 -5.91 -15.22 -2.51
N LYS A 122 -6.45 -14.37 -3.36
CA LYS A 122 -5.75 -14.04 -4.63
C LYS A 122 -5.63 -12.52 -4.78
N VAL A 123 -4.58 -12.04 -5.40
CA VAL A 123 -4.41 -10.58 -5.57
C VAL A 123 -4.25 -10.23 -7.05
N ILE A 124 -4.83 -9.14 -7.47
CA ILE A 124 -4.72 -8.73 -8.91
C ILE A 124 -4.60 -7.21 -9.02
N LEU A 125 -3.98 -6.75 -10.08
CA LEU A 125 -3.81 -5.27 -10.27
C LEU A 125 -4.86 -4.75 -11.24
N LYS A 126 -5.31 -3.54 -11.08
CA LYS A 126 -6.36 -3.01 -12.01
C LYS A 126 -5.94 -1.65 -12.58
N CYS A 127 -6.00 -1.52 -13.87
CA CYS A 127 -5.64 -0.23 -14.53
C CYS A 127 -6.65 0.05 -15.65
N ASN A 128 -6.75 1.27 -16.08
CA ASN A 128 -7.73 1.61 -17.17
C ASN A 128 -7.27 1.01 -18.51
N SER A 129 -6.18 0.28 -18.53
CA SER A 129 -5.69 -0.32 -19.81
C SER A 129 -4.49 -1.23 -19.54
N SER A 130 -3.62 -1.39 -20.50
CA SER A 130 -2.43 -2.26 -20.29
C SER A 130 -1.69 -1.83 -19.02
N ILE A 131 -1.36 -2.77 -18.17
CA ILE A 131 -0.65 -2.40 -16.91
C ILE A 131 0.86 -2.47 -17.11
N THR A 132 1.55 -1.48 -16.62
CA THR A 132 3.04 -1.48 -16.77
C THR A 132 3.68 -2.30 -15.65
N LEU A 133 4.27 -3.41 -16.00
CA LEU A 133 4.92 -4.27 -14.96
C LEU A 133 6.29 -3.68 -14.60
N LEU A 134 6.38 -3.01 -13.48
CA LEU A 134 7.69 -2.43 -13.08
C LEU A 134 8.63 -3.54 -12.60
N GLN A 135 8.29 -4.19 -11.52
CA GLN A 135 9.16 -5.29 -11.01
C GLN A 135 8.42 -6.10 -9.94
N GLY A 136 9.10 -6.99 -9.29
CA GLY A 136 8.47 -7.82 -8.22
C GLY A 136 7.46 -8.79 -8.82
N THR A 137 6.36 -9.00 -8.14
CA THR A 137 5.32 -9.96 -8.64
C THR A 137 4.92 -9.65 -10.09
N ALA A 138 5.52 -10.32 -11.03
CA ALA A 138 5.16 -10.10 -12.45
C ALA A 138 4.18 -11.20 -12.87
N GLY A 139 3.01 -11.20 -12.27
CA GLY A 139 2.00 -12.25 -12.57
C GLY A 139 1.68 -12.29 -14.07
N GLN A 140 0.43 -12.21 -14.42
CA GLN A 140 0.04 -12.26 -15.85
C GLN A 140 -1.22 -11.43 -16.09
N GLU A 141 -1.39 -10.95 -17.29
CA GLU A 141 -2.60 -10.14 -17.59
C GLU A 141 -3.84 -11.02 -17.48
N VAL A 142 -4.67 -10.76 -16.51
CA VAL A 142 -5.90 -11.58 -16.32
C VAL A 142 -6.68 -11.73 -17.64
N SER A 143 -7.13 -10.64 -18.22
CA SER A 143 -7.89 -10.75 -19.50
C SER A 143 -7.05 -10.28 -20.69
N ASP A 144 -6.59 -9.05 -20.66
CA ASP A 144 -5.76 -8.53 -21.80
C ASP A 144 -5.32 -7.10 -21.51
N ASN A 145 -4.13 -6.92 -20.98
CA ASN A 145 -3.64 -5.54 -20.68
C ASN A 145 -4.68 -4.75 -19.90
N LYS A 146 -4.98 -5.18 -18.70
CA LYS A 146 -5.98 -4.45 -17.88
C LYS A 146 -5.92 -4.95 -16.43
N THR A 147 -5.83 -6.23 -16.24
CA THR A 147 -5.75 -6.79 -14.87
C THR A 147 -4.57 -7.76 -14.75
N LEU A 148 -3.99 -7.88 -13.59
CA LEU A 148 -2.83 -8.81 -13.42
C LEU A 148 -3.19 -9.95 -12.47
N ASN A 149 -2.66 -11.10 -12.69
CA ASN A 149 -2.95 -12.25 -11.79
C ASN A 149 -1.66 -12.73 -11.15
N LEU A 150 -1.34 -12.24 -9.97
CA LEU A 150 -0.08 -12.67 -9.30
C LEU A 150 -0.25 -14.07 -8.71
N GLY A 151 -1.45 -14.41 -8.32
CA GLY A 151 -1.68 -15.77 -7.75
C GLY A 151 -2.14 -15.64 -6.29
N LYS A 152 -1.71 -16.56 -5.46
CA LYS A 152 -2.11 -16.51 -4.02
C LYS A 152 -1.57 -15.23 -3.36
N ARG A 153 -2.19 -14.80 -2.29
CA ARG A 153 -1.71 -13.57 -1.59
C ARG A 153 -0.73 -13.96 -0.48
N ILE A 154 -0.73 -15.22 -0.10
CA ILE A 154 0.19 -15.67 0.97
C ILE A 154 1.57 -15.98 0.37
N GLU A 155 1.71 -15.87 -0.93
CA GLU A 155 3.03 -16.14 -1.56
C GLU A 155 3.89 -14.88 -1.54
N ASP A 156 3.88 -14.16 -0.45
CA ASP A 156 4.69 -12.90 -0.32
C ASP A 156 4.72 -12.13 -1.65
N PRO A 157 3.56 -11.69 -2.09
CA PRO A 157 3.48 -10.92 -3.36
C PRO A 157 4.04 -9.51 -3.16
N ARG A 158 5.07 -9.17 -3.90
CA ARG A 158 5.66 -7.81 -3.76
C ARG A 158 6.19 -7.33 -5.11
N GLY A 159 5.74 -6.18 -5.55
CA GLY A 159 6.21 -5.65 -6.86
C GLY A 159 5.45 -4.36 -7.19
N MET A 160 5.84 -3.67 -8.22
CA MET A 160 5.13 -2.40 -8.57
C MET A 160 4.56 -2.47 -9.99
N TYR A 161 3.50 -1.76 -10.24
CA TYR A 161 2.89 -1.80 -11.61
C TYR A 161 2.33 -0.41 -11.94
N GLN A 162 2.76 0.19 -13.01
CA GLN A 162 2.25 1.53 -13.38
C GLN A 162 1.03 1.40 -14.30
N CYS A 163 0.33 2.47 -14.53
CA CYS A 163 -0.87 2.41 -15.41
C CYS A 163 -0.95 3.68 -16.27
N GLY A 164 -1.70 3.64 -17.33
CA GLY A 164 -1.83 4.83 -18.22
C GLY A 164 -3.11 5.59 -17.86
N GLU A 165 -2.99 6.88 -17.68
CA GLU A 165 -4.20 7.70 -17.34
C GLU A 165 -4.32 8.87 -18.32
N ASN A 166 -5.27 9.73 -18.11
CA ASN A 166 -5.44 10.90 -19.02
C ASN A 166 -4.18 11.77 -18.99
N ALA A 167 -4.13 12.76 -18.14
CA ALA A 167 -2.92 13.64 -18.08
C ALA A 167 -2.14 13.38 -16.79
N LYS A 168 -2.46 12.34 -16.07
CA LYS A 168 -1.72 12.04 -14.80
C LYS A 168 -1.49 10.54 -14.66
N SER A 169 -0.32 10.08 -15.01
CA SER A 169 -0.01 8.63 -14.89
C SER A 169 0.16 8.26 -13.42
N PHE A 170 -0.27 7.08 -13.04
CA PHE A 170 -0.14 6.66 -11.61
C PHE A 170 0.66 5.36 -11.50
N THR A 171 1.21 5.09 -10.33
CA THR A 171 2.00 3.85 -10.15
C THR A 171 1.73 3.25 -8.76
N LEU A 172 1.87 1.96 -8.62
CA LEU A 172 1.63 1.33 -7.30
C LEU A 172 2.72 0.30 -6.99
N GLN A 173 3.06 0.13 -5.73
CA GLN A 173 4.11 -0.86 -5.36
C GLN A 173 3.61 -1.75 -4.22
N VAL A 174 3.20 -2.95 -4.54
CA VAL A 174 2.68 -3.87 -3.47
C VAL A 174 3.84 -4.47 -2.67
N TYR A 175 3.70 -4.54 -1.37
CA TYR A 175 4.78 -5.13 -0.53
C TYR A 175 4.14 -5.96 0.59
N TYR A 176 4.00 -7.24 0.38
CA TYR A 176 3.39 -8.10 1.43
C TYR A 176 4.46 -8.68 2.35
N ARG A 177 4.17 -8.80 3.62
CA ARG A 177 5.18 -9.37 4.56
C ARG A 177 4.48 -10.00 5.77
N MET A 178 3.61 -10.95 5.53
CA MET A 178 2.89 -11.60 6.66
C MET A 178 3.89 -12.31 7.59
N ASP A 1 19.19 0.14 -6.23
CA ASP A 1 19.74 -1.12 -6.79
C ASP A 1 20.93 -0.82 -7.71
N ASP A 2 20.68 -0.27 -8.87
CA ASP A 2 21.81 0.04 -9.79
C ASP A 2 21.69 1.50 -10.28
N ALA A 3 20.74 1.77 -11.13
CA ALA A 3 20.57 3.16 -11.64
C ALA A 3 19.16 3.66 -11.34
N GLU A 4 18.56 3.20 -10.27
CA GLU A 4 17.19 3.65 -9.92
C GLU A 4 17.03 3.74 -8.40
N ASN A 5 16.22 4.66 -7.93
CA ASN A 5 16.03 4.80 -6.46
C ASN A 5 14.68 5.47 -6.17
N ILE A 6 13.77 5.46 -7.11
CA ILE A 6 12.45 6.10 -6.89
C ILE A 6 11.42 5.07 -6.41
N GLU A 7 11.88 4.00 -5.83
CA GLU A 7 10.93 2.95 -5.34
C GLU A 7 10.78 3.05 -3.82
N TYR A 8 10.09 2.12 -3.22
CA TYR A 8 9.90 2.17 -1.74
C TYR A 8 10.76 1.11 -1.06
N LYS A 9 11.40 1.47 0.02
CA LYS A 9 12.24 0.48 0.76
C LYS A 9 11.56 0.12 2.07
N VAL A 10 11.87 -1.02 2.63
CA VAL A 10 11.22 -1.41 3.92
C VAL A 10 12.22 -2.09 4.85
N SER A 11 12.19 -1.74 6.11
CA SER A 11 13.13 -2.35 7.09
C SER A 11 12.45 -2.45 8.46
N ILE A 12 11.79 -3.55 8.73
CA ILE A 12 11.09 -3.70 10.04
C ILE A 12 12.07 -4.12 11.14
N SER A 13 12.04 -3.41 12.24
CA SER A 13 12.95 -3.75 13.38
C SER A 13 12.14 -3.96 14.65
N GLY A 14 11.93 -5.19 15.04
CA GLY A 14 11.14 -5.47 16.29
C GLY A 14 9.80 -4.74 16.21
N THR A 15 8.86 -5.32 15.54
CA THR A 15 7.51 -4.70 15.38
C THR A 15 7.62 -3.24 14.92
N SER A 16 8.72 -2.87 14.32
CA SER A 16 8.84 -1.48 13.81
C SER A 16 8.89 -1.55 12.29
N VAL A 17 8.59 -0.47 11.62
CA VAL A 17 8.62 -0.52 10.13
C VAL A 17 9.08 0.82 9.55
N GLU A 18 10.28 0.87 9.08
CA GLU A 18 10.80 2.14 8.49
C GLU A 18 10.86 2.00 6.96
N LEU A 19 10.04 2.72 6.26
CA LEU A 19 10.07 2.61 4.76
C LEU A 19 10.54 3.91 4.13
N THR A 20 11.40 3.83 3.14
CA THR A 20 11.88 5.08 2.48
C THR A 20 10.94 5.45 1.35
N CYS A 21 10.31 6.58 1.44
CA CYS A 21 9.37 7.01 0.37
C CYS A 21 10.12 7.09 -0.98
N PRO A 22 9.45 7.61 -1.99
CA PRO A 22 10.07 7.69 -3.33
C PRO A 22 10.95 8.94 -3.49
N LEU A 23 11.38 9.55 -2.41
CA LEU A 23 12.24 10.77 -2.57
C LEU A 23 12.99 11.07 -1.28
N ASP A 24 13.72 12.15 -1.26
CA ASP A 24 14.50 12.52 -0.04
C ASP A 24 13.57 13.11 1.02
N SER A 25 14.12 13.57 2.12
CA SER A 25 13.28 14.15 3.19
C SER A 25 12.77 15.54 2.77
N ASP A 26 11.53 15.81 3.01
CA ASP A 26 10.96 17.13 2.65
C ASP A 26 10.54 17.85 3.93
N GLU A 27 11.01 19.06 4.11
CA GLU A 27 10.66 19.84 5.34
C GLU A 27 9.16 19.73 5.63
N ASN A 28 8.41 19.50 4.62
CA ASN A 28 6.94 19.33 4.78
C ASN A 28 6.49 18.03 4.10
N LEU A 29 7.33 17.02 4.12
CA LEU A 29 6.96 15.74 3.47
C LEU A 29 5.71 15.18 4.15
N LYS A 30 4.64 14.98 3.40
CA LYS A 30 3.41 14.43 4.04
C LYS A 30 3.22 12.96 3.66
N TRP A 31 3.25 12.09 4.63
CA TRP A 31 3.06 10.63 4.34
C TRP A 31 1.57 10.28 4.36
N GLU A 32 1.22 9.11 3.91
CA GLU A 32 -0.23 8.71 3.91
C GLU A 32 -0.37 7.26 4.37
N LYS A 33 -1.46 6.92 5.00
CA LYS A 33 -1.66 5.52 5.46
C LYS A 33 -3.10 5.07 5.18
N ASN A 34 -3.26 4.17 4.23
CA ASN A 34 -4.63 3.67 3.90
C ASN A 34 -5.57 4.86 3.61
N GLY A 35 -5.07 5.89 2.99
CA GLY A 35 -5.94 7.07 2.69
C GLY A 35 -6.07 7.95 3.93
N GLN A 36 -5.08 7.96 4.78
CA GLN A 36 -5.15 8.79 6.01
C GLN A 36 -3.88 9.65 6.15
N GLU A 37 -4.01 10.95 6.02
CA GLU A 37 -2.81 11.82 6.15
C GLU A 37 -2.17 11.65 7.52
N LEU A 38 -0.86 11.59 7.57
CA LEU A 38 -0.17 11.41 8.88
C LEU A 38 0.38 12.75 9.36
N PRO A 39 -0.29 13.34 10.33
CA PRO A 39 0.14 14.64 10.89
C PRO A 39 1.41 14.46 11.73
N GLN A 40 2.13 15.52 11.97
CA GLN A 40 3.37 15.42 12.79
C GLN A 40 4.38 14.49 12.11
N LYS A 41 5.65 14.73 12.31
CA LYS A 41 6.70 13.86 11.68
C LYS A 41 6.61 13.96 10.16
N HIS A 42 7.74 13.95 9.49
CA HIS A 42 7.72 14.05 8.00
C HIS A 42 9.13 13.80 7.44
N ASP A 43 9.72 12.69 7.78
CA ASP A 43 11.09 12.38 7.29
C ASP A 43 11.04 11.39 6.13
N LYS A 44 12.09 11.32 5.35
CA LYS A 44 12.13 10.38 4.20
C LYS A 44 11.88 8.94 4.68
N HIS A 45 12.18 8.65 5.91
CA HIS A 45 11.97 7.26 6.42
C HIS A 45 10.72 7.20 7.29
N LEU A 46 9.78 6.36 6.94
CA LEU A 46 8.53 6.25 7.75
C LEU A 46 8.66 5.11 8.75
N VAL A 47 9.11 5.40 9.95
CA VAL A 47 9.25 4.31 10.97
C VAL A 47 7.93 4.14 11.71
N LEU A 48 7.46 2.93 11.80
CA LEU A 48 6.18 2.68 12.51
C LEU A 48 6.45 1.84 13.77
N GLN A 49 6.45 2.47 14.91
CA GLN A 49 6.70 1.73 16.17
C GLN A 49 5.47 0.89 16.54
N ASP A 50 5.68 -0.31 17.03
CA ASP A 50 4.52 -1.17 17.41
C ASP A 50 3.55 -1.28 16.23
N PHE A 51 4.03 -1.74 15.11
CA PHE A 51 3.15 -1.86 13.90
C PHE A 51 2.15 -3.01 14.07
N SER A 52 0.94 -2.70 14.42
CA SER A 52 -0.10 -3.76 14.58
C SER A 52 -0.66 -4.13 13.20
N GLU A 53 -0.49 -5.36 12.79
CA GLU A 53 -1.01 -5.78 11.45
C GLU A 53 -2.52 -5.53 11.34
N VAL A 54 -3.19 -5.33 12.45
CA VAL A 54 -4.67 -5.10 12.39
C VAL A 54 -4.98 -3.78 11.66
N GLU A 55 -4.61 -2.67 12.22
CA GLU A 55 -4.92 -1.36 11.57
C GLU A 55 -3.66 -0.74 10.93
N ASP A 56 -2.50 -1.10 11.39
CA ASP A 56 -1.25 -0.52 10.81
C ASP A 56 -0.99 -1.04 9.40
N SER A 57 -1.72 -2.05 8.97
CA SER A 57 -1.51 -2.59 7.60
C SER A 57 -2.38 -1.82 6.59
N GLY A 58 -1.83 -1.51 5.44
CA GLY A 58 -2.63 -0.77 4.42
C GLY A 58 -1.70 -0.14 3.38
N TYR A 59 -2.19 0.83 2.66
CA TYR A 59 -1.34 1.49 1.62
C TYR A 59 -0.49 2.61 2.24
N TYR A 60 0.61 2.95 1.63
CA TYR A 60 1.48 4.03 2.20
C TYR A 60 2.07 4.88 1.07
N VAL A 61 1.88 6.18 1.12
CA VAL A 61 2.44 7.07 0.05
C VAL A 61 2.59 8.49 0.59
N CYS A 62 3.63 9.19 0.19
CA CYS A 62 3.82 10.60 0.67
C CYS A 62 3.90 11.57 -0.50
N TYR A 63 3.84 12.82 -0.21
CA TYR A 63 3.93 13.85 -1.29
C TYR A 63 4.37 15.20 -0.71
N THR A 64 5.04 15.99 -1.48
CA THR A 64 5.49 17.32 -0.98
C THR A 64 4.93 18.41 -1.91
N PRO A 65 5.07 19.65 -1.50
CA PRO A 65 4.57 20.78 -2.31
C PRO A 65 5.39 20.93 -3.60
N ALA A 66 6.48 20.22 -3.71
CA ALA A 66 7.32 20.32 -4.94
C ALA A 66 7.47 18.95 -5.61
N SER A 67 7.30 17.89 -4.86
CA SER A 67 7.44 16.52 -5.46
C SER A 67 6.13 15.74 -5.34
N ASN A 68 5.38 15.64 -6.40
CA ASN A 68 4.10 14.86 -6.33
C ASN A 68 4.21 13.59 -7.16
N LYS A 69 4.30 12.46 -6.53
CA LYS A 69 4.40 11.17 -7.27
C LYS A 69 3.31 10.21 -6.80
N ASN A 70 2.30 9.96 -7.59
CA ASN A 70 1.24 9.01 -7.15
C ASN A 70 1.81 7.60 -7.06
N THR A 71 2.19 7.18 -5.89
CA THR A 71 2.75 5.81 -5.73
C THR A 71 2.23 5.17 -4.44
N TYR A 72 1.24 4.33 -4.52
CA TYR A 72 0.72 3.70 -3.28
C TYR A 72 1.38 2.33 -3.09
N LEU A 73 1.84 2.05 -1.90
CA LEU A 73 2.50 0.75 -1.64
C LEU A 73 1.68 -0.05 -0.61
N TYR A 74 1.41 -1.29 -0.89
CA TYR A 74 0.63 -2.12 0.08
C TYR A 74 1.57 -2.74 1.12
N LEU A 75 1.66 -2.12 2.27
CA LEU A 75 2.56 -2.68 3.33
C LEU A 75 1.79 -3.63 4.24
N LYS A 76 2.16 -4.88 4.25
CA LYS A 76 1.47 -5.87 5.12
C LYS A 76 2.50 -6.65 5.94
N ALA A 77 2.69 -6.27 7.17
CA ALA A 77 3.68 -6.98 8.02
C ALA A 77 3.00 -7.51 9.30
N ARG A 78 3.63 -8.43 9.98
CA ARG A 78 3.02 -8.98 11.23
C ARG A 78 4.05 -9.00 12.36
N VAL A 79 3.74 -8.37 13.46
CA VAL A 79 4.67 -8.36 14.61
C VAL A 79 3.87 -8.37 15.89
N GLY A 80 4.00 -9.40 16.65
CA GLY A 80 3.25 -9.50 17.94
C GLY A 80 3.69 -8.38 18.88
N SER A 81 2.75 -7.69 19.47
CA SER A 81 3.12 -6.59 20.40
C SER A 81 2.72 -6.95 21.84
N ALA A 82 3.38 -7.94 22.41
CA ALA A 82 3.05 -8.35 23.80
C ALA A 82 3.83 -7.49 24.81
N ASP A 83 5.10 -7.33 24.58
CA ASP A 83 5.92 -6.50 25.53
C ASP A 83 5.77 -5.01 25.20
N ASP A 84 6.13 -4.16 26.11
CA ASP A 84 6.01 -2.69 25.87
C ASP A 84 4.59 -2.34 25.41
N ALA A 85 3.65 -2.35 26.32
CA ALA A 85 2.25 -2.02 25.94
C ALA A 85 1.51 -1.38 27.12
N LYS A 86 1.04 -0.17 26.96
CA LYS A 86 0.32 0.51 28.08
C LYS A 86 -0.68 1.52 27.52
N LYS A 87 -1.23 1.26 26.37
CA LYS A 87 -2.21 2.21 25.79
C LYS A 87 -3.46 1.46 25.32
N ASP A 88 -4.62 1.97 25.63
CA ASP A 88 -5.89 1.30 25.22
C ASP A 88 -5.94 -0.14 25.77
N ALA A 89 -6.75 -0.37 26.77
CA ALA A 89 -6.85 -1.74 27.36
C ALA A 89 -5.47 -2.22 27.81
N ALA A 90 -5.14 -2.02 29.06
CA ALA A 90 -3.81 -2.45 29.57
C ALA A 90 -3.90 -3.88 30.13
N LYS A 91 -5.07 -4.29 30.55
CA LYS A 91 -5.23 -5.66 31.11
C LYS A 91 -4.80 -6.71 30.08
N LYS A 92 -4.34 -7.85 30.52
CA LYS A 92 -3.90 -8.91 29.57
C LYS A 92 -5.13 -9.63 28.98
N ASP A 93 -5.86 -8.96 28.14
CA ASP A 93 -7.07 -9.60 27.52
C ASP A 93 -7.04 -9.44 26.00
N ASP A 94 -6.99 -10.53 25.29
CA ASP A 94 -6.95 -10.45 23.79
C ASP A 94 -7.14 -11.84 23.19
N ALA A 95 -7.82 -11.93 22.07
CA ALA A 95 -8.04 -13.26 21.42
C ALA A 95 -8.31 -13.07 19.93
N LYS A 96 -9.46 -12.54 19.59
CA LYS A 96 -9.79 -12.34 18.15
C LYS A 96 -9.25 -11.00 17.67
N LYS A 97 -8.84 -10.92 16.44
CA LYS A 97 -8.29 -9.63 15.91
C LYS A 97 -9.44 -8.71 15.46
N ASP A 98 -10.53 -9.28 15.04
CA ASP A 98 -11.69 -8.44 14.59
C ASP A 98 -12.95 -9.30 14.47
N ASP A 99 -13.93 -8.83 13.75
CA ASP A 99 -15.19 -9.62 13.60
C ASP A 99 -15.96 -9.16 12.36
N ALA A 100 -16.35 -7.91 12.33
CA ALA A 100 -17.10 -7.38 11.15
C ALA A 100 -18.31 -8.27 10.85
N LYS A 101 -19.05 -8.64 11.86
CA LYS A 101 -20.24 -9.51 11.64
C LYS A 101 -21.35 -8.73 10.93
N LYS A 102 -21.30 -7.43 10.98
CA LYS A 102 -22.37 -6.61 10.31
C LYS A 102 -21.87 -6.09 8.96
N ASP A 103 -20.67 -6.44 8.57
CA ASP A 103 -20.13 -5.96 7.25
C ASP A 103 -19.99 -4.44 7.27
N GLY A 104 -18.87 -3.93 6.81
CA GLY A 104 -18.67 -2.45 6.79
C GLY A 104 -19.39 -1.86 5.58
N SER A 105 -18.68 -1.68 4.48
CA SER A 105 -19.32 -1.09 3.27
C SER A 105 -18.53 -1.52 2.02
N GLN A 106 -19.21 -1.65 0.90
CA GLN A 106 -18.51 -2.05 -0.35
C GLN A 106 -17.79 -0.85 -0.96
N THR A 107 -16.48 -0.91 -1.07
CA THR A 107 -15.72 0.23 -1.64
C THR A 107 -15.91 0.27 -3.17
N ASN A 108 -15.50 1.33 -3.80
CA ASN A 108 -15.65 1.43 -5.28
C ASN A 108 -14.63 0.54 -5.98
N LYS A 109 -14.96 0.03 -7.14
CA LYS A 109 -14.00 -0.85 -7.87
C LYS A 109 -12.72 -0.09 -8.21
N ALA A 110 -12.83 0.94 -9.01
CA ALA A 110 -11.62 1.73 -9.37
C ALA A 110 -11.56 3.02 -8.55
N LYS A 111 -10.74 3.96 -8.95
CA LYS A 111 -10.65 5.24 -8.19
C LYS A 111 -10.00 6.32 -9.06
N ARG A 112 -8.77 6.11 -9.46
CA ARG A 112 -8.08 7.13 -10.31
C ARG A 112 -7.43 6.45 -11.52
N ALA A 113 -6.54 5.53 -11.29
CA ALA A 113 -5.88 4.83 -12.43
C ALA A 113 -5.71 3.34 -12.12
N LEU A 114 -4.70 2.98 -11.36
CA LEU A 114 -4.49 1.54 -11.02
C LEU A 114 -4.70 1.28 -9.54
N GLU A 115 -5.09 0.09 -9.23
CA GLU A 115 -5.32 -0.30 -7.80
C GLU A 115 -5.24 -1.82 -7.66
N VAL A 116 -5.22 -2.31 -6.45
CA VAL A 116 -5.14 -3.79 -6.25
C VAL A 116 -6.11 -4.23 -5.15
N LEU A 117 -6.75 -5.36 -5.31
CA LEU A 117 -7.71 -5.83 -4.28
C LEU A 117 -7.49 -7.31 -3.97
N GLU A 118 -7.84 -7.74 -2.79
CA GLU A 118 -7.65 -9.18 -2.43
C GLU A 118 -9.01 -9.82 -2.14
N ALA A 119 -9.49 -10.62 -3.05
CA ALA A 119 -10.82 -11.28 -2.83
C ALA A 119 -10.72 -12.79 -3.03
N GLU A 120 -11.45 -13.55 -2.25
CA GLU A 120 -11.40 -15.05 -2.39
C GLU A 120 -9.95 -15.54 -2.36
N ASP A 121 -9.20 -15.14 -1.38
CA ASP A 121 -7.76 -15.57 -1.28
C ASP A 121 -7.05 -15.28 -2.60
N LYS A 122 -7.52 -14.32 -3.36
CA LYS A 122 -6.87 -13.99 -4.66
C LYS A 122 -6.57 -12.49 -4.74
N VAL A 123 -5.47 -12.11 -5.33
CA VAL A 123 -5.13 -10.66 -5.45
C VAL A 123 -4.88 -10.30 -6.91
N ILE A 124 -5.40 -9.18 -7.35
CA ILE A 124 -5.21 -8.77 -8.77
C ILE A 124 -5.07 -7.24 -8.86
N LEU A 125 -4.35 -6.78 -9.86
CA LEU A 125 -4.17 -5.31 -10.05
C LEU A 125 -5.10 -4.83 -11.16
N LYS A 126 -5.90 -3.83 -10.89
CA LYS A 126 -6.83 -3.35 -11.95
C LYS A 126 -6.55 -1.89 -12.30
N CYS A 127 -6.39 -1.62 -13.57
CA CYS A 127 -6.13 -0.21 -14.00
C CYS A 127 -7.18 0.21 -15.02
N ASN A 128 -7.31 1.49 -15.26
CA ASN A 128 -8.31 1.96 -16.25
C ASN A 128 -7.96 1.44 -17.65
N SER A 129 -6.80 0.85 -17.82
CA SER A 129 -6.43 0.34 -19.17
C SER A 129 -5.25 -0.63 -19.07
N SER A 130 -4.54 -0.82 -20.15
CA SER A 130 -3.36 -1.74 -20.13
C SER A 130 -2.44 -1.39 -18.97
N ILE A 131 -1.88 -2.37 -18.31
CA ILE A 131 -0.99 -2.08 -17.16
C ILE A 131 0.47 -2.35 -17.52
N THR A 132 1.39 -1.69 -16.86
CA THR A 132 2.83 -1.90 -17.16
C THR A 132 3.50 -2.64 -16.00
N LEU A 133 4.05 -3.80 -16.25
CA LEU A 133 4.71 -4.56 -15.16
C LEU A 133 6.09 -3.96 -14.87
N LEU A 134 6.25 -3.30 -13.76
CA LEU A 134 7.58 -2.70 -13.43
C LEU A 134 8.53 -3.80 -12.95
N GLN A 135 8.17 -4.49 -11.90
CA GLN A 135 9.06 -5.57 -11.39
C GLN A 135 8.35 -6.33 -10.24
N GLY A 136 9.08 -7.20 -9.60
CA GLY A 136 8.48 -7.98 -8.46
C GLY A 136 7.46 -8.99 -8.99
N THR A 137 6.41 -9.22 -8.26
CA THR A 137 5.37 -10.21 -8.70
C THR A 137 4.81 -9.82 -10.07
N ALA A 138 5.35 -10.38 -11.11
CA ALA A 138 4.84 -10.08 -12.49
C ALA A 138 3.89 -11.19 -12.93
N GLY A 139 2.81 -11.36 -12.21
CA GLY A 139 1.82 -12.43 -12.54
C GLY A 139 1.48 -12.43 -14.03
N GLN A 140 0.26 -12.11 -14.35
CA GLN A 140 -0.16 -12.09 -15.79
C GLN A 140 -1.17 -10.97 -16.02
N GLU A 141 -0.98 -10.18 -17.04
CA GLU A 141 -1.93 -9.08 -17.31
C GLU A 141 -3.26 -9.64 -17.80
N VAL A 142 -4.21 -9.84 -16.90
CA VAL A 142 -5.56 -10.39 -17.26
C VAL A 142 -5.51 -11.20 -18.57
N SER A 143 -6.52 -11.10 -19.42
CA SER A 143 -6.49 -11.86 -20.69
C SER A 143 -5.67 -11.12 -21.74
N ASP A 144 -5.63 -9.81 -21.67
CA ASP A 144 -4.85 -9.03 -22.67
C ASP A 144 -4.60 -7.60 -22.19
N ASN A 145 -3.71 -7.41 -21.24
CA ASN A 145 -3.42 -6.04 -20.73
C ASN A 145 -4.68 -5.35 -20.21
N LYS A 146 -4.86 -5.32 -18.92
CA LYS A 146 -6.05 -4.64 -18.32
C LYS A 146 -6.09 -4.92 -16.81
N THR A 147 -5.67 -6.09 -16.42
CA THR A 147 -5.65 -6.46 -14.98
C THR A 147 -4.44 -7.35 -14.71
N LEU A 148 -4.22 -7.75 -13.49
CA LEU A 148 -3.04 -8.63 -13.19
C LEU A 148 -3.46 -9.77 -12.26
N ASN A 149 -2.90 -10.93 -12.47
CA ASN A 149 -3.24 -12.08 -11.59
C ASN A 149 -1.96 -12.66 -10.97
N LEU A 150 -1.79 -12.49 -9.68
CA LEU A 150 -0.57 -13.05 -9.03
C LEU A 150 -0.89 -14.41 -8.40
N GLY A 151 -2.13 -14.63 -8.06
CA GLY A 151 -2.51 -15.94 -7.46
C GLY A 151 -3.06 -15.69 -6.05
N LYS A 152 -2.50 -16.32 -5.06
CA LYS A 152 -2.98 -16.12 -3.66
C LYS A 152 -2.13 -15.09 -2.94
N ARG A 153 -2.47 -14.76 -1.72
CA ARG A 153 -1.67 -13.77 -0.96
C ARG A 153 -0.61 -14.50 -0.13
N ILE A 154 -0.78 -15.78 0.06
CA ILE A 154 0.22 -16.57 0.84
C ILE A 154 1.50 -16.77 0.02
N GLU A 155 1.48 -16.37 -1.23
CA GLU A 155 2.70 -16.53 -2.08
C GLU A 155 3.61 -15.31 -1.94
N ASP A 156 3.40 -14.51 -0.92
CA ASP A 156 4.27 -13.30 -0.72
C ASP A 156 4.24 -12.39 -1.96
N PRO A 157 3.10 -11.79 -2.20
CA PRO A 157 2.95 -10.88 -3.36
C PRO A 157 3.69 -9.57 -3.11
N ARG A 158 4.69 -9.28 -3.89
CA ARG A 158 5.47 -8.03 -3.68
C ARG A 158 6.07 -7.56 -5.00
N GLY A 159 5.67 -6.41 -5.48
CA GLY A 159 6.23 -5.90 -6.77
C GLY A 159 5.67 -4.51 -7.04
N MET A 160 5.63 -4.11 -8.28
CA MET A 160 5.10 -2.76 -8.62
C MET A 160 4.46 -2.77 -10.02
N TYR A 161 3.48 -1.94 -10.23
CA TYR A 161 2.81 -1.91 -11.57
C TYR A 161 2.38 -0.48 -11.92
N GLN A 162 2.80 0.01 -13.05
CA GLN A 162 2.41 1.40 -13.45
C GLN A 162 1.48 1.35 -14.65
N CYS A 163 0.82 2.44 -14.96
CA CYS A 163 -0.10 2.45 -16.12
C CYS A 163 0.17 3.65 -17.02
N GLY A 164 -0.37 3.67 -18.20
CA GLY A 164 -0.15 4.82 -19.11
C GLY A 164 -1.24 5.86 -18.92
N GLU A 165 -0.87 7.06 -18.64
CA GLU A 165 -1.88 8.14 -18.44
C GLU A 165 -1.56 9.35 -19.32
N ASN A 166 -2.31 10.41 -19.19
CA ASN A 166 -2.03 11.62 -20.02
C ASN A 166 -1.77 12.84 -19.11
N ALA A 167 -2.41 12.89 -17.98
CA ALA A 167 -2.21 14.05 -17.05
C ALA A 167 -1.41 13.63 -15.82
N LYS A 168 -1.32 12.35 -15.55
CA LYS A 168 -0.56 11.91 -14.35
C LYS A 168 -0.46 10.38 -14.34
N SER A 169 0.73 9.87 -14.43
CA SER A 169 0.93 8.39 -14.43
C SER A 169 0.69 7.83 -13.02
N PHE A 170 0.02 6.71 -12.93
CA PHE A 170 -0.25 6.11 -11.59
C PHE A 170 0.64 4.90 -11.38
N THR A 171 1.16 4.73 -10.18
CA THR A 171 2.03 3.56 -9.90
C THR A 171 1.72 2.97 -8.54
N LEU A 172 1.87 1.68 -8.38
CA LEU A 172 1.58 1.04 -7.08
C LEU A 172 2.64 -0.03 -6.79
N GLN A 173 3.12 -0.12 -5.58
CA GLN A 173 4.14 -1.16 -5.25
C GLN A 173 3.65 -2.03 -4.09
N VAL A 174 3.20 -3.23 -4.37
CA VAL A 174 2.71 -4.11 -3.27
C VAL A 174 3.89 -4.73 -2.53
N TYR A 175 3.75 -4.93 -1.25
CA TYR A 175 4.85 -5.54 -0.45
C TYR A 175 4.25 -6.37 0.69
N TYR A 176 4.09 -7.65 0.48
CA TYR A 176 3.51 -8.51 1.55
C TYR A 176 4.63 -9.26 2.29
N ARG A 177 4.87 -8.91 3.53
CA ARG A 177 5.94 -9.60 4.30
C ARG A 177 5.37 -10.84 5.00
N MET A 178 5.80 -12.01 4.60
CA MET A 178 5.28 -13.25 5.25
C MET A 178 6.27 -14.41 5.02
N ASP A 1 17.46 -0.01 -11.72
CA ASP A 1 18.34 0.92 -12.49
C ASP A 1 19.71 1.02 -11.82
N ASP A 2 20.44 2.07 -12.09
CA ASP A 2 21.78 2.22 -11.48
C ASP A 2 21.66 2.84 -10.07
N ALA A 3 20.65 3.64 -9.86
CA ALA A 3 20.47 4.27 -8.52
C ALA A 3 19.55 3.43 -7.65
N GLU A 4 19.08 3.96 -6.56
CA GLU A 4 18.16 3.20 -5.67
C GLU A 4 17.10 4.11 -5.07
N ASN A 5 16.28 4.70 -5.91
CA ASN A 5 15.21 5.62 -5.40
C ASN A 5 13.96 5.51 -6.28
N ILE A 6 13.85 4.47 -7.06
CA ILE A 6 12.67 4.30 -7.94
C ILE A 6 11.60 3.44 -7.26
N GLU A 7 11.62 3.37 -5.96
CA GLU A 7 10.62 2.55 -5.24
C GLU A 7 10.70 2.81 -3.72
N TYR A 8 9.68 2.43 -2.99
CA TYR A 8 9.69 2.64 -1.52
C TYR A 8 10.54 1.58 -0.83
N LYS A 9 11.31 1.96 0.15
CA LYS A 9 12.15 0.96 0.87
C LYS A 9 11.39 0.52 2.13
N VAL A 10 11.70 -0.62 2.67
CA VAL A 10 10.98 -1.09 3.89
C VAL A 10 11.93 -1.82 4.84
N SER A 11 11.85 -1.51 6.10
CA SER A 11 12.74 -2.17 7.11
C SER A 11 11.99 -2.31 8.44
N ILE A 12 11.31 -3.40 8.63
CA ILE A 12 10.55 -3.60 9.91
C ILE A 12 11.47 -4.15 11.00
N SER A 13 11.48 -3.52 12.13
CA SER A 13 12.34 -3.98 13.26
C SER A 13 11.48 -4.20 14.52
N GLY A 14 11.22 -5.43 14.86
CA GLY A 14 10.40 -5.71 16.08
C GLY A 14 9.09 -4.93 16.01
N THR A 15 8.17 -5.41 15.26
CA THR A 15 6.84 -4.72 15.11
C THR A 15 7.02 -3.25 14.73
N SER A 16 8.14 -2.91 14.16
CA SER A 16 8.35 -1.51 13.72
C SER A 16 8.40 -1.50 12.21
N VAL A 17 8.10 -0.40 11.59
CA VAL A 17 8.13 -0.40 10.09
C VAL A 17 8.62 0.95 9.56
N GLU A 18 9.83 0.98 9.06
CA GLU A 18 10.38 2.26 8.52
C GLU A 18 10.39 2.21 6.99
N LEU A 19 9.54 2.97 6.36
CA LEU A 19 9.53 2.96 4.86
C LEU A 19 10.16 4.25 4.34
N THR A 20 11.13 4.14 3.47
CA THR A 20 11.79 5.37 2.94
C THR A 20 11.10 5.87 1.69
N CYS A 21 10.53 7.05 1.75
CA CYS A 21 9.88 7.64 0.55
C CYS A 21 10.87 7.56 -0.62
N PRO A 22 10.39 7.74 -1.84
CA PRO A 22 11.29 7.64 -3.01
C PRO A 22 12.05 8.95 -3.24
N LEU A 23 12.35 9.68 -2.21
CA LEU A 23 13.11 10.95 -2.39
C LEU A 23 13.80 11.35 -1.09
N ASP A 24 14.51 12.43 -1.09
CA ASP A 24 15.21 12.87 0.16
C ASP A 24 14.20 13.37 1.19
N SER A 25 14.66 13.79 2.33
CA SER A 25 13.72 14.29 3.37
C SER A 25 13.22 15.68 2.98
N ASP A 26 11.94 15.93 3.15
CA ASP A 26 11.38 17.25 2.80
C ASP A 26 10.87 17.92 4.07
N GLU A 27 11.31 19.12 4.31
CA GLU A 27 10.87 19.86 5.53
C GLU A 27 9.35 19.76 5.68
N ASN A 28 8.68 19.56 4.60
CA ASN A 28 7.21 19.41 4.62
C ASN A 28 6.82 18.10 3.94
N LEU A 29 7.67 17.11 3.99
CA LEU A 29 7.34 15.80 3.35
C LEU A 29 6.08 15.24 3.98
N LYS A 30 5.05 14.99 3.21
CA LYS A 30 3.79 14.45 3.79
C LYS A 30 3.69 12.93 3.61
N TRP A 31 3.30 12.23 4.63
CA TRP A 31 3.15 10.75 4.52
C TRP A 31 1.67 10.37 4.66
N GLU A 32 1.24 9.32 4.01
CA GLU A 32 -0.19 8.92 4.11
C GLU A 32 -0.31 7.49 4.64
N LYS A 33 -1.29 7.23 5.45
CA LYS A 33 -1.48 5.86 6.00
C LYS A 33 -2.89 5.36 5.73
N ASN A 34 -3.04 4.48 4.76
CA ASN A 34 -4.40 3.96 4.43
C ASN A 34 -5.36 5.11 4.12
N GLY A 35 -4.84 6.23 3.72
CA GLY A 35 -5.73 7.39 3.40
C GLY A 35 -5.58 8.47 4.48
N GLN A 36 -5.22 8.08 5.67
CA GLN A 36 -5.06 9.09 6.76
C GLN A 36 -3.64 9.67 6.75
N GLU A 37 -3.52 10.97 6.66
CA GLU A 37 -2.17 11.59 6.64
C GLU A 37 -1.43 11.29 7.96
N LEU A 38 -0.12 11.28 7.93
CA LEU A 38 0.65 11.00 9.18
C LEU A 38 1.27 12.30 9.72
N PRO A 39 0.59 12.90 10.67
CA PRO A 39 1.10 14.16 11.27
C PRO A 39 2.31 13.88 12.16
N GLN A 40 3.00 14.91 12.58
CA GLN A 40 4.20 14.71 13.46
C GLN A 40 5.16 13.71 12.83
N LYS A 41 5.29 13.74 11.53
CA LYS A 41 6.22 12.78 10.84
C LYS A 41 6.43 13.21 9.40
N HIS A 42 7.55 13.79 9.09
CA HIS A 42 7.82 14.24 7.69
C HIS A 42 9.26 13.92 7.29
N ASP A 43 9.79 12.81 7.74
CA ASP A 43 11.19 12.46 7.39
C ASP A 43 11.21 11.57 6.14
N LYS A 44 12.32 11.50 5.48
CA LYS A 44 12.42 10.65 4.25
C LYS A 44 11.93 9.23 4.52
N HIS A 45 11.94 8.81 5.76
CA HIS A 45 11.46 7.43 6.08
C HIS A 45 10.24 7.48 7.01
N LEU A 46 9.49 6.41 7.05
CA LEU A 46 8.28 6.38 7.93
C LEU A 46 8.38 5.22 8.93
N VAL A 47 8.89 5.45 10.10
CA VAL A 47 8.99 4.35 11.10
C VAL A 47 7.68 4.22 11.88
N LEU A 48 7.14 3.05 11.92
CA LEU A 48 5.87 2.83 12.66
C LEU A 48 6.13 1.95 13.87
N GLN A 49 6.20 2.53 15.03
CA GLN A 49 6.47 1.73 16.27
C GLN A 49 5.22 0.95 16.68
N ASP A 50 5.39 -0.23 17.21
CA ASP A 50 4.20 -1.05 17.63
C ASP A 50 3.23 -1.20 16.45
N PHE A 51 3.70 -1.71 15.35
CA PHE A 51 2.82 -1.88 14.15
C PHE A 51 1.79 -2.98 14.39
N SER A 52 0.58 -2.77 13.96
CA SER A 52 -0.49 -3.80 14.15
C SER A 52 -1.10 -4.16 12.79
N GLU A 53 -0.77 -5.30 12.27
CA GLU A 53 -1.32 -5.72 10.94
C GLU A 53 -2.85 -5.59 10.92
N VAL A 54 -3.48 -5.61 12.06
CA VAL A 54 -4.97 -5.50 12.10
C VAL A 54 -5.43 -4.19 11.44
N GLU A 55 -5.10 -3.07 12.01
CA GLU A 55 -5.54 -1.77 11.43
C GLU A 55 -4.37 -1.04 10.74
N ASP A 56 -3.16 -1.36 11.11
CA ASP A 56 -2.00 -0.67 10.47
C ASP A 56 -1.80 -1.15 9.03
N SER A 57 -2.13 -2.39 8.76
CA SER A 57 -1.97 -2.91 7.36
C SER A 57 -2.81 -2.09 6.39
N GLY A 58 -2.26 -1.74 5.26
CA GLY A 58 -3.04 -0.93 4.28
C GLY A 58 -2.09 -0.29 3.27
N TYR A 59 -2.54 0.74 2.58
CA TYR A 59 -1.66 1.41 1.58
C TYR A 59 -0.89 2.56 2.23
N TYR A 60 0.24 2.91 1.68
CA TYR A 60 1.05 4.03 2.27
C TYR A 60 1.73 4.83 1.15
N VAL A 61 1.74 6.13 1.28
CA VAL A 61 2.38 6.98 0.22
C VAL A 61 2.82 8.33 0.80
N CYS A 62 3.91 8.87 0.31
CA CYS A 62 4.38 10.18 0.82
C CYS A 62 4.89 11.05 -0.33
N TYR A 63 4.80 12.33 -0.17
CA TYR A 63 5.26 13.26 -1.25
C TYR A 63 5.59 14.63 -0.66
N THR A 64 6.02 15.55 -1.50
CA THR A 64 6.37 16.91 -1.01
C THR A 64 5.74 17.97 -1.94
N PRO A 65 5.77 19.20 -1.53
CA PRO A 65 5.21 20.29 -2.35
C PRO A 65 6.07 20.52 -3.60
N ALA A 66 7.26 19.95 -3.63
CA ALA A 66 8.14 20.13 -4.82
C ALA A 66 8.25 18.81 -5.58
N SER A 67 8.09 17.70 -4.91
CA SER A 67 8.18 16.38 -5.58
C SER A 67 6.85 15.63 -5.44
N ASN A 68 6.05 15.59 -6.48
CA ASN A 68 4.74 14.88 -6.38
C ASN A 68 4.76 13.61 -7.25
N LYS A 69 4.79 12.48 -6.62
CA LYS A 69 4.79 11.19 -7.40
C LYS A 69 3.65 10.31 -6.90
N ASN A 70 2.58 10.21 -7.65
CA ASN A 70 1.44 9.35 -7.20
C ASN A 70 1.90 7.88 -7.16
N THR A 71 2.27 7.41 -6.00
CA THR A 71 2.72 6.00 -5.86
C THR A 71 2.19 5.39 -4.57
N TYR A 72 1.36 4.39 -4.66
CA TYR A 72 0.83 3.78 -3.41
C TYR A 72 1.63 2.52 -3.07
N LEU A 73 1.66 2.17 -1.81
CA LEU A 73 2.42 0.95 -1.40
C LEU A 73 1.56 0.11 -0.45
N TYR A 74 1.36 -1.14 -0.78
CA TYR A 74 0.53 -2.02 0.10
C TYR A 74 1.43 -2.63 1.18
N LEU A 75 1.46 -2.04 2.34
CA LEU A 75 2.31 -2.57 3.44
C LEU A 75 1.54 -3.61 4.26
N LYS A 76 1.96 -4.85 4.20
CA LYS A 76 1.27 -5.91 4.98
C LYS A 76 2.31 -6.73 5.76
N ALA A 77 2.48 -6.44 7.02
CA ALA A 77 3.50 -7.19 7.81
C ALA A 77 2.83 -7.86 9.02
N ARG A 78 3.52 -8.76 9.66
CA ARG A 78 2.94 -9.46 10.85
C ARG A 78 3.86 -9.31 12.05
N VAL A 79 3.43 -8.62 13.07
CA VAL A 79 4.26 -8.44 14.28
C VAL A 79 3.35 -8.41 15.50
N GLY A 80 3.48 -9.37 16.35
CA GLY A 80 2.64 -9.42 17.58
C GLY A 80 2.39 -10.88 17.96
N SER A 81 1.78 -11.63 17.08
CA SER A 81 1.51 -13.07 17.39
C SER A 81 2.38 -13.97 16.53
N ALA A 82 2.07 -15.24 16.48
CA ALA A 82 2.88 -16.18 15.66
C ALA A 82 2.00 -17.31 15.12
N ASP A 83 1.17 -17.88 15.94
CA ASP A 83 0.28 -18.99 15.48
C ASP A 83 -0.66 -18.48 14.38
N ASP A 84 -0.98 -19.32 13.44
CA ASP A 84 -1.89 -18.90 12.33
C ASP A 84 -2.40 -20.11 11.56
N ALA A 85 -1.55 -21.08 11.33
CA ALA A 85 -1.99 -22.30 10.58
C ALA A 85 -1.77 -23.55 11.43
N LYS A 86 -2.72 -24.46 11.44
CA LYS A 86 -2.56 -25.69 12.25
C LYS A 86 -1.50 -26.61 11.63
N LYS A 87 -1.80 -27.19 10.50
CA LYS A 87 -0.81 -28.09 9.83
C LYS A 87 -1.01 -28.08 8.32
N ASP A 88 -0.09 -28.66 7.59
CA ASP A 88 -0.21 -28.69 6.09
C ASP A 88 -0.17 -27.26 5.53
N ALA A 89 0.58 -27.05 4.50
CA ALA A 89 0.66 -25.68 3.89
C ALA A 89 -0.70 -25.28 3.31
N ALA A 90 -1.35 -26.18 2.63
CA ALA A 90 -2.68 -25.87 2.03
C ALA A 90 -3.51 -27.14 1.89
N LYS A 91 -4.79 -27.06 2.18
CA LYS A 91 -5.66 -28.26 2.07
C LYS A 91 -6.11 -28.45 0.62
N LYS A 92 -5.86 -29.60 0.05
CA LYS A 92 -6.27 -29.85 -1.35
C LYS A 92 -7.64 -30.55 -1.38
N ASP A 93 -8.20 -30.72 -2.55
CA ASP A 93 -9.53 -31.39 -2.66
C ASP A 93 -9.74 -31.93 -4.08
N ASP A 94 -10.46 -33.02 -4.20
CA ASP A 94 -10.69 -33.59 -5.56
C ASP A 94 -11.85 -32.86 -6.24
N ALA A 95 -12.02 -33.05 -7.53
CA ALA A 95 -13.12 -32.38 -8.26
C ALA A 95 -13.07 -30.86 -8.02
N LYS A 96 -12.03 -30.22 -8.48
CA LYS A 96 -11.92 -28.74 -8.28
C LYS A 96 -12.87 -28.01 -9.23
N LYS A 97 -14.15 -28.08 -8.97
CA LYS A 97 -15.13 -27.38 -9.87
C LYS A 97 -16.50 -27.30 -9.17
N ASP A 98 -17.06 -26.12 -9.09
CA ASP A 98 -18.39 -25.97 -8.44
C ASP A 98 -19.43 -25.49 -9.45
N ASP A 99 -20.55 -25.00 -8.98
CA ASP A 99 -21.60 -24.52 -9.93
C ASP A 99 -21.73 -23.00 -9.85
N ALA A 100 -20.64 -22.30 -10.04
CA ALA A 100 -20.69 -20.81 -9.97
C ALA A 100 -21.33 -20.34 -8.67
N LYS A 101 -20.53 -20.04 -7.67
CA LYS A 101 -21.09 -19.58 -6.36
C LYS A 101 -20.76 -18.10 -6.14
N LYS A 102 -20.60 -17.35 -7.19
CA LYS A 102 -20.28 -15.90 -7.03
C LYS A 102 -20.70 -15.13 -8.29
N ASP A 103 -19.91 -15.19 -9.34
CA ASP A 103 -20.27 -14.45 -10.59
C ASP A 103 -20.61 -12.99 -10.28
N GLY A 104 -19.75 -12.31 -9.58
CA GLY A 104 -20.01 -10.88 -9.24
C GLY A 104 -20.04 -10.04 -10.53
N SER A 105 -21.01 -9.18 -10.67
CA SER A 105 -21.10 -8.34 -11.89
C SER A 105 -20.97 -6.86 -11.53
N GLN A 106 -21.52 -6.47 -10.41
CA GLN A 106 -21.44 -5.04 -9.98
C GLN A 106 -21.94 -4.12 -11.10
N THR A 107 -21.84 -2.83 -10.92
CA THR A 107 -22.30 -1.88 -11.98
C THR A 107 -21.46 -0.60 -11.94
N ASN A 108 -20.17 -0.71 -12.15
CA ASN A 108 -19.31 0.49 -12.12
C ASN A 108 -17.95 0.19 -12.77
N LYS A 109 -17.57 0.95 -13.77
CA LYS A 109 -16.27 0.70 -14.45
C LYS A 109 -15.41 1.97 -14.42
N ALA A 110 -15.55 2.77 -13.39
CA ALA A 110 -14.74 4.02 -13.32
C ALA A 110 -13.62 3.86 -12.30
N LYS A 111 -12.40 3.70 -12.76
CA LYS A 111 -11.26 3.53 -11.81
C LYS A 111 -10.03 4.28 -12.34
N ARG A 112 -9.74 5.43 -11.80
CA ARG A 112 -8.56 6.21 -12.27
C ARG A 112 -7.28 5.65 -11.63
N ALA A 113 -6.14 5.93 -12.22
CA ALA A 113 -4.85 5.43 -11.65
C ALA A 113 -4.91 3.91 -11.48
N LEU A 114 -3.83 3.31 -11.04
CA LEU A 114 -3.81 1.83 -10.85
C LEU A 114 -4.11 1.47 -9.40
N GLU A 115 -4.52 0.25 -9.18
CA GLU A 115 -4.83 -0.19 -7.79
C GLU A 115 -4.74 -1.70 -7.70
N VAL A 116 -4.76 -2.24 -6.51
CA VAL A 116 -4.69 -3.73 -6.36
C VAL A 116 -5.70 -4.20 -5.30
N LEU A 117 -6.29 -5.35 -5.49
CA LEU A 117 -7.28 -5.85 -4.51
C LEU A 117 -7.07 -7.35 -4.25
N GLU A 118 -7.38 -7.80 -3.06
CA GLU A 118 -7.20 -9.24 -2.75
C GLU A 118 -8.56 -9.94 -2.74
N ALA A 119 -8.85 -10.72 -3.75
CA ALA A 119 -10.16 -11.42 -3.79
C ALA A 119 -9.96 -12.92 -4.05
N GLU A 120 -10.88 -13.73 -3.59
CA GLU A 120 -10.74 -15.21 -3.79
C GLU A 120 -9.36 -15.68 -3.32
N ASP A 121 -8.95 -15.25 -2.17
CA ASP A 121 -7.61 -15.67 -1.64
C ASP A 121 -6.51 -15.34 -2.67
N LYS A 122 -6.76 -14.41 -3.55
CA LYS A 122 -5.74 -14.05 -4.57
C LYS A 122 -5.63 -12.52 -4.68
N VAL A 123 -4.65 -12.04 -5.40
CA VAL A 123 -4.48 -10.56 -5.54
C VAL A 123 -4.28 -10.20 -7.02
N ILE A 124 -4.88 -9.13 -7.46
CA ILE A 124 -4.73 -8.72 -8.89
C ILE A 124 -4.59 -7.19 -9.00
N LEU A 125 -3.95 -6.74 -10.05
CA LEU A 125 -3.78 -5.26 -10.24
C LEU A 125 -4.85 -4.73 -11.19
N LYS A 126 -5.28 -3.51 -11.01
CA LYS A 126 -6.35 -2.98 -11.92
C LYS A 126 -5.92 -1.65 -12.57
N CYS A 127 -6.05 -1.57 -13.86
CA CYS A 127 -5.69 -0.33 -14.60
C CYS A 127 -6.73 -0.11 -15.70
N ASN A 128 -6.85 1.10 -16.19
CA ASN A 128 -7.85 1.36 -17.27
C ASN A 128 -7.41 0.74 -18.59
N SER A 129 -6.31 0.01 -18.60
CA SER A 129 -5.83 -0.62 -19.87
C SER A 129 -4.62 -1.50 -19.60
N SER A 130 -3.76 -1.67 -20.57
CA SER A 130 -2.54 -2.51 -20.35
C SER A 130 -1.81 -2.05 -19.09
N ILE A 131 -1.51 -2.95 -18.20
CA ILE A 131 -0.80 -2.56 -16.95
C ILE A 131 0.70 -2.59 -17.16
N THR A 132 1.39 -1.56 -16.75
CA THR A 132 2.86 -1.54 -16.93
C THR A 132 3.55 -2.36 -15.83
N LEU A 133 4.24 -3.39 -16.20
CA LEU A 133 4.93 -4.23 -15.18
C LEU A 133 6.29 -3.63 -14.83
N LEU A 134 6.39 -2.94 -13.73
CA LEU A 134 7.70 -2.33 -13.35
C LEU A 134 8.66 -3.44 -12.90
N GLN A 135 8.31 -4.15 -11.87
CA GLN A 135 9.18 -5.25 -11.36
C GLN A 135 8.50 -5.96 -10.21
N GLY A 136 9.19 -6.88 -9.59
CA GLY A 136 8.59 -7.62 -8.44
C GLY A 136 7.75 -8.79 -8.94
N THR A 137 6.54 -8.91 -8.47
CA THR A 137 5.66 -10.03 -8.90
C THR A 137 5.10 -9.78 -10.30
N ALA A 138 5.75 -10.33 -11.29
CA ALA A 138 5.25 -10.17 -12.69
C ALA A 138 4.26 -11.30 -12.99
N GLY A 139 3.16 -11.30 -12.29
CA GLY A 139 2.13 -12.36 -12.48
C GLY A 139 1.75 -12.53 -13.94
N GLN A 140 0.49 -12.44 -14.24
CA GLN A 140 0.04 -12.61 -15.65
C GLN A 140 -1.21 -11.76 -15.91
N GLU A 141 -1.37 -11.26 -17.11
CA GLU A 141 -2.56 -10.44 -17.41
C GLU A 141 -3.82 -11.31 -17.35
N VAL A 142 -4.67 -11.06 -16.39
CA VAL A 142 -5.92 -11.86 -16.24
C VAL A 142 -6.65 -11.99 -17.59
N SER A 143 -7.25 -10.93 -18.05
CA SER A 143 -7.99 -11.01 -19.35
C SER A 143 -7.08 -10.62 -20.52
N ASP A 144 -6.55 -9.42 -20.50
CA ASP A 144 -5.66 -8.97 -21.61
C ASP A 144 -5.26 -7.51 -21.40
N ASN A 145 -4.08 -7.27 -20.89
CA ASN A 145 -3.63 -5.86 -20.66
C ASN A 145 -4.70 -5.08 -19.89
N LYS A 146 -4.97 -5.46 -18.67
CA LYS A 146 -5.99 -4.72 -17.87
C LYS A 146 -5.93 -5.20 -16.41
N THR A 147 -5.78 -6.47 -16.20
CA THR A 147 -5.71 -7.00 -14.82
C THR A 147 -4.53 -7.97 -14.67
N LEU A 148 -3.87 -7.96 -13.55
CA LEU A 148 -2.71 -8.87 -13.35
C LEU A 148 -3.09 -9.98 -12.36
N ASN A 149 -2.54 -11.14 -12.52
CA ASN A 149 -2.85 -12.26 -11.59
C ASN A 149 -1.57 -12.79 -10.96
N LEU A 150 -1.22 -12.31 -9.80
CA LEU A 150 0.04 -12.80 -9.14
C LEU A 150 -0.20 -14.19 -8.54
N GLY A 151 -1.41 -14.47 -8.14
CA GLY A 151 -1.70 -15.80 -7.54
C GLY A 151 -2.32 -15.60 -6.14
N LYS A 152 -2.01 -16.48 -5.22
CA LYS A 152 -2.56 -16.34 -3.84
C LYS A 152 -1.95 -15.14 -3.14
N ARG A 153 -2.52 -14.70 -2.06
CA ARG A 153 -1.95 -13.54 -1.31
C ARG A 153 -0.99 -14.03 -0.24
N ILE A 154 -1.08 -15.28 0.12
CA ILE A 154 -0.18 -15.85 1.16
C ILE A 154 1.24 -16.04 0.60
N GLU A 155 1.43 -15.85 -0.67
CA GLU A 155 2.78 -16.04 -1.26
C GLU A 155 3.61 -14.76 -1.12
N ASP A 156 3.14 -13.80 -0.36
CA ASP A 156 3.91 -12.53 -0.17
C ASP A 156 4.16 -11.84 -1.53
N PRO A 157 3.11 -11.36 -2.13
CA PRO A 157 3.23 -10.66 -3.43
C PRO A 157 3.91 -9.30 -3.24
N ARG A 158 4.86 -8.98 -4.08
CA ARG A 158 5.56 -7.66 -3.94
C ARG A 158 6.08 -7.19 -5.30
N GLY A 159 5.64 -6.05 -5.75
CA GLY A 159 6.11 -5.53 -7.07
C GLY A 159 5.37 -4.23 -7.41
N MET A 160 5.86 -3.48 -8.35
CA MET A 160 5.19 -2.21 -8.72
C MET A 160 4.58 -2.33 -10.11
N TYR A 161 3.51 -1.63 -10.36
CA TYR A 161 2.85 -1.69 -11.70
C TYR A 161 2.26 -0.33 -12.05
N GLN A 162 2.75 0.29 -13.09
CA GLN A 162 2.21 1.63 -13.48
C GLN A 162 1.09 1.46 -14.51
N CYS A 163 0.14 2.35 -14.50
CA CYS A 163 -0.99 2.24 -15.48
C CYS A 163 -0.96 3.43 -16.43
N GLY A 164 -1.64 3.32 -17.54
CA GLY A 164 -1.65 4.45 -18.53
C GLY A 164 -2.84 5.37 -18.24
N GLU A 165 -2.60 6.65 -18.20
CA GLU A 165 -3.70 7.61 -17.93
C GLU A 165 -3.72 8.70 -19.01
N ASN A 166 -4.58 9.67 -18.88
CA ASN A 166 -4.65 10.75 -19.91
C ASN A 166 -4.28 12.10 -19.28
N ALA A 167 -4.59 12.28 -18.02
CA ALA A 167 -4.25 13.56 -17.35
C ALA A 167 -3.11 13.38 -16.36
N LYS A 168 -2.83 12.16 -15.96
CA LYS A 168 -1.72 11.92 -15.00
C LYS A 168 -1.51 10.42 -14.81
N SER A 169 -0.34 9.95 -15.14
CA SER A 169 -0.05 8.49 -14.99
C SER A 169 0.07 8.13 -13.50
N PHE A 170 -0.37 6.96 -13.12
CA PHE A 170 -0.27 6.55 -11.69
C PHE A 170 0.52 5.25 -11.55
N THR A 171 1.07 5.00 -10.39
CA THR A 171 1.86 3.76 -10.18
C THR A 171 1.60 3.19 -8.78
N LEU A 172 1.62 1.89 -8.65
CA LEU A 172 1.37 1.28 -7.33
C LEU A 172 2.39 0.15 -7.06
N GLN A 173 2.91 0.07 -5.87
CA GLN A 173 3.90 -1.00 -5.56
C GLN A 173 3.41 -1.84 -4.37
N VAL A 174 3.02 -3.06 -4.61
CA VAL A 174 2.53 -3.92 -3.50
C VAL A 174 3.71 -4.44 -2.68
N TYR A 175 3.54 -4.56 -1.38
CA TYR A 175 4.63 -5.06 -0.52
C TYR A 175 4.06 -5.94 0.59
N TYR A 176 4.03 -7.22 0.39
CA TYR A 176 3.48 -8.14 1.44
C TYR A 176 4.63 -8.77 2.25
N ARG A 177 4.46 -8.88 3.54
CA ARG A 177 5.54 -9.48 4.37
C ARG A 177 4.93 -10.49 5.35
N MET A 178 5.07 -11.76 5.07
CA MET A 178 4.49 -12.80 5.98
C MET A 178 5.47 -13.09 7.12
N ASP A 1 20.18 -7.81 -13.01
CA ASP A 1 21.11 -6.89 -12.28
C ASP A 1 20.94 -5.46 -12.78
N ASP A 2 21.53 -4.51 -12.11
CA ASP A 2 21.41 -3.09 -12.54
C ASP A 2 19.94 -2.70 -12.72
N ALA A 3 19.25 -2.45 -11.64
CA ALA A 3 17.81 -2.07 -11.75
C ALA A 3 17.51 -0.85 -10.86
N GLU A 4 16.28 -0.42 -10.84
CA GLU A 4 15.93 0.77 -9.98
C GLU A 4 15.37 0.28 -8.64
N ASN A 5 16.17 0.32 -7.61
CA ASN A 5 15.69 -0.13 -6.27
C ASN A 5 15.57 1.07 -5.33
N ILE A 6 15.48 2.26 -5.85
CA ILE A 6 15.38 3.46 -4.99
C ILE A 6 13.92 3.78 -4.67
N GLU A 7 13.05 2.83 -4.77
CA GLU A 7 11.61 3.07 -4.46
C GLU A 7 11.37 3.01 -2.95
N TYR A 8 10.18 2.71 -2.54
CA TYR A 8 9.90 2.63 -1.07
C TYR A 8 10.72 1.51 -0.44
N LYS A 9 11.54 1.83 0.52
CA LYS A 9 12.35 0.77 1.19
C LYS A 9 11.62 0.32 2.44
N VAL A 10 11.91 -0.85 2.93
CA VAL A 10 11.20 -1.33 4.15
C VAL A 10 12.19 -1.93 5.16
N SER A 11 12.13 -1.48 6.39
CA SER A 11 13.04 -2.02 7.44
C SER A 11 12.29 -2.14 8.76
N ILE A 12 11.70 -3.26 9.02
CA ILE A 12 10.94 -3.44 10.28
C ILE A 12 11.84 -4.01 11.39
N SER A 13 11.72 -3.47 12.57
CA SER A 13 12.53 -3.97 13.72
C SER A 13 11.58 -4.37 14.85
N GLY A 14 11.37 -5.64 15.03
CA GLY A 14 10.41 -6.08 16.09
C GLY A 14 9.01 -5.74 15.62
N THR A 15 8.34 -4.83 16.28
CA THR A 15 6.98 -4.44 15.83
C THR A 15 7.00 -3.01 15.31
N SER A 16 8.06 -2.64 14.65
CA SER A 16 8.16 -1.26 14.08
C SER A 16 8.37 -1.37 12.58
N VAL A 17 7.98 -0.38 11.84
CA VAL A 17 8.15 -0.46 10.37
C VAL A 17 8.59 0.89 9.79
N GLU A 18 9.81 0.97 9.33
CA GLU A 18 10.31 2.25 8.76
C GLU A 18 10.40 2.15 7.24
N LEU A 19 9.59 2.89 6.52
CA LEU A 19 9.65 2.82 5.03
C LEU A 19 10.24 4.11 4.46
N THR A 20 11.25 4.00 3.63
CA THR A 20 11.87 5.23 3.07
C THR A 20 11.28 5.55 1.69
N CYS A 21 10.54 6.61 1.58
CA CYS A 21 9.98 7.00 0.25
C CYS A 21 11.15 7.14 -0.74
N PRO A 22 10.86 7.39 -1.99
CA PRO A 22 11.94 7.50 -3.00
C PRO A 22 12.54 8.91 -3.04
N LEU A 23 12.49 9.65 -1.96
CA LEU A 23 13.11 11.00 -1.98
C LEU A 23 13.78 11.31 -0.64
N ASP A 24 14.44 12.43 -0.54
CA ASP A 24 15.13 12.79 0.73
C ASP A 24 14.12 13.36 1.73
N SER A 25 14.59 13.79 2.87
CA SER A 25 13.66 14.36 3.89
C SER A 25 13.13 15.72 3.42
N ASP A 26 11.85 15.90 3.46
CA ASP A 26 11.26 17.20 3.03
C ASP A 26 10.62 17.88 4.22
N GLU A 27 11.03 19.09 4.52
CA GLU A 27 10.44 19.82 5.68
C GLU A 27 8.92 19.73 5.67
N ASN A 28 8.39 19.52 4.51
CA ASN A 28 6.91 19.39 4.37
C ASN A 28 6.59 18.06 3.67
N LEU A 29 7.42 17.07 3.85
CA LEU A 29 7.17 15.75 3.21
C LEU A 29 5.84 15.19 3.70
N LYS A 30 4.88 15.04 2.83
CA LYS A 30 3.56 14.51 3.26
C LYS A 30 3.51 12.99 3.15
N TRP A 31 3.34 12.30 4.26
CA TRP A 31 3.27 10.82 4.21
C TRP A 31 1.80 10.38 4.36
N GLU A 32 1.44 9.27 3.79
CA GLU A 32 0.02 8.80 3.90
C GLU A 32 -0.03 7.34 4.34
N LYS A 33 -1.02 6.98 5.12
CA LYS A 33 -1.14 5.56 5.57
C LYS A 33 -2.60 5.10 5.49
N ASN A 34 -2.84 3.93 4.95
CA ASN A 34 -4.24 3.42 4.83
C ASN A 34 -5.14 4.46 4.15
N GLY A 35 -4.57 5.30 3.31
CA GLY A 35 -5.39 6.33 2.61
C GLY A 35 -5.65 7.49 3.56
N GLN A 36 -4.75 7.76 4.47
CA GLN A 36 -4.96 8.89 5.42
C GLN A 36 -3.63 9.59 5.70
N GLU A 37 -3.56 10.87 5.46
CA GLU A 37 -2.30 11.63 5.71
C GLU A 37 -2.01 11.68 7.21
N LEU A 38 -0.76 11.78 7.58
CA LEU A 38 -0.42 11.86 9.04
C LEU A 38 0.54 13.02 9.30
N PRO A 39 -0.01 14.09 9.85
CA PRO A 39 0.82 15.29 10.15
C PRO A 39 1.73 15.01 11.36
N GLN A 40 2.82 14.34 11.14
CA GLN A 40 3.76 14.04 12.26
C GLN A 40 5.09 13.52 11.71
N LYS A 41 5.07 12.42 11.01
CA LYS A 41 6.34 11.88 10.44
C LYS A 41 6.65 12.53 9.10
N HIS A 42 7.36 13.63 9.11
CA HIS A 42 7.69 14.33 7.84
C HIS A 42 9.11 13.99 7.39
N ASP A 43 9.64 12.88 7.86
CA ASP A 43 11.02 12.49 7.46
C ASP A 43 10.99 11.58 6.23
N LYS A 44 12.08 11.46 5.54
CA LYS A 44 12.13 10.59 4.33
C LYS A 44 11.61 9.18 4.66
N HIS A 45 11.94 8.67 5.82
CA HIS A 45 11.48 7.30 6.19
C HIS A 45 10.18 7.38 7.01
N LEU A 46 9.45 6.29 7.06
CA LEU A 46 8.18 6.28 7.83
C LEU A 46 8.22 5.18 8.90
N VAL A 47 8.61 5.51 10.10
CA VAL A 47 8.65 4.47 11.16
C VAL A 47 7.27 4.30 11.78
N LEU A 48 6.82 3.09 11.90
CA LEU A 48 5.48 2.83 12.50
C LEU A 48 5.64 2.02 13.79
N GLN A 49 5.55 2.66 14.92
CA GLN A 49 5.71 1.92 16.21
C GLN A 49 4.46 1.08 16.48
N ASP A 50 4.62 -0.08 17.07
CA ASP A 50 3.45 -0.95 17.36
C ASP A 50 2.61 -1.14 16.08
N PHE A 51 3.23 -1.61 15.04
CA PHE A 51 2.49 -1.80 13.76
C PHE A 51 1.48 -2.95 13.88
N SER A 52 0.25 -2.65 14.16
CA SER A 52 -0.79 -3.72 14.28
C SER A 52 -1.27 -4.14 12.89
N GLU A 53 -0.92 -5.31 12.45
CA GLU A 53 -1.35 -5.78 11.11
C GLU A 53 -2.85 -5.59 10.92
N VAL A 54 -3.59 -5.61 11.98
CA VAL A 54 -5.08 -5.44 11.87
C VAL A 54 -5.43 -4.08 11.27
N GLU A 55 -5.08 -3.01 11.93
CA GLU A 55 -5.41 -1.65 11.38
C GLU A 55 -4.19 -0.96 10.80
N ASP A 56 -3.01 -1.30 11.26
CA ASP A 56 -1.78 -0.64 10.73
C ASP A 56 -1.49 -1.13 9.30
N SER A 57 -1.84 -2.35 8.99
CA SER A 57 -1.59 -2.88 7.61
C SER A 57 -2.43 -2.11 6.60
N GLY A 58 -1.86 -1.77 5.47
CA GLY A 58 -2.64 -1.02 4.45
C GLY A 58 -1.71 -0.45 3.38
N TYR A 59 -2.06 0.67 2.80
CA TYR A 59 -1.19 1.28 1.75
C TYR A 59 -0.38 2.44 2.34
N TYR A 60 0.75 2.76 1.75
CA TYR A 60 1.57 3.88 2.27
C TYR A 60 2.19 4.67 1.12
N VAL A 61 1.97 5.97 1.10
CA VAL A 61 2.53 6.81 0.00
C VAL A 61 3.00 8.15 0.56
N CYS A 62 4.02 8.74 0.00
CA CYS A 62 4.50 10.05 0.54
C CYS A 62 4.94 10.97 -0.62
N TYR A 63 4.65 12.24 -0.50
CA TYR A 63 5.04 13.20 -1.57
C TYR A 63 5.14 14.61 -1.00
N THR A 64 5.54 15.57 -1.81
CA THR A 64 5.65 16.97 -1.32
C THR A 64 5.13 17.95 -2.38
N PRO A 65 5.01 19.20 -2.02
CA PRO A 65 4.54 20.22 -3.00
C PRO A 65 5.61 20.41 -4.08
N ALA A 66 6.85 20.12 -3.75
CA ALA A 66 7.94 20.27 -4.75
C ALA A 66 8.23 18.90 -5.38
N SER A 67 7.94 17.84 -4.66
CA SER A 67 8.18 16.47 -5.21
C SER A 67 6.91 15.96 -5.89
N ASN A 68 7.02 15.58 -7.14
CA ASN A 68 5.82 15.07 -7.88
C ASN A 68 5.07 14.01 -7.08
N LYS A 69 3.94 13.57 -7.55
CA LYS A 69 3.17 12.54 -6.80
C LYS A 69 3.99 11.26 -6.67
N ASN A 70 3.78 10.52 -5.62
CA ASN A 70 4.58 9.28 -5.42
C ASN A 70 3.70 8.03 -5.51
N THR A 71 4.32 6.90 -5.68
CA THR A 71 3.56 5.62 -5.81
C THR A 71 3.06 5.16 -4.44
N TYR A 72 2.07 4.32 -4.41
CA TYR A 72 1.56 3.81 -3.11
C TYR A 72 2.28 2.51 -2.77
N LEU A 73 2.32 2.15 -1.53
CA LEU A 73 3.01 0.90 -1.13
C LEU A 73 2.11 0.05 -0.23
N TYR A 74 1.88 -1.19 -0.60
CA TYR A 74 1.02 -2.06 0.24
C TYR A 74 1.87 -2.72 1.32
N LEU A 75 1.90 -2.15 2.49
CA LEU A 75 2.73 -2.73 3.59
C LEU A 75 1.91 -3.73 4.40
N LYS A 76 2.29 -4.99 4.38
CA LYS A 76 1.56 -6.02 5.15
C LYS A 76 2.53 -6.81 6.02
N ALA A 77 2.61 -6.47 7.29
CA ALA A 77 3.55 -7.20 8.18
C ALA A 77 2.81 -7.71 9.43
N ARG A 78 3.45 -8.53 10.21
CA ARG A 78 2.78 -9.05 11.44
C ARG A 78 3.70 -8.90 12.66
N VAL A 79 3.29 -8.15 13.63
CA VAL A 79 4.11 -8.00 14.86
C VAL A 79 3.19 -7.85 16.05
N GLY A 80 3.24 -8.78 16.94
CA GLY A 80 2.37 -8.74 18.15
C GLY A 80 1.78 -10.12 18.41
N SER A 81 1.64 -10.50 19.66
CA SER A 81 1.07 -11.84 19.98
C SER A 81 -0.38 -11.92 19.49
N ALA A 82 -0.90 -13.11 19.37
CA ALA A 82 -2.32 -13.25 18.90
C ALA A 82 -3.01 -14.39 19.66
N ASP A 83 -4.31 -14.30 19.82
CA ASP A 83 -5.04 -15.37 20.55
C ASP A 83 -6.45 -15.51 19.98
N ASP A 84 -7.12 -16.60 20.29
CA ASP A 84 -8.51 -16.80 19.77
C ASP A 84 -9.47 -17.10 20.93
N ALA A 85 -9.59 -16.19 21.85
CA ALA A 85 -10.51 -16.41 23.01
C ALA A 85 -10.79 -15.09 23.74
N LYS A 86 -10.84 -14.00 23.00
CA LYS A 86 -11.11 -12.67 23.64
C LYS A 86 -10.13 -12.43 24.79
N LYS A 87 -8.87 -12.69 24.56
CA LYS A 87 -7.85 -12.47 25.63
C LYS A 87 -6.48 -12.18 25.01
N ASP A 88 -5.95 -11.01 25.22
CA ASP A 88 -4.62 -10.66 24.64
C ASP A 88 -3.96 -9.54 25.45
N ALA A 89 -2.81 -9.10 25.03
CA ALA A 89 -2.12 -8.01 25.78
C ALA A 89 -2.83 -6.68 25.56
N ALA A 90 -3.30 -6.44 24.36
CA ALA A 90 -4.02 -5.16 24.07
C ALA A 90 -5.54 -5.36 24.20
N LYS A 91 -6.16 -4.65 25.09
CA LYS A 91 -7.64 -4.80 25.27
C LYS A 91 -8.37 -3.68 24.52
N LYS A 92 -9.21 -4.04 23.59
CA LYS A 92 -9.96 -3.00 22.82
C LYS A 92 -10.90 -2.23 23.75
N ASP A 93 -10.44 -1.13 24.29
CA ASP A 93 -11.30 -0.33 25.21
C ASP A 93 -11.43 1.10 24.69
N ASP A 94 -12.37 1.35 23.83
CA ASP A 94 -12.54 2.74 23.30
C ASP A 94 -13.79 3.39 23.91
N ALA A 95 -14.92 2.73 23.82
CA ALA A 95 -16.18 3.31 24.40
C ALA A 95 -16.40 4.73 23.89
N LYS A 96 -15.90 5.03 22.72
CA LYS A 96 -16.09 6.41 22.15
C LYS A 96 -17.37 6.47 21.32
N LYS A 97 -17.97 7.62 21.22
CA LYS A 97 -19.23 7.75 20.42
C LYS A 97 -19.44 9.20 19.99
N ASP A 98 -20.24 9.43 18.99
CA ASP A 98 -20.48 10.82 18.52
C ASP A 98 -21.89 10.94 17.94
N ASP A 99 -22.45 12.12 17.95
CA ASP A 99 -23.82 12.31 17.40
C ASP A 99 -23.76 12.48 15.88
N ALA A 100 -24.80 12.15 15.19
CA ALA A 100 -24.81 12.29 13.69
C ALA A 100 -26.02 13.11 13.24
N LYS A 101 -26.16 13.31 11.96
CA LYS A 101 -27.31 14.11 11.46
C LYS A 101 -27.99 13.38 10.29
N LYS A 102 -27.34 13.34 9.15
CA LYS A 102 -27.95 12.64 7.98
C LYS A 102 -26.89 11.77 7.29
N ASP A 103 -26.50 10.70 7.92
CA ASP A 103 -25.46 9.80 7.31
C ASP A 103 -26.13 8.83 6.33
N GLY A 104 -25.40 8.35 5.37
CA GLY A 104 -25.98 7.39 4.39
C GLY A 104 -25.32 7.59 3.02
N SER A 105 -24.92 8.80 2.72
CA SER A 105 -24.27 9.07 1.41
C SER A 105 -22.81 8.58 1.43
N GLN A 106 -22.08 8.83 0.37
CA GLN A 106 -20.66 8.39 0.32
C GLN A 106 -19.75 9.56 -0.07
N THR A 107 -18.47 9.45 0.21
CA THR A 107 -17.53 10.55 -0.14
C THR A 107 -17.14 10.46 -1.62
N ASN A 108 -16.40 11.41 -2.11
CA ASN A 108 -15.98 11.38 -3.54
C ASN A 108 -14.98 10.24 -3.77
N LYS A 109 -15.39 9.21 -4.44
CA LYS A 109 -14.46 8.06 -4.69
C LYS A 109 -13.74 8.27 -6.02
N ALA A 110 -12.44 8.42 -5.98
CA ALA A 110 -11.65 8.63 -7.23
C ALA A 110 -11.35 7.28 -7.89
N LYS A 111 -10.89 7.30 -9.11
CA LYS A 111 -10.56 6.01 -9.81
C LYS A 111 -9.75 6.29 -11.07
N ARG A 112 -8.74 7.13 -10.96
CA ARG A 112 -7.91 7.43 -12.17
C ARG A 112 -6.45 7.03 -11.90
N ALA A 113 -6.23 5.81 -11.48
CA ALA A 113 -4.85 5.35 -11.20
C ALA A 113 -4.82 3.83 -11.02
N LEU A 114 -3.70 3.29 -10.63
CA LEU A 114 -3.64 1.80 -10.43
C LEU A 114 -3.89 1.43 -8.98
N GLU A 115 -4.33 0.22 -8.75
CA GLU A 115 -4.61 -0.24 -7.37
C GLU A 115 -4.57 -1.76 -7.31
N VAL A 116 -4.64 -2.32 -6.13
CA VAL A 116 -4.61 -3.82 -6.02
C VAL A 116 -5.65 -4.28 -5.00
N LEU A 117 -6.33 -5.36 -5.26
CA LEU A 117 -7.37 -5.85 -4.32
C LEU A 117 -7.23 -7.36 -4.10
N GLU A 118 -7.42 -7.81 -2.89
CA GLU A 118 -7.30 -9.27 -2.61
C GLU A 118 -8.69 -9.92 -2.61
N ALA A 119 -8.99 -10.70 -3.63
CA ALA A 119 -10.31 -11.36 -3.70
C ALA A 119 -10.16 -12.86 -3.99
N GLU A 120 -11.07 -13.66 -3.50
CA GLU A 120 -10.99 -15.13 -3.74
C GLU A 120 -9.59 -15.65 -3.36
N ASP A 121 -9.10 -15.27 -2.21
CA ASP A 121 -7.74 -15.73 -1.78
C ASP A 121 -6.70 -15.39 -2.86
N LYS A 122 -6.99 -14.42 -3.69
CA LYS A 122 -6.02 -14.05 -4.76
C LYS A 122 -5.81 -12.53 -4.77
N VAL A 123 -4.88 -12.06 -5.56
CA VAL A 123 -4.62 -10.59 -5.61
C VAL A 123 -4.46 -10.12 -7.06
N ILE A 124 -5.18 -9.10 -7.44
CA ILE A 124 -5.08 -8.59 -8.84
C ILE A 124 -4.78 -7.08 -8.85
N LEU A 125 -4.11 -6.62 -9.87
CA LEU A 125 -3.79 -5.16 -9.96
C LEU A 125 -4.76 -4.49 -10.92
N LYS A 126 -5.40 -3.43 -10.52
CA LYS A 126 -6.37 -2.76 -11.42
C LYS A 126 -5.87 -1.39 -11.84
N CYS A 127 -6.03 -1.06 -13.10
CA CYS A 127 -5.59 0.27 -13.62
C CYS A 127 -6.66 0.82 -14.56
N ASN A 128 -6.63 2.09 -14.84
CA ASN A 128 -7.64 2.67 -15.77
C ASN A 128 -7.47 2.08 -17.18
N SER A 129 -6.45 1.28 -17.40
CA SER A 129 -6.25 0.69 -18.76
C SER A 129 -5.07 -0.30 -18.72
N SER A 130 -4.30 -0.38 -19.78
CA SER A 130 -3.14 -1.32 -19.79
C SER A 130 -2.29 -1.10 -18.54
N ILE A 131 -1.94 -2.14 -17.85
CA ILE A 131 -1.11 -1.98 -16.62
C ILE A 131 0.37 -2.12 -16.94
N THR A 132 1.16 -1.14 -16.57
CA THR A 132 2.61 -1.22 -16.85
C THR A 132 3.30 -2.11 -15.81
N LEU A 133 4.13 -3.02 -16.24
CA LEU A 133 4.83 -3.92 -15.28
C LEU A 133 6.20 -3.33 -14.90
N LEU A 134 6.32 -2.77 -13.73
CA LEU A 134 7.63 -2.19 -13.31
C LEU A 134 8.59 -3.31 -12.95
N GLN A 135 8.27 -4.07 -11.93
CA GLN A 135 9.16 -5.19 -11.50
C GLN A 135 8.51 -5.97 -10.36
N GLY A 136 9.22 -6.91 -9.81
CA GLY A 136 8.65 -7.71 -8.68
C GLY A 136 7.72 -8.79 -9.22
N THR A 137 6.54 -8.89 -8.70
CA THR A 137 5.57 -9.93 -9.15
C THR A 137 4.99 -9.58 -10.52
N ALA A 138 5.58 -10.09 -11.57
CA ALA A 138 5.04 -9.83 -12.93
C ALA A 138 4.04 -10.93 -13.29
N GLY A 139 2.96 -10.99 -12.57
CA GLY A 139 1.92 -12.03 -12.81
C GLY A 139 1.51 -12.09 -14.28
N GLN A 140 0.24 -11.97 -14.54
CA GLN A 140 -0.24 -12.03 -15.95
C GLN A 140 -1.50 -11.18 -16.12
N GLU A 141 -1.66 -10.58 -17.26
CA GLU A 141 -2.86 -9.73 -17.49
C GLU A 141 -4.12 -10.60 -17.44
N VAL A 142 -4.93 -10.42 -16.43
CA VAL A 142 -6.18 -11.24 -16.29
C VAL A 142 -6.96 -11.29 -17.61
N SER A 143 -7.51 -10.18 -18.04
CA SER A 143 -8.30 -10.19 -19.30
C SER A 143 -7.45 -9.66 -20.47
N ASP A 144 -6.97 -8.45 -20.38
CA ASP A 144 -6.15 -7.88 -21.49
C ASP A 144 -5.73 -6.45 -21.17
N ASN A 145 -4.53 -6.26 -20.68
CA ASN A 145 -4.05 -4.88 -20.35
C ASN A 145 -5.08 -4.15 -19.49
N LYS A 146 -5.30 -4.60 -18.29
CA LYS A 146 -6.29 -3.94 -17.40
C LYS A 146 -6.21 -4.54 -15.99
N THR A 147 -6.05 -5.83 -15.90
CA THR A 147 -5.96 -6.49 -14.58
C THR A 147 -4.78 -7.46 -14.55
N LEU A 148 -4.11 -7.57 -13.42
CA LEU A 148 -2.95 -8.50 -13.33
C LEU A 148 -3.31 -9.68 -12.44
N ASN A 149 -2.73 -10.82 -12.68
CA ASN A 149 -3.04 -12.01 -11.84
C ASN A 149 -1.74 -12.56 -11.24
N LEU A 150 -1.42 -12.17 -10.03
CA LEU A 150 -0.17 -12.68 -9.39
C LEU A 150 -0.43 -14.07 -8.82
N GLY A 151 -1.65 -14.35 -8.43
CA GLY A 151 -1.96 -15.69 -7.86
C GLY A 151 -2.50 -15.53 -6.45
N LYS A 152 -2.36 -16.53 -5.63
CA LYS A 152 -2.86 -16.43 -4.23
C LYS A 152 -2.05 -15.40 -3.44
N ARG A 153 -2.42 -15.16 -2.20
CA ARG A 153 -1.67 -14.17 -1.38
C ARG A 153 -0.57 -14.88 -0.59
N ILE A 154 -0.66 -16.18 -0.51
CA ILE A 154 0.36 -16.96 0.24
C ILE A 154 1.69 -16.96 -0.53
N GLU A 155 1.66 -16.52 -1.77
CA GLU A 155 2.92 -16.50 -2.57
C GLU A 155 3.76 -15.24 -2.25
N ASP A 156 3.31 -14.45 -1.30
CA ASP A 156 4.08 -13.22 -0.95
C ASP A 156 4.27 -12.32 -2.18
N PRO A 157 3.23 -11.66 -2.57
CA PRO A 157 3.28 -10.76 -3.75
C PRO A 157 4.11 -9.51 -3.41
N ARG A 158 5.07 -9.18 -4.22
CA ARG A 158 5.90 -7.97 -3.94
C ARG A 158 6.44 -7.38 -5.25
N GLY A 159 6.05 -6.18 -5.58
CA GLY A 159 6.54 -5.56 -6.84
C GLY A 159 5.84 -4.23 -7.05
N MET A 160 5.86 -3.71 -8.26
CA MET A 160 5.19 -2.40 -8.53
C MET A 160 4.51 -2.44 -9.89
N TYR A 161 3.51 -1.62 -10.09
CA TYR A 161 2.80 -1.61 -11.40
C TYR A 161 2.31 -0.20 -11.71
N GLN A 162 2.77 0.37 -12.80
CA GLN A 162 2.32 1.75 -13.16
C GLN A 162 1.16 1.66 -14.15
N CYS A 163 0.41 2.71 -14.30
CA CYS A 163 -0.74 2.69 -15.25
C CYS A 163 -0.28 3.15 -16.63
N GLY A 164 -1.17 3.17 -17.59
CA GLY A 164 -0.79 3.62 -18.96
C GLY A 164 -1.17 5.09 -19.13
N GLU A 165 -0.66 5.72 -20.15
CA GLU A 165 -0.99 7.16 -20.37
C GLU A 165 -2.40 7.29 -20.96
N ASN A 166 -3.26 8.03 -20.32
CA ASN A 166 -4.65 8.21 -20.84
C ASN A 166 -5.39 9.25 -20.01
N ALA A 167 -5.74 8.92 -18.79
CA ALA A 167 -6.47 9.90 -17.93
C ALA A 167 -5.54 10.43 -16.82
N LYS A 168 -4.64 9.61 -16.36
CA LYS A 168 -3.71 10.05 -15.29
C LYS A 168 -2.66 8.97 -15.02
N SER A 169 -1.43 9.27 -15.24
CA SER A 169 -0.35 8.26 -15.00
C SER A 169 -0.16 8.05 -13.50
N PHE A 170 -0.28 6.83 -13.05
CA PHE A 170 -0.11 6.54 -11.59
C PHE A 170 0.77 5.31 -11.38
N THR A 171 1.31 5.15 -10.20
CA THR A 171 2.18 3.97 -9.92
C THR A 171 1.91 3.43 -8.52
N LEU A 172 1.94 2.13 -8.35
CA LEU A 172 1.69 1.55 -7.01
C LEU A 172 2.60 0.35 -6.79
N GLN A 173 3.17 0.24 -5.61
CA GLN A 173 4.06 -0.92 -5.30
C GLN A 173 3.44 -1.78 -4.21
N VAL A 174 3.65 -3.07 -4.25
CA VAL A 174 3.06 -3.97 -3.22
C VAL A 174 4.17 -4.66 -2.40
N TYR A 175 3.95 -4.84 -1.13
CA TYR A 175 4.97 -5.50 -0.28
C TYR A 175 4.28 -6.40 0.75
N TYR A 176 4.14 -7.66 0.45
CA TYR A 176 3.47 -8.59 1.41
C TYR A 176 4.51 -9.27 2.30
N ARG A 177 4.45 -9.02 3.59
CA ARG A 177 5.42 -9.65 4.54
C ARG A 177 6.86 -9.39 4.06
N MET A 178 7.83 -9.95 4.73
CA MET A 178 9.25 -9.74 4.33
C MET A 178 10.01 -11.07 4.36
N ASP A 1 21.84 5.60 -17.45
CA ASP A 1 22.39 4.43 -16.71
C ASP A 1 21.28 3.42 -16.44
N ASP A 2 21.59 2.36 -15.72
CA ASP A 2 20.55 1.33 -15.42
C ASP A 2 20.58 0.96 -13.93
N ALA A 3 19.77 1.60 -13.14
CA ALA A 3 19.76 1.28 -11.67
C ALA A 3 18.54 1.92 -11.00
N GLU A 4 18.51 3.23 -10.93
CA GLU A 4 17.36 3.93 -10.29
C GLU A 4 17.21 3.49 -8.83
N ASN A 5 16.53 4.27 -8.03
CA ASN A 5 16.35 3.91 -6.59
C ASN A 5 15.30 4.82 -5.95
N ILE A 6 14.36 5.32 -6.71
CA ILE A 6 13.32 6.21 -6.15
C ILE A 6 12.08 5.42 -5.75
N GLU A 7 12.23 4.15 -5.50
CA GLU A 7 11.05 3.32 -5.11
C GLU A 7 10.88 3.34 -3.59
N TYR A 8 9.84 2.70 -3.10
CA TYR A 8 9.60 2.69 -1.62
C TYR A 8 10.52 1.66 -0.95
N LYS A 9 10.99 1.95 0.23
CA LYS A 9 11.87 0.99 0.95
C LYS A 9 11.22 0.61 2.28
N VAL A 10 11.60 -0.51 2.84
CA VAL A 10 10.98 -0.95 4.12
C VAL A 10 12.02 -1.61 5.03
N SER A 11 11.94 -1.36 6.32
CA SER A 11 12.91 -1.99 7.27
C SER A 11 12.23 -2.19 8.63
N ILE A 12 11.61 -3.32 8.84
CA ILE A 12 10.94 -3.56 10.15
C ILE A 12 11.88 -4.19 11.16
N SER A 13 11.88 -3.69 12.35
CA SER A 13 12.76 -4.26 13.43
C SER A 13 11.88 -4.64 14.61
N GLY A 14 11.66 -5.91 14.83
CA GLY A 14 10.78 -6.33 15.95
C GLY A 14 9.35 -5.95 15.59
N THR A 15 8.77 -5.03 16.30
CA THR A 15 7.38 -4.60 15.97
C THR A 15 7.40 -3.14 15.51
N SER A 16 8.39 -2.78 14.74
CA SER A 16 8.47 -1.38 14.22
C SER A 16 8.60 -1.44 12.70
N VAL A 17 8.22 -0.40 12.02
CA VAL A 17 8.31 -0.44 10.54
C VAL A 17 8.75 0.93 9.98
N GLU A 18 9.98 1.03 9.56
CA GLU A 18 10.46 2.32 9.00
C GLU A 18 10.46 2.26 7.47
N LEU A 19 9.59 2.99 6.83
CA LEU A 19 9.54 2.94 5.34
C LEU A 19 10.18 4.20 4.76
N THR A 20 11.02 4.05 3.77
CA THR A 20 11.68 5.25 3.17
C THR A 20 10.86 5.77 2.00
N CYS A 21 10.34 6.96 2.11
CA CYS A 21 9.56 7.55 1.00
C CYS A 21 10.32 7.36 -0.33
N PRO A 22 9.60 7.06 -1.38
CA PRO A 22 10.26 6.84 -2.70
C PRO A 22 10.85 8.13 -3.28
N LEU A 23 11.39 8.99 -2.45
CA LEU A 23 12.00 10.24 -2.98
C LEU A 23 12.91 10.86 -1.91
N ASP A 24 13.47 12.01 -2.19
CA ASP A 24 14.37 12.66 -1.20
C ASP A 24 13.60 13.06 0.06
N SER A 25 14.30 13.51 1.06
CA SER A 25 13.64 13.92 2.32
C SER A 25 13.20 15.40 2.22
N ASP A 26 11.99 15.68 2.58
CA ASP A 26 11.49 17.07 2.52
C ASP A 26 11.18 17.54 3.93
N GLU A 27 11.71 18.66 4.32
CA GLU A 27 11.45 19.20 5.69
C GLU A 27 9.95 19.15 5.98
N ASN A 28 9.17 19.21 4.95
CA ASN A 28 7.69 19.14 5.10
C ASN A 28 7.16 17.96 4.28
N LEU A 29 7.96 16.92 4.15
CA LEU A 29 7.53 15.73 3.38
C LEU A 29 6.26 15.15 4.01
N LYS A 30 5.18 15.12 3.29
CA LYS A 30 3.91 14.58 3.87
C LYS A 30 3.80 13.07 3.64
N TRP A 31 3.32 12.35 4.62
CA TRP A 31 3.17 10.88 4.47
C TRP A 31 1.69 10.50 4.48
N GLU A 32 1.37 9.26 4.24
CA GLU A 32 -0.07 8.85 4.24
C GLU A 32 -0.22 7.43 4.79
N LYS A 33 -1.24 7.20 5.56
CA LYS A 33 -1.45 5.82 6.14
C LYS A 33 -2.83 5.29 5.75
N ASN A 34 -2.88 4.33 4.87
CA ASN A 34 -4.18 3.75 4.43
C ASN A 34 -5.13 4.86 3.94
N GLY A 35 -4.77 5.54 2.89
CA GLY A 35 -5.64 6.61 2.35
C GLY A 35 -5.83 7.71 3.40
N GLN A 36 -4.96 7.78 4.38
CA GLN A 36 -5.10 8.83 5.43
C GLN A 36 -3.88 9.76 5.42
N GLU A 37 -4.00 10.92 5.99
CA GLU A 37 -2.84 11.87 6.01
C GLU A 37 -2.03 11.68 7.29
N LEU A 38 -0.73 11.79 7.20
CA LEU A 38 0.14 11.63 8.40
C LEU A 38 0.76 12.98 8.80
N PRO A 39 0.09 13.68 9.69
CA PRO A 39 0.61 14.99 10.15
C PRO A 39 1.83 14.80 11.04
N GLN A 40 2.65 15.82 11.16
CA GLN A 40 3.87 15.72 12.02
C GLN A 40 4.78 14.60 11.50
N LYS A 41 6.04 14.66 11.84
CA LYS A 41 7.00 13.61 11.37
C LYS A 41 7.05 13.58 9.84
N HIS A 42 7.84 14.44 9.25
CA HIS A 42 7.93 14.47 7.76
C HIS A 42 9.35 14.07 7.31
N ASP A 43 9.85 12.99 7.82
CA ASP A 43 11.21 12.55 7.42
C ASP A 43 11.11 11.52 6.28
N LYS A 44 12.16 11.38 5.52
CA LYS A 44 12.14 10.41 4.39
C LYS A 44 11.78 9.00 4.88
N HIS A 45 11.99 8.74 6.16
CA HIS A 45 11.66 7.38 6.69
C HIS A 45 10.41 7.44 7.58
N LEU A 46 9.55 6.46 7.47
CA LEU A 46 8.32 6.45 8.31
C LEU A 46 8.39 5.31 9.34
N VAL A 47 8.84 5.60 10.53
CA VAL A 47 8.92 4.52 11.55
C VAL A 47 7.55 4.34 12.22
N LEU A 48 7.06 3.13 12.24
CA LEU A 48 5.75 2.87 12.88
C LEU A 48 5.95 1.98 14.10
N GLN A 49 5.87 2.55 15.27
CA GLN A 49 6.06 1.73 16.51
C GLN A 49 4.83 0.86 16.75
N ASP A 50 5.03 -0.38 17.12
CA ASP A 50 3.86 -1.29 17.37
C ASP A 50 2.97 -1.32 16.13
N PHE A 51 3.49 -1.77 15.02
CA PHE A 51 2.67 -1.82 13.77
C PHE A 51 1.88 -3.13 13.70
N SER A 52 0.65 -3.11 14.12
CA SER A 52 -0.19 -4.35 14.06
C SER A 52 -0.70 -4.56 12.64
N GLU A 53 -0.83 -5.80 12.22
CA GLU A 53 -1.34 -6.07 10.84
C GLU A 53 -2.86 -5.94 10.77
N VAL A 54 -3.50 -5.56 11.84
CA VAL A 54 -4.98 -5.43 11.83
C VAL A 54 -5.39 -4.00 11.48
N GLU A 55 -4.91 -3.02 12.20
CA GLU A 55 -5.29 -1.62 11.92
C GLU A 55 -4.14 -0.86 11.24
N ASP A 56 -2.93 -1.33 11.39
CA ASP A 56 -1.77 -0.61 10.76
C ASP A 56 -1.56 -1.09 9.32
N SER A 57 -1.91 -2.32 9.04
CA SER A 57 -1.73 -2.84 7.64
C SER A 57 -2.55 -2.02 6.65
N GLY A 58 -2.03 -1.76 5.48
CA GLY A 58 -2.77 -0.96 4.48
C GLY A 58 -1.80 -0.33 3.48
N TYR A 59 -2.25 0.66 2.75
CA TYR A 59 -1.36 1.32 1.75
C TYR A 59 -0.65 2.52 2.39
N TYR A 60 0.48 2.89 1.86
CA TYR A 60 1.23 4.06 2.43
C TYR A 60 1.91 4.86 1.32
N VAL A 61 1.88 6.17 1.40
CA VAL A 61 2.52 7.01 0.34
C VAL A 61 2.88 8.39 0.91
N CYS A 62 3.80 9.07 0.30
CA CYS A 62 4.20 10.42 0.80
C CYS A 62 4.48 11.36 -0.36
N TYR A 63 4.34 12.64 -0.15
CA TYR A 63 4.60 13.62 -1.24
C TYR A 63 4.92 14.99 -0.65
N THR A 64 5.46 15.88 -1.44
CA THR A 64 5.79 17.25 -0.94
C THR A 64 5.21 18.30 -1.87
N PRO A 65 5.25 19.54 -1.45
CA PRO A 65 4.72 20.65 -2.29
C PRO A 65 5.58 20.86 -3.53
N ALA A 66 6.76 20.30 -3.55
CA ALA A 66 7.65 20.46 -4.73
C ALA A 66 7.81 19.12 -5.46
N SER A 67 7.68 18.03 -4.73
CA SER A 67 7.82 16.69 -5.38
C SER A 67 6.52 15.90 -5.23
N ASN A 68 5.73 15.82 -6.27
CA ASN A 68 4.45 15.05 -6.16
C ASN A 68 4.53 13.80 -7.03
N LYS A 69 4.62 12.65 -6.40
CA LYS A 69 4.68 11.38 -7.18
C LYS A 69 3.60 10.41 -6.69
N ASN A 70 2.56 10.22 -7.46
CA ASN A 70 1.49 9.28 -7.01
C ASN A 70 2.05 7.86 -6.93
N THR A 71 2.40 7.44 -5.74
CA THR A 71 2.97 6.07 -5.58
C THR A 71 2.40 5.42 -4.32
N TYR A 72 1.45 4.53 -4.48
CA TYR A 72 0.87 3.87 -3.28
C TYR A 72 1.62 2.56 -3.03
N LEU A 73 1.83 2.22 -1.79
CA LEU A 73 2.57 0.97 -1.47
C LEU A 73 1.75 0.13 -0.49
N TYR A 74 1.42 -1.08 -0.87
CA TYR A 74 0.63 -1.96 0.03
C TYR A 74 1.55 -2.70 0.99
N LEU A 75 1.61 -2.27 2.22
CA LEU A 75 2.49 -2.95 3.21
C LEU A 75 1.68 -3.82 4.16
N LYS A 76 1.93 -5.09 4.18
CA LYS A 76 1.18 -6.00 5.09
C LYS A 76 2.16 -6.75 5.99
N ALA A 77 2.31 -6.31 7.21
CA ALA A 77 3.26 -6.99 8.15
C ALA A 77 2.59 -7.21 9.51
N ARG A 78 3.07 -8.15 10.27
CA ARG A 78 2.46 -8.41 11.61
C ARG A 78 3.56 -8.53 12.67
N VAL A 79 3.34 -7.93 13.81
CA VAL A 79 4.34 -8.01 14.91
C VAL A 79 3.61 -8.03 16.24
N GLY A 80 3.74 -9.09 16.96
CA GLY A 80 3.06 -9.20 18.28
C GLY A 80 3.96 -9.98 19.25
N SER A 81 3.72 -9.82 20.52
CA SER A 81 4.57 -10.55 21.53
C SER A 81 3.93 -10.48 22.91
N ALA A 82 2.63 -10.56 22.98
CA ALA A 82 1.94 -10.50 24.31
C ALA A 82 0.49 -10.96 24.18
N ASP A 83 -0.17 -11.20 25.29
CA ASP A 83 -1.59 -11.67 25.23
C ASP A 83 -1.72 -12.90 24.34
N ASP A 84 -0.79 -13.82 24.43
CA ASP A 84 -0.85 -15.04 23.58
C ASP A 84 -0.20 -16.22 24.31
N ALA A 85 -0.60 -16.47 25.53
CA ALA A 85 -0.02 -17.61 26.29
C ALA A 85 -0.34 -18.94 25.60
N LYS A 86 0.38 -19.98 25.94
CA LYS A 86 0.12 -21.30 25.30
C LYS A 86 0.16 -21.18 23.76
N LYS A 87 -0.27 -22.20 23.06
CA LYS A 87 -0.25 -22.14 21.58
C LYS A 87 -1.64 -22.47 21.02
N ASP A 88 -2.68 -22.12 21.73
CA ASP A 88 -4.06 -22.42 21.24
C ASP A 88 -5.08 -21.61 22.03
N ALA A 89 -5.29 -20.37 21.66
CA ALA A 89 -6.27 -19.52 22.39
C ALA A 89 -7.09 -18.69 21.40
N ALA A 90 -7.35 -19.22 20.24
CA ALA A 90 -8.15 -18.47 19.23
C ALA A 90 -9.34 -19.32 18.76
N LYS A 91 -10.52 -19.00 19.22
CA LYS A 91 -11.72 -19.79 18.80
C LYS A 91 -12.74 -18.86 18.13
N LYS A 92 -12.91 -17.67 18.64
CA LYS A 92 -13.89 -16.73 18.05
C LYS A 92 -13.27 -15.34 17.90
N ASP A 93 -12.01 -15.28 17.54
CA ASP A 93 -11.33 -13.95 17.38
C ASP A 93 -11.51 -13.10 18.64
N ASP A 94 -11.04 -11.89 18.62
CA ASP A 94 -11.19 -11.00 19.81
C ASP A 94 -11.29 -9.54 19.37
N ALA A 95 -11.80 -9.29 18.20
CA ALA A 95 -11.92 -7.88 17.71
C ALA A 95 -12.86 -7.82 16.50
N LYS A 96 -14.01 -7.24 16.67
CA LYS A 96 -14.97 -7.14 15.53
C LYS A 96 -15.03 -5.71 15.01
N LYS A 97 -13.94 -4.99 15.13
CA LYS A 97 -13.93 -3.58 14.63
C LYS A 97 -14.00 -3.55 13.11
N ASP A 98 -15.13 -3.21 12.56
CA ASP A 98 -15.27 -3.15 11.08
C ASP A 98 -16.25 -2.05 10.67
N ASP A 99 -16.08 -1.50 9.50
CA ASP A 99 -17.01 -0.42 9.04
C ASP A 99 -17.19 -0.49 7.52
N ALA A 100 -18.32 -0.03 7.03
CA ALA A 100 -18.55 -0.08 5.56
C ALA A 100 -19.70 0.88 5.19
N LYS A 101 -20.09 0.89 3.94
CA LYS A 101 -21.20 1.80 3.52
C LYS A 101 -22.19 1.03 2.64
N LYS A 102 -23.45 1.03 3.01
CA LYS A 102 -24.47 0.30 2.20
C LYS A 102 -24.70 1.02 0.87
N ASP A 103 -23.86 0.77 -0.09
CA ASP A 103 -24.03 1.43 -1.42
C ASP A 103 -25.09 0.71 -2.24
N GLY A 104 -25.28 1.13 -3.47
CA GLY A 104 -26.30 0.46 -4.33
C GLY A 104 -25.68 0.10 -5.68
N SER A 105 -24.95 1.02 -6.27
CA SER A 105 -24.32 0.73 -7.60
C SER A 105 -22.91 1.31 -7.63
N GLN A 106 -22.36 1.50 -8.81
CA GLN A 106 -20.98 2.08 -8.92
C GLN A 106 -19.99 1.28 -8.05
N THR A 107 -19.42 0.24 -8.59
CA THR A 107 -18.46 -0.58 -7.81
C THR A 107 -17.02 -0.18 -8.15
N ASN A 108 -16.62 -0.35 -9.38
CA ASN A 108 -15.23 0.01 -9.78
C ASN A 108 -15.22 1.36 -10.51
N LYS A 109 -15.09 2.44 -9.80
CA LYS A 109 -15.07 3.78 -10.45
C LYS A 109 -14.61 4.85 -9.46
N ALA A 110 -13.33 5.08 -9.38
CA ALA A 110 -12.80 6.11 -8.43
C ALA A 110 -12.05 7.20 -9.20
N LYS A 111 -10.95 6.85 -9.81
CA LYS A 111 -10.16 7.86 -10.57
C LYS A 111 -9.14 7.17 -11.47
N ARG A 112 -8.44 7.92 -12.28
CA ARG A 112 -7.42 7.31 -13.18
C ARG A 112 -6.17 6.92 -12.38
N ALA A 113 -6.11 5.70 -11.92
CA ALA A 113 -4.92 5.26 -11.13
C ALA A 113 -4.93 3.74 -10.98
N LEU A 114 -3.88 3.18 -10.43
CA LEU A 114 -3.83 1.69 -10.26
C LEU A 114 -4.04 1.31 -8.80
N GLU A 115 -4.48 0.11 -8.57
CA GLU A 115 -4.71 -0.38 -7.18
C GLU A 115 -4.70 -1.91 -7.16
N VAL A 116 -4.69 -2.50 -5.99
CA VAL A 116 -4.67 -3.99 -5.90
C VAL A 116 -5.64 -4.46 -4.83
N LEU A 117 -6.35 -5.54 -5.08
CA LEU A 117 -7.32 -6.04 -4.06
C LEU A 117 -7.17 -7.56 -3.91
N GLU A 118 -7.44 -8.07 -2.74
CA GLU A 118 -7.31 -9.54 -2.52
C GLU A 118 -8.70 -10.17 -2.32
N ALA A 119 -9.15 -10.97 -3.25
CA ALA A 119 -10.49 -11.60 -3.11
C ALA A 119 -10.39 -13.10 -3.36
N GLU A 120 -11.10 -13.89 -2.58
CA GLU A 120 -11.06 -15.38 -2.77
C GLU A 120 -9.60 -15.87 -2.81
N ASP A 121 -8.82 -15.53 -1.81
CA ASP A 121 -7.40 -15.98 -1.78
C ASP A 121 -6.71 -15.60 -3.09
N LYS A 122 -7.20 -14.60 -3.77
CA LYS A 122 -6.57 -14.19 -5.06
C LYS A 122 -6.29 -12.68 -5.06
N VAL A 123 -5.20 -12.28 -5.67
CA VAL A 123 -4.87 -10.82 -5.70
C VAL A 123 -4.71 -10.35 -7.15
N ILE A 124 -5.27 -9.22 -7.47
CA ILE A 124 -5.17 -8.70 -8.86
C ILE A 124 -4.87 -7.19 -8.86
N LEU A 125 -4.18 -6.72 -9.85
CA LEU A 125 -3.87 -5.26 -9.92
C LEU A 125 -4.82 -4.59 -10.90
N LYS A 126 -5.56 -3.60 -10.47
CA LYS A 126 -6.52 -2.93 -11.40
C LYS A 126 -6.04 -1.55 -11.80
N CYS A 127 -6.12 -1.24 -13.06
CA CYS A 127 -5.70 0.10 -13.55
C CYS A 127 -6.79 0.66 -14.46
N ASN A 128 -6.78 1.94 -14.72
CA ASN A 128 -7.82 2.53 -15.61
C ASN A 128 -7.60 2.07 -17.06
N SER A 129 -6.60 1.26 -17.31
CA SER A 129 -6.35 0.80 -18.70
C SER A 129 -5.22 -0.24 -18.70
N SER A 130 -4.47 -0.34 -19.76
CA SER A 130 -3.35 -1.32 -19.79
C SER A 130 -2.46 -1.15 -18.56
N ILE A 131 -2.01 -2.22 -17.97
CA ILE A 131 -1.16 -2.09 -16.76
C ILE A 131 0.31 -2.27 -17.11
N THR A 132 1.15 -1.42 -16.58
CA THR A 132 2.61 -1.54 -16.86
C THR A 132 3.30 -2.29 -15.72
N LEU A 133 4.09 -3.27 -16.04
CA LEU A 133 4.79 -4.05 -14.97
C LEU A 133 6.14 -3.40 -14.64
N LEU A 134 6.39 -3.12 -13.39
CA LEU A 134 7.69 -2.49 -13.02
C LEU A 134 8.71 -3.57 -12.66
N GLN A 135 8.42 -4.36 -11.65
CA GLN A 135 9.36 -5.44 -11.25
C GLN A 135 8.73 -6.34 -10.19
N GLY A 136 9.49 -7.26 -9.66
CA GLY A 136 8.96 -8.17 -8.61
C GLY A 136 7.66 -8.83 -9.08
N THR A 137 6.61 -8.67 -8.33
CA THR A 137 5.29 -9.27 -8.71
C THR A 137 4.93 -8.92 -10.15
N ALA A 138 5.13 -9.86 -11.05
CA ALA A 138 4.80 -9.63 -12.48
C ALA A 138 3.90 -10.75 -12.97
N GLY A 139 2.74 -10.88 -12.40
CA GLY A 139 1.79 -11.97 -12.79
C GLY A 139 1.47 -11.88 -14.29
N GLN A 140 0.22 -11.80 -14.63
CA GLN A 140 -0.16 -11.73 -16.07
C GLN A 140 -1.36 -10.80 -16.25
N GLU A 141 -1.44 -10.15 -17.37
CA GLU A 141 -2.58 -9.22 -17.62
C GLU A 141 -3.86 -10.01 -17.85
N VAL A 142 -4.97 -9.38 -17.62
CA VAL A 142 -6.28 -10.05 -17.80
C VAL A 142 -6.52 -10.34 -19.29
N SER A 143 -7.75 -10.27 -19.76
CA SER A 143 -8.02 -10.54 -21.20
C SER A 143 -7.09 -9.70 -22.09
N ASP A 144 -6.80 -8.50 -21.69
CA ASP A 144 -5.91 -7.64 -22.52
C ASP A 144 -5.47 -6.40 -21.73
N ASN A 145 -4.31 -6.46 -21.12
CA ASN A 145 -3.78 -5.30 -20.33
C ASN A 145 -4.90 -4.54 -19.61
N LYS A 146 -5.14 -4.87 -18.36
CA LYS A 146 -6.21 -4.17 -17.59
C LYS A 146 -6.23 -4.69 -16.15
N THR A 147 -6.02 -5.96 -15.98
CA THR A 147 -5.99 -6.55 -14.61
C THR A 147 -4.87 -7.58 -14.51
N LEU A 148 -4.06 -7.53 -13.48
CA LEU A 148 -2.95 -8.51 -13.36
C LEU A 148 -3.39 -9.72 -12.52
N ASN A 149 -2.87 -10.87 -12.86
CA ASN A 149 -3.23 -12.10 -12.11
C ASN A 149 -1.97 -12.65 -11.44
N LEU A 150 -1.79 -12.39 -10.18
CA LEU A 150 -0.58 -12.89 -9.47
C LEU A 150 -0.84 -14.28 -8.89
N GLY A 151 -2.09 -14.60 -8.64
CA GLY A 151 -2.42 -15.94 -8.07
C GLY A 151 -2.86 -15.77 -6.61
N LYS A 152 -2.19 -16.42 -5.69
CA LYS A 152 -2.56 -16.31 -4.26
C LYS A 152 -1.68 -15.27 -3.56
N ARG A 153 -2.00 -14.95 -2.34
CA ARG A 153 -1.18 -13.95 -1.58
C ARG A 153 -0.10 -14.67 -0.77
N ILE A 154 -0.27 -15.96 -0.58
CA ILE A 154 0.73 -16.74 0.21
C ILE A 154 2.03 -16.88 -0.60
N GLU A 155 2.03 -16.46 -1.83
CA GLU A 155 3.27 -16.56 -2.66
C GLU A 155 4.21 -15.37 -2.39
N ASP A 156 3.97 -14.62 -1.36
CA ASP A 156 4.84 -13.45 -1.04
C ASP A 156 4.93 -12.50 -2.26
N PRO A 157 3.83 -11.88 -2.57
CA PRO A 157 3.80 -10.94 -3.71
C PRO A 157 4.51 -9.64 -3.34
N ARG A 158 5.48 -9.23 -4.12
CA ARG A 158 6.22 -7.97 -3.81
C ARG A 158 6.76 -7.34 -5.09
N GLY A 159 6.18 -6.26 -5.52
CA GLY A 159 6.67 -5.60 -6.76
C GLY A 159 5.90 -4.30 -6.97
N MET A 160 5.91 -3.78 -8.17
CA MET A 160 5.18 -2.52 -8.44
C MET A 160 4.51 -2.58 -9.81
N TYR A 161 3.39 -1.93 -9.96
CA TYR A 161 2.69 -1.94 -11.28
C TYR A 161 2.23 -0.53 -11.64
N GLN A 162 2.71 0.01 -12.72
CA GLN A 162 2.29 1.38 -13.13
C GLN A 162 1.15 1.30 -14.13
N CYS A 163 0.36 2.33 -14.23
CA CYS A 163 -0.78 2.30 -15.21
C CYS A 163 -0.28 2.65 -16.61
N GLY A 164 -1.16 2.67 -17.57
CA GLY A 164 -0.74 3.00 -18.96
C GLY A 164 -0.76 4.52 -19.15
N GLU A 165 -0.21 4.99 -20.24
CA GLU A 165 -0.19 6.46 -20.49
C GLU A 165 -1.61 6.97 -20.75
N ASN A 166 -2.04 7.94 -19.98
CA ASN A 166 -3.42 8.48 -20.18
C ASN A 166 -3.51 9.89 -19.57
N ALA A 167 -4.68 10.28 -19.11
CA ALA A 167 -4.84 11.63 -18.50
C ALA A 167 -3.87 11.80 -17.32
N LYS A 168 -3.42 10.70 -16.75
CA LYS A 168 -2.48 10.79 -15.60
C LYS A 168 -1.95 9.40 -15.25
N SER A 169 -0.68 9.19 -15.43
CA SER A 169 -0.07 7.87 -15.12
C SER A 169 0.00 7.66 -13.60
N PHE A 170 -0.20 6.44 -13.16
CA PHE A 170 -0.14 6.16 -11.69
C PHE A 170 0.74 4.93 -11.43
N THR A 171 1.31 4.84 -10.25
CA THR A 171 2.18 3.67 -9.94
C THR A 171 1.93 3.16 -8.52
N LEU A 172 1.97 1.87 -8.33
CA LEU A 172 1.73 1.29 -6.99
C LEU A 172 2.78 0.20 -6.71
N GLN A 173 3.30 0.17 -5.51
CA GLN A 173 4.32 -0.87 -5.18
C GLN A 173 3.81 -1.78 -4.03
N VAL A 174 3.49 -3.00 -4.34
CA VAL A 174 2.98 -3.93 -3.27
C VAL A 174 4.15 -4.52 -2.48
N TYR A 175 3.95 -4.73 -1.21
CA TYR A 175 5.03 -5.32 -0.37
C TYR A 175 4.42 -6.20 0.72
N TYR A 176 4.30 -7.47 0.48
CA TYR A 176 3.71 -8.38 1.50
C TYR A 176 4.78 -8.85 2.49
N ARG A 177 4.50 -8.74 3.76
CA ARG A 177 5.50 -9.18 4.78
C ARG A 177 4.90 -10.26 5.69
N MET A 178 4.97 -11.50 5.27
CA MET A 178 4.40 -12.61 6.09
C MET A 178 2.94 -12.31 6.45
N ASP A 1 26.56 10.45 -4.39
CA ASP A 1 25.26 10.99 -4.88
C ASP A 1 24.12 10.05 -4.48
N ASP A 2 24.41 8.80 -4.26
CA ASP A 2 23.35 7.82 -3.87
C ASP A 2 22.20 7.85 -4.88
N ALA A 3 22.34 7.13 -5.97
CA ALA A 3 21.26 7.13 -7.00
C ALA A 3 20.39 5.87 -6.83
N GLU A 4 19.58 5.83 -5.80
CA GLU A 4 18.71 4.65 -5.57
C GLU A 4 17.58 4.62 -6.61
N ASN A 5 16.92 3.51 -6.75
CA ASN A 5 15.81 3.42 -7.74
C ASN A 5 14.87 2.25 -7.40
N ILE A 6 14.86 1.81 -6.17
CA ILE A 6 13.99 0.68 -5.79
C ILE A 6 12.65 1.18 -5.23
N GLU A 7 12.27 2.38 -5.59
CA GLU A 7 10.98 2.94 -5.09
C GLU A 7 10.95 2.93 -3.56
N TYR A 8 9.77 2.89 -2.99
CA TYR A 8 9.66 2.88 -1.50
C TYR A 8 10.53 1.79 -0.89
N LYS A 9 11.29 2.11 0.12
CA LYS A 9 12.15 1.08 0.77
C LYS A 9 11.46 0.61 2.05
N VAL A 10 11.80 -0.56 2.53
CA VAL A 10 11.16 -1.06 3.77
C VAL A 10 12.20 -1.65 4.72
N SER A 11 12.21 -1.20 5.95
CA SER A 11 13.18 -1.73 6.95
C SER A 11 12.48 -1.92 8.30
N ILE A 12 11.93 -3.08 8.53
CA ILE A 12 11.21 -3.32 9.82
C ILE A 12 12.17 -3.90 10.87
N SER A 13 12.09 -3.42 12.07
CA SER A 13 12.94 -3.93 13.18
C SER A 13 12.05 -4.40 14.32
N GLY A 14 11.88 -5.68 14.48
CA GLY A 14 10.97 -6.17 15.56
C GLY A 14 9.54 -5.83 15.16
N THR A 15 8.88 -4.99 15.91
CA THR A 15 7.49 -4.60 15.54
C THR A 15 7.47 -3.15 15.07
N SER A 16 8.49 -2.76 14.34
CA SER A 16 8.55 -1.38 13.82
C SER A 16 8.69 -1.43 12.30
N VAL A 17 8.25 -0.43 11.62
CA VAL A 17 8.36 -0.46 10.13
C VAL A 17 8.77 0.91 9.59
N GLU A 18 9.99 1.04 9.17
CA GLU A 18 10.48 2.34 8.62
C GLU A 18 10.54 2.29 7.10
N LEU A 19 9.70 3.03 6.43
CA LEU A 19 9.74 3.01 4.93
C LEU A 19 10.35 4.31 4.42
N THR A 20 11.27 4.22 3.49
CA THR A 20 11.90 5.46 2.96
C THR A 20 11.13 5.99 1.76
N CYS A 21 10.52 7.14 1.89
CA CYS A 21 9.77 7.74 0.75
C CYS A 21 10.66 7.72 -0.50
N PRO A 22 10.06 7.51 -1.65
CA PRO A 22 10.84 7.46 -2.91
C PRO A 22 11.46 8.82 -3.28
N LEU A 23 11.81 9.63 -2.32
CA LEU A 23 12.44 10.94 -2.64
C LEU A 23 13.26 11.44 -1.45
N ASP A 24 13.87 12.58 -1.58
CA ASP A 24 14.70 13.10 -0.45
C ASP A 24 13.82 13.50 0.73
N SER A 25 14.43 13.87 1.82
CA SER A 25 13.65 14.29 3.02
C SER A 25 13.10 15.69 2.80
N ASP A 26 11.83 15.88 3.06
CA ASP A 26 11.22 17.22 2.88
C ASP A 26 10.78 17.76 4.23
N GLU A 27 11.23 18.94 4.58
CA GLU A 27 10.83 19.54 5.89
C GLU A 27 9.31 19.46 6.06
N ASN A 28 8.62 19.41 4.96
CA ASN A 28 7.14 19.29 4.99
C ASN A 28 6.72 18.00 4.27
N LEU A 29 7.58 17.01 4.28
CA LEU A 29 7.25 15.72 3.61
C LEU A 29 5.99 15.13 4.25
N LYS A 30 4.88 15.15 3.55
CA LYS A 30 3.62 14.60 4.14
C LYS A 30 3.47 13.12 3.83
N TRP A 31 3.30 12.32 4.85
CA TRP A 31 3.10 10.84 4.63
C TRP A 31 1.61 10.52 4.71
N GLU A 32 1.22 9.36 4.26
CA GLU A 32 -0.22 8.98 4.32
C GLU A 32 -0.39 7.51 4.69
N LYS A 33 -1.47 7.18 5.35
CA LYS A 33 -1.69 5.76 5.75
C LYS A 33 -3.16 5.37 5.49
N ASN A 34 -3.40 4.46 4.58
CA ASN A 34 -4.79 4.04 4.27
C ASN A 34 -5.66 5.26 3.93
N GLY A 35 -5.06 6.32 3.46
CA GLY A 35 -5.85 7.53 3.11
C GLY A 35 -5.92 8.45 4.33
N GLN A 36 -4.91 8.45 5.16
CA GLN A 36 -4.93 9.33 6.37
C GLN A 36 -3.60 10.08 6.49
N GLU A 37 -3.65 11.38 6.56
CA GLU A 37 -2.39 12.17 6.68
C GLU A 37 -1.79 12.00 8.08
N LEU A 38 -0.52 11.72 8.16
CA LEU A 38 0.12 11.55 9.50
C LEU A 38 0.62 12.90 10.02
N PRO A 39 0.04 13.34 11.12
CA PRO A 39 0.45 14.65 11.71
C PRO A 39 1.76 14.50 12.50
N GLN A 40 2.74 13.86 11.95
CA GLN A 40 4.04 13.69 12.67
C GLN A 40 5.01 12.85 11.83
N LYS A 41 6.24 12.75 12.25
CA LYS A 41 7.25 11.95 11.48
C LYS A 41 7.27 12.39 10.01
N HIS A 42 7.76 13.56 9.74
CA HIS A 42 7.82 14.04 8.33
C HIS A 42 9.21 13.79 7.75
N ASP A 43 9.89 12.78 8.23
CA ASP A 43 11.25 12.48 7.71
C ASP A 43 11.15 11.57 6.47
N LYS A 44 12.19 11.53 5.68
CA LYS A 44 12.16 10.67 4.46
C LYS A 44 11.80 9.22 4.82
N HIS A 45 12.01 8.83 6.06
CA HIS A 45 11.68 7.44 6.47
C HIS A 45 10.42 7.43 7.35
N LEU A 46 9.53 6.49 7.12
CA LEU A 46 8.29 6.41 7.95
C LEU A 46 8.39 5.28 8.96
N VAL A 47 8.85 5.55 10.15
CA VAL A 47 8.94 4.47 11.16
C VAL A 47 7.59 4.27 11.84
N LEU A 48 7.13 3.07 11.89
CA LEU A 48 5.82 2.79 12.54
C LEU A 48 6.03 1.92 13.77
N GLN A 49 5.98 2.50 14.94
CA GLN A 49 6.18 1.70 16.18
C GLN A 49 4.94 0.84 16.45
N ASP A 50 5.13 -0.34 16.97
CA ASP A 50 3.96 -1.23 17.25
C ASP A 50 3.09 -1.35 16.00
N PHE A 51 3.67 -1.76 14.91
CA PHE A 51 2.88 -1.90 13.64
C PHE A 51 1.95 -3.11 13.70
N SER A 52 0.72 -2.90 14.04
CA SER A 52 -0.24 -4.04 14.11
C SER A 52 -0.71 -4.41 12.69
N GLU A 53 -0.76 -5.68 12.40
CA GLU A 53 -1.19 -6.11 11.02
C GLU A 53 -2.72 -5.96 10.86
N VAL A 54 -3.40 -5.51 11.87
CA VAL A 54 -4.88 -5.35 11.77
C VAL A 54 -5.24 -3.94 11.28
N GLU A 55 -4.83 -2.93 11.99
CA GLU A 55 -5.17 -1.54 11.58
C GLU A 55 -3.95 -0.83 10.96
N ASP A 56 -2.76 -1.21 11.33
CA ASP A 56 -1.55 -0.54 10.76
C ASP A 56 -1.27 -1.06 9.33
N SER A 57 -1.75 -2.22 9.00
CA SER A 57 -1.50 -2.76 7.63
C SER A 57 -2.42 -2.07 6.62
N GLY A 58 -1.91 -1.75 5.45
CA GLY A 58 -2.75 -1.07 4.42
C GLY A 58 -1.85 -0.37 3.40
N TYR A 59 -2.37 0.64 2.75
CA TYR A 59 -1.55 1.36 1.73
C TYR A 59 -0.76 2.50 2.39
N TYR A 60 0.33 2.89 1.79
CA TYR A 60 1.15 4.00 2.38
C TYR A 60 1.78 4.85 1.27
N VAL A 61 1.78 6.15 1.43
CA VAL A 61 2.38 7.04 0.38
C VAL A 61 2.78 8.38 0.99
N CYS A 62 3.78 9.01 0.42
CA CYS A 62 4.23 10.34 0.94
C CYS A 62 4.55 11.27 -0.22
N TYR A 63 4.45 12.54 0.01
CA TYR A 63 4.74 13.53 -1.08
C TYR A 63 5.11 14.89 -0.49
N THR A 64 5.64 15.77 -1.30
CA THR A 64 6.02 17.12 -0.78
C THR A 64 5.42 18.20 -1.70
N PRO A 65 5.50 19.43 -1.27
CA PRO A 65 4.96 20.54 -2.09
C PRO A 65 5.82 20.76 -3.34
N ALA A 66 6.98 20.15 -3.39
CA ALA A 66 7.86 20.31 -4.58
C ALA A 66 7.95 18.99 -5.36
N SER A 67 7.76 17.88 -4.69
CA SER A 67 7.83 16.57 -5.39
C SER A 67 6.49 15.83 -5.28
N ASN A 68 5.68 15.85 -6.31
CA ASN A 68 4.38 15.14 -6.25
C ASN A 68 4.37 13.93 -7.19
N LYS A 69 4.40 12.75 -6.65
CA LYS A 69 4.39 11.53 -7.50
C LYS A 69 3.25 10.60 -7.06
N ASN A 70 2.30 10.32 -7.93
CA ASN A 70 1.19 9.42 -7.52
C ASN A 70 1.71 7.99 -7.36
N THR A 71 2.01 7.59 -6.16
CA THR A 71 2.52 6.21 -5.92
C THR A 71 1.90 5.62 -4.65
N TYR A 72 1.45 4.41 -4.71
CA TYR A 72 0.86 3.78 -3.49
C TYR A 72 1.61 2.50 -3.15
N LEU A 73 1.74 2.19 -1.89
CA LEU A 73 2.49 0.96 -1.49
C LEU A 73 1.64 0.12 -0.53
N TYR A 74 1.39 -1.11 -0.88
CA TYR A 74 0.59 -2.00 0.02
C TYR A 74 1.52 -2.70 1.01
N LEU A 75 1.66 -2.16 2.19
CA LEU A 75 2.57 -2.79 3.20
C LEU A 75 1.77 -3.69 4.14
N LYS A 76 2.04 -4.97 4.11
CA LYS A 76 1.31 -5.90 5.01
C LYS A 76 2.31 -6.74 5.81
N ALA A 77 2.56 -6.37 7.03
CA ALA A 77 3.53 -7.14 7.86
C ALA A 77 2.89 -7.55 9.19
N ARG A 78 3.51 -8.45 9.91
CA ARG A 78 2.93 -8.89 11.20
C ARG A 78 3.99 -8.86 12.30
N VAL A 79 3.71 -8.21 13.40
CA VAL A 79 4.66 -8.15 14.52
C VAL A 79 3.88 -8.14 15.83
N GLY A 80 4.06 -9.15 16.61
CA GLY A 80 3.34 -9.23 17.91
C GLY A 80 2.92 -10.68 18.17
N SER A 81 3.82 -11.51 18.63
CA SER A 81 3.47 -12.93 18.91
C SER A 81 4.53 -13.58 19.78
N ALA A 82 4.45 -14.87 19.99
CA ALA A 82 5.46 -15.57 20.83
C ALA A 82 5.59 -14.89 22.19
N ASP A 83 4.64 -15.09 23.08
CA ASP A 83 4.70 -14.45 24.41
C ASP A 83 4.35 -15.47 25.50
N ASP A 84 4.52 -15.10 26.74
CA ASP A 84 4.19 -16.05 27.85
C ASP A 84 2.73 -15.88 28.30
N ALA A 85 1.97 -15.09 27.59
CA ALA A 85 0.54 -14.88 27.98
C ALA A 85 -0.30 -14.56 26.74
N LYS A 86 -1.45 -13.97 26.94
CA LYS A 86 -2.33 -13.64 25.77
C LYS A 86 -2.93 -12.24 25.96
N LYS A 87 -2.20 -11.22 25.61
CA LYS A 87 -2.73 -9.83 25.78
C LYS A 87 -3.66 -9.49 24.61
N ASP A 88 -4.86 -9.05 24.91
CA ASP A 88 -5.82 -8.71 23.83
C ASP A 88 -6.20 -7.23 23.91
N ALA A 89 -6.69 -6.68 22.83
CA ALA A 89 -7.07 -5.23 22.84
C ALA A 89 -8.43 -5.04 23.52
N ALA A 90 -8.69 -3.89 24.06
CA ALA A 90 -10.00 -3.64 24.73
C ALA A 90 -11.00 -3.07 23.73
N LYS A 91 -11.65 -3.93 22.99
CA LYS A 91 -12.66 -3.44 21.99
C LYS A 91 -12.05 -2.37 21.09
N LYS A 92 -10.76 -2.43 20.86
CA LYS A 92 -10.08 -1.42 19.99
C LYS A 92 -10.42 -0.01 20.46
N ASP A 93 -10.27 0.25 21.74
CA ASP A 93 -10.57 1.62 22.27
C ASP A 93 -9.58 2.64 21.69
N ASP A 94 -8.41 2.20 21.34
CA ASP A 94 -7.39 3.16 20.77
C ASP A 94 -7.93 3.80 19.49
N ALA A 95 -8.33 5.04 19.56
CA ALA A 95 -8.86 5.72 18.35
C ALA A 95 -8.78 7.24 18.51
N LYS A 96 -8.22 7.92 17.55
CA LYS A 96 -8.11 9.40 17.65
C LYS A 96 -8.56 10.06 16.35
N LYS A 97 -8.77 11.35 16.35
CA LYS A 97 -9.22 12.05 15.12
C LYS A 97 -10.46 11.37 14.52
N ASP A 98 -11.63 11.82 14.89
CA ASP A 98 -12.87 11.21 14.36
C ASP A 98 -13.81 12.29 13.81
N ASP A 99 -13.98 12.33 12.52
CA ASP A 99 -14.88 13.36 11.92
C ASP A 99 -15.89 12.70 10.97
N ALA A 100 -16.71 11.83 11.48
CA ALA A 100 -17.71 11.14 10.61
C ALA A 100 -19.07 11.09 11.31
N LYS A 101 -20.15 11.16 10.56
CA LYS A 101 -21.49 11.09 11.19
C LYS A 101 -22.57 10.89 10.11
N LYS A 102 -22.42 11.53 8.98
CA LYS A 102 -23.42 11.36 7.88
C LYS A 102 -22.83 10.53 6.75
N ASP A 103 -21.58 10.70 6.46
CA ASP A 103 -20.94 9.92 5.36
C ASP A 103 -19.42 9.86 5.56
N GLY A 104 -18.71 9.32 4.60
CA GLY A 104 -17.22 9.23 4.74
C GLY A 104 -16.57 9.63 3.41
N SER A 105 -15.44 10.29 3.47
CA SER A 105 -14.75 10.71 2.22
C SER A 105 -13.29 11.07 2.52
N GLN A 106 -12.39 10.14 2.41
CA GLN A 106 -10.96 10.44 2.69
C GLN A 106 -10.07 9.73 1.67
N THR A 107 -10.55 9.55 0.47
CA THR A 107 -9.72 8.86 -0.58
C THR A 107 -10.23 9.24 -1.97
N ASN A 108 -9.53 8.80 -3.00
CA ASN A 108 -9.97 9.13 -4.39
C ASN A 108 -11.19 8.29 -4.77
N LYS A 109 -11.92 8.72 -5.77
CA LYS A 109 -13.13 7.95 -6.19
C LYS A 109 -13.40 8.18 -7.68
N ALA A 110 -13.63 7.13 -8.43
CA ALA A 110 -13.91 7.29 -9.89
C ALA A 110 -12.81 8.12 -10.56
N LYS A 111 -11.64 7.58 -10.68
CA LYS A 111 -10.53 8.34 -11.33
C LYS A 111 -9.65 7.40 -12.16
N ARG A 112 -9.11 7.88 -13.25
CA ARG A 112 -8.25 7.02 -14.10
C ARG A 112 -6.92 6.73 -13.40
N ALA A 113 -6.77 5.56 -12.83
CA ALA A 113 -5.50 5.22 -12.13
C ALA A 113 -5.43 3.71 -11.87
N LEU A 114 -4.35 3.24 -11.32
CA LEU A 114 -4.22 1.78 -11.05
C LEU A 114 -4.51 1.47 -9.59
N GLU A 115 -4.92 0.26 -9.32
CA GLU A 115 -5.22 -0.14 -7.92
C GLU A 115 -5.14 -1.67 -7.79
N VAL A 116 -4.95 -2.16 -6.59
CA VAL A 116 -4.88 -3.64 -6.40
C VAL A 116 -5.83 -4.08 -5.29
N LEU A 117 -6.48 -5.19 -5.46
CA LEU A 117 -7.43 -5.67 -4.41
C LEU A 117 -7.22 -7.15 -4.13
N GLU A 118 -7.59 -7.59 -2.95
CA GLU A 118 -7.42 -9.04 -2.60
C GLU A 118 -8.78 -9.70 -2.41
N ALA A 119 -9.21 -10.49 -3.37
CA ALA A 119 -10.54 -11.15 -3.24
C ALA A 119 -10.39 -12.66 -3.46
N GLU A 120 -11.21 -13.44 -2.81
CA GLU A 120 -11.14 -14.93 -2.97
C GLU A 120 -9.70 -15.41 -2.73
N ASP A 121 -9.09 -14.98 -1.66
CA ASP A 121 -7.68 -15.40 -1.37
C ASP A 121 -6.79 -15.12 -2.58
N LYS A 122 -7.17 -14.19 -3.41
CA LYS A 122 -6.34 -13.88 -4.61
C LYS A 122 -6.16 -12.36 -4.75
N VAL A 123 -5.10 -11.95 -5.39
CA VAL A 123 -4.85 -10.48 -5.56
C VAL A 123 -4.63 -10.15 -7.04
N ILE A 124 -5.17 -9.04 -7.49
CA ILE A 124 -4.99 -8.66 -8.92
C ILE A 124 -4.85 -7.14 -9.06
N LEU A 125 -4.17 -6.69 -10.08
CA LEU A 125 -3.97 -5.23 -10.30
C LEU A 125 -5.00 -4.74 -11.32
N LYS A 126 -5.50 -3.54 -11.17
CA LYS A 126 -6.50 -3.03 -12.15
C LYS A 126 -6.07 -1.69 -12.76
N CYS A 127 -6.12 -1.60 -14.06
CA CYS A 127 -5.74 -0.34 -14.76
C CYS A 127 -6.73 -0.09 -15.90
N ASN A 128 -6.82 1.12 -16.38
CA ASN A 128 -7.77 1.42 -17.49
C ASN A 128 -7.43 0.60 -18.74
N SER A 129 -6.34 -0.15 -18.71
CA SER A 129 -5.97 -0.95 -19.91
C SER A 129 -4.74 -1.82 -19.59
N SER A 130 -3.89 -2.07 -20.56
CA SER A 130 -2.68 -2.89 -20.30
C SER A 130 -1.96 -2.37 -19.06
N ILE A 131 -1.58 -3.23 -18.16
CA ILE A 131 -0.88 -2.76 -16.93
C ILE A 131 0.63 -2.83 -17.14
N THR A 132 1.33 -1.80 -16.73
CA THR A 132 2.81 -1.79 -16.89
C THR A 132 3.47 -2.51 -15.71
N LEU A 133 4.04 -3.65 -15.97
CA LEU A 133 4.71 -4.42 -14.87
C LEU A 133 6.11 -3.86 -14.61
N LEU A 134 6.30 -3.13 -13.55
CA LEU A 134 7.65 -2.58 -13.26
C LEU A 134 8.60 -3.71 -12.89
N GLN A 135 8.30 -4.42 -11.83
CA GLN A 135 9.16 -5.55 -11.40
C GLN A 135 8.53 -6.28 -10.22
N GLY A 136 9.23 -7.23 -9.67
CA GLY A 136 8.69 -7.99 -8.51
C GLY A 136 7.58 -8.94 -8.97
N THR A 137 6.50 -9.00 -8.23
CA THR A 137 5.37 -9.91 -8.60
C THR A 137 4.89 -9.64 -10.02
N ALA A 138 5.37 -10.40 -10.96
CA ALA A 138 4.93 -10.22 -12.38
C ALA A 138 3.96 -11.36 -12.72
N GLY A 139 2.84 -11.40 -12.06
CA GLY A 139 1.82 -12.47 -12.30
C GLY A 139 1.50 -12.61 -13.79
N GLN A 140 0.25 -12.43 -14.13
CA GLN A 140 -0.15 -12.56 -15.56
C GLN A 140 -1.31 -11.62 -15.86
N GLU A 141 -1.38 -11.12 -17.07
CA GLU A 141 -2.48 -10.20 -17.44
C GLU A 141 -3.78 -10.97 -17.58
N VAL A 142 -4.87 -10.29 -17.45
CA VAL A 142 -6.20 -10.95 -17.56
C VAL A 142 -6.43 -11.41 -19.01
N SER A 143 -7.64 -11.33 -19.51
CA SER A 143 -7.91 -11.77 -20.91
C SER A 143 -6.93 -11.13 -21.89
N ASP A 144 -6.63 -9.87 -21.72
CA ASP A 144 -5.68 -9.19 -22.65
C ASP A 144 -5.25 -7.83 -22.11
N ASN A 145 -4.24 -7.79 -21.28
CA ASN A 145 -3.76 -6.48 -20.72
C ASN A 145 -4.92 -5.70 -20.09
N LYS A 146 -5.10 -5.82 -18.80
CA LYS A 146 -6.19 -5.08 -18.11
C LYS A 146 -6.20 -5.42 -16.62
N THR A 147 -5.89 -6.64 -16.29
CA THR A 147 -5.87 -7.05 -14.86
C THR A 147 -4.74 -8.06 -14.63
N LEU A 148 -3.96 -7.89 -13.60
CA LEU A 148 -2.85 -8.83 -13.33
C LEU A 148 -3.29 -9.93 -12.36
N ASN A 149 -2.77 -11.10 -12.52
CA ASN A 149 -3.15 -12.22 -11.60
C ASN A 149 -1.88 -12.77 -10.92
N LEU A 150 -1.58 -12.30 -9.74
CA LEU A 150 -0.35 -12.81 -9.04
C LEU A 150 -0.63 -14.18 -8.42
N GLY A 151 -1.86 -14.45 -8.09
CA GLY A 151 -2.20 -15.77 -7.47
C GLY A 151 -2.72 -15.55 -6.06
N LYS A 152 -2.21 -16.28 -5.11
CA LYS A 152 -2.68 -16.12 -3.71
C LYS A 152 -1.95 -14.95 -3.03
N ARG A 153 -2.45 -14.49 -1.90
CA ARG A 153 -1.78 -13.37 -1.20
C ARG A 153 -0.78 -13.92 -0.17
N ILE A 154 -0.90 -15.18 0.15
CA ILE A 154 0.02 -15.80 1.15
C ILE A 154 1.39 -16.07 0.50
N GLU A 155 1.52 -15.83 -0.77
CA GLU A 155 2.83 -16.07 -1.45
C GLU A 155 3.78 -14.88 -1.25
N ASP A 156 3.43 -13.95 -0.40
CA ASP A 156 4.31 -12.76 -0.16
C ASP A 156 4.68 -12.08 -1.49
N PRO A 157 3.68 -11.70 -2.23
CA PRO A 157 3.91 -11.03 -3.53
C PRO A 157 4.42 -9.60 -3.32
N ARG A 158 5.40 -9.20 -4.07
CA ARG A 158 5.96 -7.82 -3.91
C ARG A 158 6.40 -7.27 -5.28
N GLY A 159 5.94 -6.10 -5.63
CA GLY A 159 6.34 -5.51 -6.95
C GLY A 159 5.48 -4.28 -7.23
N MET A 160 5.76 -3.58 -8.31
CA MET A 160 4.95 -2.37 -8.62
C MET A 160 4.42 -2.46 -10.05
N TYR A 161 3.35 -1.78 -10.33
CA TYR A 161 2.75 -1.82 -11.69
C TYR A 161 2.20 -0.45 -12.07
N GLN A 162 2.70 0.13 -13.13
CA GLN A 162 2.19 1.48 -13.55
C GLN A 162 1.08 1.31 -14.58
N CYS A 163 0.17 2.25 -14.64
CA CYS A 163 -0.93 2.16 -15.63
C CYS A 163 -0.88 3.35 -16.58
N GLY A 164 -1.55 3.25 -17.70
CA GLY A 164 -1.53 4.36 -18.70
C GLY A 164 -2.64 5.35 -18.38
N GLU A 165 -2.29 6.60 -18.25
CA GLU A 165 -3.32 7.64 -17.95
C GLU A 165 -3.22 8.79 -18.96
N ASN A 166 -3.99 9.82 -18.78
CA ASN A 166 -3.93 10.97 -19.73
C ASN A 166 -2.70 11.84 -19.43
N ALA A 167 -2.82 12.77 -18.53
CA ALA A 167 -1.64 13.64 -18.20
C ALA A 167 -1.09 13.29 -16.81
N LYS A 168 -1.54 12.21 -16.22
CA LYS A 168 -1.05 11.84 -14.87
C LYS A 168 -0.86 10.32 -14.79
N SER A 169 0.34 9.86 -14.98
CA SER A 169 0.61 8.40 -14.91
C SER A 169 0.50 7.91 -13.46
N PHE A 170 -0.18 6.81 -13.25
CA PHE A 170 -0.32 6.29 -11.86
C PHE A 170 0.54 5.05 -11.66
N THR A 171 1.14 4.91 -10.51
CA THR A 171 2.01 3.73 -10.24
C THR A 171 1.75 3.19 -8.84
N LEU A 172 1.61 1.91 -8.70
CA LEU A 172 1.34 1.34 -7.35
C LEU A 172 2.35 0.22 -7.04
N GLN A 173 2.82 0.16 -5.82
CA GLN A 173 3.79 -0.91 -5.44
C GLN A 173 3.18 -1.81 -4.36
N VAL A 174 3.58 -3.04 -4.30
CA VAL A 174 3.01 -3.97 -3.28
C VAL A 174 4.14 -4.66 -2.52
N TYR A 175 3.95 -4.88 -1.24
CA TYR A 175 5.01 -5.55 -0.42
C TYR A 175 4.35 -6.41 0.66
N TYR A 176 4.17 -7.67 0.39
CA TYR A 176 3.54 -8.56 1.42
C TYR A 176 4.61 -9.24 2.27
N ARG A 177 4.43 -9.25 3.57
CA ARG A 177 5.44 -9.89 4.46
C ARG A 177 4.74 -10.66 5.58
N MET A 178 4.43 -11.91 5.35
CA MET A 178 3.74 -12.72 6.40
C MET A 178 4.32 -14.13 6.44
N ASP A 1 25.98 1.28 -1.45
CA ASP A 1 25.29 0.19 -0.70
C ASP A 1 23.87 0.62 -0.32
N ASP A 2 23.06 -0.30 0.12
CA ASP A 2 21.66 0.04 0.50
C ASP A 2 20.96 0.81 -0.62
N ALA A 3 21.26 0.47 -1.85
CA ALA A 3 20.62 1.19 -2.99
C ALA A 3 19.25 0.56 -3.30
N GLU A 4 18.29 1.36 -3.66
CA GLU A 4 16.94 0.81 -3.97
C GLU A 4 16.26 1.65 -5.05
N ASN A 5 16.31 1.21 -6.28
CA ASN A 5 15.67 1.98 -7.39
C ASN A 5 14.26 1.45 -7.66
N ILE A 6 13.70 0.72 -6.72
CA ILE A 6 12.33 0.17 -6.92
C ILE A 6 11.28 1.11 -6.32
N GLU A 7 11.61 2.37 -6.17
CA GLU A 7 10.64 3.35 -5.60
C GLU A 7 10.24 2.95 -4.17
N TYR A 8 10.33 3.86 -3.24
CA TYR A 8 9.97 3.56 -1.82
C TYR A 8 10.86 2.44 -1.27
N LYS A 9 11.32 2.60 -0.05
CA LYS A 9 12.18 1.56 0.57
C LYS A 9 11.57 1.12 1.90
N VAL A 10 11.91 -0.04 2.37
CA VAL A 10 11.34 -0.53 3.66
C VAL A 10 12.41 -1.17 4.53
N SER A 11 12.37 -0.92 5.81
CA SER A 11 13.37 -1.51 6.74
C SER A 11 12.70 -1.82 8.08
N ILE A 12 12.16 -3.00 8.24
CA ILE A 12 11.49 -3.35 9.51
C ILE A 12 12.47 -3.99 10.50
N SER A 13 12.38 -3.60 11.73
CA SER A 13 13.27 -4.17 12.78
C SER A 13 12.41 -4.75 13.90
N GLY A 14 12.19 -6.04 13.90
CA GLY A 14 11.31 -6.64 14.93
C GLY A 14 9.87 -6.29 14.58
N THR A 15 9.23 -5.48 15.38
CA THR A 15 7.83 -5.08 15.07
C THR A 15 7.80 -3.60 14.69
N SER A 16 8.84 -3.13 14.06
CA SER A 16 8.88 -1.70 13.63
C SER A 16 8.98 -1.67 12.11
N VAL A 17 8.52 -0.62 11.49
CA VAL A 17 8.59 -0.57 10.01
C VAL A 17 8.94 0.84 9.53
N GLU A 18 10.15 1.04 9.10
CA GLU A 18 10.58 2.38 8.61
C GLU A 18 10.58 2.40 7.07
N LEU A 19 9.68 3.12 6.47
CA LEU A 19 9.65 3.17 4.98
C LEU A 19 10.21 4.50 4.50
N THR A 20 11.05 4.48 3.50
CA THR A 20 11.63 5.76 3.00
C THR A 20 10.80 6.30 1.82
N CYS A 21 10.22 7.45 2.00
CA CYS A 21 9.41 8.06 0.89
C CYS A 21 10.23 8.01 -0.42
N PRO A 22 9.57 7.76 -1.52
CA PRO A 22 10.28 7.67 -2.82
C PRO A 22 10.84 9.02 -3.27
N LEU A 23 11.23 9.87 -2.36
CA LEU A 23 11.81 11.18 -2.77
C LEU A 23 12.64 11.77 -1.63
N ASP A 24 13.20 12.92 -1.81
CA ASP A 24 14.05 13.53 -0.74
C ASP A 24 13.19 13.85 0.49
N SER A 25 13.83 14.22 1.56
CA SER A 25 13.08 14.56 2.80
C SER A 25 12.55 15.99 2.72
N ASP A 26 11.31 16.18 3.01
CA ASP A 26 10.73 17.55 2.97
C ASP A 26 10.30 17.98 4.36
N GLU A 27 10.74 19.13 4.78
CA GLU A 27 10.34 19.64 6.14
C GLU A 27 8.83 19.55 6.30
N ASN A 28 8.15 19.60 5.20
CA ASN A 28 6.66 19.49 5.21
C ASN A 28 6.24 18.22 4.46
N LEU A 29 7.12 17.24 4.41
CA LEU A 29 6.79 15.98 3.71
C LEU A 29 5.57 15.33 4.37
N LYS A 30 4.44 15.33 3.71
CA LYS A 30 3.22 14.73 4.34
C LYS A 30 3.04 13.26 3.94
N TRP A 31 2.99 12.37 4.89
CA TRP A 31 2.79 10.94 4.57
C TRP A 31 1.29 10.63 4.56
N GLU A 32 0.92 9.43 4.20
CA GLU A 32 -0.53 9.08 4.17
C GLU A 32 -0.73 7.58 4.42
N LYS A 33 -1.70 7.23 5.21
CA LYS A 33 -1.94 5.79 5.50
C LYS A 33 -3.43 5.45 5.33
N ASN A 34 -3.75 4.45 4.57
CA ASN A 34 -5.18 4.06 4.36
C ASN A 34 -6.00 5.29 3.95
N GLY A 35 -5.38 6.27 3.35
CA GLY A 35 -6.12 7.49 2.93
C GLY A 35 -6.17 8.48 4.09
N GLN A 36 -5.14 8.53 4.90
CA GLN A 36 -5.13 9.48 6.04
C GLN A 36 -3.72 10.07 6.23
N GLU A 37 -3.62 11.38 6.25
CA GLU A 37 -2.29 12.02 6.42
C GLU A 37 -1.68 11.63 7.77
N LEU A 38 -0.38 11.64 7.89
CA LEU A 38 0.26 11.27 9.18
C LEU A 38 0.95 12.50 9.80
N PRO A 39 0.22 13.20 10.64
CA PRO A 39 0.78 14.40 11.31
C PRO A 39 1.65 13.99 12.50
N GLN A 40 2.67 13.22 12.27
CA GLN A 40 3.56 12.79 13.40
C GLN A 40 4.87 12.20 12.87
N LYS A 41 5.47 12.86 11.90
CA LYS A 41 6.76 12.34 11.33
C LYS A 41 7.35 13.36 10.37
N HIS A 42 6.71 13.58 9.25
CA HIS A 42 7.23 14.57 8.26
C HIS A 42 8.69 14.27 7.90
N ASP A 43 9.12 13.05 8.08
CA ASP A 43 10.53 12.70 7.74
C ASP A 43 10.57 11.79 6.52
N LYS A 44 11.66 11.75 5.82
CA LYS A 44 11.76 10.88 4.61
C LYS A 44 11.52 9.43 4.99
N HIS A 45 11.71 9.08 6.24
CA HIS A 45 11.49 7.66 6.67
C HIS A 45 10.24 7.57 7.55
N LEU A 46 9.43 6.56 7.33
CA LEU A 46 8.21 6.41 8.16
C LEU A 46 8.35 5.21 9.11
N VAL A 47 8.80 5.45 10.31
CA VAL A 47 8.96 4.31 11.27
C VAL A 47 7.63 4.03 11.97
N LEU A 48 7.22 2.80 11.98
CA LEU A 48 5.95 2.43 12.64
C LEU A 48 6.22 1.50 13.81
N GLN A 49 6.18 2.01 15.01
CA GLN A 49 6.45 1.16 16.20
C GLN A 49 5.24 0.26 16.46
N ASP A 50 5.46 -0.95 16.92
CA ASP A 50 4.32 -1.88 17.18
C ASP A 50 3.43 -1.96 15.93
N PHE A 51 4.01 -2.34 14.83
CA PHE A 51 3.23 -2.44 13.55
C PHE A 51 2.25 -3.61 13.58
N SER A 52 1.02 -3.34 13.89
CA SER A 52 -0.01 -4.45 13.91
C SER A 52 -0.41 -4.78 12.47
N GLU A 53 -0.49 -6.04 12.14
CA GLU A 53 -0.87 -6.43 10.75
C GLU A 53 -2.36 -6.18 10.50
N VAL A 54 -3.09 -5.77 11.50
CA VAL A 54 -4.55 -5.52 11.31
C VAL A 54 -4.82 -4.03 11.07
N GLU A 55 -4.21 -3.16 11.84
CA GLU A 55 -4.45 -1.71 11.66
C GLU A 55 -3.27 -1.01 10.98
N ASP A 56 -2.08 -1.53 11.15
CA ASP A 56 -0.89 -0.87 10.51
C ASP A 56 -0.74 -1.29 9.05
N SER A 57 -1.05 -2.52 8.72
CA SER A 57 -0.93 -2.96 7.30
C SER A 57 -1.94 -2.23 6.43
N GLY A 58 -1.58 -1.92 5.21
CA GLY A 58 -2.53 -1.21 4.32
C GLY A 58 -1.77 -0.35 3.30
N TYR A 59 -2.38 0.71 2.83
CA TYR A 59 -1.71 1.59 1.82
C TYR A 59 -0.82 2.62 2.51
N TYR A 60 0.17 3.12 1.83
CA TYR A 60 1.08 4.14 2.44
C TYR A 60 1.74 4.97 1.34
N VAL A 61 1.70 6.28 1.46
CA VAL A 61 2.33 7.16 0.44
C VAL A 61 2.67 8.52 1.04
N CYS A 62 3.50 9.29 0.39
CA CYS A 62 3.87 10.63 0.93
C CYS A 62 4.00 11.65 -0.21
N TYR A 63 4.00 12.92 0.13
CA TYR A 63 4.11 13.98 -0.91
C TYR A 63 4.73 15.25 -0.32
N THR A 64 5.27 16.10 -1.15
CA THR A 64 5.86 17.37 -0.64
C THR A 64 5.20 18.55 -1.34
N PRO A 65 5.43 19.74 -0.82
CA PRO A 65 4.83 20.95 -1.43
C PRO A 65 5.46 21.25 -2.80
N ALA A 66 6.52 20.56 -3.16
CA ALA A 66 7.16 20.81 -4.48
C ALA A 66 7.30 19.52 -5.28
N SER A 67 7.15 18.38 -4.67
CA SER A 67 7.28 17.09 -5.42
C SER A 67 5.97 16.30 -5.37
N ASN A 68 5.27 16.21 -6.46
CA ASN A 68 4.00 15.43 -6.47
C ASN A 68 4.18 14.18 -7.34
N LYS A 69 4.27 13.03 -6.73
CA LYS A 69 4.43 11.77 -7.51
C LYS A 69 3.37 10.76 -7.10
N ASN A 70 2.40 10.52 -7.94
CA ASN A 70 1.35 9.53 -7.56
C ASN A 70 1.97 8.14 -7.42
N THR A 71 2.27 7.75 -6.21
CA THR A 71 2.89 6.41 -5.96
C THR A 71 2.28 5.76 -4.73
N TYR A 72 1.42 4.80 -4.91
CA TYR A 72 0.82 4.13 -3.72
C TYR A 72 1.67 2.92 -3.36
N LEU A 73 1.85 2.69 -2.10
CA LEU A 73 2.69 1.54 -1.67
C LEU A 73 1.96 0.75 -0.58
N TYR A 74 1.71 -0.51 -0.85
CA TYR A 74 0.98 -1.36 0.14
C TYR A 74 1.95 -2.26 0.91
N LEU A 75 1.76 -2.39 2.19
CA LEU A 75 2.68 -3.27 2.99
C LEU A 75 1.87 -4.21 3.87
N LYS A 76 2.19 -5.48 3.85
CA LYS A 76 1.46 -6.45 4.70
C LYS A 76 2.47 -7.32 5.46
N ALA A 77 2.73 -6.99 6.70
CA ALA A 77 3.71 -7.79 7.48
C ALA A 77 3.11 -8.23 8.82
N ARG A 78 3.79 -9.08 9.53
CA ARG A 78 3.27 -9.54 10.84
C ARG A 78 4.36 -9.45 11.91
N VAL A 79 4.08 -8.79 13.01
CA VAL A 79 5.07 -8.68 14.10
C VAL A 79 4.32 -8.68 15.43
N GLY A 80 4.55 -9.67 16.21
CA GLY A 80 3.87 -9.76 17.54
C GLY A 80 2.36 -9.88 17.33
N SER A 81 1.60 -9.73 18.38
CA SER A 81 0.11 -9.84 18.24
C SER A 81 -0.58 -9.25 19.47
N ALA A 82 -1.10 -8.06 19.36
CA ALA A 82 -1.79 -7.43 20.53
C ALA A 82 -3.03 -6.67 20.06
N ASP A 83 -4.06 -7.37 19.67
CA ASP A 83 -5.31 -6.69 19.20
C ASP A 83 -6.03 -6.05 20.39
N ASP A 84 -6.08 -4.75 20.44
CA ASP A 84 -6.78 -4.07 21.57
C ASP A 84 -7.96 -3.25 21.04
N ALA A 85 -9.02 -3.91 20.65
CA ALA A 85 -10.21 -3.18 20.12
C ALA A 85 -11.36 -3.27 21.12
N LYS A 86 -11.07 -3.33 22.39
CA LYS A 86 -12.15 -3.42 23.41
C LYS A 86 -12.55 -2.02 23.88
N LYS A 87 -13.34 -1.33 23.11
CA LYS A 87 -13.77 0.04 23.51
C LYS A 87 -15.13 -0.02 24.22
N ASP A 88 -15.23 -0.81 25.25
CA ASP A 88 -16.53 -0.91 25.97
C ASP A 88 -16.38 -0.40 27.41
N ALA A 89 -16.37 0.89 27.59
CA ALA A 89 -16.22 1.46 28.96
C ALA A 89 -16.89 2.84 29.05
N ALA A 90 -16.51 3.74 28.18
CA ALA A 90 -17.12 5.10 28.20
C ALA A 90 -16.93 5.79 26.86
N LYS A 91 -17.76 5.48 25.89
CA LYS A 91 -17.63 6.11 24.55
C LYS A 91 -18.30 7.50 24.55
N LYS A 92 -17.75 8.42 23.81
CA LYS A 92 -18.36 9.80 23.76
C LYS A 92 -18.57 10.34 25.18
N ASP A 93 -17.51 10.68 25.86
CA ASP A 93 -17.66 11.22 27.25
C ASP A 93 -17.58 12.75 27.22
N ASP A 94 -16.39 13.29 27.07
CA ASP A 94 -16.26 14.78 27.04
C ASP A 94 -14.82 15.16 26.62
N ALA A 95 -14.45 14.84 25.41
CA ALA A 95 -13.07 15.19 24.95
C ALA A 95 -13.11 16.45 24.08
N LYS A 96 -11.97 16.92 23.66
CA LYS A 96 -11.94 18.15 22.81
C LYS A 96 -12.00 17.77 21.33
N LYS A 97 -10.99 17.11 20.83
CA LYS A 97 -10.99 16.71 19.40
C LYS A 97 -12.15 15.75 19.11
N ASP A 98 -13.21 16.25 18.51
CA ASP A 98 -14.37 15.37 18.20
C ASP A 98 -14.73 15.46 16.71
N ASP A 99 -15.03 16.64 16.24
CA ASP A 99 -15.40 16.80 14.81
C ASP A 99 -14.14 17.05 13.98
N ALA A 100 -13.20 16.13 14.00
CA ALA A 100 -11.95 16.31 13.22
C ALA A 100 -11.83 15.21 12.15
N LYS A 101 -12.60 15.32 11.10
CA LYS A 101 -12.53 14.29 10.02
C LYS A 101 -12.31 14.96 8.67
N LYS A 102 -11.57 16.04 8.65
CA LYS A 102 -11.32 16.75 7.36
C LYS A 102 -9.87 16.56 6.93
N ASP A 103 -9.63 16.43 5.64
CA ASP A 103 -8.23 16.24 5.17
C ASP A 103 -8.11 16.68 3.70
N GLY A 104 -7.75 17.92 3.48
CA GLY A 104 -7.61 18.41 2.07
C GLY A 104 -8.89 19.15 1.67
N SER A 105 -8.76 20.25 0.98
CA SER A 105 -9.97 21.02 0.55
C SER A 105 -10.56 20.40 -0.72
N GLN A 106 -11.76 19.88 -0.64
CA GLN A 106 -12.41 19.26 -1.83
C GLN A 106 -11.47 18.24 -2.48
N THR A 107 -11.52 17.01 -2.02
CA THR A 107 -10.63 15.96 -2.61
C THR A 107 -11.22 15.44 -3.93
N ASN A 108 -12.33 14.76 -3.85
CA ASN A 108 -12.97 14.22 -5.10
C ASN A 108 -11.96 13.42 -5.92
N LYS A 109 -12.37 12.89 -7.05
CA LYS A 109 -11.43 12.09 -7.89
C LYS A 109 -12.08 11.78 -9.24
N ALA A 110 -12.24 12.79 -10.07
CA ALA A 110 -12.85 12.55 -11.41
C ALA A 110 -12.03 11.54 -12.21
N LYS A 111 -10.73 11.60 -12.10
CA LYS A 111 -9.87 10.64 -12.85
C LYS A 111 -9.56 9.43 -11.98
N ARG A 112 -8.59 8.64 -12.36
CA ARG A 112 -8.24 7.43 -11.55
C ARG A 112 -6.81 6.98 -11.86
N ALA A 113 -6.45 5.81 -11.41
CA ALA A 113 -5.06 5.30 -11.67
C ALA A 113 -4.99 3.80 -11.36
N LEU A 114 -3.86 3.32 -10.91
CA LEU A 114 -3.75 1.86 -10.60
C LEU A 114 -4.02 1.61 -9.12
N GLU A 115 -4.48 0.42 -8.82
CA GLU A 115 -4.78 0.07 -7.41
C GLU A 115 -4.77 -1.45 -7.24
N VAL A 116 -4.67 -1.94 -6.03
CA VAL A 116 -4.66 -3.41 -5.82
C VAL A 116 -5.65 -3.79 -4.71
N LEU A 117 -6.35 -4.87 -4.87
CA LEU A 117 -7.34 -5.28 -3.83
C LEU A 117 -7.17 -6.76 -3.48
N GLU A 118 -7.58 -7.15 -2.30
CA GLU A 118 -7.46 -8.58 -1.89
C GLU A 118 -8.84 -9.15 -1.59
N ALA A 119 -9.40 -9.89 -2.51
CA ALA A 119 -10.75 -10.48 -2.28
C ALA A 119 -10.74 -11.99 -2.56
N GLU A 120 -11.59 -12.73 -1.90
CA GLU A 120 -11.63 -14.21 -2.12
C GLU A 120 -10.24 -14.80 -1.96
N ASP A 121 -9.53 -14.40 -0.93
CA ASP A 121 -8.16 -14.93 -0.69
C ASP A 121 -7.29 -14.73 -1.95
N LYS A 122 -7.66 -13.79 -2.78
CA LYS A 122 -6.85 -13.54 -4.02
C LYS A 122 -6.48 -12.05 -4.11
N VAL A 123 -5.50 -11.73 -4.91
CA VAL A 123 -5.08 -10.30 -5.04
C VAL A 123 -4.84 -9.95 -6.51
N ILE A 124 -5.29 -8.78 -6.92
CA ILE A 124 -5.10 -8.38 -8.35
C ILE A 124 -4.82 -6.87 -8.45
N LEU A 125 -4.15 -6.45 -9.48
CA LEU A 125 -3.85 -5.00 -9.66
C LEU A 125 -4.74 -4.43 -10.77
N LYS A 126 -5.38 -3.32 -10.52
CA LYS A 126 -6.27 -2.74 -11.58
C LYS A 126 -5.79 -1.35 -11.99
N CYS A 127 -5.84 -1.07 -13.26
CA CYS A 127 -5.41 0.26 -13.77
C CYS A 127 -6.45 0.78 -14.77
N ASN A 128 -6.42 2.04 -15.07
CA ASN A 128 -7.41 2.59 -16.05
C ASN A 128 -7.12 2.08 -17.47
N SER A 129 -6.12 1.24 -17.63
CA SER A 129 -5.80 0.73 -18.99
C SER A 129 -4.72 -0.35 -18.90
N SER A 130 -3.96 -0.55 -19.94
CA SER A 130 -2.88 -1.58 -19.91
C SER A 130 -2.00 -1.36 -18.68
N ILE A 131 -1.71 -2.40 -17.94
CA ILE A 131 -0.86 -2.22 -16.73
C ILE A 131 0.60 -2.50 -17.06
N THR A 132 1.47 -1.59 -16.72
CA THR A 132 2.91 -1.80 -17.01
C THR A 132 3.55 -2.64 -15.89
N LEU A 133 4.21 -3.70 -16.25
CA LEU A 133 4.85 -4.57 -15.21
C LEU A 133 6.24 -4.03 -14.86
N LEU A 134 6.37 -3.35 -13.75
CA LEU A 134 7.70 -2.81 -13.37
C LEU A 134 8.60 -3.94 -12.88
N GLN A 135 8.18 -4.63 -11.84
CA GLN A 135 9.02 -5.77 -11.32
C GLN A 135 8.25 -6.54 -10.25
N GLY A 136 8.96 -7.37 -9.54
CA GLY A 136 8.33 -8.17 -8.45
C GLY A 136 7.36 -9.21 -9.05
N THR A 137 6.33 -9.54 -8.30
CA THR A 137 5.34 -10.55 -8.79
C THR A 137 4.75 -10.15 -10.15
N ALA A 138 5.30 -10.66 -11.21
CA ALA A 138 4.77 -10.32 -12.56
C ALA A 138 3.71 -11.37 -12.94
N GLY A 139 2.64 -11.42 -12.18
CA GLY A 139 1.55 -12.40 -12.44
C GLY A 139 1.10 -12.36 -13.91
N GLN A 140 -0.13 -12.03 -14.14
CA GLN A 140 -0.65 -11.99 -15.54
C GLN A 140 -1.69 -10.88 -15.68
N GLU A 141 -1.65 -10.14 -16.75
CA GLU A 141 -2.64 -9.04 -16.93
C GLU A 141 -3.95 -9.58 -17.51
N VAL A 142 -4.91 -9.89 -16.66
CA VAL A 142 -6.25 -10.40 -17.10
C VAL A 142 -6.19 -10.97 -18.55
N SER A 143 -7.14 -10.63 -19.39
CA SER A 143 -7.10 -11.15 -20.79
C SER A 143 -6.06 -10.40 -21.62
N ASP A 144 -5.85 -9.14 -21.33
CA ASP A 144 -4.83 -8.35 -22.11
C ASP A 144 -4.57 -6.99 -21.46
N ASN A 145 -3.46 -6.87 -20.76
CA ASN A 145 -3.08 -5.57 -20.10
C ASN A 145 -4.31 -4.81 -19.57
N LYS A 146 -4.60 -4.94 -18.30
CA LYS A 146 -5.77 -4.22 -17.71
C LYS A 146 -5.92 -4.59 -16.23
N THR A 147 -5.69 -5.84 -15.92
CA THR A 147 -5.80 -6.29 -14.50
C THR A 147 -4.74 -7.36 -14.22
N LEU A 148 -3.98 -7.22 -13.17
CA LEU A 148 -2.93 -8.24 -12.89
C LEU A 148 -3.45 -9.32 -11.94
N ASN A 149 -3.09 -10.53 -12.18
CA ASN A 149 -3.54 -11.64 -11.30
C ASN A 149 -2.34 -12.40 -10.74
N LEU A 150 -2.04 -12.23 -9.48
CA LEU A 150 -0.87 -12.97 -8.89
C LEU A 150 -1.34 -14.31 -8.33
N GLY A 151 -2.58 -14.39 -7.92
CA GLY A 151 -3.11 -15.66 -7.37
C GLY A 151 -3.60 -15.43 -5.94
N LYS A 152 -3.23 -16.30 -5.04
CA LYS A 152 -3.67 -16.14 -3.62
C LYS A 152 -2.74 -15.16 -2.89
N ARG A 153 -3.03 -14.87 -1.65
CA ARG A 153 -2.17 -13.93 -0.88
C ARG A 153 -1.10 -14.73 -0.12
N ILE A 154 -1.33 -16.00 0.04
CA ILE A 154 -0.35 -16.86 0.77
C ILE A 154 0.91 -17.08 -0.11
N GLU A 155 0.87 -16.65 -1.33
CA GLU A 155 2.05 -16.82 -2.23
C GLU A 155 3.01 -15.64 -2.10
N ASP A 156 2.87 -14.85 -1.07
CA ASP A 156 3.79 -13.68 -0.88
C ASP A 156 3.75 -12.77 -2.12
N PRO A 157 2.62 -12.13 -2.33
CA PRO A 157 2.47 -11.22 -3.48
C PRO A 157 3.27 -9.93 -3.23
N ARG A 158 4.25 -9.66 -4.05
CA ARG A 158 5.07 -8.43 -3.84
C ARG A 158 5.66 -7.95 -5.17
N GLY A 159 5.42 -6.71 -5.54
CA GLY A 159 5.99 -6.19 -6.81
C GLY A 159 5.41 -4.81 -7.11
N MET A 160 5.92 -4.15 -8.11
CA MET A 160 5.42 -2.80 -8.46
C MET A 160 4.77 -2.81 -9.84
N TYR A 161 3.76 -2.00 -10.05
CA TYR A 161 3.09 -1.98 -11.39
C TYR A 161 2.65 -0.56 -11.74
N GLN A 162 3.03 -0.09 -12.91
CA GLN A 162 2.63 1.28 -13.32
C GLN A 162 1.48 1.21 -14.33
N CYS A 163 0.75 2.28 -14.49
CA CYS A 163 -0.39 2.27 -15.46
C CYS A 163 0.13 2.55 -16.88
N GLY A 164 -0.74 2.58 -17.85
CA GLY A 164 -0.30 2.84 -19.24
C GLY A 164 -0.16 4.35 -19.44
N GLU A 165 0.58 4.75 -20.44
CA GLU A 165 0.77 6.21 -20.69
C GLU A 165 -0.34 6.73 -21.61
N ASN A 166 -1.06 7.73 -21.17
CA ASN A 166 -2.18 8.28 -22.01
C ASN A 166 -2.82 9.48 -21.31
N ALA A 167 -3.46 9.26 -20.20
CA ALA A 167 -4.12 10.38 -19.47
C ALA A 167 -3.35 10.71 -18.19
N LYS A 168 -2.70 9.75 -17.60
CA LYS A 168 -1.93 10.02 -16.35
C LYS A 168 -1.13 8.78 -15.95
N SER A 169 0.16 8.90 -15.95
CA SER A 169 1.03 7.74 -15.58
C SER A 169 1.02 7.54 -14.06
N PHE A 170 0.57 6.40 -13.61
CA PHE A 170 0.52 6.14 -12.14
C PHE A 170 1.37 4.92 -11.80
N THR A 171 1.86 4.84 -10.58
CA THR A 171 2.69 3.66 -10.19
C THR A 171 2.37 3.22 -8.76
N LEU A 172 2.49 1.95 -8.49
CA LEU A 172 2.20 1.44 -7.13
C LEU A 172 3.13 0.26 -6.81
N GLN A 173 3.58 0.16 -5.58
CA GLN A 173 4.49 -0.97 -5.21
C GLN A 173 3.84 -1.81 -4.09
N VAL A 174 3.90 -3.11 -4.20
CA VAL A 174 3.27 -3.98 -3.15
C VAL A 174 4.28 -5.00 -2.61
N TYR A 175 4.25 -5.24 -1.32
CA TYR A 175 5.18 -6.24 -0.72
C TYR A 175 4.52 -6.86 0.51
N TYR A 176 3.97 -8.04 0.35
CA TYR A 176 3.30 -8.70 1.49
C TYR A 176 4.29 -9.59 2.25
N ARG A 177 4.78 -9.14 3.37
CA ARG A 177 5.76 -9.97 4.16
C ARG A 177 5.02 -11.06 4.92
N MET A 178 5.51 -12.27 4.88
CA MET A 178 4.85 -13.38 5.61
C MET A 178 4.94 -13.16 7.12
N ASP A 1 11.63 18.66 -12.19
CA ASP A 1 12.67 17.72 -11.65
C ASP A 1 12.01 16.43 -11.16
N ASP A 2 12.57 15.30 -11.50
CA ASP A 2 11.97 14.01 -11.05
C ASP A 2 12.66 13.54 -9.76
N ALA A 3 13.84 12.96 -9.88
CA ALA A 3 14.56 12.47 -8.66
C ALA A 3 13.65 11.58 -7.81
N GLU A 4 12.77 10.85 -8.44
CA GLU A 4 11.85 9.95 -7.67
C GLU A 4 11.66 8.62 -8.41
N ASN A 5 12.60 7.73 -8.29
CA ASN A 5 12.47 6.42 -8.99
C ASN A 5 12.95 5.27 -8.09
N ILE A 6 13.13 5.54 -6.82
CA ILE A 6 13.60 4.48 -5.89
C ILE A 6 12.40 3.85 -5.16
N GLU A 7 11.23 3.99 -5.71
CA GLU A 7 9.99 3.41 -5.09
C GLU A 7 10.02 3.53 -3.56
N TYR A 8 9.30 2.69 -2.87
CA TYR A 8 9.28 2.75 -1.38
C TYR A 8 10.19 1.67 -0.80
N LYS A 9 10.99 2.00 0.16
CA LYS A 9 11.88 0.98 0.78
C LYS A 9 11.24 0.49 2.08
N VAL A 10 11.61 -0.67 2.54
CA VAL A 10 11.01 -1.19 3.79
C VAL A 10 12.07 -1.85 4.68
N SER A 11 12.08 -1.51 5.94
CA SER A 11 13.07 -2.11 6.88
C SER A 11 12.44 -2.28 8.26
N ILE A 12 11.83 -3.41 8.51
CA ILE A 12 11.16 -3.64 9.82
C ILE A 12 12.11 -4.35 10.79
N SER A 13 12.12 -3.91 12.02
CA SER A 13 12.99 -4.54 13.05
C SER A 13 12.10 -4.99 14.22
N GLY A 14 11.76 -6.24 14.27
CA GLY A 14 10.86 -6.71 15.36
C GLY A 14 9.44 -6.23 15.04
N THR A 15 8.91 -5.36 15.84
CA THR A 15 7.54 -4.83 15.55
C THR A 15 7.64 -3.37 15.12
N SER A 16 8.73 -3.02 14.47
CA SER A 16 8.89 -1.62 13.99
C SER A 16 8.93 -1.63 12.47
N VAL A 17 8.52 -0.57 11.84
CA VAL A 17 8.54 -0.56 10.35
C VAL A 17 8.98 0.80 9.82
N GLU A 18 10.16 0.85 9.23
CA GLU A 18 10.66 2.14 8.69
C GLU A 18 10.67 2.09 7.16
N LEU A 19 9.83 2.86 6.53
CA LEU A 19 9.81 2.86 5.03
C LEU A 19 10.44 4.15 4.51
N THR A 20 11.27 4.05 3.50
CA THR A 20 11.91 5.28 2.96
C THR A 20 11.08 5.87 1.82
N CYS A 21 10.58 7.05 2.00
CA CYS A 21 9.78 7.71 0.92
C CYS A 21 10.56 7.65 -0.40
N PRO A 22 9.86 7.48 -1.50
CA PRO A 22 10.53 7.37 -2.82
C PRO A 22 11.16 8.70 -3.27
N LEU A 23 11.74 9.45 -2.36
CA LEU A 23 12.39 10.73 -2.77
C LEU A 23 13.29 11.25 -1.65
N ASP A 24 13.89 12.38 -1.84
CA ASP A 24 14.80 12.94 -0.79
C ASP A 24 13.98 13.39 0.43
N SER A 25 14.63 13.51 1.56
CA SER A 25 13.90 13.96 2.78
C SER A 25 13.35 15.37 2.58
N ASP A 26 12.11 15.58 2.90
CA ASP A 26 11.52 16.93 2.74
C ASP A 26 11.15 17.49 4.11
N GLU A 27 11.65 18.64 4.43
CA GLU A 27 11.34 19.27 5.76
C GLU A 27 9.84 19.21 6.02
N ASN A 28 9.09 19.17 4.97
CA ASN A 28 7.61 19.07 5.10
C ASN A 28 7.11 17.80 4.42
N LEU A 29 7.95 16.79 4.36
CA LEU A 29 7.55 15.52 3.72
C LEU A 29 6.33 14.94 4.44
N LYS A 30 5.16 15.07 3.88
CA LYS A 30 3.94 14.56 4.56
C LYS A 30 3.63 13.11 4.16
N TRP A 31 3.55 12.23 5.12
CA TRP A 31 3.23 10.81 4.80
C TRP A 31 1.71 10.61 4.83
N GLU A 32 1.23 9.52 4.31
CA GLU A 32 -0.25 9.28 4.30
C GLU A 32 -0.56 7.84 4.72
N LYS A 33 -1.77 7.59 5.16
CA LYS A 33 -2.14 6.21 5.58
C LYS A 33 -3.44 5.79 4.90
N ASN A 34 -3.36 4.87 3.98
CA ASN A 34 -4.60 4.40 3.26
C ASN A 34 -5.34 5.60 2.66
N GLY A 35 -4.65 6.67 2.37
CA GLY A 35 -5.32 7.87 1.80
C GLY A 35 -5.61 8.88 2.90
N GLN A 36 -4.84 8.87 3.95
CA GLN A 36 -5.07 9.84 5.06
C GLN A 36 -3.77 10.59 5.39
N GLU A 37 -3.71 11.85 5.07
CA GLU A 37 -2.48 12.64 5.37
C GLU A 37 -2.34 12.86 6.87
N LEU A 38 -1.15 12.76 7.39
CA LEU A 38 -0.93 12.97 8.85
C LEU A 38 0.26 13.89 9.10
N PRO A 39 0.07 14.88 9.93
CA PRO A 39 1.16 15.83 10.25
C PRO A 39 2.20 15.17 11.17
N GLN A 40 3.14 15.93 11.65
CA GLN A 40 4.18 15.36 12.56
C GLN A 40 5.00 14.28 11.83
N LYS A 41 6.21 14.06 12.25
CA LYS A 41 7.06 13.02 11.60
C LYS A 41 7.12 13.26 10.08
N HIS A 42 8.11 13.99 9.64
CA HIS A 42 8.23 14.26 8.17
C HIS A 42 9.61 13.83 7.66
N ASP A 43 10.14 12.76 8.19
CA ASP A 43 11.47 12.28 7.73
C ASP A 43 11.32 11.35 6.53
N LYS A 44 12.32 11.26 5.71
CA LYS A 44 12.24 10.37 4.51
C LYS A 44 11.94 8.93 4.95
N HIS A 45 12.23 8.60 6.17
CA HIS A 45 11.96 7.20 6.65
C HIS A 45 10.77 7.19 7.60
N LEU A 46 9.78 6.39 7.32
CA LEU A 46 8.58 6.33 8.22
C LEU A 46 8.71 5.15 9.19
N VAL A 47 9.28 5.37 10.34
CA VAL A 47 9.41 4.26 11.32
C VAL A 47 8.13 4.15 12.15
N LEU A 48 7.62 2.97 12.27
CA LEU A 48 6.37 2.77 13.07
C LEU A 48 6.67 1.86 14.26
N GLN A 49 6.80 2.43 15.43
CA GLN A 49 7.09 1.59 16.63
C GLN A 49 5.84 0.83 17.05
N ASP A 50 6.00 -0.35 17.62
CA ASP A 50 4.80 -1.13 18.04
C ASP A 50 3.80 -1.23 16.89
N PHE A 51 4.28 -1.64 15.74
CA PHE A 51 3.37 -1.74 14.55
C PHE A 51 2.34 -2.85 14.76
N SER A 52 1.22 -2.74 14.10
CA SER A 52 0.15 -3.77 14.23
C SER A 52 -0.44 -4.09 12.86
N GLU A 53 -0.69 -5.35 12.59
CA GLU A 53 -1.26 -5.71 11.25
C GLU A 53 -2.78 -5.51 11.24
N VAL A 54 -3.34 -5.00 12.30
CA VAL A 54 -4.82 -4.76 12.34
C VAL A 54 -5.15 -3.35 11.88
N GLU A 55 -4.57 -2.36 12.51
CA GLU A 55 -4.86 -0.95 12.12
C GLU A 55 -3.68 -0.35 11.33
N ASP A 56 -2.50 -0.91 11.47
CA ASP A 56 -1.33 -0.36 10.73
C ASP A 56 -1.10 -1.14 9.43
N SER A 57 -2.11 -1.80 8.93
CA SER A 57 -1.94 -2.56 7.66
C SER A 57 -2.79 -1.94 6.55
N GLY A 58 -2.21 -1.73 5.39
CA GLY A 58 -2.98 -1.13 4.27
C GLY A 58 -2.03 -0.42 3.31
N TYR A 59 -2.50 0.60 2.62
CA TYR A 59 -1.62 1.32 1.67
C TYR A 59 -0.92 2.50 2.38
N TYR A 60 0.28 2.81 1.98
CA TYR A 60 1.02 3.95 2.61
C TYR A 60 1.76 4.75 1.56
N VAL A 61 1.77 6.05 1.66
CA VAL A 61 2.48 6.89 0.66
C VAL A 61 2.86 8.26 1.26
N CYS A 62 3.86 8.89 0.74
CA CYS A 62 4.28 10.23 1.26
C CYS A 62 4.49 11.20 0.12
N TYR A 63 4.42 12.47 0.40
CA TYR A 63 4.61 13.49 -0.68
C TYR A 63 5.14 14.80 -0.09
N THR A 64 5.47 15.74 -0.93
CA THR A 64 5.99 17.04 -0.43
C THR A 64 5.39 18.19 -1.26
N PRO A 65 5.56 19.39 -0.79
CA PRO A 65 5.02 20.56 -1.52
C PRO A 65 5.80 20.81 -2.81
N ALA A 66 6.90 20.11 -3.00
CA ALA A 66 7.71 20.29 -4.25
C ALA A 66 7.71 19.01 -5.08
N SER A 67 7.48 17.88 -4.45
CA SER A 67 7.48 16.59 -5.21
C SER A 67 6.08 15.96 -5.20
N ASN A 68 5.35 16.08 -6.28
CA ASN A 68 3.99 15.48 -6.32
C ASN A 68 3.95 14.31 -7.31
N LYS A 69 3.89 13.11 -6.82
CA LYS A 69 3.83 11.91 -7.71
C LYS A 69 2.63 11.03 -7.32
N ASN A 70 2.15 10.22 -8.21
CA ASN A 70 1.01 9.34 -7.83
C ASN A 70 1.52 7.92 -7.59
N THR A 71 1.78 7.57 -6.36
CA THR A 71 2.28 6.20 -6.04
C THR A 71 1.66 5.69 -4.73
N TYR A 72 1.67 4.40 -4.54
CA TYR A 72 1.10 3.84 -3.28
C TYR A 72 1.83 2.55 -2.92
N LEU A 73 1.86 2.21 -1.66
CA LEU A 73 2.58 0.97 -1.24
C LEU A 73 1.70 0.16 -0.28
N TYR A 74 1.44 -1.08 -0.61
CA TYR A 74 0.60 -1.93 0.29
C TYR A 74 1.50 -2.58 1.36
N LEU A 75 1.58 -1.97 2.51
CA LEU A 75 2.43 -2.54 3.59
C LEU A 75 1.64 -3.54 4.44
N LYS A 76 2.02 -4.78 4.41
CA LYS A 76 1.29 -5.81 5.22
C LYS A 76 2.30 -6.63 6.04
N ALA A 77 2.45 -6.30 7.30
CA ALA A 77 3.41 -7.05 8.14
C ALA A 77 2.76 -7.45 9.47
N ARG A 78 3.24 -8.49 10.10
CA ARG A 78 2.64 -8.93 11.39
C ARG A 78 3.69 -8.93 12.50
N VAL A 79 3.44 -8.22 13.56
CA VAL A 79 4.39 -8.18 14.69
C VAL A 79 3.60 -8.08 15.99
N GLY A 80 3.71 -9.06 16.81
CA GLY A 80 2.98 -9.06 18.11
C GLY A 80 3.45 -10.24 18.96
N SER A 81 2.55 -10.86 19.68
CA SER A 81 2.94 -12.02 20.53
C SER A 81 1.74 -12.95 20.75
N ALA A 82 1.91 -13.97 21.55
CA ALA A 82 0.78 -14.91 21.81
C ALA A 82 -0.36 -14.18 22.53
N ASP A 83 -1.37 -13.79 21.81
CA ASP A 83 -2.51 -13.07 22.45
C ASP A 83 -3.16 -13.97 23.52
N ASP A 84 -3.68 -13.38 24.57
CA ASP A 84 -4.32 -14.20 25.64
C ASP A 84 -5.84 -13.99 25.63
N ALA A 85 -6.42 -13.82 24.48
CA ALA A 85 -7.89 -13.61 24.39
C ALA A 85 -8.45 -14.25 23.13
N LYS A 86 -9.72 -14.09 22.87
CA LYS A 86 -10.33 -14.69 21.65
C LYS A 86 -11.22 -13.67 20.95
N LYS A 87 -10.79 -12.43 20.90
CA LYS A 87 -11.62 -11.38 20.23
C LYS A 87 -11.43 -11.45 18.71
N ASP A 88 -11.88 -12.51 18.10
CA ASP A 88 -11.73 -12.64 16.62
C ASP A 88 -13.09 -12.46 15.92
N ALA A 89 -14.05 -13.27 16.27
CA ALA A 89 -15.40 -13.14 15.63
C ALA A 89 -16.41 -12.60 16.65
N ALA A 90 -17.32 -11.79 16.20
CA ALA A 90 -18.34 -11.22 17.14
C ALA A 90 -19.21 -12.34 17.71
N LYS A 91 -20.27 -11.99 18.38
CA LYS A 91 -21.16 -13.04 18.98
C LYS A 91 -22.62 -12.78 18.57
N LYS A 92 -23.52 -13.60 19.04
CA LYS A 92 -24.95 -13.41 18.68
C LYS A 92 -25.68 -12.62 19.77
N ASP A 93 -25.42 -11.34 19.85
CA ASP A 93 -26.09 -10.51 20.90
C ASP A 93 -26.85 -9.36 20.24
N ASP A 94 -28.16 -9.37 20.33
CA ASP A 94 -28.96 -8.28 19.71
C ASP A 94 -29.00 -7.06 20.65
N ALA A 95 -28.67 -5.90 20.14
CA ALA A 95 -28.70 -4.68 20.99
C ALA A 95 -29.62 -3.62 20.37
N LYS A 96 -30.87 -3.94 20.20
CA LYS A 96 -31.83 -2.96 19.60
C LYS A 96 -31.27 -2.41 18.27
N LYS A 97 -30.65 -3.26 17.50
CA LYS A 97 -30.07 -2.80 16.19
C LYS A 97 -29.13 -1.60 16.41
N ASP A 98 -29.65 -0.40 16.33
CA ASP A 98 -28.78 0.81 16.53
C ASP A 98 -27.54 0.73 15.63
N ASP A 99 -27.74 0.71 14.34
CA ASP A 99 -26.57 0.64 13.41
C ASP A 99 -26.63 1.79 12.39
N ALA A 100 -25.49 2.26 11.95
CA ALA A 100 -25.47 3.37 10.96
C ALA A 100 -26.31 4.56 11.46
N LYS A 101 -26.41 5.59 10.68
CA LYS A 101 -27.21 6.78 11.11
C LYS A 101 -28.05 7.30 9.94
N LYS A 102 -27.43 7.61 8.84
CA LYS A 102 -28.19 8.12 7.66
C LYS A 102 -28.43 6.99 6.66
N ASP A 103 -27.44 6.15 6.44
CA ASP A 103 -27.61 5.04 5.47
C ASP A 103 -26.47 4.03 5.62
N GLY A 104 -26.73 2.78 5.37
CA GLY A 104 -25.65 1.75 5.50
C GLY A 104 -25.23 1.27 4.10
N SER A 105 -24.35 1.98 3.47
CA SER A 105 -23.90 1.58 2.10
C SER A 105 -22.66 2.37 1.69
N GLN A 106 -22.19 2.17 0.50
CA GLN A 106 -20.97 2.92 0.04
C GLN A 106 -21.05 3.20 -1.46
N THR A 107 -21.03 4.45 -1.85
CA THR A 107 -21.10 4.78 -3.30
C THR A 107 -19.83 4.29 -4.02
N ASN A 108 -18.76 4.15 -3.30
CA ASN A 108 -17.48 3.67 -3.93
C ASN A 108 -17.12 4.56 -5.13
N LYS A 109 -16.53 5.70 -4.89
CA LYS A 109 -16.15 6.61 -6.01
C LYS A 109 -14.63 6.68 -6.14
N ALA A 110 -13.92 6.55 -5.04
CA ALA A 110 -12.43 6.62 -5.09
C ALA A 110 -11.88 5.40 -5.85
N LYS A 111 -11.89 5.46 -7.15
CA LYS A 111 -11.36 4.32 -7.96
C LYS A 111 -9.91 4.55 -8.33
N ARG A 112 -9.49 5.80 -8.40
CA ARG A 112 -8.07 6.09 -8.77
C ARG A 112 -7.69 5.37 -10.06
N ALA A 113 -6.44 5.47 -10.46
CA ALA A 113 -6.02 4.78 -11.72
C ALA A 113 -5.79 3.29 -11.46
N LEU A 114 -4.68 2.93 -10.86
CA LEU A 114 -4.42 1.50 -10.58
C LEU A 114 -4.85 1.13 -9.17
N GLU A 115 -5.22 -0.10 -8.97
CA GLU A 115 -5.66 -0.55 -7.63
C GLU A 115 -5.52 -2.07 -7.52
N VAL A 116 -4.93 -2.55 -6.47
CA VAL A 116 -4.78 -4.02 -6.31
C VAL A 116 -5.75 -4.53 -5.23
N LEU A 117 -6.43 -5.62 -5.48
CA LEU A 117 -7.39 -6.15 -4.48
C LEU A 117 -7.14 -7.63 -4.24
N GLU A 118 -7.66 -8.16 -3.17
CA GLU A 118 -7.46 -9.62 -2.87
C GLU A 118 -8.81 -10.30 -2.66
N ALA A 119 -9.27 -11.03 -3.64
CA ALA A 119 -10.58 -11.71 -3.51
C ALA A 119 -10.44 -13.21 -3.81
N GLU A 120 -11.23 -14.03 -3.17
CA GLU A 120 -11.15 -15.51 -3.41
C GLU A 120 -9.70 -15.99 -3.28
N ASP A 121 -9.02 -15.60 -2.24
CA ASP A 121 -7.60 -16.02 -2.05
C ASP A 121 -6.78 -15.66 -3.28
N LYS A 122 -7.22 -14.70 -4.05
CA LYS A 122 -6.46 -14.30 -5.27
C LYS A 122 -6.23 -12.79 -5.29
N VAL A 123 -5.14 -12.34 -5.86
CA VAL A 123 -4.86 -10.88 -5.90
C VAL A 123 -4.60 -10.43 -7.35
N ILE A 124 -5.10 -9.29 -7.72
CA ILE A 124 -4.89 -8.80 -9.12
C ILE A 124 -4.72 -7.28 -9.15
N LEU A 125 -3.98 -6.78 -10.11
CA LEU A 125 -3.75 -5.31 -10.23
C LEU A 125 -4.72 -4.74 -11.26
N LYS A 126 -5.63 -3.89 -10.85
CA LYS A 126 -6.60 -3.32 -11.82
C LYS A 126 -6.22 -1.89 -12.20
N CYS A 127 -6.26 -1.59 -13.47
CA CYS A 127 -5.92 -0.22 -13.94
C CYS A 127 -6.97 0.23 -14.97
N ASN A 128 -7.05 1.51 -15.22
CA ASN A 128 -8.04 2.00 -16.22
C ASN A 128 -7.73 1.41 -17.61
N SER A 129 -6.61 0.75 -17.76
CA SER A 129 -6.27 0.16 -19.08
C SER A 129 -5.05 -0.77 -18.94
N SER A 130 -4.25 -0.89 -19.97
CA SER A 130 -3.05 -1.78 -19.87
C SER A 130 -2.24 -1.45 -18.62
N ILE A 131 -1.71 -2.43 -17.96
CA ILE A 131 -0.91 -2.16 -16.73
C ILE A 131 0.58 -2.33 -17.01
N THR A 132 1.37 -1.41 -16.54
CA THR A 132 2.85 -1.51 -16.76
C THR A 132 3.49 -2.34 -15.65
N LEU A 133 4.23 -3.35 -16.00
CA LEU A 133 4.88 -4.20 -14.96
C LEU A 133 6.22 -3.59 -14.55
N LEU A 134 6.27 -2.95 -13.41
CA LEU A 134 7.54 -2.34 -12.95
C LEU A 134 8.50 -3.43 -12.49
N GLN A 135 8.10 -4.21 -11.52
CA GLN A 135 8.99 -5.31 -11.01
C GLN A 135 8.27 -6.12 -9.94
N GLY A 136 9.01 -6.92 -9.24
CA GLY A 136 8.40 -7.76 -8.14
C GLY A 136 7.45 -8.80 -8.75
N THR A 137 6.33 -9.01 -8.12
CA THR A 137 5.35 -10.02 -8.62
C THR A 137 4.89 -9.68 -10.03
N ALA A 138 5.53 -10.25 -11.03
CA ALA A 138 5.11 -10.00 -12.43
C ALA A 138 4.22 -11.13 -12.92
N GLY A 139 3.08 -11.29 -12.29
CA GLY A 139 2.13 -12.38 -12.66
C GLY A 139 1.85 -12.37 -14.16
N GLN A 140 0.61 -12.18 -14.53
CA GLN A 140 0.25 -12.18 -15.97
C GLN A 140 -0.92 -11.24 -16.23
N GLU A 141 -0.93 -10.61 -17.37
CA GLU A 141 -2.04 -9.67 -17.69
C GLU A 141 -3.32 -10.45 -17.94
N VAL A 142 -4.43 -9.80 -17.77
CA VAL A 142 -5.75 -10.48 -17.97
C VAL A 142 -5.93 -10.80 -19.48
N SER A 143 -7.13 -10.68 -20.00
CA SER A 143 -7.36 -11.00 -21.44
C SER A 143 -6.36 -10.25 -22.32
N ASP A 144 -6.11 -9.00 -22.03
CA ASP A 144 -5.14 -8.23 -22.87
C ASP A 144 -4.76 -6.91 -22.18
N ASN A 145 -3.77 -6.94 -21.32
CA ASN A 145 -3.33 -5.70 -20.62
C ASN A 145 -4.51 -5.00 -19.95
N LYS A 146 -4.70 -5.24 -18.67
CA LYS A 146 -5.83 -4.57 -17.94
C LYS A 146 -5.86 -5.07 -16.49
N THR A 147 -5.53 -6.31 -16.27
CA THR A 147 -5.53 -6.86 -14.88
C THR A 147 -4.38 -7.87 -14.72
N LEU A 148 -3.63 -7.76 -13.66
CA LEU A 148 -2.49 -8.72 -13.47
C LEU A 148 -2.94 -9.89 -12.61
N ASN A 149 -2.44 -11.05 -12.90
CA ASN A 149 -2.81 -12.26 -12.10
C ASN A 149 -1.57 -12.77 -11.36
N LEU A 150 -1.43 -12.42 -10.11
CA LEU A 150 -0.24 -12.90 -9.34
C LEU A 150 -0.51 -14.30 -8.79
N GLY A 151 -1.75 -14.64 -8.57
CA GLY A 151 -2.08 -15.98 -8.03
C GLY A 151 -2.66 -15.85 -6.63
N LYS A 152 -2.12 -16.57 -5.68
CA LYS A 152 -2.64 -16.49 -4.29
C LYS A 152 -1.94 -15.38 -3.50
N ARG A 153 -2.46 -15.03 -2.36
CA ARG A 153 -1.81 -13.97 -1.53
C ARG A 153 -0.85 -14.61 -0.53
N ILE A 154 -1.00 -15.89 -0.32
CA ILE A 154 -0.10 -16.60 0.65
C ILE A 154 1.31 -16.72 0.06
N GLU A 155 1.48 -16.37 -1.19
CA GLU A 155 2.84 -16.46 -1.81
C GLU A 155 3.61 -15.16 -1.61
N ASP A 156 3.20 -14.35 -0.66
CA ASP A 156 3.90 -13.06 -0.39
C ASP A 156 4.03 -12.24 -1.68
N PRO A 157 2.93 -11.67 -2.11
CA PRO A 157 2.94 -10.83 -3.34
C PRO A 157 3.67 -9.52 -3.09
N ARG A 158 4.62 -9.19 -3.92
CA ARG A 158 5.39 -7.91 -3.72
C ARG A 158 5.92 -7.40 -5.06
N GLY A 159 5.54 -6.21 -5.44
CA GLY A 159 6.03 -5.65 -6.74
C GLY A 159 5.29 -4.35 -7.04
N MET A 160 5.77 -3.61 -8.01
CA MET A 160 5.09 -2.32 -8.35
C MET A 160 4.44 -2.42 -9.72
N TYR A 161 3.41 -1.66 -9.96
CA TYR A 161 2.71 -1.71 -11.28
C TYR A 161 2.19 -0.32 -11.65
N GLN A 162 2.64 0.21 -12.75
CA GLN A 162 2.18 1.56 -13.18
C GLN A 162 1.12 1.44 -14.27
N CYS A 163 0.43 2.51 -14.57
CA CYS A 163 -0.61 2.46 -15.63
C CYS A 163 -0.10 3.17 -16.89
N GLY A 164 -0.92 3.22 -17.91
CA GLY A 164 -0.49 3.89 -19.17
C GLY A 164 -0.81 5.38 -19.09
N GLU A 165 0.04 6.20 -19.65
CA GLU A 165 -0.20 7.67 -19.62
C GLU A 165 -1.44 8.02 -20.46
N ASN A 166 -2.35 8.76 -19.90
CA ASN A 166 -3.58 9.14 -20.66
C ASN A 166 -4.35 10.22 -19.87
N ALA A 167 -4.95 9.85 -18.78
CA ALA A 167 -5.71 10.84 -17.97
C ALA A 167 -4.94 11.14 -16.67
N LYS A 168 -4.13 10.20 -16.24
CA LYS A 168 -3.34 10.40 -14.99
C LYS A 168 -2.43 9.20 -14.77
N SER A 169 -1.14 9.44 -14.75
CA SER A 169 -0.18 8.32 -14.53
C SER A 169 -0.26 7.83 -13.09
N PHE A 170 -0.25 6.54 -12.88
CA PHE A 170 -0.35 6.01 -11.50
C PHE A 170 0.61 4.84 -11.30
N THR A 171 1.19 4.71 -10.14
CA THR A 171 2.14 3.58 -9.89
C THR A 171 1.96 3.04 -8.47
N LEU A 172 1.22 1.98 -8.32
CA LEU A 172 1.01 1.40 -6.97
C LEU A 172 1.93 0.19 -6.76
N GLN A 173 2.54 0.09 -5.61
CA GLN A 173 3.46 -1.06 -5.35
C GLN A 173 2.90 -1.91 -4.20
N VAL A 174 3.05 -3.21 -4.29
CA VAL A 174 2.53 -4.09 -3.21
C VAL A 174 3.69 -4.70 -2.41
N TYR A 175 3.49 -4.90 -1.14
CA TYR A 175 4.58 -5.48 -0.29
C TYR A 175 3.96 -6.33 0.82
N TYR A 176 3.83 -7.61 0.60
CA TYR A 176 3.24 -8.50 1.64
C TYR A 176 4.33 -9.12 2.49
N ARG A 177 4.22 -9.02 3.79
CA ARG A 177 5.26 -9.62 4.68
C ARG A 177 4.60 -10.47 5.77
N MET A 178 4.76 -11.76 5.71
CA MET A 178 4.13 -12.65 6.75
C MET A 178 2.64 -12.34 6.88
N ASP A 1 26.96 2.70 -9.82
CA ASP A 1 25.81 3.26 -10.59
C ASP A 1 24.57 3.34 -9.69
N ASP A 2 24.75 3.75 -8.46
CA ASP A 2 23.58 3.85 -7.54
C ASP A 2 22.95 5.24 -7.64
N ALA A 3 22.01 5.43 -8.53
CA ALA A 3 21.36 6.76 -8.67
C ALA A 3 19.84 6.60 -8.81
N GLU A 4 19.25 5.80 -7.97
CA GLU A 4 17.77 5.60 -8.05
C GLU A 4 17.16 5.57 -6.64
N ASN A 5 17.17 6.68 -5.97
CA ASN A 5 16.58 6.71 -4.59
C ASN A 5 15.10 7.12 -4.64
N ILE A 6 14.50 7.05 -5.80
CA ILE A 6 13.06 7.43 -5.91
C ILE A 6 12.17 6.19 -5.79
N GLU A 7 12.66 5.16 -5.16
CA GLU A 7 11.85 3.92 -4.99
C GLU A 7 11.43 3.76 -3.53
N TYR A 8 10.34 3.08 -3.28
CA TYR A 8 9.87 2.88 -1.88
C TYR A 8 10.60 1.71 -1.24
N LYS A 9 10.99 1.86 -0.01
CA LYS A 9 11.70 0.74 0.69
C LYS A 9 11.00 0.45 2.02
N VAL A 10 11.19 -0.73 2.54
CA VAL A 10 10.54 -1.09 3.84
C VAL A 10 11.49 -1.92 4.70
N SER A 11 11.51 -1.67 5.98
CA SER A 11 12.40 -2.45 6.89
C SER A 11 11.75 -2.57 8.27
N ILE A 12 11.00 -3.62 8.50
CA ILE A 12 10.34 -3.78 9.82
C ILE A 12 11.32 -4.35 10.85
N SER A 13 11.40 -3.72 12.00
CA SER A 13 12.31 -4.22 13.07
C SER A 13 11.53 -4.44 14.36
N GLY A 14 11.29 -5.67 14.72
CA GLY A 14 10.53 -5.95 15.98
C GLY A 14 9.24 -5.12 16.01
N THR A 15 8.23 -5.61 15.37
CA THR A 15 6.92 -4.89 15.33
C THR A 15 7.11 -3.41 14.95
N SER A 16 8.17 -3.08 14.28
CA SER A 16 8.38 -1.68 13.85
C SER A 16 8.39 -1.65 12.33
N VAL A 17 8.12 -0.54 11.73
CA VAL A 17 8.11 -0.50 10.24
C VAL A 17 8.67 0.83 9.72
N GLU A 18 9.87 0.80 9.22
CA GLU A 18 10.49 2.06 8.68
C GLU A 18 10.44 2.03 7.16
N LEU A 19 9.58 2.81 6.56
CA LEU A 19 9.50 2.81 5.07
C LEU A 19 10.19 4.05 4.51
N THR A 20 11.08 3.88 3.55
CA THR A 20 11.77 5.06 2.97
C THR A 20 10.94 5.65 1.83
N CYS A 21 10.42 6.83 2.01
CA CYS A 21 9.61 7.48 0.93
C CYS A 21 10.35 7.36 -0.41
N PRO A 22 9.61 7.14 -1.47
CA PRO A 22 10.24 6.98 -2.81
C PRO A 22 10.81 8.31 -3.33
N LEU A 23 11.43 9.10 -2.49
CA LEU A 23 12.03 10.37 -2.97
C LEU A 23 12.98 10.94 -1.91
N ASP A 24 13.49 12.13 -2.13
CA ASP A 24 14.44 12.72 -1.15
C ASP A 24 13.71 13.11 0.14
N SER A 25 14.44 13.27 1.21
CA SER A 25 13.81 13.66 2.50
C SER A 25 13.35 15.12 2.43
N ASP A 26 12.12 15.37 2.78
CA ASP A 26 11.60 16.77 2.74
C ASP A 26 11.28 17.23 4.15
N GLU A 27 11.81 18.33 4.57
CA GLU A 27 11.52 18.86 5.94
C GLU A 27 10.01 18.88 6.17
N ASN A 28 9.28 18.91 5.11
CA ASN A 28 7.79 18.91 5.21
C ASN A 28 7.26 17.72 4.41
N LEU A 29 8.03 16.66 4.30
CA LEU A 29 7.59 15.47 3.54
C LEU A 29 6.31 14.92 4.18
N LYS A 30 5.21 14.96 3.47
CA LYS A 30 3.93 14.47 4.06
C LYS A 30 3.74 12.98 3.76
N TRP A 31 3.28 12.23 4.73
CA TRP A 31 3.06 10.77 4.52
C TRP A 31 1.55 10.48 4.50
N GLU A 32 1.18 9.26 4.21
CA GLU A 32 -0.28 8.92 4.17
C GLU A 32 -0.51 7.51 4.72
N LYS A 33 -1.62 7.31 5.39
CA LYS A 33 -1.91 5.96 5.95
C LYS A 33 -3.32 5.52 5.57
N ASN A 34 -3.45 4.62 4.64
CA ASN A 34 -4.81 4.14 4.22
C ASN A 34 -5.71 5.34 3.86
N GLY A 35 -5.15 6.35 3.26
CA GLY A 35 -5.97 7.54 2.90
C GLY A 35 -6.02 8.51 4.09
N GLN A 36 -5.02 8.49 4.92
CA GLN A 36 -5.00 9.41 6.10
C GLN A 36 -3.67 10.16 6.17
N GLU A 37 -3.71 11.47 6.13
CA GLU A 37 -2.45 12.25 6.19
C GLU A 37 -1.73 12.01 7.53
N LEU A 38 -0.43 12.07 7.53
CA LEU A 38 0.32 11.85 8.81
C LEU A 38 1.06 13.13 9.21
N PRO A 39 0.49 13.85 10.14
CA PRO A 39 1.11 15.12 10.61
C PRO A 39 2.34 14.80 11.48
N GLN A 40 3.18 15.78 11.70
CA GLN A 40 4.40 15.55 12.53
C GLN A 40 5.30 14.49 11.88
N LYS A 41 6.57 14.51 12.17
CA LYS A 41 7.51 13.51 11.58
C LYS A 41 7.44 13.54 10.06
N HIS A 42 8.37 14.20 9.42
CA HIS A 42 8.36 14.26 7.93
C HIS A 42 9.72 13.83 7.38
N ASP A 43 10.25 12.73 7.86
CA ASP A 43 11.55 12.25 7.37
C ASP A 43 11.35 11.25 6.24
N LYS A 44 12.35 11.04 5.42
CA LYS A 44 12.22 10.08 4.29
C LYS A 44 11.87 8.68 4.82
N HIS A 45 12.28 8.38 6.02
CA HIS A 45 11.96 7.02 6.59
C HIS A 45 10.77 7.10 7.55
N LEU A 46 9.76 6.32 7.32
CA LEU A 46 8.57 6.34 8.22
C LEU A 46 8.61 5.15 9.18
N VAL A 47 9.13 5.34 10.37
CA VAL A 47 9.18 4.21 11.34
C VAL A 47 7.84 4.12 12.09
N LEU A 48 7.28 2.94 12.15
CA LEU A 48 6.00 2.76 12.86
C LEU A 48 6.19 1.82 14.05
N GLN A 49 6.25 2.36 15.24
CA GLN A 49 6.45 1.50 16.44
C GLN A 49 5.17 0.73 16.75
N ASP A 50 5.29 -0.51 17.13
CA ASP A 50 4.06 -1.32 17.45
C ASP A 50 3.08 -1.27 16.27
N PHE A 51 3.50 -1.76 15.13
CA PHE A 51 2.60 -1.74 13.93
C PHE A 51 1.70 -2.98 13.92
N SER A 52 0.49 -2.85 14.40
CA SER A 52 -0.43 -4.02 14.39
C SER A 52 -0.97 -4.26 12.98
N GLU A 53 -0.94 -5.48 12.52
CA GLU A 53 -1.44 -5.79 11.14
C GLU A 53 -2.96 -5.67 11.08
N VAL A 54 -3.62 -5.43 12.18
CA VAL A 54 -5.10 -5.31 12.16
C VAL A 54 -5.54 -3.97 11.58
N GLU A 55 -5.17 -2.88 12.21
CA GLU A 55 -5.58 -1.54 11.68
C GLU A 55 -4.40 -0.82 11.02
N ASP A 56 -3.20 -1.10 11.45
CA ASP A 56 -2.02 -0.42 10.83
C ASP A 56 -1.76 -0.97 9.42
N SER A 57 -2.21 -2.16 9.13
CA SER A 57 -2.00 -2.74 7.78
C SER A 57 -2.84 -1.99 6.74
N GLY A 58 -2.28 -1.69 5.59
CA GLY A 58 -3.05 -0.96 4.55
C GLY A 58 -2.09 -0.33 3.54
N TYR A 59 -2.55 0.67 2.82
CA TYR A 59 -1.67 1.33 1.80
C TYR A 59 -0.91 2.49 2.45
N TYR A 60 0.22 2.85 1.89
CA TYR A 60 1.02 3.97 2.48
C TYR A 60 1.72 4.76 1.36
N VAL A 61 1.73 6.06 1.47
CA VAL A 61 2.40 6.90 0.42
C VAL A 61 2.80 8.26 1.00
N CYS A 62 3.80 8.89 0.44
CA CYS A 62 4.22 10.22 0.98
C CYS A 62 4.59 11.16 -0.17
N TYR A 63 4.49 12.44 0.07
CA TYR A 63 4.82 13.44 -0.98
C TYR A 63 5.16 14.79 -0.34
N THR A 64 5.79 15.67 -1.08
CA THR A 64 6.14 17.00 -0.51
C THR A 64 5.50 18.11 -1.36
N PRO A 65 5.58 19.33 -0.87
CA PRO A 65 4.99 20.47 -1.62
C PRO A 65 5.81 20.78 -2.86
N ALA A 66 7.02 20.29 -2.95
CA ALA A 66 7.87 20.56 -4.14
C ALA A 66 8.06 19.27 -4.96
N SER A 67 7.94 18.13 -4.32
CA SER A 67 8.11 16.84 -5.05
C SER A 67 6.81 16.03 -4.99
N ASN A 68 6.05 16.02 -6.05
CA ASN A 68 4.78 15.23 -6.04
C ASN A 68 4.94 13.97 -6.87
N LYS A 69 4.99 12.83 -6.23
CA LYS A 69 5.13 11.55 -6.98
C LYS A 69 4.01 10.59 -6.57
N ASN A 70 3.04 10.41 -7.42
CA ASN A 70 1.92 9.48 -7.06
C ASN A 70 2.45 8.05 -6.94
N THR A 71 2.71 7.62 -5.75
CA THR A 71 3.23 6.23 -5.54
C THR A 71 2.56 5.59 -4.32
N TYR A 72 1.56 4.79 -4.54
CA TYR A 72 0.89 4.13 -3.38
C TYR A 72 1.42 2.71 -3.23
N LEU A 73 1.65 2.27 -2.03
CA LEU A 73 2.16 0.89 -1.83
C LEU A 73 1.31 0.14 -0.80
N TYR A 74 1.26 -1.15 -0.89
CA TYR A 74 0.45 -1.95 0.08
C TYR A 74 1.36 -2.50 1.17
N LEU A 75 1.44 -1.83 2.28
CA LEU A 75 2.30 -2.32 3.40
C LEU A 75 1.56 -3.35 4.24
N LYS A 76 1.93 -4.61 4.11
CA LYS A 76 1.26 -5.67 4.91
C LYS A 76 2.29 -6.34 5.81
N ALA A 77 2.35 -5.96 7.06
CA ALA A 77 3.34 -6.56 7.98
C ALA A 77 2.65 -7.22 9.18
N ARG A 78 3.19 -8.29 9.68
CA ARG A 78 2.56 -8.98 10.85
C ARG A 78 3.53 -9.02 12.02
N VAL A 79 3.18 -8.41 13.12
CA VAL A 79 4.05 -8.44 14.31
C VAL A 79 3.18 -8.49 15.56
N GLY A 80 3.29 -9.55 16.29
CA GLY A 80 2.47 -9.68 17.53
C GLY A 80 2.26 -11.17 17.83
N SER A 81 2.26 -12.00 16.82
CA SER A 81 2.06 -13.46 17.04
C SER A 81 3.36 -14.22 16.77
N ALA A 82 3.59 -15.28 17.48
CA ALA A 82 4.85 -16.07 17.27
C ALA A 82 4.50 -17.51 16.90
N ASP A 83 3.53 -17.71 16.06
CA ASP A 83 3.14 -19.09 15.66
C ASP A 83 3.74 -19.44 14.29
N ASP A 84 4.51 -20.48 14.21
CA ASP A 84 5.11 -20.87 12.90
C ASP A 84 5.22 -22.40 12.80
N ALA A 85 4.30 -23.11 13.38
CA ALA A 85 4.36 -24.59 13.31
C ALA A 85 3.53 -25.11 12.13
N LYS A 86 2.24 -25.23 12.29
CA LYS A 86 1.38 -25.71 11.17
C LYS A 86 -0.10 -25.62 11.56
N LYS A 87 -0.46 -24.62 12.33
CA LYS A 87 -1.89 -24.47 12.74
C LYS A 87 -2.74 -24.02 11.55
N ASP A 88 -3.45 -24.94 10.94
CA ASP A 88 -4.31 -24.58 9.77
C ASP A 88 -5.38 -23.56 10.20
N ALA A 89 -5.49 -22.47 9.48
CA ALA A 89 -6.52 -21.44 9.84
C ALA A 89 -6.38 -21.01 11.29
N ALA A 90 -5.68 -19.93 11.54
CA ALA A 90 -5.49 -19.46 12.94
C ALA A 90 -6.53 -18.37 13.27
N LYS A 91 -7.70 -18.49 12.71
CA LYS A 91 -8.76 -17.46 13.00
C LYS A 91 -10.11 -18.15 13.20
N LYS A 92 -10.94 -17.61 14.05
CA LYS A 92 -12.28 -18.22 14.29
C LYS A 92 -13.09 -18.24 13.00
N ASP A 93 -13.83 -19.30 12.77
CA ASP A 93 -14.65 -19.39 11.52
C ASP A 93 -16.13 -19.56 11.88
N ASP A 94 -17.01 -19.20 10.99
CA ASP A 94 -18.48 -19.35 11.28
C ASP A 94 -19.22 -19.88 10.05
N ALA A 95 -18.50 -20.45 9.11
CA ALA A 95 -19.15 -21.00 7.88
C ALA A 95 -19.82 -19.88 7.08
N LYS A 96 -20.95 -19.39 7.54
CA LYS A 96 -21.65 -18.29 6.82
C LYS A 96 -20.72 -17.10 6.61
N LYS A 97 -20.27 -16.49 7.68
CA LYS A 97 -19.35 -15.32 7.55
C LYS A 97 -19.96 -14.27 6.60
N ASP A 98 -21.20 -13.90 6.83
CA ASP A 98 -21.84 -12.89 5.95
C ASP A 98 -21.34 -11.48 6.30
N ASP A 99 -20.14 -11.16 5.92
CA ASP A 99 -19.59 -9.80 6.23
C ASP A 99 -20.24 -8.77 5.32
N ALA A 100 -20.41 -7.56 5.80
CA ALA A 100 -21.04 -6.50 4.96
C ALA A 100 -20.06 -5.34 4.76
N LYS A 101 -19.33 -5.34 3.68
CA LYS A 101 -18.36 -4.24 3.42
C LYS A 101 -18.54 -3.70 2.00
N LYS A 102 -18.10 -2.49 1.75
CA LYS A 102 -18.25 -1.90 0.39
C LYS A 102 -17.06 -1.00 0.06
N ASP A 103 -16.76 -0.83 -1.19
CA ASP A 103 -15.60 0.03 -1.57
C ASP A 103 -16.10 1.37 -2.14
N GLY A 104 -15.92 2.43 -1.40
CA GLY A 104 -16.38 3.77 -1.89
C GLY A 104 -17.91 3.78 -1.99
N SER A 105 -18.51 4.94 -2.06
CA SER A 105 -19.99 5.02 -2.16
C SER A 105 -20.42 6.40 -2.65
N GLN A 106 -20.03 7.44 -1.94
CA GLN A 106 -20.41 8.81 -2.35
C GLN A 106 -19.27 9.45 -3.15
N THR A 107 -18.80 8.79 -4.18
CA THR A 107 -17.69 9.36 -4.99
C THR A 107 -17.79 8.87 -6.44
N ASN A 108 -18.79 9.30 -7.15
CA ASN A 108 -18.95 8.85 -8.57
C ASN A 108 -18.42 9.93 -9.52
N LYS A 109 -17.19 10.36 -9.32
CA LYS A 109 -16.62 11.41 -10.21
C LYS A 109 -15.10 11.21 -10.35
N ALA A 110 -14.38 11.26 -9.27
CA ALA A 110 -12.90 11.07 -9.34
C ALA A 110 -12.51 9.70 -8.79
N LYS A 111 -11.40 9.18 -9.21
CA LYS A 111 -10.95 7.84 -8.70
C LYS A 111 -9.50 7.57 -9.11
N ARG A 112 -8.78 6.82 -8.31
CA ARG A 112 -7.36 6.52 -8.65
C ARG A 112 -7.28 5.76 -9.98
N ALA A 113 -6.09 5.48 -10.44
CA ALA A 113 -5.95 4.73 -11.73
C ALA A 113 -5.66 3.25 -11.45
N LEU A 114 -4.50 2.94 -10.94
CA LEU A 114 -4.19 1.50 -10.66
C LEU A 114 -4.50 1.16 -9.21
N GLU A 115 -4.81 -0.08 -8.97
CA GLU A 115 -5.13 -0.54 -7.59
C GLU A 115 -4.94 -2.05 -7.48
N VAL A 116 -4.91 -2.57 -6.28
CA VAL A 116 -4.74 -4.04 -6.11
C VAL A 116 -5.73 -4.55 -5.05
N LEU A 117 -6.42 -5.62 -5.34
CA LEU A 117 -7.40 -6.16 -4.35
C LEU A 117 -7.14 -7.63 -4.07
N GLU A 118 -7.53 -8.11 -2.91
CA GLU A 118 -7.31 -9.54 -2.59
C GLU A 118 -8.65 -10.27 -2.55
N ALA A 119 -8.88 -11.14 -3.51
CA ALA A 119 -10.17 -11.89 -3.55
C ALA A 119 -9.92 -13.40 -3.66
N GLU A 120 -10.67 -14.19 -2.94
CA GLU A 120 -10.48 -15.67 -2.99
C GLU A 120 -9.00 -16.03 -2.78
N ASP A 121 -8.43 -15.55 -1.71
CA ASP A 121 -6.99 -15.86 -1.44
C ASP A 121 -6.12 -15.50 -2.66
N LYS A 122 -6.59 -14.60 -3.47
CA LYS A 122 -5.79 -14.21 -4.67
C LYS A 122 -5.70 -12.68 -4.77
N VAL A 123 -4.66 -12.17 -5.35
CA VAL A 123 -4.51 -10.68 -5.48
C VAL A 123 -4.35 -10.28 -6.95
N ILE A 124 -5.02 -9.24 -7.36
CA ILE A 124 -4.93 -8.81 -8.79
C ILE A 124 -4.68 -7.29 -8.88
N LEU A 125 -4.00 -6.86 -9.91
CA LEU A 125 -3.74 -5.40 -10.08
C LEU A 125 -4.72 -4.83 -11.10
N LYS A 126 -5.46 -3.82 -10.73
CA LYS A 126 -6.45 -3.25 -11.70
C LYS A 126 -6.10 -1.81 -12.06
N CYS A 127 -6.13 -1.50 -13.32
CA CYS A 127 -5.82 -0.12 -13.79
C CYS A 127 -6.87 0.33 -14.79
N ASN A 128 -6.96 1.60 -15.06
CA ASN A 128 -7.96 2.09 -16.06
C ASN A 128 -7.72 1.44 -17.43
N SER A 129 -6.63 0.73 -17.59
CA SER A 129 -6.36 0.08 -18.90
C SER A 129 -5.16 -0.86 -18.79
N SER A 130 -4.46 -1.11 -19.87
CA SER A 130 -3.27 -2.02 -19.81
C SER A 130 -2.36 -1.61 -18.66
N ILE A 131 -2.22 -2.44 -17.66
CA ILE A 131 -1.35 -2.08 -16.51
C ILE A 131 0.12 -2.24 -16.90
N THR A 132 0.91 -1.23 -16.67
CA THR A 132 2.36 -1.31 -17.02
C THR A 132 3.10 -2.12 -15.96
N LEU A 133 3.66 -3.24 -16.34
CA LEU A 133 4.40 -4.07 -15.35
C LEU A 133 5.80 -3.48 -15.11
N LEU A 134 5.98 -2.78 -14.02
CA LEU A 134 7.31 -2.20 -13.73
C LEU A 134 8.28 -3.30 -13.28
N GLN A 135 7.97 -3.95 -12.18
CA GLN A 135 8.86 -5.04 -11.68
C GLN A 135 8.21 -5.74 -10.49
N GLY A 136 8.93 -6.62 -9.87
CA GLY A 136 8.37 -7.37 -8.69
C GLY A 136 7.36 -8.41 -9.15
N THR A 137 6.32 -8.63 -8.38
CA THR A 137 5.30 -9.65 -8.76
C THR A 137 4.75 -9.38 -10.17
N ALA A 138 5.31 -10.04 -11.15
CA ALA A 138 4.81 -9.85 -12.54
C ALA A 138 3.91 -11.03 -12.91
N GLY A 139 2.80 -11.15 -12.22
CA GLY A 139 1.84 -12.27 -12.47
C GLY A 139 1.53 -12.42 -13.96
N GLN A 140 0.29 -12.34 -14.31
CA GLN A 140 -0.10 -12.51 -15.74
C GLN A 140 -1.06 -11.39 -16.18
N GLU A 141 -0.80 -10.81 -17.33
CA GLU A 141 -1.68 -9.72 -17.83
C GLU A 141 -3.03 -10.30 -18.27
N VAL A 142 -4.10 -9.70 -17.84
CA VAL A 142 -5.45 -10.19 -18.21
C VAL A 142 -5.61 -10.20 -19.75
N SER A 143 -6.82 -10.23 -20.23
CA SER A 143 -7.03 -10.24 -21.71
C SER A 143 -6.37 -9.00 -22.35
N ASP A 144 -6.61 -7.84 -21.81
CA ASP A 144 -6.00 -6.61 -22.38
C ASP A 144 -5.03 -5.99 -21.37
N ASN A 145 -4.37 -6.79 -20.59
CA ASN A 145 -3.41 -6.26 -19.58
C ASN A 145 -4.10 -5.31 -18.59
N LYS A 146 -5.41 -5.28 -18.58
CA LYS A 146 -6.11 -4.38 -17.63
C LYS A 146 -6.15 -5.01 -16.23
N THR A 147 -5.70 -6.24 -16.12
CA THR A 147 -5.69 -6.92 -14.79
C THR A 147 -4.47 -7.83 -14.67
N LEU A 148 -3.98 -8.02 -13.48
CA LEU A 148 -2.79 -8.91 -13.29
C LEU A 148 -3.13 -10.05 -12.33
N ASN A 149 -2.55 -11.19 -12.54
CA ASN A 149 -2.81 -12.34 -11.65
C ASN A 149 -1.50 -12.77 -10.97
N LEU A 150 -1.26 -12.29 -9.78
CA LEU A 150 0.00 -12.68 -9.08
C LEU A 150 -0.15 -14.08 -8.47
N GLY A 151 -1.35 -14.46 -8.13
CA GLY A 151 -1.57 -15.81 -7.55
C GLY A 151 -2.07 -15.68 -6.10
N LYS A 152 -1.57 -16.49 -5.22
CA LYS A 152 -2.01 -16.42 -3.80
C LYS A 152 -1.43 -15.18 -3.12
N ARG A 153 -2.02 -14.76 -2.02
CA ARG A 153 -1.50 -13.57 -1.30
C ARG A 153 -0.50 -14.00 -0.23
N ILE A 154 -0.53 -15.26 0.12
CA ILE A 154 0.40 -15.77 1.16
C ILE A 154 1.79 -16.07 0.56
N GLU A 155 1.94 -15.85 -0.72
CA GLU A 155 3.26 -16.12 -1.37
C GLU A 155 4.17 -14.89 -1.28
N ASP A 156 3.92 -14.00 -0.35
CA ASP A 156 4.76 -12.79 -0.20
C ASP A 156 4.88 -12.04 -1.53
N PRO A 157 3.74 -11.73 -2.10
CA PRO A 157 3.72 -11.00 -3.40
C PRO A 157 4.11 -9.53 -3.18
N ARG A 158 5.20 -9.12 -3.78
CA ARG A 158 5.65 -7.70 -3.61
C ARG A 158 6.22 -7.17 -4.92
N GLY A 159 5.72 -6.05 -5.39
CA GLY A 159 6.24 -5.48 -6.67
C GLY A 159 5.61 -4.12 -6.93
N MET A 160 5.64 -3.66 -8.15
CA MET A 160 5.05 -2.33 -8.46
C MET A 160 4.53 -2.31 -9.91
N TYR A 161 3.45 -1.61 -10.15
CA TYR A 161 2.89 -1.57 -11.54
C TYR A 161 2.33 -0.17 -11.82
N GLN A 162 2.58 0.35 -12.99
CA GLN A 162 2.05 1.71 -13.32
C GLN A 162 0.88 1.59 -14.30
N CYS A 163 0.07 2.61 -14.42
CA CYS A 163 -1.08 2.54 -15.35
C CYS A 163 -0.63 2.97 -16.76
N GLY A 164 -1.54 2.96 -17.71
CA GLY A 164 -1.17 3.36 -19.09
C GLY A 164 -1.25 4.88 -19.21
N GLU A 165 -0.26 5.49 -19.79
CA GLU A 165 -0.27 6.97 -19.94
C GLU A 165 -1.38 7.40 -20.91
N ASN A 166 -2.26 8.25 -20.46
CA ASN A 166 -3.37 8.71 -21.33
C ASN A 166 -4.16 9.82 -20.64
N ALA A 167 -4.91 9.47 -19.62
CA ALA A 167 -5.70 10.50 -18.88
C ALA A 167 -5.01 10.84 -17.55
N LYS A 168 -4.25 9.92 -17.03
CA LYS A 168 -3.53 10.18 -15.73
C LYS A 168 -2.61 9.02 -15.40
N SER A 169 -1.34 9.26 -15.36
CA SER A 169 -0.37 8.18 -15.05
C SER A 169 -0.42 7.84 -13.56
N PHE A 170 -0.40 6.58 -13.22
CA PHE A 170 -0.44 6.18 -11.78
C PHE A 170 0.52 5.03 -11.52
N THR A 171 1.12 5.00 -10.35
CA THR A 171 2.09 3.90 -10.04
C THR A 171 1.89 3.41 -8.60
N LEU A 172 1.78 2.12 -8.41
CA LEU A 172 1.59 1.57 -7.05
C LEU A 172 2.58 0.43 -6.80
N GLN A 173 3.11 0.33 -5.62
CA GLN A 173 4.08 -0.77 -5.32
C GLN A 173 3.57 -1.64 -4.16
N VAL A 174 3.15 -2.84 -4.45
CA VAL A 174 2.65 -3.73 -3.36
C VAL A 174 3.81 -4.36 -2.60
N TYR A 175 3.61 -4.63 -1.34
CA TYR A 175 4.68 -5.26 -0.51
C TYR A 175 4.06 -6.15 0.56
N TYR A 176 3.93 -7.42 0.30
CA TYR A 176 3.32 -8.33 1.30
C TYR A 176 4.39 -8.85 2.26
N ARG A 177 4.42 -8.34 3.47
CA ARG A 177 5.43 -8.81 4.48
C ARG A 177 6.84 -8.75 3.88
N MET A 178 7.80 -9.37 4.53
CA MET A 178 9.18 -9.35 4.01
C MET A 178 9.74 -10.77 3.93
N ASP A 1 18.58 7.53 -3.49
CA ASP A 1 19.83 6.84 -3.05
C ASP A 1 20.31 5.86 -4.13
N ASP A 2 21.60 5.68 -4.26
CA ASP A 2 22.14 4.75 -5.29
C ASP A 2 21.54 5.07 -6.67
N ALA A 3 21.42 6.34 -6.99
CA ALA A 3 20.85 6.73 -8.32
C ALA A 3 19.50 6.06 -8.54
N GLU A 4 18.79 5.76 -7.47
CA GLU A 4 17.47 5.10 -7.61
C GLU A 4 16.53 5.53 -6.47
N ASN A 5 15.71 6.52 -6.70
CA ASN A 5 14.79 7.00 -5.64
C ASN A 5 13.33 6.86 -6.10
N ILE A 6 13.10 6.07 -7.13
CA ILE A 6 11.71 5.91 -7.63
C ILE A 6 11.05 4.68 -6.99
N GLU A 7 11.52 4.26 -5.85
CA GLU A 7 10.92 3.08 -5.17
C GLU A 7 10.97 3.25 -3.65
N TYR A 8 9.89 2.94 -2.99
CA TYR A 8 9.87 3.09 -1.50
C TYR A 8 10.83 2.09 -0.85
N LYS A 9 11.55 2.52 0.14
CA LYS A 9 12.48 1.57 0.85
C LYS A 9 11.83 1.16 2.17
N VAL A 10 12.21 0.05 2.72
CA VAL A 10 11.58 -0.38 4.00
C VAL A 10 12.58 -1.09 4.91
N SER A 11 12.44 -0.94 6.19
CA SER A 11 13.36 -1.60 7.15
C SER A 11 12.60 -1.94 8.44
N ILE A 12 12.03 -3.11 8.52
CA ILE A 12 11.27 -3.49 9.73
C ILE A 12 12.19 -4.15 10.76
N SER A 13 12.03 -3.78 12.00
CA SER A 13 12.87 -4.37 13.08
C SER A 13 11.94 -4.95 14.15
N GLY A 14 11.78 -6.25 14.18
CA GLY A 14 10.86 -6.85 15.17
C GLY A 14 9.43 -6.49 14.75
N THR A 15 8.76 -5.69 15.54
CA THR A 15 7.38 -5.27 15.17
C THR A 15 7.37 -3.79 14.80
N SER A 16 8.42 -3.34 14.15
CA SER A 16 8.48 -1.92 13.72
C SER A 16 8.64 -1.88 12.21
N VAL A 17 8.22 -0.83 11.57
CA VAL A 17 8.33 -0.77 10.10
C VAL A 17 8.71 0.63 9.63
N GLU A 18 9.93 0.80 9.18
CA GLU A 18 10.37 2.15 8.71
C GLU A 18 10.45 2.18 7.18
N LEU A 19 9.63 2.98 6.55
CA LEU A 19 9.69 3.05 5.05
C LEU A 19 10.24 4.40 4.62
N THR A 20 11.16 4.41 3.69
CA THR A 20 11.74 5.72 3.24
C THR A 20 11.00 6.25 2.02
N CYS A 21 10.31 7.35 2.17
CA CYS A 21 9.58 7.94 1.01
C CYS A 21 10.54 8.08 -0.18
N PRO A 22 10.06 7.77 -1.35
CA PRO A 22 10.92 7.83 -2.57
C PRO A 22 11.23 9.28 -2.98
N LEU A 23 11.70 10.09 -2.09
CA LEU A 23 12.05 11.50 -2.48
C LEU A 23 12.85 12.19 -1.36
N ASP A 24 13.68 11.44 -0.70
CA ASP A 24 14.52 12.03 0.39
C ASP A 24 13.64 12.74 1.42
N SER A 25 14.25 13.34 2.40
CA SER A 25 13.45 14.05 3.45
C SER A 25 13.02 15.43 2.97
N ASP A 26 11.79 15.78 3.22
CA ASP A 26 11.29 17.12 2.81
C ASP A 26 10.94 17.91 4.06
N GLU A 27 11.43 19.12 4.16
CA GLU A 27 11.14 19.96 5.35
C GLU A 27 9.66 19.89 5.72
N ASN A 28 8.86 19.61 4.75
CA ASN A 28 7.39 19.48 4.98
C ASN A 28 6.89 18.19 4.33
N LEU A 29 7.67 17.13 4.39
CA LEU A 29 7.23 15.85 3.78
C LEU A 29 5.94 15.39 4.44
N LYS A 30 4.90 15.17 3.68
CA LYS A 30 3.61 14.73 4.28
C LYS A 30 3.34 13.25 3.97
N TRP A 31 3.20 12.44 4.98
CA TRP A 31 2.91 10.99 4.75
C TRP A 31 1.40 10.76 4.75
N GLU A 32 0.96 9.57 4.46
CA GLU A 32 -0.50 9.29 4.45
C GLU A 32 -0.77 7.83 4.84
N LYS A 33 -1.95 7.54 5.31
CA LYS A 33 -2.27 6.14 5.72
C LYS A 33 -3.60 5.71 5.09
N ASN A 34 -3.54 4.90 4.06
CA ASN A 34 -4.80 4.43 3.40
C ASN A 34 -5.68 5.62 3.01
N GLY A 35 -5.07 6.75 2.71
CA GLY A 35 -5.88 7.94 2.31
C GLY A 35 -5.93 8.94 3.48
N GLN A 36 -5.66 8.49 4.68
CA GLN A 36 -5.70 9.41 5.85
C GLN A 36 -4.39 10.20 5.94
N GLU A 37 -4.47 11.50 5.85
CA GLU A 37 -3.23 12.33 5.94
C GLU A 37 -2.56 12.14 7.30
N LEU A 38 -1.26 12.17 7.34
CA LEU A 38 -0.54 11.99 8.64
C LEU A 38 0.12 13.31 9.06
N PRO A 39 -0.59 14.08 9.85
CA PRO A 39 -0.04 15.37 10.33
C PRO A 39 0.99 15.14 11.44
N GLN A 40 2.03 14.40 11.14
CA GLN A 40 3.09 14.14 12.16
C GLN A 40 4.26 13.37 11.54
N LYS A 41 5.42 13.45 12.13
CA LYS A 41 6.60 12.74 11.58
C LYS A 41 6.78 13.06 10.09
N HIS A 42 7.42 14.15 9.78
CA HIS A 42 7.63 14.52 8.35
C HIS A 42 9.02 14.08 7.89
N ASP A 43 9.53 13.00 8.42
CA ASP A 43 10.88 12.54 8.03
C ASP A 43 10.78 11.61 6.81
N LYS A 44 11.83 11.51 6.04
CA LYS A 44 11.82 10.62 4.84
C LYS A 44 11.47 9.18 5.23
N HIS A 45 11.75 8.80 6.45
CA HIS A 45 11.45 7.41 6.89
C HIS A 45 10.15 7.35 7.71
N LEU A 46 9.35 6.35 7.47
CA LEU A 46 8.07 6.22 8.23
C LEU A 46 8.17 5.02 9.18
N VAL A 47 8.58 5.24 10.40
CA VAL A 47 8.69 4.10 11.36
C VAL A 47 7.34 3.83 12.00
N LEU A 48 6.91 2.60 11.98
CA LEU A 48 5.61 2.24 12.60
C LEU A 48 5.85 1.32 13.80
N GLN A 49 5.77 1.84 14.98
CA GLN A 49 6.00 1.00 16.19
C GLN A 49 4.78 0.11 16.44
N ASP A 50 4.99 -1.09 16.90
CA ASP A 50 3.83 -2.01 17.14
C ASP A 50 2.96 -2.10 15.88
N PHE A 51 3.57 -2.47 14.78
CA PHE A 51 2.82 -2.56 13.50
C PHE A 51 1.85 -3.75 13.53
N SER A 52 0.59 -3.49 13.79
CA SER A 52 -0.41 -4.60 13.82
C SER A 52 -0.73 -5.06 12.39
N GLU A 53 -0.66 -6.33 12.13
CA GLU A 53 -0.95 -6.83 10.76
C GLU A 53 -2.35 -6.43 10.31
N VAL A 54 -3.28 -6.36 11.23
CA VAL A 54 -4.69 -5.98 10.85
C VAL A 54 -4.94 -4.49 11.10
N GLU A 55 -4.18 -3.87 11.96
CA GLU A 55 -4.40 -2.43 12.25
C GLU A 55 -3.32 -1.55 11.60
N ASP A 56 -2.34 -2.14 10.98
CA ASP A 56 -1.26 -1.32 10.34
C ASP A 56 -1.11 -1.68 8.86
N SER A 57 -1.26 -2.92 8.51
CA SER A 57 -1.12 -3.32 7.08
C SER A 57 -2.15 -2.59 6.22
N GLY A 58 -1.83 -2.28 4.99
CA GLY A 58 -2.79 -1.57 4.12
C GLY A 58 -2.05 -0.71 3.09
N TYR A 59 -2.49 0.51 2.89
CA TYR A 59 -1.82 1.40 1.90
C TYR A 59 -1.04 2.51 2.61
N TYR A 60 -0.04 3.04 1.95
CA TYR A 60 0.77 4.13 2.57
C TYR A 60 1.40 5.00 1.47
N VAL A 61 1.41 6.29 1.64
CA VAL A 61 2.01 7.18 0.60
C VAL A 61 2.44 8.53 1.20
N CYS A 62 3.43 9.15 0.63
CA CYS A 62 3.89 10.47 1.15
C CYS A 62 4.18 11.42 0.01
N TYR A 63 4.07 12.70 0.26
CA TYR A 63 4.33 13.69 -0.81
C TYR A 63 4.69 15.05 -0.20
N THR A 64 5.26 15.93 -0.97
CA THR A 64 5.64 17.26 -0.42
C THR A 64 5.11 18.37 -1.34
N PRO A 65 5.16 19.59 -0.86
CA PRO A 65 4.68 20.74 -1.66
C PRO A 65 5.61 21.01 -2.84
N ALA A 66 6.76 20.39 -2.86
CA ALA A 66 7.71 20.60 -3.98
C ALA A 66 7.88 19.31 -4.79
N SER A 67 7.67 18.18 -4.16
CA SER A 67 7.83 16.89 -4.89
C SER A 67 6.49 16.15 -4.95
N ASN A 68 5.82 16.19 -6.06
CA ASN A 68 4.52 15.47 -6.16
C ASN A 68 4.65 14.29 -7.14
N LYS A 69 4.65 13.10 -6.62
CA LYS A 69 4.75 11.89 -7.51
C LYS A 69 3.61 10.93 -7.20
N ASN A 70 2.77 10.64 -8.16
CA ASN A 70 1.65 9.70 -7.87
C ASN A 70 2.21 8.28 -7.68
N THR A 71 2.42 7.90 -6.45
CA THR A 71 2.96 6.54 -6.17
C THR A 71 2.30 5.95 -4.92
N TYR A 72 1.61 4.85 -5.05
CA TYR A 72 0.98 4.25 -3.85
C TYR A 72 1.84 3.07 -3.38
N LEU A 73 1.85 2.82 -2.10
CA LEU A 73 2.68 1.71 -1.57
C LEU A 73 1.85 0.83 -0.63
N TYR A 74 1.78 -0.44 -0.92
CA TYR A 74 0.99 -1.36 -0.05
C TYR A 74 1.93 -2.31 0.69
N LEU A 75 1.77 -2.45 1.98
CA LEU A 75 2.67 -3.35 2.76
C LEU A 75 1.85 -4.32 3.61
N LYS A 76 2.27 -5.55 3.65
CA LYS A 76 1.55 -6.56 4.47
C LYS A 76 2.57 -7.32 5.33
N ALA A 77 2.72 -6.94 6.58
CA ALA A 77 3.70 -7.63 7.46
C ALA A 77 3.01 -8.21 8.69
N ARG A 78 3.69 -9.07 9.40
CA ARG A 78 3.09 -9.66 10.63
C ARG A 78 4.07 -9.59 11.79
N VAL A 79 3.71 -8.92 12.85
CA VAL A 79 4.61 -8.83 14.03
C VAL A 79 3.75 -8.80 15.29
N GLY A 80 3.90 -9.81 16.09
CA GLY A 80 3.12 -9.88 17.36
C GLY A 80 2.66 -11.32 17.59
N SER A 81 3.02 -11.91 18.70
CA SER A 81 2.60 -13.32 18.97
C SER A 81 1.39 -13.34 19.91
N ALA A 82 0.21 -13.24 19.36
CA ALA A 82 -1.02 -13.24 20.21
C ALA A 82 -1.26 -14.66 20.77
N ASP A 83 -1.96 -14.76 21.86
CA ASP A 83 -2.23 -16.10 22.45
C ASP A 83 -3.16 -16.90 21.53
N ASP A 84 -4.36 -16.43 21.31
CA ASP A 84 -5.31 -17.16 20.42
C ASP A 84 -5.70 -16.28 19.23
N ALA A 85 -5.90 -16.87 18.08
CA ALA A 85 -6.28 -16.06 16.88
C ALA A 85 -7.79 -15.84 16.87
N LYS A 86 -8.28 -15.14 15.87
CA LYS A 86 -9.76 -14.90 15.78
C LYS A 86 -10.48 -16.13 15.25
N LYS A 87 -10.92 -17.01 16.12
CA LYS A 87 -11.63 -18.23 15.66
C LYS A 87 -12.90 -17.85 14.90
N ASP A 88 -13.49 -16.72 15.21
CA ASP A 88 -14.72 -16.30 14.51
C ASP A 88 -14.41 -15.92 13.06
N ALA A 89 -13.72 -14.83 12.87
CA ALA A 89 -13.37 -14.39 11.47
C ALA A 89 -14.62 -14.35 10.59
N ALA A 90 -14.46 -14.08 9.32
CA ALA A 90 -15.64 -14.02 8.41
C ALA A 90 -16.24 -15.42 8.24
N LYS A 91 -17.36 -15.67 8.89
CA LYS A 91 -18.01 -17.00 8.76
C LYS A 91 -18.69 -17.14 7.40
N LYS A 92 -18.32 -18.12 6.63
CA LYS A 92 -18.93 -18.31 5.29
C LYS A 92 -19.39 -19.77 5.12
N ASP A 93 -20.00 -20.33 6.13
CA ASP A 93 -20.47 -21.74 6.02
C ASP A 93 -21.93 -21.85 6.47
N ASP A 94 -22.83 -22.08 5.55
CA ASP A 94 -24.27 -22.20 5.93
C ASP A 94 -24.72 -20.98 6.72
N ALA A 95 -25.93 -20.99 7.24
CA ALA A 95 -26.43 -19.83 8.04
C ALA A 95 -26.27 -18.54 7.24
N LYS A 96 -27.03 -18.37 6.19
CA LYS A 96 -26.91 -17.12 5.38
C LYS A 96 -27.26 -15.90 6.24
N LYS A 97 -27.11 -14.72 5.70
CA LYS A 97 -27.43 -13.49 6.48
C LYS A 97 -28.93 -13.24 6.48
N ASP A 98 -29.57 -13.36 5.35
CA ASP A 98 -31.04 -13.13 5.26
C ASP A 98 -31.40 -11.76 5.86
N ASP A 99 -30.49 -10.82 5.78
CA ASP A 99 -30.79 -9.46 6.34
C ASP A 99 -30.26 -8.38 5.39
N ALA A 100 -29.07 -8.55 4.88
CA ALA A 100 -28.50 -7.53 3.95
C ALA A 100 -29.18 -7.63 2.58
N LYS A 101 -30.44 -7.29 2.51
CA LYS A 101 -31.17 -7.37 1.21
C LYS A 101 -31.24 -5.98 0.56
N LYS A 102 -30.19 -5.20 0.68
CA LYS A 102 -30.19 -3.84 0.08
C LYS A 102 -28.97 -3.66 -0.83
N ASP A 103 -27.79 -3.82 -0.30
CA ASP A 103 -26.55 -3.66 -1.12
C ASP A 103 -26.58 -2.31 -1.86
N GLY A 104 -26.41 -1.23 -1.14
CA GLY A 104 -26.42 0.11 -1.79
C GLY A 104 -25.14 0.30 -2.61
N SER A 105 -25.21 1.02 -3.68
CA SER A 105 -23.98 1.25 -4.52
C SER A 105 -24.00 2.66 -5.11
N GLN A 106 -22.96 3.42 -4.88
CA GLN A 106 -22.91 4.81 -5.43
C GLN A 106 -21.64 4.99 -6.26
N THR A 107 -21.17 3.94 -6.89
CA THR A 107 -19.93 4.06 -7.72
C THR A 107 -20.30 4.16 -9.21
N ASN A 108 -19.97 5.25 -9.83
CA ASN A 108 -20.30 5.41 -11.28
C ASN A 108 -19.03 5.35 -12.12
N LYS A 109 -18.05 6.15 -11.81
CA LYS A 109 -16.78 6.14 -12.59
C LYS A 109 -15.67 6.85 -11.81
N ALA A 110 -15.45 6.45 -10.59
CA ALA A 110 -14.38 7.09 -9.77
C ALA A 110 -13.18 6.15 -9.61
N LYS A 111 -12.34 6.40 -8.65
CA LYS A 111 -11.15 5.52 -8.44
C LYS A 111 -10.33 5.41 -9.73
N ARG A 112 -9.29 6.20 -9.85
CA ARG A 112 -8.44 6.15 -11.08
C ARG A 112 -7.04 5.65 -10.73
N ALA A 113 -6.06 5.96 -11.54
CA ALA A 113 -4.67 5.51 -11.25
C ALA A 113 -4.62 3.99 -11.04
N LEU A 114 -3.51 3.46 -10.62
CA LEU A 114 -3.42 1.99 -10.40
C LEU A 114 -3.70 1.65 -8.94
N GLU A 115 -4.16 0.46 -8.69
CA GLU A 115 -4.46 0.03 -7.29
C GLU A 115 -4.46 -1.50 -7.21
N VAL A 116 -4.27 -2.02 -6.03
CA VAL A 116 -4.26 -3.51 -5.87
C VAL A 116 -5.20 -3.91 -4.73
N LEU A 117 -5.98 -4.94 -4.92
CA LEU A 117 -6.92 -5.37 -3.84
C LEU A 117 -6.85 -6.89 -3.64
N GLU A 118 -6.90 -7.33 -2.42
CA GLU A 118 -6.84 -8.80 -2.14
C GLU A 118 -8.25 -9.33 -1.86
N ALA A 119 -8.83 -10.04 -2.80
CA ALA A 119 -10.21 -10.57 -2.58
C ALA A 119 -10.22 -12.10 -2.77
N GLU A 120 -10.89 -12.81 -1.91
CA GLU A 120 -10.95 -14.29 -2.04
C GLU A 120 -9.53 -14.87 -2.18
N ASP A 121 -8.75 -14.78 -1.14
CA ASP A 121 -7.34 -15.31 -1.18
C ASP A 121 -6.68 -15.01 -2.53
N LYS A 122 -7.03 -13.91 -3.15
CA LYS A 122 -6.43 -13.57 -4.47
C LYS A 122 -6.12 -12.07 -4.54
N VAL A 123 -5.05 -11.71 -5.18
CA VAL A 123 -4.69 -10.26 -5.30
C VAL A 123 -4.56 -9.87 -6.77
N ILE A 124 -5.10 -8.73 -7.13
CA ILE A 124 -5.03 -8.29 -8.56
C ILE A 124 -4.66 -6.80 -8.65
N LEU A 125 -4.01 -6.41 -9.71
CA LEU A 125 -3.63 -4.96 -9.88
C LEU A 125 -4.62 -4.32 -10.86
N LYS A 126 -5.27 -3.26 -10.48
CA LYS A 126 -6.25 -2.62 -11.41
C LYS A 126 -5.88 -1.17 -11.69
N CYS A 127 -5.81 -0.81 -12.94
CA CYS A 127 -5.48 0.59 -13.32
C CYS A 127 -6.51 1.11 -14.31
N ASN A 128 -6.36 2.34 -14.76
CA ASN A 128 -7.32 2.89 -15.74
C ASN A 128 -7.17 2.21 -17.11
N SER A 129 -6.15 1.40 -17.28
CA SER A 129 -5.97 0.73 -18.61
C SER A 129 -4.84 -0.30 -18.54
N SER A 130 -4.20 -0.57 -19.65
CA SER A 130 -3.08 -1.57 -19.67
C SER A 130 -2.11 -1.28 -18.53
N ILE A 131 -1.77 -2.27 -17.76
CA ILE A 131 -0.83 -2.04 -16.61
C ILE A 131 0.58 -2.48 -16.99
N THR A 132 1.53 -1.58 -16.90
CA THR A 132 2.93 -1.93 -17.24
C THR A 132 3.57 -2.70 -16.08
N LEU A 133 4.19 -3.81 -16.37
CA LEU A 133 4.83 -4.60 -15.28
C LEU A 133 6.25 -4.10 -15.03
N LEU A 134 6.46 -3.40 -13.94
CA LEU A 134 7.84 -2.89 -13.64
C LEU A 134 8.71 -4.04 -13.16
N GLN A 135 8.35 -4.67 -12.06
CA GLN A 135 9.17 -5.81 -11.55
C GLN A 135 8.43 -6.57 -10.45
N GLY A 136 9.14 -7.43 -9.77
CA GLY A 136 8.53 -8.22 -8.68
C GLY A 136 7.32 -9.02 -9.17
N THR A 137 6.25 -9.00 -8.41
CA THR A 137 5.02 -9.76 -8.81
C THR A 137 4.60 -9.44 -10.25
N ALA A 138 5.00 -10.26 -11.18
CA ALA A 138 4.61 -10.03 -12.59
C ALA A 138 3.58 -11.09 -12.99
N GLY A 139 2.43 -11.06 -12.36
CA GLY A 139 1.36 -12.06 -12.66
C GLY A 139 1.00 -12.03 -14.14
N GLN A 140 -0.26 -11.90 -14.44
CA GLN A 140 -0.69 -11.88 -15.86
C GLN A 140 -1.93 -11.00 -16.02
N GLU A 141 -2.14 -10.48 -17.20
CA GLU A 141 -3.34 -9.62 -17.42
C GLU A 141 -4.61 -10.46 -17.28
N VAL A 142 -5.35 -10.23 -16.24
CA VAL A 142 -6.61 -11.02 -16.00
C VAL A 142 -7.47 -11.06 -17.27
N SER A 143 -8.00 -9.94 -17.69
CA SER A 143 -8.86 -9.94 -18.91
C SER A 143 -8.08 -9.43 -20.14
N ASP A 144 -7.59 -8.22 -20.07
CA ASP A 144 -6.83 -7.66 -21.24
C ASP A 144 -6.29 -6.27 -20.91
N ASN A 145 -5.05 -6.19 -20.47
CA ASN A 145 -4.46 -4.85 -20.14
C ASN A 145 -5.41 -4.05 -19.23
N LYS A 146 -5.62 -4.50 -18.04
CA LYS A 146 -6.52 -3.78 -17.10
C LYS A 146 -6.40 -4.36 -15.70
N THR A 147 -6.34 -5.66 -15.60
CA THR A 147 -6.20 -6.31 -14.26
C THR A 147 -5.05 -7.31 -14.29
N LEU A 148 -4.36 -7.45 -13.19
CA LEU A 148 -3.21 -8.43 -13.15
C LEU A 148 -3.55 -9.58 -12.23
N ASN A 149 -3.10 -10.76 -12.56
CA ASN A 149 -3.37 -11.94 -11.70
C ASN A 149 -2.07 -12.41 -11.04
N LEU A 150 -1.80 -11.96 -9.84
CA LEU A 150 -0.54 -12.37 -9.16
C LEU A 150 -0.72 -13.76 -8.51
N GLY A 151 -1.93 -14.12 -8.18
CA GLY A 151 -2.16 -15.44 -7.54
C GLY A 151 -2.79 -15.25 -6.15
N LYS A 152 -2.24 -15.88 -5.16
CA LYS A 152 -2.80 -15.73 -3.78
C LYS A 152 -2.03 -14.66 -3.02
N ARG A 153 -2.52 -14.30 -1.85
CA ARG A 153 -1.82 -13.26 -1.04
C ARG A 153 -0.85 -13.93 -0.07
N ILE A 154 -1.06 -15.19 0.21
CA ILE A 154 -0.17 -15.92 1.14
C ILE A 154 1.12 -16.33 0.43
N GLU A 155 1.23 -16.06 -0.84
CA GLU A 155 2.47 -16.43 -1.59
C GLU A 155 3.51 -15.29 -1.52
N ASP A 156 3.42 -14.45 -0.53
CA ASP A 156 4.39 -13.32 -0.40
C ASP A 156 4.46 -12.52 -1.71
N PRO A 157 3.35 -11.94 -2.07
CA PRO A 157 3.29 -11.12 -3.31
C PRO A 157 4.03 -9.80 -3.11
N ARG A 158 5.03 -9.54 -3.92
CA ARG A 158 5.79 -8.27 -3.76
C ARG A 158 6.36 -7.81 -5.10
N GLY A 159 6.13 -6.58 -5.48
CA GLY A 159 6.67 -6.08 -6.77
C GLY A 159 6.11 -4.69 -7.05
N MET A 160 6.13 -4.26 -8.28
CA MET A 160 5.61 -2.91 -8.61
C MET A 160 5.05 -2.89 -10.03
N TYR A 161 3.96 -2.22 -10.25
CA TYR A 161 3.35 -2.17 -11.61
C TYR A 161 2.88 -0.74 -11.93
N GLN A 162 3.19 -0.26 -13.10
CA GLN A 162 2.79 1.12 -13.49
C GLN A 162 1.67 1.06 -14.54
N CYS A 163 1.06 2.18 -14.83
CA CYS A 163 -0.04 2.17 -15.85
C CYS A 163 0.52 2.52 -17.24
N GLY A 164 -0.32 2.57 -18.23
CA GLY A 164 0.15 2.91 -19.59
C GLY A 164 -0.12 4.39 -19.88
N GLU A 165 0.76 5.03 -20.60
CA GLU A 165 0.56 6.47 -20.91
C GLU A 165 -0.62 6.65 -21.88
N ASN A 166 -1.58 7.45 -21.48
CA ASN A 166 -2.77 7.68 -22.37
C ASN A 166 -3.73 8.67 -21.70
N ALA A 167 -4.42 8.24 -20.67
CA ALA A 167 -5.37 9.14 -19.97
C ALA A 167 -4.81 9.52 -18.60
N LYS A 168 -3.99 8.67 -18.03
CA LYS A 168 -3.41 8.97 -16.69
C LYS A 168 -2.38 7.90 -16.33
N SER A 169 -1.15 8.28 -16.21
CA SER A 169 -0.08 7.30 -15.86
C SER A 169 0.13 7.27 -14.35
N PHE A 170 0.05 6.10 -13.75
CA PHE A 170 0.24 6.00 -12.28
C PHE A 170 1.18 4.82 -11.95
N THR A 171 1.75 4.82 -10.78
CA THR A 171 2.67 3.71 -10.40
C THR A 171 2.44 3.28 -8.95
N LEU A 172 2.52 2.01 -8.68
CA LEU A 172 2.32 1.53 -7.29
C LEU A 172 3.24 0.34 -7.00
N GLN A 173 3.73 0.22 -5.80
CA GLN A 173 4.64 -0.91 -5.46
C GLN A 173 4.00 -1.76 -4.35
N VAL A 174 4.32 -3.04 -4.31
CA VAL A 174 3.72 -3.92 -3.26
C VAL A 174 4.77 -4.86 -2.67
N TYR A 175 4.70 -5.10 -1.39
CA TYR A 175 5.66 -6.04 -0.75
C TYR A 175 5.02 -6.66 0.49
N TYR A 176 4.67 -7.91 0.42
CA TYR A 176 4.02 -8.58 1.58
C TYR A 176 5.09 -9.19 2.49
N ARG A 177 5.38 -8.54 3.59
CA ARG A 177 6.42 -9.09 4.52
C ARG A 177 5.87 -10.31 5.25
N MET A 178 6.60 -11.40 5.24
CA MET A 178 6.13 -12.63 5.93
C MET A 178 7.32 -13.45 6.43
#